data_5YHW
#
_entry.id   5YHW
#
_cell.length_a   86.540
_cell.length_b   95.909
_cell.length_c   130.749
_cell.angle_alpha   78.66
_cell.angle_beta   88.12
_cell.angle_gamma   82.68
#
_symmetry.space_group_name_H-M   'P 1'
#
loop_
_entity.id
_entity.type
_entity.pdbx_description
1 polymer 'Deoxynucleoside triphosphate triphosphohydrolase SAMHD1'
2 non-polymer "2'-DEOXYGUANOSINE-5'-TRIPHOSPHATE"
3 non-polymer 'MAGNESIUM ION'
4 water water
#
_entity_poly.entity_id   1
_entity_poly.type   'polypeptide(L)'
_entity_poly.pdbx_seq_one_letter_code
;HHHHHHTHVDTVKVINDPIHGHIELHPLLIRIIDTPQFQRLRYIKQLGGGYYVFPGASHNRFEHSLGVGYLAGCLVRELS
EKQPELQISERDMLCVQIAGLCRNLGHGPFSHMFDGRFIPLARPDVKWTHEQGSVNMFEHLVNSNGLIDVMEHYGLIPEE
DIWFIKEQITGPLESPVKNATWPYKGRPKEKSFLYEIVANKRNGIDVDKWDYFARDCHHLGIQNNFDYKRFIKFARVCEV
DNKKHICTREKEVGNLYDMFHTRNCLHRRAYQHKVGNIIDTMITDAFLKADPYIEITGSEGKKYRISTAIDDMEAFTKLT
DNIFLEILYSTDPKLDAARAILKKIECRNLYKFVGETQPGRQDKIKRENYESLPKGVASAKPSNIQLEAELKAEDFIVDV
INMDYGMEDKNPIDNVRFYCKSDPNKAIIITKNQVSQLLPERFAEQLIRVYCKKTDEKSLFAARQHFVQWCLDNDFTKPQ
DGDVVAPLITPRKLEWNSTHSAQSQARTREASKSRVRLFAKDSV
;
_entity_poly.pdbx_strand_id   A,B,C,D,E,F,G,H
#
# COMPACT_ATOMS: atom_id res chain seq x y z
N THR A 11 28.13 -3.80 52.99
CA THR A 11 28.90 -4.02 51.77
C THR A 11 28.03 -4.53 50.61
N VAL A 12 28.66 -5.17 49.63
CA VAL A 12 27.94 -5.63 48.45
C VAL A 12 27.20 -6.92 48.78
N LYS A 13 26.04 -7.07 48.15
CA LYS A 13 25.26 -8.29 48.23
C LYS A 13 25.16 -8.89 46.84
N VAL A 14 24.92 -10.20 46.80
CA VAL A 14 24.82 -10.95 45.56
C VAL A 14 23.44 -11.58 45.49
N ILE A 15 22.74 -11.36 44.38
CA ILE A 15 21.40 -11.88 44.13
C ILE A 15 21.50 -12.92 43.02
N ASN A 16 20.98 -14.12 43.28
CA ASN A 16 20.93 -15.17 42.25
C ASN A 16 19.63 -15.06 41.46
N ASP A 17 19.76 -15.05 40.14
CA ASP A 17 18.66 -14.72 39.25
C ASP A 17 18.61 -15.81 38.17
N PRO A 18 17.44 -16.34 37.85
CA PRO A 18 17.38 -17.37 36.80
C PRO A 18 17.79 -16.85 35.44
N ILE A 19 17.81 -15.53 35.23
CA ILE A 19 18.12 -14.94 33.93
C ILE A 19 19.59 -14.54 33.83
N HIS A 20 20.12 -13.86 34.82
CA HIS A 20 21.47 -13.31 34.76
C HIS A 20 22.45 -13.99 35.70
N GLY A 21 22.00 -14.94 36.51
CA GLY A 21 22.90 -15.57 37.45
C GLY A 21 23.16 -14.67 38.63
N HIS A 22 24.37 -14.80 39.18
CA HIS A 22 24.74 -14.04 40.36
C HIS A 22 25.08 -12.60 39.99
N ILE A 23 24.28 -11.65 40.46
CA ILE A 23 24.45 -10.24 40.16
C ILE A 23 24.74 -9.49 41.45
N GLU A 24 25.83 -8.72 41.44
CA GLU A 24 26.27 -7.97 42.62
C GLU A 24 25.64 -6.58 42.63
N LEU A 25 25.30 -6.10 43.81
CA LEU A 25 24.61 -4.81 43.95
C LEU A 25 25.34 -3.93 44.95
N HIS A 26 25.59 -2.68 44.54
CA HIS A 26 26.26 -1.70 45.36
C HIS A 26 25.44 -1.43 46.63
N PRO A 27 26.11 -1.21 47.77
CA PRO A 27 25.39 -0.94 49.01
C PRO A 27 24.29 0.10 48.90
N LEU A 28 24.46 1.12 48.06
CA LEU A 28 23.40 2.09 47.89
C LEU A 28 22.20 1.47 47.17
N LEU A 29 22.46 0.58 46.21
CA LEU A 29 21.37 -0.10 45.52
C LEU A 29 20.61 -1.01 46.48
N ILE A 30 21.32 -1.65 47.41
CA ILE A 30 20.68 -2.50 48.40
C ILE A 30 19.71 -1.70 49.27
N ARG A 31 20.13 -0.52 49.70
CA ARG A 31 19.29 0.30 50.57
C ARG A 31 18.18 0.99 49.80
N ILE A 32 18.31 1.11 48.48
CA ILE A 32 17.20 1.63 47.68
C ILE A 32 16.11 0.58 47.54
N ILE A 33 16.47 -0.70 47.37
CA ILE A 33 15.47 -1.72 47.15
C ILE A 33 14.84 -2.20 48.44
N ASP A 34 15.52 -2.03 49.57
CA ASP A 34 14.99 -2.46 50.87
C ASP A 34 14.15 -1.35 51.50
N THR A 35 13.13 -0.97 50.74
CA THR A 35 12.19 0.07 51.13
C THR A 35 10.79 -0.39 50.77
N PRO A 36 9.76 0.09 51.47
CA PRO A 36 8.40 -0.34 51.13
C PRO A 36 7.96 0.04 49.73
N GLN A 37 8.52 1.09 49.14
CA GLN A 37 8.09 1.52 47.81
C GLN A 37 8.74 0.68 46.70
N PHE A 38 9.91 0.11 46.97
CA PHE A 38 10.48 -0.83 46.01
C PHE A 38 9.94 -2.24 46.21
N GLN A 39 9.95 -2.73 47.45
CA GLN A 39 9.40 -4.06 47.73
C GLN A 39 7.94 -4.17 47.32
N ARG A 40 7.26 -3.04 47.15
CA ARG A 40 5.90 -3.03 46.64
C ARG A 40 5.82 -3.68 45.28
N LEU A 41 6.91 -3.62 44.51
CA LEU A 41 6.91 -4.20 43.19
C LEU A 41 6.84 -5.72 43.21
N ARG A 42 7.05 -6.36 44.36
CA ARG A 42 6.88 -7.80 44.47
C ARG A 42 5.43 -8.24 44.29
N TYR A 43 4.49 -7.31 44.31
CA TYR A 43 3.06 -7.64 44.26
C TYR A 43 2.39 -6.99 43.06
N ILE A 44 3.17 -6.74 42.02
CA ILE A 44 2.68 -6.25 40.74
C ILE A 44 3.10 -7.28 39.70
N LYS A 45 2.13 -7.98 39.12
CA LYS A 45 2.42 -8.95 38.07
C LYS A 45 3.01 -8.25 36.86
N GLN A 46 4.17 -8.73 36.40
CA GLN A 46 4.84 -8.14 35.25
C GLN A 46 3.94 -8.13 34.02
N LEU A 47 3.33 -9.28 33.69
CA LEU A 47 2.50 -9.41 32.51
C LEU A 47 1.02 -9.29 32.81
N GLY A 48 0.65 -8.91 34.02
CA GLY A 48 -0.74 -8.62 34.33
C GLY A 48 -1.62 -9.83 34.10
N GLY A 49 -2.62 -9.69 33.23
CA GLY A 49 -3.56 -10.73 32.89
C GLY A 49 -3.01 -11.88 32.08
N GLY A 50 -1.76 -11.82 31.63
CA GLY A 50 -1.17 -12.94 30.92
C GLY A 50 -0.97 -14.18 31.79
N TYR A 51 -0.88 -14.00 33.11
CA TYR A 51 -0.73 -15.14 34.02
C TYR A 51 -1.90 -16.11 33.89
N TYR A 52 -3.09 -15.61 33.58
CA TYR A 52 -4.27 -16.43 33.42
C TYR A 52 -4.33 -17.13 32.07
N VAL A 53 -3.36 -16.89 31.19
CA VAL A 53 -3.24 -17.62 29.93
C VAL A 53 -1.92 -18.37 29.84
N PHE A 54 -0.83 -17.75 30.29
CA PHE A 54 0.47 -18.42 30.39
C PHE A 54 0.78 -18.65 31.86
N PRO A 55 0.52 -19.84 32.40
CA PRO A 55 0.67 -20.03 33.85
C PRO A 55 2.09 -19.87 34.36
N GLY A 56 3.10 -19.93 33.50
CA GLY A 56 4.46 -19.68 33.95
C GLY A 56 4.77 -18.21 34.17
N ALA A 57 3.92 -17.32 33.68
CA ALA A 57 4.13 -15.88 33.80
C ALA A 57 3.60 -15.38 35.15
N SER A 58 4.32 -15.77 36.20
CA SER A 58 4.01 -15.32 37.56
C SER A 58 5.03 -14.33 38.09
N HIS A 59 6.03 -13.98 37.30
CA HIS A 59 7.05 -13.05 37.74
C HIS A 59 6.48 -11.66 37.94
N ASN A 60 7.07 -10.92 38.86
CA ASN A 60 6.59 -9.59 39.22
C ASN A 60 7.59 -8.54 38.76
N ARG A 61 7.17 -7.28 38.92
CA ARG A 61 8.01 -6.15 38.53
C ARG A 61 9.29 -6.07 39.32
N PHE A 62 9.29 -6.61 40.55
CA PHE A 62 10.47 -6.57 41.39
C PHE A 62 11.66 -7.23 40.72
N GLU A 63 11.49 -8.48 40.29
CA GLU A 63 12.62 -9.20 39.70
C GLU A 63 13.04 -8.57 38.37
N HIS A 64 12.10 -7.98 37.65
CA HIS A 64 12.44 -7.30 36.41
C HIS A 64 13.30 -6.06 36.68
N SER A 65 12.97 -5.31 37.74
CA SER A 65 13.70 -4.09 38.05
C SER A 65 15.16 -4.37 38.34
N LEU A 66 15.46 -5.46 39.05
CA LEU A 66 16.86 -5.79 39.34
C LEU A 66 17.60 -6.16 38.06
N GLY A 67 16.92 -6.80 37.11
CA GLY A 67 17.57 -7.16 35.87
C GLY A 67 17.91 -5.94 35.03
N VAL A 68 16.97 -5.01 34.91
CA VAL A 68 17.23 -3.77 34.18
C VAL A 68 18.39 -3.01 34.81
N GLY A 69 18.42 -2.94 36.14
CA GLY A 69 19.51 -2.23 36.80
C GLY A 69 20.84 -2.93 36.67
N TYR A 70 20.82 -4.26 36.59
CA TYR A 70 22.06 -5.01 36.41
C TYR A 70 22.57 -4.85 34.98
N LEU A 71 21.66 -4.81 34.02
CA LEU A 71 22.07 -4.64 32.63
C LEU A 71 22.52 -3.21 32.37
N ALA A 72 21.84 -2.23 32.97
CA ALA A 72 22.31 -0.85 32.93
C ALA A 72 23.76 -0.78 33.41
N GLY A 73 24.09 -1.52 34.47
CA GLY A 73 25.45 -1.51 34.96
C GLY A 73 26.42 -2.23 34.06
N CYS A 74 25.94 -3.21 33.29
CA CYS A 74 26.85 -3.94 32.41
C CYS A 74 27.23 -3.12 31.18
N LEU A 75 26.29 -2.33 30.68
CA LEU A 75 26.53 -1.54 29.48
C LEU A 75 27.43 -0.34 29.79
N VAL A 76 27.15 0.35 30.90
CA VAL A 76 27.95 1.52 31.25
C VAL A 76 29.33 1.08 31.75
N ARG A 77 29.44 -0.12 32.30
CA ARG A 77 30.75 -0.61 32.73
C ARG A 77 31.62 -1.01 31.55
N GLU A 78 30.98 -1.43 30.44
CA GLU A 78 31.74 -1.75 29.23
C GLU A 78 32.20 -0.49 28.51
N LEU A 79 31.31 0.50 28.37
CA LEU A 79 31.71 1.77 27.76
C LEU A 79 32.84 2.43 28.55
N SER A 80 32.73 2.42 29.88
CA SER A 80 33.79 3.00 30.71
C SER A 80 35.11 2.27 30.48
N GLU A 81 35.09 0.94 30.41
CA GLU A 81 36.33 0.20 30.30
C GLU A 81 36.93 0.27 28.91
N LYS A 82 36.09 0.23 27.88
CA LYS A 82 36.61 0.23 26.51
C LYS A 82 37.21 1.57 26.13
N GLN A 83 36.53 2.66 26.49
CA GLN A 83 36.88 4.01 26.05
C GLN A 83 37.00 4.93 27.24
N PRO A 84 38.14 4.95 27.92
CA PRO A 84 38.36 5.93 29.00
C PRO A 84 38.21 7.37 28.54
N GLU A 85 38.27 7.62 27.23
CA GLU A 85 38.13 8.97 26.67
C GLU A 85 36.86 9.65 27.18
N LEU A 86 35.79 8.88 27.37
CA LEU A 86 34.52 9.48 27.80
C LEU A 86 34.55 9.92 29.25
N GLN A 87 35.55 9.49 30.02
CA GLN A 87 35.70 9.89 31.42
C GLN A 87 34.45 9.59 32.25
N ILE A 88 33.91 8.37 32.07
CA ILE A 88 32.79 7.94 32.89
C ILE A 88 33.27 7.66 34.30
N SER A 89 32.63 8.28 35.28
CA SER A 89 32.99 8.10 36.69
C SER A 89 32.11 7.05 37.35
N GLU A 90 32.61 6.53 38.47
CA GLU A 90 31.81 5.63 39.30
C GLU A 90 30.52 6.29 39.75
N ARG A 91 30.54 7.61 39.94
CA ARG A 91 29.31 8.34 40.25
C ARG A 91 28.32 8.23 39.10
N ASP A 92 28.81 8.27 37.86
CA ASP A 92 27.91 8.14 36.71
C ASP A 92 27.34 6.72 36.62
N MET A 93 28.18 5.71 36.82
CA MET A 93 27.73 4.34 36.69
C MET A 93 26.73 3.98 37.78
N LEU A 94 26.94 4.52 38.97
CA LEU A 94 25.98 4.28 40.03
C LEU A 94 24.64 4.94 39.71
N CYS A 95 24.67 6.15 39.13
CA CYS A 95 23.42 6.83 38.82
C CYS A 95 22.67 6.15 37.68
N VAL A 96 23.36 5.41 36.83
CA VAL A 96 22.67 4.71 35.75
C VAL A 96 21.97 3.47 36.29
N GLN A 97 22.63 2.73 37.18
CA GLN A 97 22.02 1.58 37.82
C GLN A 97 20.78 1.98 38.61
N ILE A 98 20.86 3.10 39.34
CA ILE A 98 19.70 3.58 40.10
C ILE A 98 18.54 3.85 39.16
N ALA A 99 18.83 4.39 37.97
CA ALA A 99 17.77 4.59 36.99
C ALA A 99 17.24 3.27 36.47
N GLY A 100 18.09 2.24 36.39
CA GLY A 100 17.63 0.95 35.93
C GLY A 100 16.68 0.28 36.93
N LEU A 101 17.01 0.36 38.23
CA LEU A 101 16.17 -0.24 39.24
C LEU A 101 14.84 0.49 39.38
N CYS A 102 14.87 1.81 39.40
CA CYS A 102 13.67 2.60 39.71
C CYS A 102 12.86 2.95 38.47
N ARG A 103 13.24 2.42 37.32
CA ARG A 103 12.50 2.69 36.09
C ARG A 103 11.08 2.15 36.11
N ASN A 104 10.77 1.18 36.98
CA ASN A 104 9.47 0.54 36.99
C ASN A 104 8.65 0.85 38.23
N LEU A 105 9.15 1.70 39.12
CA LEU A 105 8.43 2.02 40.34
C LEU A 105 7.04 2.57 40.11
N GLY A 106 6.75 3.09 38.92
CA GLY A 106 5.50 3.78 38.71
C GLY A 106 4.36 2.93 38.21
N HIS A 107 4.53 1.62 38.16
CA HIS A 107 3.49 0.74 37.67
C HIS A 107 2.41 0.50 38.72
N GLY A 108 1.19 0.32 38.25
CA GLY A 108 0.07 0.03 39.11
C GLY A 108 -0.32 -1.43 39.05
N PRO A 109 -1.45 -1.79 39.65
CA PRO A 109 -1.88 -3.19 39.66
C PRO A 109 -1.96 -3.76 38.26
N PHE A 110 -1.35 -4.93 38.08
CA PHE A 110 -1.34 -5.66 36.81
C PHE A 110 -0.66 -4.86 35.70
N SER A 111 0.29 -4.01 36.09
CA SER A 111 1.15 -3.26 35.16
C SER A 111 0.38 -2.51 34.09
N HIS A 112 0.55 -2.91 32.83
CA HIS A 112 0.05 -2.12 31.72
C HIS A 112 -1.46 -2.02 31.70
N MET A 113 -2.14 -2.89 32.43
CA MET A 113 -3.59 -2.74 32.58
C MET A 113 -3.95 -1.41 33.21
N PHE A 114 -3.13 -0.92 34.14
CA PHE A 114 -3.48 0.24 34.96
C PHE A 114 -3.35 1.54 34.17
N ASP A 115 -2.16 1.80 33.61
CA ASP A 115 -1.92 3.03 32.87
C ASP A 115 -2.44 3.00 31.44
N GLY A 116 -2.94 1.86 30.97
CA GLY A 116 -3.42 1.76 29.61
C GLY A 116 -4.90 1.46 29.48
N ARG A 117 -5.56 1.09 30.57
CA ARG A 117 -6.97 0.73 30.49
C ARG A 117 -7.80 1.37 31.60
N PHE A 118 -7.41 1.17 32.85
CA PHE A 118 -8.23 1.63 33.97
C PHE A 118 -8.15 3.14 34.11
N ILE A 119 -6.93 3.68 34.16
CA ILE A 119 -6.76 5.12 34.33
C ILE A 119 -7.37 5.91 33.17
N PRO A 120 -7.23 5.50 31.90
CA PRO A 120 -7.91 6.24 30.83
C PRO A 120 -9.42 6.31 30.98
N LEU A 121 -10.04 5.27 31.55
CA LEU A 121 -11.50 5.25 31.68
C LEU A 121 -11.98 5.81 33.01
N ALA A 122 -11.16 5.73 34.05
CA ALA A 122 -11.55 6.27 35.34
C ALA A 122 -11.37 7.78 35.41
N ARG A 123 -10.26 8.28 34.88
CA ARG A 123 -9.95 9.71 34.91
C ARG A 123 -9.44 10.13 33.54
N PRO A 124 -10.36 10.29 32.57
CA PRO A 124 -9.92 10.64 31.21
C PRO A 124 -9.29 12.01 31.08
N ASP A 125 -9.57 12.92 32.02
CA ASP A 125 -9.03 14.28 31.91
C ASP A 125 -7.52 14.31 32.19
N VAL A 126 -7.04 13.46 33.09
CA VAL A 126 -5.67 13.51 33.56
C VAL A 126 -4.80 12.67 32.63
N LYS A 127 -3.62 13.22 32.29
CA LYS A 127 -2.60 12.47 31.57
C LYS A 127 -1.67 11.84 32.60
N TRP A 128 -1.56 10.51 32.56
CA TRP A 128 -0.75 9.78 33.52
C TRP A 128 0.02 8.69 32.79
N THR A 129 1.28 8.55 33.16
CA THR A 129 2.14 7.51 32.64
C THR A 129 2.89 6.88 33.81
N HIS A 130 3.46 5.70 33.57
CA HIS A 130 4.23 5.05 34.61
C HIS A 130 5.61 5.68 34.78
N GLU A 131 6.07 6.43 33.78
CA GLU A 131 7.30 7.19 33.94
C GLU A 131 7.10 8.35 34.91
N GLN A 132 6.00 9.09 34.76
CA GLN A 132 5.64 10.08 35.75
C GLN A 132 5.48 9.45 37.12
N GLY A 133 4.90 8.25 37.17
CA GLY A 133 4.78 7.54 38.42
C GLY A 133 6.12 7.14 39.00
N SER A 134 7.02 6.65 38.15
CA SER A 134 8.32 6.18 38.65
C SER A 134 9.11 7.31 39.30
N VAL A 135 9.11 8.50 38.68
CA VAL A 135 9.88 9.61 39.26
C VAL A 135 9.19 10.14 40.51
N ASN A 136 7.87 10.25 40.49
CA ASN A 136 7.16 10.66 41.70
C ASN A 136 7.36 9.64 42.82
N MET A 137 7.28 8.35 42.49
CA MET A 137 7.56 7.32 43.47
C MET A 137 9.02 7.37 43.92
N PHE A 138 9.94 7.69 42.99
CA PHE A 138 11.35 7.78 43.35
C PHE A 138 11.61 8.91 44.35
N GLU A 139 10.96 10.07 44.16
CA GLU A 139 11.13 11.17 45.10
C GLU A 139 10.59 10.79 46.47
N HIS A 140 9.44 10.13 46.51
CA HIS A 140 8.89 9.68 47.79
C HIS A 140 9.77 8.62 48.43
N LEU A 141 10.43 7.80 47.61
CA LEU A 141 11.29 6.75 48.15
C LEU A 141 12.48 7.35 48.90
N VAL A 142 13.16 8.32 48.29
CA VAL A 142 14.37 8.86 48.90
C VAL A 142 14.02 9.72 50.11
N ASN A 143 12.84 10.34 50.12
CA ASN A 143 12.47 11.23 51.21
C ASN A 143 11.97 10.46 52.42
N SER A 144 11.12 9.46 52.19
CA SER A 144 10.53 8.73 53.31
C SER A 144 11.57 7.91 54.06
N ASN A 145 12.60 7.43 53.35
CA ASN A 145 13.62 6.59 53.95
C ASN A 145 14.91 7.33 54.24
N GLY A 146 14.99 8.61 53.89
CA GLY A 146 16.11 9.46 54.22
C GLY A 146 17.42 9.01 53.63
N LEU A 147 17.47 8.85 52.31
CA LEU A 147 18.67 8.39 51.63
C LEU A 147 19.47 9.51 50.99
N ILE A 148 18.99 10.75 51.06
CA ILE A 148 19.72 11.87 50.50
C ILE A 148 21.09 11.98 51.14
N ASP A 149 21.17 11.71 52.45
CA ASP A 149 22.45 11.64 53.13
C ASP A 149 23.21 10.36 52.81
N VAL A 150 22.50 9.29 52.46
CA VAL A 150 23.16 8.05 52.09
C VAL A 150 23.79 8.16 50.71
N MET A 151 23.08 8.80 49.77
CA MET A 151 23.66 9.08 48.47
C MET A 151 24.91 9.94 48.59
N GLU A 152 24.87 10.94 49.49
CA GLU A 152 26.05 11.74 49.75
C GLU A 152 27.21 10.89 50.27
N HIS A 153 26.89 9.87 51.07
CA HIS A 153 27.93 9.06 51.67
C HIS A 153 28.68 8.23 50.63
N TYR A 154 28.02 7.84 49.55
CA TYR A 154 28.63 7.00 48.53
C TYR A 154 29.15 7.80 47.34
N GLY A 155 29.32 9.11 47.52
CA GLY A 155 29.99 9.92 46.52
C GLY A 155 29.11 10.55 45.46
N LEU A 156 27.84 10.78 45.74
CA LEU A 156 26.94 11.38 44.78
C LEU A 156 26.59 12.81 45.19
N ILE A 157 26.17 13.59 44.20
CA ILE A 157 25.71 14.97 44.40
C ILE A 157 24.20 14.99 44.25
N PRO A 158 23.44 14.91 45.35
CA PRO A 158 21.98 14.71 45.23
C PRO A 158 21.27 15.69 44.32
N GLU A 159 21.57 16.99 44.40
CA GLU A 159 20.90 17.95 43.54
C GLU A 159 21.00 17.52 42.07
N GLU A 160 22.21 17.45 41.53
CA GLU A 160 22.38 17.17 40.12
C GLU A 160 22.04 15.72 39.79
N ASP A 161 22.40 14.78 40.68
CA ASP A 161 22.22 13.36 40.34
C ASP A 161 20.77 12.93 40.40
N ILE A 162 19.97 13.48 41.32
CA ILE A 162 18.55 13.12 41.35
C ILE A 162 17.85 13.61 40.09
N TRP A 163 18.23 14.78 39.58
CA TRP A 163 17.76 15.19 38.26
C TRP A 163 18.19 14.17 37.21
N PHE A 164 19.45 13.75 37.26
CA PHE A 164 19.96 12.79 36.29
C PHE A 164 19.21 11.46 36.38
N ILE A 165 18.99 10.97 37.60
CA ILE A 165 18.22 9.74 37.76
C ILE A 165 16.81 9.92 37.20
N LYS A 166 16.21 11.09 37.43
CA LYS A 166 14.85 11.31 36.94
C LYS A 166 14.80 11.50 35.43
N GLU A 167 15.83 12.12 34.85
CA GLU A 167 15.81 12.38 33.42
C GLU A 167 15.96 11.09 32.62
N GLN A 168 16.74 10.13 33.14
CA GLN A 168 16.88 8.85 32.47
C GLN A 168 15.55 8.12 32.39
N ILE A 169 14.72 8.26 33.42
CA ILE A 169 13.42 7.59 33.44
C ILE A 169 12.43 8.30 32.52
N THR A 170 12.17 9.58 32.79
CA THR A 170 11.15 10.30 32.02
C THR A 170 11.72 10.85 30.72
N GLY A 171 12.65 11.80 30.82
CA GLY A 171 13.21 12.42 29.63
C GLY A 171 12.35 13.54 29.07
N TRP A 182 19.54 21.32 23.93
CA TRP A 182 19.88 20.39 24.99
C TRP A 182 18.93 20.54 26.17
N PRO A 183 17.95 19.63 26.26
CA PRO A 183 16.90 19.79 27.29
C PRO A 183 17.31 19.30 28.67
N TYR A 184 18.28 18.41 28.77
CA TYR A 184 18.66 17.84 30.06
C TYR A 184 19.62 18.76 30.80
N LYS A 185 19.54 18.71 32.13
CA LYS A 185 20.43 19.48 32.98
C LYS A 185 21.12 18.63 34.05
N GLY A 186 20.80 17.34 34.15
CA GLY A 186 21.46 16.50 35.13
C GLY A 186 22.84 16.05 34.71
N ARG A 187 23.11 16.01 33.41
CA ARG A 187 24.43 15.71 32.88
C ARG A 187 24.75 16.65 31.73
N PRO A 188 26.01 17.05 31.57
CA PRO A 188 26.41 17.84 30.42
C PRO A 188 26.17 17.08 29.12
N LYS A 189 26.00 17.83 28.04
CA LYS A 189 25.84 17.23 26.71
C LYS A 189 27.01 16.33 26.34
N GLU A 190 28.16 16.49 26.99
CA GLU A 190 29.31 15.64 26.72
C GLU A 190 29.05 14.21 27.16
N LYS A 191 28.18 14.02 28.15
CA LYS A 191 27.73 12.71 28.59
C LYS A 191 26.34 12.37 28.05
N SER A 192 26.03 12.83 26.83
CA SER A 192 24.68 12.61 26.31
C SER A 192 24.41 11.12 26.09
N PHE A 193 25.45 10.34 25.85
CA PHE A 193 25.28 8.90 25.58
C PHE A 193 24.72 8.16 26.79
N LEU A 194 24.96 8.67 27.99
CA LEU A 194 24.44 8.02 29.19
C LEU A 194 22.91 8.05 29.27
N TYR A 195 22.24 8.73 28.34
CA TYR A 195 20.78 8.77 28.29
C TYR A 195 20.19 7.75 27.33
N GLU A 196 21.04 6.97 26.66
CA GLU A 196 20.58 5.94 25.74
C GLU A 196 20.63 4.54 26.36
N ILE A 197 20.93 4.45 27.65
CA ILE A 197 21.13 3.18 28.33
C ILE A 197 19.83 2.69 28.94
N VAL A 198 19.25 3.46 29.87
CA VAL A 198 18.13 2.98 30.66
C VAL A 198 16.82 3.09 29.90
N ALA A 199 16.55 4.25 29.29
CA ALA A 199 15.30 4.46 28.55
C ALA A 199 15.64 5.28 27.30
N ASN A 200 16.03 4.60 26.24
CA ASN A 200 16.49 5.25 25.01
C ASN A 200 15.31 5.87 24.30
N LYS A 201 15.15 7.18 24.44
CA LYS A 201 14.09 7.88 23.73
C LYS A 201 14.41 8.06 22.25
N ARG A 202 15.68 7.87 21.86
CA ARG A 202 16.07 8.13 20.48
C ARG A 202 15.66 7.00 19.54
N ASN A 203 15.95 5.75 19.92
CA ASN A 203 15.63 4.63 19.04
C ASN A 203 15.02 3.43 19.75
N GLY A 204 14.93 3.43 21.08
CA GLY A 204 14.29 2.35 21.80
C GLY A 204 15.19 1.22 22.21
N ILE A 205 16.45 1.21 21.78
CA ILE A 205 17.42 0.20 22.19
C ILE A 205 17.90 0.56 23.59
N ASP A 206 17.34 -0.11 24.61
CA ASP A 206 17.70 0.13 25.99
C ASP A 206 17.71 -1.19 26.76
N VAL A 207 18.40 -1.18 27.90
CA VAL A 207 18.55 -2.38 28.72
C VAL A 207 17.22 -2.86 29.31
N ASP A 208 16.21 -1.99 29.37
CA ASP A 208 14.91 -2.42 29.86
C ASP A 208 14.26 -3.43 28.92
N LYS A 209 14.51 -3.32 27.62
CA LYS A 209 13.93 -4.27 26.66
C LYS A 209 14.64 -5.61 26.73
N TRP A 210 15.95 -5.59 26.96
CA TRP A 210 16.71 -6.84 26.95
C TRP A 210 16.31 -7.74 28.10
N ASP A 211 15.99 -7.15 29.26
CA ASP A 211 15.68 -7.97 30.41
C ASP A 211 14.32 -8.62 30.26
N TYR A 212 13.31 -7.88 29.79
CA TYR A 212 12.01 -8.50 29.65
C TYR A 212 11.92 -9.42 28.44
N PHE A 213 12.77 -9.25 27.44
CA PHE A 213 12.86 -10.27 26.40
C PHE A 213 13.23 -11.61 26.99
N ALA A 214 14.32 -11.64 27.77
CA ALA A 214 14.83 -12.89 28.32
C ALA A 214 14.02 -13.39 29.51
N ARG A 215 13.49 -12.48 30.33
CA ARG A 215 12.76 -12.87 31.53
C ARG A 215 11.36 -13.35 31.17
N ASP A 216 10.65 -12.61 30.32
CA ASP A 216 9.32 -13.07 29.92
C ASP A 216 9.38 -14.40 29.19
N CYS A 217 10.35 -14.57 28.29
CA CYS A 217 10.47 -15.81 27.53
C CYS A 217 10.77 -16.99 28.44
N HIS A 218 11.59 -16.76 29.47
CA HIS A 218 11.90 -17.79 30.45
C HIS A 218 10.64 -18.29 31.14
N HIS A 219 9.74 -17.38 31.49
CA HIS A 219 8.55 -17.72 32.26
C HIS A 219 7.36 -18.12 31.38
N LEU A 220 7.19 -17.47 30.24
CA LEU A 220 6.09 -17.81 29.34
C LEU A 220 6.30 -19.15 28.67
N GLY A 221 7.55 -19.56 28.47
CA GLY A 221 7.83 -20.67 27.61
C GLY A 221 7.86 -20.31 26.15
N ILE A 222 8.34 -19.10 25.83
CA ILE A 222 8.46 -18.60 24.47
C ILE A 222 9.94 -18.46 24.14
N GLN A 223 10.26 -18.47 22.86
CA GLN A 223 11.63 -18.38 22.41
C GLN A 223 11.99 -16.94 22.07
N ASN A 224 13.21 -16.56 22.45
CA ASN A 224 13.70 -15.20 22.29
C ASN A 224 14.77 -15.18 21.21
N ASN A 225 14.59 -14.30 20.23
CA ASN A 225 15.54 -14.21 19.13
C ASN A 225 16.33 -12.92 19.17
N PHE A 226 16.97 -12.63 20.30
CA PHE A 226 17.91 -11.52 20.40
C PHE A 226 18.91 -11.80 21.50
N ASP A 227 20.18 -11.48 21.24
CA ASP A 227 21.29 -11.74 22.17
C ASP A 227 21.91 -10.42 22.59
N TYR A 228 21.64 -9.99 23.84
CA TYR A 228 22.11 -8.70 24.30
C TYR A 228 23.59 -8.71 24.67
N LYS A 229 24.12 -9.86 25.11
CA LYS A 229 25.54 -9.94 25.43
C LYS A 229 26.41 -9.73 24.20
N ARG A 230 25.90 -10.07 23.02
CA ARG A 230 26.65 -9.79 21.81
C ARG A 230 26.58 -8.31 21.46
N PHE A 231 25.40 -7.72 21.58
CA PHE A 231 25.25 -6.29 21.32
C PHE A 231 26.20 -5.48 22.20
N ILE A 232 26.23 -5.80 23.49
CA ILE A 232 27.09 -5.07 24.44
C ILE A 232 28.55 -5.23 24.07
N LYS A 233 28.92 -6.37 23.49
CA LYS A 233 30.30 -6.58 23.09
C LYS A 233 30.73 -5.63 21.97
N PHE A 234 29.79 -5.07 21.21
CA PHE A 234 30.12 -4.17 20.13
C PHE A 234 29.62 -2.75 20.35
N ALA A 235 28.95 -2.47 21.46
CA ALA A 235 28.53 -1.12 21.75
C ALA A 235 29.74 -0.21 21.91
N ARG A 236 29.68 0.96 21.29
CA ARG A 236 30.76 1.92 21.29
C ARG A 236 30.18 3.30 21.05
N VAL A 237 30.73 4.30 21.74
CA VAL A 237 30.25 5.67 21.63
C VAL A 237 31.09 6.40 20.58
N CYS A 238 30.39 7.02 19.63
CA CYS A 238 31.02 7.78 18.54
C CYS A 238 30.39 9.17 18.45
N GLU A 239 31.15 10.10 17.89
CA GLU A 239 30.63 11.44 17.64
C GLU A 239 30.00 11.48 16.26
N VAL A 240 28.85 12.14 16.17
CA VAL A 240 28.25 12.50 14.88
C VAL A 240 27.21 13.57 15.14
N ASP A 241 27.23 14.60 14.29
CA ASP A 241 26.49 15.84 14.52
C ASP A 241 26.92 16.51 15.82
N ASN A 242 28.22 16.41 16.13
CA ASN A 242 28.83 17.00 17.32
C ASN A 242 28.27 16.42 18.62
N LYS A 243 27.34 15.48 18.53
CA LYS A 243 26.77 14.84 19.69
C LYS A 243 27.19 13.37 19.74
N LYS A 244 27.39 12.88 20.96
CA LYS A 244 27.86 11.51 21.18
C LYS A 244 26.67 10.57 21.36
N HIS A 245 26.75 9.41 20.70
CA HIS A 245 25.70 8.40 20.70
C HIS A 245 26.29 7.02 20.94
N ILE A 246 25.45 6.09 21.39
CA ILE A 246 25.85 4.70 21.51
C ILE A 246 25.62 4.00 20.18
N CYS A 247 26.67 3.36 19.67
CA CYS A 247 26.65 2.75 18.35
C CYS A 247 27.18 1.34 18.41
N THR A 248 26.78 0.53 17.44
CA THR A 248 27.31 -0.81 17.31
C THR A 248 27.79 -1.00 15.88
N ARG A 249 28.45 -2.12 15.64
CA ARG A 249 29.20 -2.22 14.40
C ARG A 249 28.29 -2.57 13.22
N GLU A 250 28.83 -2.33 12.01
CA GLU A 250 28.26 -2.69 10.72
C GLU A 250 27.48 -4.00 10.76
N LYS A 251 28.13 -5.05 11.24
CA LYS A 251 27.67 -6.43 11.17
C LYS A 251 26.46 -6.70 12.05
N GLU A 252 26.04 -5.75 12.89
CA GLU A 252 24.97 -5.98 13.85
C GLU A 252 23.64 -5.35 13.45
N VAL A 253 23.55 -4.72 12.28
CA VAL A 253 22.29 -4.13 11.88
C VAL A 253 21.23 -5.20 11.58
N GLY A 254 21.65 -6.42 11.25
CA GLY A 254 20.68 -7.48 11.05
C GLY A 254 20.07 -7.96 12.36
N ASN A 255 20.91 -8.16 13.38
CA ASN A 255 20.40 -8.53 14.69
C ASN A 255 19.56 -7.43 15.31
N LEU A 256 19.80 -6.18 14.93
CA LEU A 256 19.00 -5.09 15.46
C LEU A 256 17.60 -5.08 14.86
N TYR A 257 17.46 -5.53 13.61
CA TYR A 257 16.12 -5.63 13.03
C TYR A 257 15.33 -6.74 13.71
N ASP A 258 16.00 -7.83 14.08
CA ASP A 258 15.35 -8.93 14.78
C ASP A 258 14.97 -8.58 16.21
N MET A 259 15.67 -7.63 16.83
CA MET A 259 15.31 -7.22 18.17
C MET A 259 13.90 -6.63 18.20
N PHE A 260 13.57 -5.81 17.20
CA PHE A 260 12.21 -5.30 17.09
C PHE A 260 11.28 -6.33 16.48
N HIS A 261 11.83 -7.35 15.82
CA HIS A 261 11.00 -8.46 15.37
C HIS A 261 10.67 -9.38 16.54
N THR A 262 11.61 -9.58 17.46
CA THR A 262 11.34 -10.35 18.67
C THR A 262 10.26 -9.66 19.50
N ARG A 263 10.43 -8.36 19.75
CA ARG A 263 9.44 -7.59 20.49
C ARG A 263 8.04 -7.72 19.89
N ASN A 264 7.95 -7.89 18.58
CA ASN A 264 6.65 -8.03 17.94
C ASN A 264 6.07 -9.43 18.13
N CYS A 265 6.93 -10.45 18.17
CA CYS A 265 6.46 -11.80 18.46
C CYS A 265 5.95 -11.91 19.89
N LEU A 266 6.71 -11.35 20.85
CA LEU A 266 6.28 -11.36 22.23
C LEU A 266 4.98 -10.59 22.43
N HIS A 267 4.74 -9.57 21.60
CA HIS A 267 3.46 -8.88 21.67
C HIS A 267 2.35 -9.69 20.99
N ARG A 268 2.68 -10.38 19.90
CA ARG A 268 1.66 -11.14 19.18
C ARG A 268 1.35 -12.44 19.88
N ARG A 269 2.37 -13.09 20.42
CA ARG A 269 2.19 -14.37 21.07
C ARG A 269 1.55 -14.22 22.45
N ALA A 270 2.03 -13.28 23.25
CA ALA A 270 1.70 -13.27 24.67
C ALA A 270 1.06 -11.96 25.12
N TYR A 271 1.71 -10.82 24.87
CA TYR A 271 1.25 -9.57 25.48
C TYR A 271 -0.09 -9.12 24.92
N GLN A 272 -0.43 -9.51 23.70
CA GLN A 272 -1.71 -9.13 23.09
C GLN A 272 -2.54 -10.36 22.74
N HIS A 273 -2.33 -11.44 23.47
CA HIS A 273 -3.20 -12.61 23.36
C HIS A 273 -4.66 -12.19 23.52
N LYS A 274 -5.51 -12.72 22.65
CA LYS A 274 -6.91 -12.29 22.64
C LYS A 274 -7.60 -12.58 23.97
N VAL A 275 -7.26 -13.70 24.61
CA VAL A 275 -7.91 -14.06 25.86
C VAL A 275 -7.27 -13.32 27.04
N GLY A 276 -5.97 -13.09 26.99
CA GLY A 276 -5.34 -12.32 28.04
C GLY A 276 -5.81 -10.88 28.08
N ASN A 277 -6.10 -10.30 26.91
CA ASN A 277 -6.54 -8.92 26.86
C ASN A 277 -7.98 -8.77 27.33
N ILE A 278 -8.83 -9.75 27.04
CA ILE A 278 -10.20 -9.68 27.55
C ILE A 278 -10.22 -9.84 29.06
N ILE A 279 -9.28 -10.62 29.62
CA ILE A 279 -9.21 -10.75 31.07
C ILE A 279 -8.75 -9.45 31.70
N ASP A 280 -7.75 -8.79 31.10
CA ASP A 280 -7.39 -7.44 31.53
C ASP A 280 -8.59 -6.50 31.46
N THR A 281 -9.38 -6.59 30.39
CA THR A 281 -10.57 -5.75 30.26
C THR A 281 -11.55 -5.99 31.40
N MET A 282 -11.78 -7.26 31.76
CA MET A 282 -12.72 -7.55 32.84
C MET A 282 -12.21 -7.10 34.19
N ILE A 283 -10.90 -7.16 34.43
CA ILE A 283 -10.35 -6.62 35.67
C ILE A 283 -10.47 -5.11 35.70
N THR A 284 -10.41 -4.44 34.56
CA THR A 284 -10.71 -3.01 34.54
C THR A 284 -12.19 -2.78 34.81
N ASP A 285 -13.07 -3.49 34.11
CA ASP A 285 -14.50 -3.36 34.33
C ASP A 285 -14.82 -3.55 35.80
N ALA A 286 -14.27 -4.60 36.41
CA ALA A 286 -14.48 -4.81 37.84
C ALA A 286 -13.91 -3.66 38.66
N PHE A 287 -12.76 -3.12 38.24
CA PHE A 287 -12.14 -2.04 38.98
C PHE A 287 -12.99 -0.78 38.96
N LEU A 288 -13.55 -0.45 37.81
CA LEU A 288 -14.31 0.79 37.71
C LEU A 288 -15.60 0.73 38.50
N LYS A 289 -16.18 -0.46 38.65
CA LYS A 289 -17.38 -0.62 39.45
C LYS A 289 -17.08 -0.75 40.93
N ALA A 290 -15.82 -1.00 41.28
CA ALA A 290 -15.37 -1.02 42.67
C ALA A 290 -14.67 0.27 43.07
N ASP A 291 -14.26 1.09 42.11
CA ASP A 291 -13.53 2.32 42.40
C ASP A 291 -14.18 3.23 43.43
N PRO A 292 -15.50 3.46 43.42
CA PRO A 292 -16.07 4.40 44.40
C PRO A 292 -16.23 3.84 45.80
N TYR A 293 -16.09 2.53 46.00
CA TYR A 293 -16.47 1.92 47.27
C TYR A 293 -15.29 1.41 48.09
N ILE A 294 -14.06 1.53 47.60
CA ILE A 294 -12.89 1.05 48.31
C ILE A 294 -11.95 2.22 48.54
N GLU A 295 -11.38 2.28 49.74
CA GLU A 295 -10.56 3.41 50.15
C GLU A 295 -9.13 2.96 50.37
N ILE A 296 -8.19 3.72 49.82
CA ILE A 296 -6.77 3.54 50.12
C ILE A 296 -6.30 4.74 50.92
N THR A 297 -5.54 4.48 51.98
CA THR A 297 -5.13 5.50 52.93
C THR A 297 -3.68 5.89 52.67
N GLY A 298 -3.33 7.10 53.04
CA GLY A 298 -1.98 7.59 52.87
C GLY A 298 -1.98 9.11 52.76
N SER A 299 -0.77 9.68 52.85
CA SER A 299 -0.51 11.10 53.05
C SER A 299 -1.51 11.73 54.00
N GLU A 300 -1.05 12.10 55.20
CA GLU A 300 -1.84 12.86 56.18
C GLU A 300 -3.19 12.19 56.47
N GLY A 301 -3.35 10.92 56.11
CA GLY A 301 -4.52 10.14 56.52
C GLY A 301 -5.74 10.26 55.63
N LYS A 302 -5.67 10.98 54.52
CA LYS A 302 -6.82 11.09 53.63
C LYS A 302 -7.10 9.76 52.95
N LYS A 303 -8.37 9.53 52.62
CA LYS A 303 -8.77 8.32 51.91
C LYS A 303 -8.71 8.58 50.41
N TYR A 304 -8.34 7.53 49.67
CA TYR A 304 -8.21 7.64 48.22
C TYR A 304 -8.86 6.43 47.56
N ARG A 305 -9.43 6.66 46.38
CA ARG A 305 -9.97 5.59 45.57
C ARG A 305 -8.86 4.98 44.71
N ILE A 306 -9.21 3.94 43.97
CA ILE A 306 -8.23 3.31 43.09
C ILE A 306 -7.77 4.30 42.03
N SER A 307 -8.70 5.11 41.53
CA SER A 307 -8.35 6.03 40.45
C SER A 307 -7.66 7.28 40.96
N THR A 308 -7.88 7.66 42.22
CA THR A 308 -7.26 8.84 42.78
C THR A 308 -6.07 8.52 43.68
N ALA A 309 -5.72 7.24 43.82
CA ALA A 309 -4.54 6.89 44.59
C ALA A 309 -3.25 7.20 43.84
N ILE A 310 -3.34 7.61 42.57
CA ILE A 310 -2.15 8.04 41.85
C ILE A 310 -1.69 9.42 42.25
N ASP A 311 -2.56 10.22 42.87
CA ASP A 311 -2.21 11.56 43.29
C ASP A 311 -1.36 11.60 44.56
N ASP A 312 -1.27 10.49 45.29
CA ASP A 312 -0.47 10.44 46.50
C ASP A 312 0.30 9.13 46.57
N MET A 313 1.60 9.24 46.88
CA MET A 313 2.48 8.09 46.84
C MET A 313 2.27 7.15 48.03
N GLU A 314 1.98 7.70 49.21
CA GLU A 314 1.73 6.84 50.36
C GLU A 314 0.52 5.95 50.14
N ALA A 315 -0.46 6.42 49.38
CA ALA A 315 -1.57 5.57 48.98
C ALA A 315 -1.19 4.64 47.84
N PHE A 316 -0.52 5.19 46.82
CA PHE A 316 -0.11 4.40 45.66
C PHE A 316 0.89 3.33 46.04
N THR A 317 1.63 3.54 47.13
CA THR A 317 2.53 2.50 47.63
C THR A 317 1.75 1.24 48.02
N LYS A 318 0.57 1.41 48.59
CA LYS A 318 -0.27 0.30 49.00
C LYS A 318 -1.32 -0.05 47.96
N LEU A 319 -1.06 0.26 46.68
CA LEU A 319 -1.98 -0.03 45.58
C LEU A 319 -1.27 -1.04 44.68
N THR A 320 -1.54 -2.32 44.91
CA THR A 320 -0.88 -3.38 44.15
C THR A 320 -1.96 -4.33 43.64
N ASP A 321 -1.54 -5.51 43.17
CA ASP A 321 -2.47 -6.53 42.71
C ASP A 321 -3.37 -7.03 43.83
N ASN A 322 -3.08 -6.66 45.08
CA ASN A 322 -3.92 -7.03 46.20
C ASN A 322 -5.35 -6.52 46.03
N ILE A 323 -5.52 -5.45 45.25
CA ILE A 323 -6.86 -4.93 44.96
C ILE A 323 -7.75 -6.02 44.37
N PHE A 324 -7.16 -6.96 43.62
CA PHE A 324 -7.94 -8.03 43.02
C PHE A 324 -8.60 -8.90 44.09
N LEU A 325 -7.81 -9.38 45.06
CA LEU A 325 -8.34 -10.32 46.04
C LEU A 325 -9.18 -9.63 47.10
N GLU A 326 -8.95 -8.35 47.38
CA GLU A 326 -9.81 -7.63 48.32
C GLU A 326 -11.22 -7.48 47.76
N ILE A 327 -11.35 -7.29 46.45
CA ILE A 327 -12.66 -7.23 45.84
C ILE A 327 -13.31 -8.60 45.83
N LEU A 328 -12.50 -9.65 45.64
CA LEU A 328 -13.05 -10.99 45.51
C LEU A 328 -13.52 -11.56 46.85
N TYR A 329 -12.80 -11.25 47.92
CA TYR A 329 -13.15 -11.72 49.24
C TYR A 329 -14.02 -10.74 50.01
N SER A 330 -14.52 -9.70 49.36
CA SER A 330 -15.18 -8.63 50.08
C SER A 330 -16.54 -9.09 50.62
N THR A 331 -16.95 -8.48 51.73
CA THR A 331 -18.26 -8.72 52.32
C THR A 331 -19.26 -7.63 51.98
N ASP A 332 -18.81 -6.52 51.41
CA ASP A 332 -19.67 -5.36 51.27
C ASP A 332 -20.71 -5.59 50.18
N PRO A 333 -22.01 -5.42 50.47
CA PRO A 333 -23.01 -5.48 49.41
C PRO A 333 -22.85 -4.38 48.35
N LYS A 334 -22.03 -3.36 48.61
CA LYS A 334 -21.74 -2.32 47.64
C LYS A 334 -20.67 -2.74 46.63
N LEU A 335 -20.22 -4.00 46.68
CA LEU A 335 -19.17 -4.48 45.80
C LEU A 335 -19.57 -5.73 45.02
N ASP A 336 -20.87 -6.02 44.90
CA ASP A 336 -21.27 -7.24 44.22
C ASP A 336 -21.06 -7.13 42.72
N ALA A 337 -21.38 -5.97 42.13
CA ALA A 337 -21.22 -5.78 40.71
C ALA A 337 -19.78 -6.01 40.28
N ALA A 338 -18.83 -5.61 41.12
CA ALA A 338 -17.42 -5.84 40.82
C ALA A 338 -17.00 -7.26 41.18
N ARG A 339 -17.55 -7.81 42.27
CA ARG A 339 -17.25 -9.19 42.62
C ARG A 339 -17.85 -10.17 41.62
N ALA A 340 -18.96 -9.79 40.98
CA ALA A 340 -19.57 -10.66 39.98
C ALA A 340 -18.64 -10.85 38.79
N ILE A 341 -17.93 -9.80 38.38
CA ILE A 341 -17.05 -9.91 37.23
C ILE A 341 -15.87 -10.82 37.55
N LEU A 342 -15.24 -10.61 38.71
CA LEU A 342 -14.05 -11.37 39.07
C LEU A 342 -14.36 -12.86 39.26
N LYS A 343 -15.61 -13.19 39.59
CA LYS A 343 -15.94 -14.60 39.69
C LYS A 343 -16.26 -15.19 38.32
N LYS A 344 -16.72 -14.38 37.38
CA LYS A 344 -16.77 -14.83 35.99
C LYS A 344 -15.37 -15.15 35.48
N ILE A 345 -14.36 -14.45 35.99
CA ILE A 345 -12.98 -14.75 35.65
C ILE A 345 -12.52 -16.04 36.34
N GLU A 346 -12.90 -16.22 37.60
CA GLU A 346 -12.43 -17.39 38.33
C GLU A 346 -13.05 -18.67 37.79
N CYS A 347 -14.35 -18.64 37.49
CA CYS A 347 -15.02 -19.75 36.82
C CYS A 347 -14.76 -19.77 35.31
N ARG A 348 -14.10 -18.74 34.78
CA ARG A 348 -13.78 -18.61 33.36
C ARG A 348 -15.04 -18.60 32.49
N ASN A 349 -16.00 -17.75 32.88
CA ASN A 349 -17.11 -17.40 32.02
C ASN A 349 -16.83 -16.04 31.38
N LEU A 350 -15.92 -16.09 30.41
CA LEU A 350 -15.38 -14.88 29.80
C LEU A 350 -16.18 -14.50 28.58
N TYR A 351 -16.00 -13.25 28.16
CA TYR A 351 -16.56 -12.80 26.90
C TYR A 351 -15.93 -13.58 25.75
N LYS A 352 -16.75 -14.00 24.80
CA LYS A 352 -16.28 -14.86 23.71
C LYS A 352 -15.71 -14.02 22.58
N PHE A 353 -14.49 -14.35 22.17
CA PHE A 353 -13.83 -13.68 21.05
C PHE A 353 -14.52 -14.04 19.74
N VAL A 354 -14.87 -13.04 18.95
CA VAL A 354 -15.63 -13.24 17.73
C VAL A 354 -14.73 -13.21 16.49
N GLY A 355 -13.79 -12.27 16.42
CA GLY A 355 -12.89 -12.24 15.27
C GLY A 355 -11.89 -11.10 15.38
N GLU A 356 -10.86 -11.21 14.54
CA GLU A 356 -9.80 -10.23 14.45
C GLU A 356 -9.79 -9.64 13.04
N THR A 357 -9.42 -8.36 12.95
CA THR A 357 -9.37 -7.68 11.65
C THR A 357 -8.40 -6.52 11.72
N GLN A 358 -8.13 -5.91 10.57
CA GLN A 358 -7.21 -4.79 10.44
C GLN A 358 -7.81 -3.75 9.49
N PRO A 359 -7.52 -2.46 9.73
CA PRO A 359 -7.99 -1.40 8.82
C PRO A 359 -7.18 -1.33 7.53
N LYS A 364 -6.22 3.77 10.04
CA LYS A 364 -5.91 4.05 11.45
C LYS A 364 -7.15 4.57 12.17
N ILE A 365 -7.39 4.04 13.37
CA ILE A 365 -8.51 4.45 14.21
C ILE A 365 -7.97 5.34 15.32
N LYS A 366 -8.45 6.58 15.38
CA LYS A 366 -8.00 7.49 16.42
C LYS A 366 -8.53 7.04 17.77
N ARG A 367 -7.67 7.13 18.79
CA ARG A 367 -8.06 6.73 20.13
C ARG A 367 -9.34 7.42 20.57
N GLU A 368 -9.56 8.67 20.13
CA GLU A 368 -10.79 9.36 20.47
C GLU A 368 -12.02 8.69 19.88
N ASN A 369 -11.84 7.80 18.90
CA ASN A 369 -12.95 7.08 18.30
C ASN A 369 -13.19 5.72 18.93
N TYR A 370 -12.29 5.27 19.84
CA TYR A 370 -12.41 3.93 20.41
C TYR A 370 -13.78 3.69 21.01
N GLU A 371 -14.33 4.69 21.71
CA GLU A 371 -15.60 4.51 22.39
C GLU A 371 -16.78 4.33 21.45
N SER A 372 -16.63 4.62 20.16
CA SER A 372 -17.76 4.63 19.24
C SER A 372 -17.92 3.32 18.45
N LEU A 373 -16.86 2.52 18.34
CA LEU A 373 -16.95 1.29 17.57
C LEU A 373 -17.97 0.28 18.10
N PRO A 374 -18.16 0.11 19.42
CA PRO A 374 -19.20 -0.83 19.89
C PRO A 374 -20.56 -0.59 19.25
N LYS A 375 -21.02 0.66 19.16
CA LYS A 375 -22.29 0.93 18.50
C LYS A 375 -22.23 0.69 16.99
N GLY A 376 -21.04 0.72 16.39
CA GLY A 376 -20.93 0.46 14.97
C GLY A 376 -21.09 -1.01 14.62
N VAL A 377 -20.64 -1.91 15.48
CA VAL A 377 -20.77 -3.33 15.21
C VAL A 377 -22.25 -3.75 15.29
N ALA A 378 -23.01 -3.12 16.19
CA ALA A 378 -24.42 -3.47 16.32
C ALA A 378 -25.26 -2.96 15.16
N SER A 379 -24.78 -1.97 14.43
CA SER A 379 -25.55 -1.41 13.32
C SER A 379 -25.40 -2.21 12.03
N ALA A 380 -24.44 -3.13 11.96
CA ALA A 380 -24.23 -3.93 10.76
C ALA A 380 -25.25 -5.07 10.68
N LEU A 391 -28.84 -7.92 19.75
CA LEU A 391 -27.56 -7.67 20.39
C LEU A 391 -27.22 -6.18 20.37
N LYS A 392 -27.42 -5.51 21.50
CA LYS A 392 -27.22 -4.07 21.58
C LYS A 392 -25.73 -3.73 21.59
N ALA A 393 -25.45 -2.43 21.65
CA ALA A 393 -24.06 -1.97 21.56
C ALA A 393 -23.24 -2.46 22.74
N GLU A 394 -23.79 -2.36 23.95
CA GLU A 394 -23.08 -2.80 25.14
C GLU A 394 -22.71 -4.28 25.08
N ASP A 395 -23.36 -5.06 24.23
CA ASP A 395 -23.07 -6.48 24.11
C ASP A 395 -21.75 -6.77 23.43
N PHE A 396 -21.11 -5.77 22.83
CA PHE A 396 -19.85 -5.96 22.13
C PHE A 396 -18.73 -5.23 22.87
N ILE A 397 -17.51 -5.71 22.66
CA ILE A 397 -16.30 -5.07 23.15
C ILE A 397 -15.29 -5.07 22.00
N VAL A 398 -14.76 -3.91 21.67
CA VAL A 398 -13.83 -3.76 20.56
C VAL A 398 -12.49 -3.29 21.11
N ASP A 399 -11.43 -4.04 20.80
CA ASP A 399 -10.11 -3.83 21.37
C ASP A 399 -9.16 -3.49 20.22
N VAL A 400 -8.63 -2.27 20.21
CA VAL A 400 -7.72 -1.81 19.18
C VAL A 400 -6.30 -1.85 19.74
N ILE A 401 -5.39 -2.50 19.03
CA ILE A 401 -4.00 -2.63 19.44
C ILE A 401 -3.10 -2.06 18.35
N ASN A 402 -2.16 -1.22 18.74
CA ASN A 402 -1.22 -0.60 17.81
C ASN A 402 0.09 -1.39 17.88
N MET A 403 0.33 -2.22 16.87
CA MET A 403 1.56 -3.02 16.78
C MET A 403 2.57 -2.27 15.95
N ASP A 404 3.58 -1.68 16.60
CA ASP A 404 4.61 -0.97 15.87
C ASP A 404 6.01 -1.41 16.27
N TYR A 405 7.01 -0.63 15.89
CA TYR A 405 8.41 -0.89 16.20
C TYR A 405 8.94 0.01 17.30
N GLY A 406 8.06 0.74 17.99
CA GLY A 406 8.44 1.59 19.10
C GLY A 406 8.31 3.08 18.84
N MET A 407 8.37 3.51 17.57
CA MET A 407 8.34 4.94 17.24
C MET A 407 7.26 5.19 16.18
N GLU A 408 6.02 4.89 16.56
CA GLU A 408 4.86 5.05 15.69
C GLU A 408 5.09 4.34 14.36
N ASP A 409 5.19 5.09 13.26
CA ASP A 409 5.41 4.51 11.94
C ASP A 409 6.82 4.66 11.45
N LYS A 410 7.74 5.14 12.28
CA LYS A 410 9.11 5.37 11.87
C LYS A 410 9.97 4.14 12.13
N ASN A 411 10.89 3.87 11.22
CA ASN A 411 11.88 2.82 11.41
C ASN A 411 12.89 3.27 12.46
N PRO A 412 13.01 2.59 13.60
CA PRO A 412 13.99 3.01 14.61
C PRO A 412 15.44 2.86 14.15
N ILE A 413 15.73 1.99 13.18
CA ILE A 413 17.10 1.80 12.76
C ILE A 413 17.62 3.04 12.04
N ASP A 414 16.71 3.83 11.44
CA ASP A 414 17.11 5.07 10.80
C ASP A 414 17.73 6.04 11.80
N ASN A 415 17.41 5.92 13.08
CA ASN A 415 18.04 6.71 14.13
C ASN A 415 19.12 5.92 14.88
N VAL A 416 19.77 4.98 14.20
CA VAL A 416 20.91 4.24 14.74
C VAL A 416 22.11 4.47 13.85
N ARG A 417 23.27 4.68 14.45
CA ARG A 417 24.51 4.87 13.71
C ARG A 417 25.42 3.66 13.91
N PHE A 418 26.19 3.35 12.87
CA PHE A 418 27.02 2.16 12.83
C PHE A 418 28.45 2.53 12.46
N TYR A 419 29.41 1.85 13.07
CA TYR A 419 30.81 2.02 12.77
C TYR A 419 31.37 0.75 12.14
N CYS A 420 32.48 0.88 11.44
CA CYS A 420 33.11 -0.26 10.79
C CYS A 420 34.47 -0.52 11.44
N LYS A 421 35.09 -1.61 11.02
CA LYS A 421 36.36 -2.01 11.61
C LYS A 421 37.53 -1.14 11.14
N SER A 422 37.40 -0.49 9.98
CA SER A 422 38.48 0.37 9.49
C SER A 422 38.61 1.64 10.32
N ASP A 423 37.53 2.44 10.38
CA ASP A 423 37.49 3.67 11.17
C ASP A 423 36.41 3.51 12.22
N PRO A 424 36.77 3.07 13.43
CA PRO A 424 35.76 2.89 14.50
C PRO A 424 35.24 4.19 15.10
N ASN A 425 35.74 5.35 14.66
CA ASN A 425 35.29 6.62 15.23
C ASN A 425 34.34 7.39 14.33
N LYS A 426 33.96 6.84 13.17
CA LYS A 426 33.04 7.50 12.26
C LYS A 426 31.72 6.74 12.23
N ALA A 427 30.63 7.46 12.47
CA ALA A 427 29.30 6.86 12.59
C ALA A 427 28.53 7.05 11.28
N ILE A 428 28.43 5.98 10.50
CA ILE A 428 27.74 6.05 9.22
C ILE A 428 26.26 5.70 9.41
N ILE A 429 25.52 5.63 8.31
CA ILE A 429 24.10 5.34 8.33
C ILE A 429 23.86 4.18 7.38
N ILE A 430 23.10 3.18 7.83
CA ILE A 430 22.70 2.06 7.01
C ILE A 430 21.19 2.15 6.85
N THR A 431 20.74 2.31 5.60
CA THR A 431 19.33 2.43 5.32
C THR A 431 18.73 1.05 5.06
N LYS A 432 17.40 0.98 5.13
CA LYS A 432 16.70 -0.30 5.04
C LYS A 432 17.02 -1.04 3.75
N ASN A 433 17.33 -0.33 2.67
CA ASN A 433 17.61 -1.00 1.41
C ASN A 433 18.99 -1.64 1.41
N GLN A 434 19.95 -1.01 2.08
CA GLN A 434 21.30 -1.56 2.13
C GLN A 434 21.39 -2.80 3.02
N VAL A 435 20.44 -2.99 3.93
CA VAL A 435 20.44 -4.14 4.83
C VAL A 435 19.86 -5.35 4.12
N SER A 436 18.56 -5.31 3.83
CA SER A 436 17.91 -6.45 3.20
C SER A 436 16.62 -5.99 2.54
N GLN A 437 16.13 -6.81 1.61
CA GLN A 437 14.90 -6.54 0.90
C GLN A 437 13.73 -7.37 1.41
N LEU A 438 13.95 -8.19 2.44
CA LEU A 438 12.89 -8.95 3.08
C LEU A 438 12.42 -8.31 4.38
N LEU A 439 12.92 -7.11 4.70
CA LEU A 439 12.48 -6.38 5.88
C LEU A 439 11.06 -5.87 5.67
N PRO A 440 10.38 -5.46 6.74
CA PRO A 440 8.99 -5.02 6.60
C PRO A 440 8.84 -3.84 5.65
N GLU A 441 7.64 -3.74 5.07
CA GLU A 441 7.33 -2.61 4.20
C GLU A 441 6.94 -1.39 5.02
N ARG A 442 5.96 -1.55 5.90
CA ARG A 442 5.57 -0.52 6.86
C ARG A 442 6.11 -0.91 8.24
N PHE A 443 5.92 -0.03 9.21
CA PHE A 443 6.41 -0.26 10.56
C PHE A 443 5.34 -0.02 11.63
N ALA A 444 4.08 0.09 11.24
CA ALA A 444 2.99 0.27 12.19
C ALA A 444 1.72 -0.30 11.58
N GLU A 445 1.01 -1.12 12.35
CA GLU A 445 -0.29 -1.65 11.96
C GLU A 445 -1.19 -1.66 13.19
N GLN A 446 -2.50 -1.77 12.94
CA GLN A 446 -3.47 -1.84 14.01
C GLN A 446 -4.28 -3.12 13.87
N LEU A 447 -4.52 -3.77 15.01
CA LEU A 447 -5.40 -4.92 15.09
C LEU A 447 -6.68 -4.52 15.82
N ILE A 448 -7.80 -5.09 15.38
CA ILE A 448 -9.09 -4.85 16.01
C ILE A 448 -9.68 -6.21 16.36
N ARG A 449 -10.05 -6.40 17.62
CA ARG A 449 -10.65 -7.63 18.09
C ARG A 449 -12.04 -7.33 18.62
N VAL A 450 -13.00 -8.20 18.31
CA VAL A 450 -14.38 -8.03 18.73
C VAL A 450 -14.76 -9.18 19.65
N TYR A 451 -15.22 -8.84 20.84
CA TYR A 451 -15.74 -9.79 21.81
C TYR A 451 -17.22 -9.54 22.03
N CYS A 452 -17.92 -10.58 22.47
CA CYS A 452 -19.34 -10.49 22.78
C CYS A 452 -19.55 -10.92 24.23
N LYS A 453 -20.31 -10.11 24.98
CA LYS A 453 -20.61 -10.44 26.37
C LYS A 453 -21.67 -11.53 26.48
N LYS A 454 -22.39 -11.84 25.40
CA LYS A 454 -23.34 -12.94 25.39
C LYS A 454 -22.65 -14.19 24.89
N THR A 455 -22.94 -15.32 25.52
CA THR A 455 -22.20 -16.55 25.27
C THR A 455 -23.04 -17.71 24.75
N ASP A 456 -24.34 -17.54 24.60
CA ASP A 456 -25.15 -18.62 24.07
C ASP A 456 -24.84 -18.86 22.59
N GLU A 457 -25.25 -20.02 22.10
CA GLU A 457 -24.92 -20.40 20.72
C GLU A 457 -25.58 -19.49 19.71
N LYS A 458 -26.76 -18.95 20.02
CA LYS A 458 -27.45 -18.06 19.10
C LYS A 458 -26.84 -16.66 19.10
N SER A 459 -26.47 -16.15 20.27
CA SER A 459 -25.82 -14.84 20.35
C SER A 459 -24.46 -14.85 19.66
N LEU A 460 -23.67 -15.89 19.90
CA LEU A 460 -22.35 -15.98 19.26
C LEU A 460 -22.47 -15.99 17.75
N PHE A 461 -23.50 -16.67 17.22
CA PHE A 461 -23.72 -16.71 15.78
C PHE A 461 -23.95 -15.29 15.24
N ALA A 462 -24.97 -14.61 15.77
CA ALA A 462 -25.29 -13.27 15.30
C ALA A 462 -24.11 -12.32 15.53
N ALA A 463 -23.39 -12.49 16.64
CA ALA A 463 -22.21 -11.67 16.88
C ALA A 463 -21.16 -11.91 15.79
N ARG A 464 -21.05 -13.15 15.33
CA ARG A 464 -20.14 -13.44 14.23
C ARG A 464 -20.62 -12.83 12.92
N GLN A 465 -21.93 -12.75 12.71
CA GLN A 465 -22.44 -12.17 11.47
C GLN A 465 -22.28 -10.66 11.45
N HIS A 466 -22.61 -10.00 12.56
CA HIS A 466 -22.39 -8.56 12.66
C HIS A 466 -20.94 -8.20 12.34
N PHE A 467 -19.99 -8.97 12.89
CA PHE A 467 -18.58 -8.64 12.75
C PHE A 467 -18.13 -8.70 11.29
N VAL A 468 -18.49 -9.78 10.60
CA VAL A 468 -18.10 -9.92 9.20
C VAL A 468 -18.70 -8.81 8.36
N GLN A 469 -20.00 -8.53 8.57
CA GLN A 469 -20.63 -7.41 7.88
C GLN A 469 -19.98 -6.08 8.24
N TRP A 470 -19.69 -5.88 9.53
CA TRP A 470 -19.04 -4.66 9.99
C TRP A 470 -17.69 -4.45 9.29
N CYS A 471 -17.03 -5.53 8.88
CA CYS A 471 -15.77 -5.40 8.16
C CYS A 471 -15.97 -4.90 6.75
N LEU A 472 -17.09 -5.26 6.11
CA LEU A 472 -17.38 -4.74 4.78
C LEU A 472 -17.81 -3.28 4.84
N ASP A 473 -18.69 -2.95 5.79
CA ASP A 473 -19.17 -1.58 5.93
C ASP A 473 -18.01 -0.59 6.01
N ASN A 474 -16.94 -0.96 6.69
CA ASN A 474 -15.79 -0.09 6.85
C ASN A 474 -14.60 -0.52 6.00
N ASP A 475 -14.75 -1.53 5.15
CA ASP A 475 -13.67 -2.01 4.30
C ASP A 475 -12.43 -2.35 5.12
N PHE A 476 -12.48 -3.48 5.84
CA PHE A 476 -11.37 -3.99 6.63
C PHE A 476 -10.79 -5.24 5.97
N THR A 477 -9.76 -5.80 6.60
CA THR A 477 -9.16 -7.02 6.08
C THR A 477 -10.04 -8.22 6.40
N LYS A 478 -10.04 -9.19 5.50
CA LYS A 478 -10.96 -10.32 5.62
C LYS A 478 -10.58 -11.19 6.82
N PRO A 479 -11.50 -11.43 7.75
CA PRO A 479 -11.23 -12.36 8.84
C PRO A 479 -10.75 -13.71 8.32
N GLN A 480 -9.85 -14.34 9.10
CA GLN A 480 -9.27 -15.60 8.67
C GLN A 480 -10.32 -16.70 8.60
N ASP A 481 -11.23 -16.75 9.57
CA ASP A 481 -12.26 -17.77 9.62
C ASP A 481 -13.61 -17.31 9.07
N GLY A 482 -13.65 -16.15 8.39
CA GLY A 482 -14.92 -15.61 7.95
C GLY A 482 -15.64 -16.51 6.97
N ASP A 483 -14.92 -17.08 6.01
CA ASP A 483 -15.55 -17.94 5.01
C ASP A 483 -16.13 -19.19 5.64
N VAL A 484 -15.58 -19.64 6.77
CA VAL A 484 -16.10 -20.83 7.44
C VAL A 484 -17.19 -20.45 8.44
N VAL A 485 -17.00 -19.35 9.15
CA VAL A 485 -17.95 -18.95 10.19
C VAL A 485 -19.13 -18.15 9.64
N ALA A 486 -18.98 -17.48 8.50
CA ALA A 486 -20.03 -16.66 7.91
C ALA A 486 -20.01 -16.84 6.40
N PRO A 487 -20.57 -17.95 5.90
CA PRO A 487 -20.61 -18.21 4.46
C PRO A 487 -21.77 -17.49 3.77
N THR B 11 -14.19 -30.38 24.80
CA THR B 11 -13.01 -30.21 23.97
C THR B 11 -11.74 -30.14 24.82
N VAL B 12 -10.69 -30.83 24.36
CA VAL B 12 -9.39 -30.77 25.01
C VAL B 12 -8.81 -29.36 24.89
N LYS B 13 -8.21 -28.88 25.97
CA LYS B 13 -7.47 -27.63 25.96
C LYS B 13 -5.98 -27.90 26.10
N VAL B 14 -5.19 -26.93 25.66
CA VAL B 14 -3.73 -27.02 25.66
C VAL B 14 -3.19 -25.87 26.52
N ILE B 15 -2.09 -26.15 27.23
CA ILE B 15 -1.47 -25.18 28.13
C ILE B 15 0.02 -25.16 27.83
N ASN B 16 0.55 -23.99 27.52
CA ASN B 16 1.99 -23.87 27.37
C ASN B 16 2.65 -23.66 28.72
N ASP B 17 3.65 -24.50 29.02
CA ASP B 17 4.32 -24.49 30.30
C ASP B 17 5.83 -24.37 30.06
N PRO B 18 6.53 -23.51 30.80
CA PRO B 18 7.99 -23.44 30.65
C PRO B 18 8.73 -24.70 31.05
N ILE B 19 8.10 -25.63 31.75
CA ILE B 19 8.77 -26.81 32.25
C ILE B 19 8.46 -28.04 31.40
N HIS B 20 7.22 -28.19 30.96
CA HIS B 20 6.80 -29.35 30.21
C HIS B 20 6.35 -29.05 28.79
N GLY B 21 6.18 -27.78 28.43
CA GLY B 21 5.73 -27.45 27.10
C GLY B 21 4.22 -27.48 27.01
N HIS B 22 3.71 -27.96 25.88
CA HIS B 22 2.27 -28.01 25.68
C HIS B 22 1.71 -29.27 26.32
N ILE B 23 0.77 -29.09 27.25
CA ILE B 23 0.15 -30.22 27.96
C ILE B 23 -1.34 -30.23 27.65
N GLU B 24 -1.86 -31.40 27.33
CA GLU B 24 -3.26 -31.56 27.00
C GLU B 24 -4.06 -31.89 28.25
N LEU B 25 -5.21 -31.24 28.39
CA LEU B 25 -6.09 -31.46 29.53
C LEU B 25 -7.45 -31.97 29.08
N HIS B 26 -7.88 -33.08 29.68
CA HIS B 26 -9.21 -33.62 29.44
C HIS B 26 -10.28 -32.59 29.75
N PRO B 27 -11.39 -32.60 29.00
CA PRO B 27 -12.49 -31.66 29.31
C PRO B 27 -12.96 -31.70 30.75
N LEU B 28 -12.89 -32.86 31.41
CA LEU B 28 -13.22 -32.92 32.83
C LEU B 28 -12.14 -32.23 33.67
N LEU B 29 -10.86 -32.45 33.33
CA LEU B 29 -9.79 -31.78 34.05
C LEU B 29 -9.95 -30.27 34.02
N ILE B 30 -10.41 -29.73 32.88
CA ILE B 30 -10.66 -28.29 32.79
C ILE B 30 -11.80 -27.88 33.71
N ARG B 31 -12.83 -28.72 33.85
CA ARG B 31 -13.94 -28.39 34.72
C ARG B 31 -13.51 -28.30 36.17
N ILE B 32 -12.51 -29.10 36.57
CA ILE B 32 -12.00 -29.06 37.93
C ILE B 32 -11.11 -27.85 38.13
N ILE B 33 -10.29 -27.53 37.12
CA ILE B 33 -9.39 -26.37 37.19
C ILE B 33 -10.18 -25.08 37.38
N ASP B 34 -11.16 -24.83 36.51
CA ASP B 34 -11.81 -23.52 36.45
C ASP B 34 -12.91 -23.41 37.51
N THR B 35 -12.49 -23.52 38.76
CA THR B 35 -13.31 -23.38 39.94
C THR B 35 -12.59 -22.49 40.94
N PRO B 36 -13.32 -21.81 41.83
CA PRO B 36 -12.64 -20.99 42.84
C PRO B 36 -11.73 -21.79 43.76
N GLN B 37 -12.06 -23.06 44.01
CA GLN B 37 -11.27 -23.87 44.93
C GLN B 37 -9.93 -24.28 44.33
N PHE B 38 -9.84 -24.33 43.01
CA PHE B 38 -8.54 -24.60 42.39
C PHE B 38 -7.80 -23.31 42.07
N GLN B 39 -8.47 -22.32 41.47
CA GLN B 39 -7.81 -21.09 41.10
C GLN B 39 -7.28 -20.33 42.32
N ARG B 40 -7.79 -20.65 43.50
CA ARG B 40 -7.20 -20.22 44.75
C ARG B 40 -5.68 -20.39 44.75
N LEU B 41 -5.19 -21.46 44.13
CA LEU B 41 -3.76 -21.80 44.18
C LEU B 41 -2.88 -20.79 43.45
N ARG B 42 -3.45 -19.89 42.65
CA ARG B 42 -2.66 -18.83 42.03
C ARG B 42 -2.12 -17.80 43.03
N TYR B 43 -2.51 -17.90 44.31
CA TYR B 43 -2.14 -16.90 45.31
C TYR B 43 -1.45 -17.55 46.50
N ILE B 44 -0.95 -18.77 46.34
CA ILE B 44 -0.10 -19.42 47.33
C ILE B 44 1.24 -19.68 46.66
N LYS B 45 2.29 -19.07 47.19
CA LYS B 45 3.62 -19.28 46.64
C LYS B 45 4.16 -20.64 47.05
N GLN B 46 4.77 -21.32 46.08
CA GLN B 46 5.32 -22.64 46.31
C GLN B 46 6.31 -22.64 47.46
N LEU B 47 7.25 -21.69 47.46
CA LEU B 47 8.36 -21.68 48.40
C LEU B 47 8.20 -20.68 49.53
N GLY B 48 7.03 -20.05 49.63
CA GLY B 48 6.74 -19.21 50.77
C GLY B 48 7.69 -18.04 50.88
N GLY B 49 8.45 -18.01 51.98
CA GLY B 49 9.38 -16.92 52.21
C GLY B 49 10.65 -17.01 51.39
N GLY B 50 10.85 -18.08 50.63
CA GLY B 50 12.03 -18.18 49.78
C GLY B 50 12.05 -17.22 48.63
N TYR B 51 10.94 -16.55 48.33
CA TYR B 51 10.91 -15.55 47.28
C TYR B 51 11.66 -14.29 47.68
N TYR B 52 11.74 -14.03 48.98
CA TYR B 52 12.46 -12.89 49.51
C TYR B 52 13.97 -13.14 49.61
N VAL B 53 14.45 -14.26 49.08
CA VAL B 53 15.89 -14.54 49.02
C VAL B 53 16.27 -14.90 47.59
N PHE B 54 15.40 -15.63 46.90
CA PHE B 54 15.58 -15.94 45.48
C PHE B 54 14.49 -15.21 44.70
N PRO B 55 14.80 -14.11 44.02
CA PRO B 55 13.76 -13.33 43.36
C PRO B 55 13.07 -14.03 42.21
N GLY B 56 13.60 -15.16 41.72
CA GLY B 56 12.93 -15.87 40.66
C GLY B 56 11.83 -16.80 41.11
N ALA B 57 11.82 -17.16 42.39
CA ALA B 57 10.81 -18.06 42.95
C ALA B 57 9.50 -17.32 43.20
N SER B 58 8.94 -16.80 42.13
CA SER B 58 7.62 -16.18 42.22
C SER B 58 6.50 -17.15 41.91
N HIS B 59 6.82 -18.37 41.50
CA HIS B 59 5.81 -19.32 41.06
C HIS B 59 4.92 -19.77 42.22
N ASN B 60 3.69 -20.10 41.89
CA ASN B 60 2.66 -20.43 42.85
C ASN B 60 2.28 -21.91 42.75
N ARG B 61 1.37 -22.33 43.64
CA ARG B 61 0.96 -23.73 43.69
C ARG B 61 0.15 -24.12 42.46
N PHE B 62 -0.50 -23.15 41.81
CA PHE B 62 -1.39 -23.44 40.70
C PHE B 62 -0.65 -24.10 39.53
N GLU B 63 0.44 -23.48 39.08
CA GLU B 63 1.19 -24.06 37.96
C GLU B 63 1.87 -25.36 38.36
N HIS B 64 2.21 -25.52 39.63
CA HIS B 64 2.77 -26.79 40.09
C HIS B 64 1.73 -27.90 40.00
N SER B 65 0.49 -27.60 40.38
CA SER B 65 -0.57 -28.59 40.33
C SER B 65 -0.82 -29.08 38.92
N LEU B 66 -0.76 -28.18 37.93
CA LEU B 66 -0.94 -28.61 36.55
C LEU B 66 0.17 -29.57 36.12
N GLY B 67 1.40 -29.32 36.57
CA GLY B 67 2.50 -30.17 36.16
C GLY B 67 2.45 -31.54 36.80
N VAL B 68 1.96 -31.63 38.04
CA VAL B 68 1.82 -32.92 38.68
C VAL B 68 0.72 -33.73 38.02
N GLY B 69 -0.35 -33.07 37.60
CA GLY B 69 -1.40 -33.76 36.87
C GLY B 69 -0.96 -34.24 35.50
N TYR B 70 -0.04 -33.50 34.88
CA TYR B 70 0.48 -33.90 33.58
C TYR B 70 1.42 -35.10 33.71
N LEU B 71 2.31 -35.10 34.70
CA LEU B 71 3.27 -36.18 34.84
C LEU B 71 2.60 -37.47 35.28
N ALA B 72 1.60 -37.36 36.17
CA ALA B 72 0.81 -38.52 36.55
C ALA B 72 0.18 -39.17 35.33
N GLY B 73 -0.42 -38.37 34.44
CA GLY B 73 -0.98 -38.90 33.21
C GLY B 73 0.06 -39.52 32.30
N CYS B 74 1.28 -38.95 32.28
CA CYS B 74 2.39 -39.50 31.49
C CYS B 74 2.83 -40.86 31.97
N LEU B 75 3.00 -41.01 33.28
CA LEU B 75 3.47 -42.29 33.80
C LEU B 75 2.37 -43.34 33.75
N VAL B 76 1.12 -42.94 34.07
CA VAL B 76 0.03 -43.89 34.03
C VAL B 76 -0.24 -44.33 32.60
N ARG B 77 0.09 -43.51 31.62
CA ARG B 77 -0.12 -43.92 30.24
C ARG B 77 1.02 -44.80 29.72
N GLU B 78 2.26 -44.53 30.13
CA GLU B 78 3.35 -45.40 29.71
C GLU B 78 3.16 -46.82 30.23
N LEU B 79 2.57 -46.98 31.42
CA LEU B 79 2.36 -48.31 31.98
C LEU B 79 1.27 -49.06 31.21
N SER B 80 0.22 -48.37 30.81
CA SER B 80 -0.84 -49.05 30.06
C SER B 80 -0.40 -49.36 28.63
N GLU B 81 0.35 -48.45 28.01
CA GLU B 81 0.80 -48.70 26.64
C GLU B 81 1.85 -49.80 26.59
N LYS B 82 2.74 -49.85 27.58
CA LYS B 82 3.75 -50.90 27.58
C LYS B 82 3.23 -52.21 28.18
N GLN B 83 2.15 -52.16 28.95
CA GLN B 83 1.63 -53.34 29.64
C GLN B 83 0.11 -53.34 29.58
N PRO B 84 -0.47 -53.76 28.45
CA PRO B 84 -1.94 -53.94 28.40
C PRO B 84 -2.43 -55.03 29.33
N GLU B 85 -1.54 -55.95 29.74
CA GLU B 85 -1.84 -56.93 30.76
C GLU B 85 -2.46 -56.31 32.01
N LEU B 86 -2.05 -55.08 32.35
CA LEU B 86 -2.53 -54.44 33.55
C LEU B 86 -4.00 -54.05 33.46
N GLN B 87 -4.55 -54.03 32.26
CA GLN B 87 -5.95 -53.65 32.03
C GLN B 87 -6.27 -52.29 32.67
N ILE B 88 -5.41 -51.31 32.38
CA ILE B 88 -5.64 -49.95 32.83
C ILE B 88 -6.59 -49.27 31.86
N SER B 89 -7.65 -48.69 32.38
CA SER B 89 -8.69 -48.06 31.58
C SER B 89 -8.52 -46.56 31.55
N GLU B 90 -9.10 -45.95 30.52
CA GLU B 90 -9.09 -44.49 30.40
C GLU B 90 -9.67 -43.84 31.64
N ARG B 91 -10.57 -44.54 32.34
CA ARG B 91 -11.19 -43.97 33.52
C ARG B 91 -10.23 -44.01 34.70
N ASP B 92 -9.38 -45.04 34.78
CA ASP B 92 -8.33 -45.05 35.79
C ASP B 92 -7.34 -43.93 35.55
N MET B 93 -6.91 -43.76 34.29
CA MET B 93 -5.97 -42.69 33.96
C MET B 93 -6.53 -41.33 34.32
N LEU B 94 -7.81 -41.11 34.04
CA LEU B 94 -8.41 -39.82 34.37
C LEU B 94 -8.43 -39.59 35.87
N CYS B 95 -8.85 -40.61 36.63
CA CYS B 95 -8.84 -40.51 38.09
C CYS B 95 -7.43 -40.35 38.64
N VAL B 96 -6.43 -40.86 37.91
CA VAL B 96 -5.05 -40.62 38.30
C VAL B 96 -4.66 -39.16 38.06
N GLN B 97 -5.16 -38.57 36.98
CA GLN B 97 -4.81 -37.20 36.68
C GLN B 97 -5.50 -36.21 37.59
N ILE B 98 -6.70 -36.55 38.08
CA ILE B 98 -7.41 -35.66 38.99
C ILE B 98 -6.68 -35.56 40.32
N ALA B 99 -6.12 -36.68 40.79
CA ALA B 99 -5.38 -36.66 42.03
C ALA B 99 -4.12 -35.81 41.90
N GLY B 100 -3.40 -35.96 40.78
CA GLY B 100 -2.22 -35.15 40.56
C GLY B 100 -2.51 -33.66 40.51
N LEU B 101 -3.66 -33.29 39.96
CA LEU B 101 -4.06 -31.89 39.95
C LEU B 101 -4.45 -31.40 41.33
N CYS B 102 -5.15 -32.23 42.10
CA CYS B 102 -5.77 -31.83 43.35
C CYS B 102 -4.94 -32.15 44.57
N ARG B 103 -3.79 -32.78 44.39
CA ARG B 103 -2.91 -33.14 45.49
C ARG B 103 -2.33 -31.92 46.21
N ASN B 104 -2.47 -30.72 45.66
CA ASN B 104 -1.95 -29.51 46.28
C ASN B 104 -3.05 -28.58 46.77
N LEU B 105 -4.31 -29.01 46.72
CA LEU B 105 -5.42 -28.15 47.09
C LEU B 105 -5.31 -27.67 48.53
N GLY B 106 -4.74 -28.47 49.41
CA GLY B 106 -4.78 -28.21 50.84
C GLY B 106 -3.65 -27.40 51.43
N HIS B 107 -2.82 -26.77 50.60
CA HIS B 107 -1.78 -25.90 51.11
C HIS B 107 -2.39 -24.58 51.58
N GLY B 108 -1.74 -23.98 52.58
CA GLY B 108 -2.18 -22.72 53.14
C GLY B 108 -1.27 -21.59 52.71
N PRO B 109 -1.49 -20.41 53.28
CA PRO B 109 -0.66 -19.24 52.92
C PRO B 109 0.83 -19.53 53.03
N PHE B 110 1.54 -19.28 51.93
CA PHE B 110 2.99 -19.47 51.84
C PHE B 110 3.41 -20.93 52.00
N SER B 111 2.49 -21.85 51.70
CA SER B 111 2.76 -23.29 51.57
C SER B 111 3.30 -23.84 52.88
N HIS B 112 4.52 -24.37 52.93
CA HIS B 112 5.00 -25.11 54.09
C HIS B 112 5.21 -24.26 55.32
N MET B 113 4.95 -22.96 55.23
CA MET B 113 5.00 -22.13 56.42
C MET B 113 3.73 -22.26 57.26
N PHE B 114 2.60 -22.50 56.61
CA PHE B 114 1.31 -22.54 57.28
C PHE B 114 1.13 -23.82 58.07
N ASP B 115 1.36 -24.97 57.44
CA ASP B 115 1.15 -26.25 58.10
C ASP B 115 2.39 -26.80 58.79
N GLY B 116 3.53 -26.13 58.65
CA GLY B 116 4.75 -26.57 59.27
C GLY B 116 5.28 -25.65 60.35
N ARG B 117 4.67 -24.46 60.48
CA ARG B 117 5.09 -23.49 61.50
C ARG B 117 3.88 -22.85 62.18
N PHE B 118 3.03 -22.16 61.42
CA PHE B 118 1.94 -21.40 62.00
C PHE B 118 0.97 -22.30 62.74
N ILE B 119 0.35 -23.25 62.01
CA ILE B 119 -0.61 -24.15 62.65
C ILE B 119 0.03 -24.94 63.78
N PRO B 120 1.25 -25.49 63.66
CA PRO B 120 1.86 -26.15 64.82
C PRO B 120 2.05 -25.23 66.02
N LEU B 121 2.16 -23.92 65.80
CA LEU B 121 2.28 -22.99 66.91
C LEU B 121 0.94 -22.48 67.41
N ALA B 122 -0.04 -22.30 66.52
CA ALA B 122 -1.32 -21.78 66.95
C ALA B 122 -2.19 -22.86 67.57
N ARG B 123 -2.10 -24.09 67.06
CA ARG B 123 -2.95 -25.20 67.48
C ARG B 123 -2.07 -26.41 67.70
N PRO B 124 -1.43 -26.49 68.88
CA PRO B 124 -0.43 -27.53 69.08
C PRO B 124 -0.98 -28.94 69.09
N ASP B 125 -2.29 -29.13 69.28
CA ASP B 125 -2.85 -30.47 69.43
C ASP B 125 -3.76 -30.88 68.29
N VAL B 126 -3.82 -30.11 67.21
CA VAL B 126 -4.65 -30.49 66.06
C VAL B 126 -3.81 -31.33 65.11
N LYS B 127 -4.42 -32.36 64.53
CA LYS B 127 -3.78 -33.17 63.51
C LYS B 127 -4.09 -32.54 62.17
N TRP B 128 -3.09 -31.92 61.54
CA TRP B 128 -3.32 -31.22 60.29
C TRP B 128 -2.13 -31.37 59.36
N THR B 129 -2.42 -31.74 58.11
CA THR B 129 -1.43 -31.78 57.06
C THR B 129 -2.06 -31.20 55.80
N HIS B 130 -1.25 -30.96 54.79
CA HIS B 130 -1.82 -30.47 53.54
C HIS B 130 -2.53 -31.59 52.79
N GLU B 131 -2.10 -32.84 52.96
CA GLU B 131 -2.84 -33.96 52.38
C GLU B 131 -4.27 -33.97 52.88
N GLN B 132 -4.45 -33.79 54.18
CA GLN B 132 -5.80 -33.71 54.74
C GLN B 132 -6.57 -32.55 54.16
N GLY B 133 -5.92 -31.40 54.01
CA GLY B 133 -6.59 -30.25 53.42
C GLY B 133 -6.93 -30.45 51.97
N SER B 134 -6.12 -31.24 51.25
CA SER B 134 -6.37 -31.44 49.83
C SER B 134 -7.66 -32.22 49.58
N VAL B 135 -7.93 -33.24 50.39
CA VAL B 135 -9.18 -33.97 50.20
C VAL B 135 -10.35 -33.23 50.82
N ASN B 136 -10.15 -32.50 51.91
CA ASN B 136 -11.21 -31.66 52.43
C ASN B 136 -11.59 -30.58 51.43
N MET B 137 -10.60 -29.99 50.77
CA MET B 137 -10.90 -29.00 49.75
C MET B 137 -11.43 -29.64 48.48
N PHE B 138 -10.93 -30.84 48.15
CA PHE B 138 -11.43 -31.53 46.95
C PHE B 138 -12.89 -31.87 47.09
N GLU B 139 -13.29 -32.34 48.27
CA GLU B 139 -14.71 -32.63 48.51
C GLU B 139 -15.55 -31.37 48.38
N HIS B 140 -15.06 -30.25 48.90
CA HIS B 140 -15.79 -28.99 48.74
C HIS B 140 -15.78 -28.53 47.30
N LEU B 141 -14.74 -28.86 46.55
CA LEU B 141 -14.67 -28.45 45.14
C LEU B 141 -15.73 -29.16 44.31
N VAL B 142 -15.94 -30.45 44.55
CA VAL B 142 -16.87 -31.22 43.72
C VAL B 142 -18.30 -30.81 44.03
N ASN B 143 -18.65 -30.71 45.31
CA ASN B 143 -20.02 -30.39 45.70
C ASN B 143 -20.36 -28.96 45.37
N SER B 144 -19.49 -28.02 45.71
CA SER B 144 -19.82 -26.61 45.52
C SER B 144 -19.89 -26.21 44.06
N ASN B 145 -19.50 -27.08 43.13
CA ASN B 145 -19.56 -26.78 41.71
C ASN B 145 -20.39 -27.78 40.92
N GLY B 146 -20.98 -28.78 41.56
CA GLY B 146 -21.86 -29.72 40.90
C GLY B 146 -21.17 -30.57 39.86
N LEU B 147 -20.03 -31.15 40.22
CA LEU B 147 -19.25 -31.97 39.31
C LEU B 147 -19.56 -33.45 39.42
N ILE B 148 -20.44 -33.86 40.33
CA ILE B 148 -20.85 -35.26 40.40
C ILE B 148 -21.45 -35.70 39.08
N ASP B 149 -22.38 -34.88 38.54
CA ASP B 149 -22.98 -35.17 37.26
C ASP B 149 -21.95 -35.09 36.13
N VAL B 150 -21.03 -34.13 36.22
CA VAL B 150 -20.02 -33.97 35.17
C VAL B 150 -19.10 -35.18 35.12
N MET B 151 -18.70 -35.70 36.28
CA MET B 151 -17.87 -36.90 36.31
C MET B 151 -18.61 -38.10 35.74
N GLU B 152 -19.92 -38.19 35.98
CA GLU B 152 -20.70 -39.28 35.38
C GLU B 152 -20.72 -39.17 33.86
N HIS B 153 -20.81 -37.94 33.34
CA HIS B 153 -20.89 -37.75 31.90
C HIS B 153 -19.61 -38.16 31.19
N TYR B 154 -18.46 -38.09 31.88
CA TYR B 154 -17.19 -38.44 31.28
C TYR B 154 -16.72 -39.83 31.70
N GLY B 155 -17.62 -40.67 32.17
CA GLY B 155 -17.33 -42.08 32.38
C GLY B 155 -16.90 -42.47 33.76
N LEU B 156 -16.97 -41.57 34.74
CA LEU B 156 -16.56 -41.88 36.10
C LEU B 156 -17.76 -42.32 36.94
N ILE B 157 -17.53 -43.30 37.81
CA ILE B 157 -18.51 -43.73 38.80
C ILE B 157 -18.16 -43.04 40.11
N PRO B 158 -18.86 -41.96 40.49
CA PRO B 158 -18.36 -41.07 41.55
C PRO B 158 -17.95 -41.74 42.85
N GLU B 159 -18.88 -42.41 43.53
CA GLU B 159 -18.63 -42.88 44.89
C GLU B 159 -17.32 -43.66 44.99
N GLU B 160 -17.11 -44.62 44.10
CA GLU B 160 -15.86 -45.38 44.10
C GLU B 160 -14.68 -44.50 43.71
N ASP B 161 -14.88 -43.64 42.69
CA ASP B 161 -13.78 -42.87 42.16
C ASP B 161 -13.40 -41.71 43.07
N ILE B 162 -14.41 -41.05 43.66
CA ILE B 162 -14.13 -40.06 44.70
C ILE B 162 -13.30 -40.69 45.81
N TRP B 163 -13.60 -41.94 46.17
CA TRP B 163 -12.75 -42.64 47.13
C TRP B 163 -11.34 -42.84 46.59
N PHE B 164 -11.24 -43.32 45.34
CA PHE B 164 -9.93 -43.62 44.76
C PHE B 164 -9.05 -42.38 44.69
N ILE B 165 -9.62 -41.25 44.29
CA ILE B 165 -8.85 -40.02 44.19
C ILE B 165 -8.32 -39.62 45.56
N LYS B 166 -9.20 -39.60 46.57
CA LYS B 166 -8.78 -39.22 47.91
C LYS B 166 -7.78 -40.19 48.51
N GLU B 167 -7.77 -41.44 48.04
CA GLU B 167 -6.82 -42.40 48.57
C GLU B 167 -5.41 -42.15 48.04
N GLN B 168 -5.30 -41.66 46.81
CA GLN B 168 -3.98 -41.35 46.27
C GLN B 168 -3.35 -40.16 46.99
N ILE B 169 -4.17 -39.19 47.39
CA ILE B 169 -3.67 -37.98 48.03
C ILE B 169 -3.20 -38.28 49.44
N THR B 170 -4.02 -38.97 50.24
CA THR B 170 -3.68 -39.23 51.63
C THR B 170 -3.37 -40.68 51.94
N GLY B 171 -4.12 -41.62 51.36
CA GLY B 171 -4.04 -43.01 51.76
C GLY B 171 -5.35 -43.51 52.29
N PRO B 172 -5.31 -44.47 53.23
CA PRO B 172 -6.48 -45.07 53.86
C PRO B 172 -7.42 -44.04 54.49
N TRP B 182 -5.51 -55.46 53.02
CA TRP B 182 -5.71 -54.43 52.01
C TRP B 182 -6.69 -53.37 52.48
N PRO B 183 -6.19 -52.19 52.83
CA PRO B 183 -7.04 -51.16 53.45
C PRO B 183 -7.71 -50.21 52.47
N TYR B 184 -7.52 -50.41 51.17
CA TYR B 184 -7.98 -49.43 50.19
C TYR B 184 -9.35 -49.80 49.65
N LYS B 185 -10.26 -48.82 49.69
CA LYS B 185 -11.64 -48.99 49.26
C LYS B 185 -11.89 -48.52 47.82
N GLY B 186 -10.99 -47.71 47.26
CA GLY B 186 -11.26 -47.13 45.96
C GLY B 186 -10.87 -47.97 44.77
N ARG B 187 -9.96 -48.93 44.95
CA ARG B 187 -9.52 -49.77 43.85
C ARG B 187 -9.16 -51.15 44.39
N PRO B 188 -9.41 -52.19 43.60
CA PRO B 188 -8.96 -53.54 43.99
C PRO B 188 -7.46 -53.59 44.22
N LYS B 189 -7.04 -54.53 45.06
CA LYS B 189 -5.61 -54.73 45.29
C LYS B 189 -4.88 -55.14 44.01
N GLU B 190 -5.62 -55.69 43.05
CA GLU B 190 -5.02 -56.07 41.77
C GLU B 190 -4.55 -54.86 40.98
N LYS B 191 -4.90 -53.65 41.41
CA LYS B 191 -4.40 -52.41 40.80
C LYS B 191 -3.73 -51.54 41.84
N SER B 192 -2.96 -52.16 42.73
CA SER B 192 -2.34 -51.43 43.83
C SER B 192 -1.25 -50.49 43.37
N PHE B 193 -0.69 -50.71 42.18
CA PHE B 193 0.40 -49.88 41.68
C PHE B 193 -0.04 -48.48 41.29
N LEU B 194 -1.34 -48.23 41.17
CA LEU B 194 -1.82 -46.88 40.86
C LEU B 194 -1.62 -45.92 42.02
N TYR B 195 -1.36 -46.42 43.22
CA TYR B 195 -1.16 -45.60 44.41
C TYR B 195 0.29 -45.17 44.61
N GLU B 196 1.17 -45.54 43.69
CA GLU B 196 2.57 -45.14 43.74
C GLU B 196 2.90 -44.06 42.73
N ILE B 197 1.89 -43.38 42.19
CA ILE B 197 2.12 -42.39 41.14
C ILE B 197 2.05 -40.98 41.74
N VAL B 198 0.92 -40.64 42.34
CA VAL B 198 0.69 -39.26 42.81
C VAL B 198 1.39 -39.01 44.13
N ALA B 199 1.23 -39.91 45.10
CA ALA B 199 1.85 -39.76 46.42
C ALA B 199 2.25 -41.15 46.90
N ASN B 200 3.52 -41.49 46.69
CA ASN B 200 4.05 -42.81 46.99
C ASN B 200 4.38 -42.88 48.47
N LYS B 201 3.50 -43.53 49.24
CA LYS B 201 3.76 -43.72 50.66
C LYS B 201 4.79 -44.80 50.94
N ARG B 202 5.14 -45.60 49.93
CA ARG B 202 6.07 -46.71 50.14
C ARG B 202 7.53 -46.26 50.04
N ASN B 203 7.86 -45.43 49.07
CA ASN B 203 9.24 -44.97 48.93
C ASN B 203 9.40 -43.52 48.54
N GLY B 204 8.35 -42.81 48.15
CA GLY B 204 8.44 -41.40 47.85
C GLY B 204 8.80 -41.06 46.41
N ILE B 205 8.99 -42.05 45.55
CA ILE B 205 9.23 -41.79 44.14
C ILE B 205 7.88 -41.58 43.46
N ASP B 206 7.43 -40.34 43.37
CA ASP B 206 6.15 -39.99 42.80
C ASP B 206 6.31 -38.81 41.85
N VAL B 207 5.23 -38.53 41.12
CA VAL B 207 5.26 -37.47 40.12
C VAL B 207 5.29 -36.09 40.75
N ASP B 208 4.95 -35.96 42.03
CA ASP B 208 4.97 -34.65 42.67
C ASP B 208 6.41 -34.18 42.90
N LYS B 209 7.33 -35.10 43.21
CA LYS B 209 8.72 -34.71 43.39
C LYS B 209 9.36 -34.29 42.08
N TRP B 210 9.05 -35.00 41.00
CA TRP B 210 9.69 -34.72 39.72
C TRP B 210 9.34 -33.34 39.20
N ASP B 211 8.13 -32.86 39.47
CA ASP B 211 7.73 -31.58 38.91
C ASP B 211 8.40 -30.42 39.66
N TYR B 212 8.43 -30.48 40.99
CA TYR B 212 9.04 -29.36 41.70
C TYR B 212 10.56 -29.39 41.63
N PHE B 213 11.16 -30.55 41.40
CA PHE B 213 12.60 -30.59 41.10
C PHE B 213 12.90 -29.71 39.90
N ALA B 214 12.12 -29.87 38.82
CA ALA B 214 12.37 -29.13 37.60
C ALA B 214 11.83 -27.71 37.66
N ARG B 215 10.73 -27.48 38.36
CA ARG B 215 10.10 -26.16 38.37
C ARG B 215 10.71 -25.23 39.40
N ASP B 216 11.19 -25.76 40.52
CA ASP B 216 11.91 -24.91 41.47
C ASP B 216 13.28 -24.54 40.94
N CYS B 217 13.98 -25.49 40.32
CA CYS B 217 15.31 -25.19 39.78
C CYS B 217 15.24 -24.16 38.66
N HIS B 218 14.21 -24.27 37.82
CA HIS B 218 13.99 -23.28 36.77
C HIS B 218 13.85 -21.88 37.33
N HIS B 219 13.11 -21.74 38.43
CA HIS B 219 12.73 -20.42 38.92
C HIS B 219 13.77 -19.81 39.85
N LEU B 220 14.36 -20.61 40.74
CA LEU B 220 15.40 -20.09 41.62
C LEU B 220 16.69 -19.84 40.85
N GLY B 221 16.98 -20.68 39.86
CA GLY B 221 18.23 -20.63 39.16
C GLY B 221 19.31 -21.56 39.69
N ILE B 222 18.95 -22.75 40.15
CA ILE B 222 19.94 -23.73 40.59
C ILE B 222 19.82 -24.95 39.68
N GLN B 223 20.54 -26.02 40.00
CA GLN B 223 20.71 -27.14 39.09
C GLN B 223 20.00 -28.38 39.63
N ASN B 224 19.33 -29.11 38.74
CA ASN B 224 18.63 -30.35 39.06
C ASN B 224 19.43 -31.53 38.52
N ASN B 225 19.53 -32.60 39.30
CA ASN B 225 20.35 -33.76 38.94
C ASN B 225 19.52 -35.04 38.83
N PHE B 226 18.33 -34.95 38.25
CA PHE B 226 17.48 -36.12 38.07
C PHE B 226 16.62 -35.92 36.82
N ASP B 227 16.65 -36.91 35.91
CA ASP B 227 15.93 -36.85 34.65
C ASP B 227 14.69 -37.73 34.77
N TYR B 228 13.52 -37.11 34.92
CA TYR B 228 12.31 -37.90 35.12
C TYR B 228 11.93 -38.66 33.88
N LYS B 229 12.21 -38.10 32.69
CA LYS B 229 11.80 -38.75 31.45
C LYS B 229 12.51 -40.09 31.26
N ARG B 230 13.79 -40.16 31.61
CA ARG B 230 14.50 -41.43 31.52
C ARG B 230 13.89 -42.45 32.48
N PHE B 231 13.47 -42.01 33.66
CA PHE B 231 12.87 -42.93 34.63
C PHE B 231 11.58 -43.52 34.08
N ILE B 232 10.75 -42.70 33.45
CA ILE B 232 9.46 -43.17 32.94
C ILE B 232 9.67 -44.22 31.85
N LYS B 233 10.67 -44.03 31.00
CA LYS B 233 10.91 -45.00 29.93
C LYS B 233 11.28 -46.38 30.45
N PHE B 234 11.71 -46.49 31.71
CA PHE B 234 12.10 -47.77 32.28
C PHE B 234 11.18 -48.21 33.41
N ALA B 235 10.05 -47.53 33.59
CA ALA B 235 9.08 -47.89 34.62
C ALA B 235 8.27 -49.11 34.18
N ARG B 236 7.98 -49.99 35.14
CA ARG B 236 7.28 -51.23 34.81
C ARG B 236 6.74 -51.87 36.09
N VAL B 237 5.48 -52.27 36.07
CA VAL B 237 4.86 -52.90 37.22
C VAL B 237 5.33 -54.35 37.32
N CYS B 238 5.78 -54.74 38.50
CA CYS B 238 6.22 -56.11 38.78
C CYS B 238 5.58 -56.60 40.07
N GLU B 239 5.39 -57.92 40.16
CA GLU B 239 4.85 -58.54 41.35
C GLU B 239 5.97 -58.84 42.34
N VAL B 240 5.76 -58.48 43.60
CA VAL B 240 6.75 -58.71 44.63
C VAL B 240 6.03 -58.85 45.97
N ASP B 241 6.31 -59.95 46.67
CA ASP B 241 5.63 -60.29 47.93
C ASP B 241 4.12 -60.30 47.75
N ASN B 242 3.65 -60.97 46.69
CA ASN B 242 2.24 -61.13 46.32
C ASN B 242 1.53 -59.83 46.01
N LYS B 243 2.21 -58.68 46.08
CA LYS B 243 1.63 -57.41 45.70
C LYS B 243 2.32 -56.87 44.45
N LYS B 244 1.63 -55.97 43.76
CA LYS B 244 2.14 -55.38 42.52
C LYS B 244 2.67 -53.98 42.81
N HIS B 245 3.93 -53.74 42.47
CA HIS B 245 4.60 -52.46 42.69
C HIS B 245 5.10 -51.91 41.37
N ILE B 246 5.40 -50.61 41.37
CA ILE B 246 6.11 -49.98 40.27
C ILE B 246 7.60 -50.19 40.48
N CYS B 247 8.26 -50.79 39.50
CA CYS B 247 9.68 -51.08 39.58
C CYS B 247 10.42 -50.35 38.47
N THR B 248 11.75 -50.39 38.57
CA THR B 248 12.59 -49.78 37.56
C THR B 248 13.79 -50.69 37.33
N ARG B 249 14.55 -50.39 36.28
CA ARG B 249 15.65 -51.25 35.88
C ARG B 249 16.82 -51.13 36.85
N GLU B 250 17.60 -52.21 36.93
CA GLU B 250 18.77 -52.24 37.80
C GLU B 250 19.82 -51.20 37.38
N LYS B 251 19.95 -50.95 36.07
CA LYS B 251 20.93 -49.99 35.60
C LYS B 251 20.59 -48.56 35.99
N GLU B 252 19.42 -48.33 36.60
CA GLU B 252 18.99 -47.00 36.97
C GLU B 252 19.04 -46.78 38.48
N VAL B 253 19.55 -47.72 39.25
CA VAL B 253 19.54 -47.58 40.70
C VAL B 253 20.43 -46.42 41.14
N GLY B 254 21.48 -46.12 40.38
CA GLY B 254 22.35 -45.02 40.76
C GLY B 254 21.68 -43.67 40.67
N ASN B 255 20.83 -43.48 39.67
CA ASN B 255 20.16 -42.21 39.48
C ASN B 255 19.03 -42.00 40.48
N LEU B 256 18.52 -43.08 41.08
CA LEU B 256 17.49 -42.91 42.10
C LEU B 256 18.09 -42.39 43.38
N TYR B 257 19.27 -42.88 43.75
CA TYR B 257 20.02 -42.25 44.82
C TYR B 257 20.27 -40.78 44.53
N ASP B 258 20.60 -40.44 43.28
CA ASP B 258 20.84 -39.05 42.93
C ASP B 258 19.56 -38.23 42.94
N MET B 259 18.39 -38.87 42.89
CA MET B 259 17.15 -38.11 42.98
C MET B 259 16.91 -37.61 44.39
N PHE B 260 17.21 -38.44 45.39
CA PHE B 260 17.15 -38.00 46.77
C PHE B 260 18.33 -37.13 47.17
N HIS B 261 19.47 -37.28 46.49
CA HIS B 261 20.55 -36.31 46.65
C HIS B 261 20.19 -34.97 46.05
N THR B 262 19.46 -34.98 44.92
CA THR B 262 18.92 -33.74 44.38
C THR B 262 17.99 -33.06 45.37
N ARG B 263 17.05 -33.83 45.93
CA ARG B 263 16.07 -33.27 46.84
C ARG B 263 16.71 -32.76 48.12
N ASN B 264 17.73 -33.45 48.60
CA ASN B 264 18.43 -32.99 49.80
C ASN B 264 19.30 -31.79 49.49
N CYS B 265 19.90 -31.75 48.29
CA CYS B 265 20.67 -30.59 47.89
C CYS B 265 19.77 -29.38 47.67
N LEU B 266 18.56 -29.62 47.15
CA LEU B 266 17.59 -28.54 47.00
C LEU B 266 17.17 -27.96 48.34
N HIS B 267 17.20 -28.76 49.41
CA HIS B 267 16.77 -28.27 50.71
C HIS B 267 17.83 -27.38 51.37
N ARG B 268 19.09 -27.77 51.31
CA ARG B 268 20.12 -27.00 51.99
C ARG B 268 20.42 -25.68 51.28
N ARG B 269 20.09 -25.57 49.98
CA ARG B 269 20.37 -24.36 49.22
C ARG B 269 19.22 -23.36 49.27
N ALA B 270 17.98 -23.82 49.25
CA ALA B 270 16.88 -22.91 49.04
C ALA B 270 15.78 -23.10 50.08
N TYR B 271 15.30 -24.33 50.23
CA TYR B 271 14.16 -24.58 51.11
C TYR B 271 14.51 -24.25 52.55
N GLN B 272 15.66 -24.73 53.02
CA GLN B 272 16.12 -24.45 54.38
C GLN B 272 17.22 -23.41 54.39
N HIS B 273 17.11 -22.38 53.56
CA HIS B 273 18.02 -21.26 53.60
C HIS B 273 17.80 -20.48 54.89
N LYS B 274 18.87 -20.22 55.63
CA LYS B 274 18.73 -19.66 56.96
C LYS B 274 18.08 -18.28 56.94
N VAL B 275 18.36 -17.48 55.92
CA VAL B 275 17.65 -16.20 55.81
C VAL B 275 16.23 -16.43 55.31
N GLY B 276 16.03 -17.34 54.37
CA GLY B 276 14.68 -17.63 53.91
C GLY B 276 13.81 -18.21 55.01
N ASN B 277 14.40 -18.92 55.96
CA ASN B 277 13.63 -19.49 57.05
C ASN B 277 13.37 -18.47 58.15
N ILE B 278 14.33 -17.61 58.46
CA ILE B 278 14.07 -16.57 59.45
C ILE B 278 12.97 -15.64 58.96
N ILE B 279 12.88 -15.42 57.65
CA ILE B 279 11.75 -14.65 57.12
C ILE B 279 10.47 -15.44 57.27
N ASP B 280 10.53 -16.77 57.18
CA ASP B 280 9.34 -17.58 57.41
C ASP B 280 8.90 -17.52 58.87
N THR B 281 9.85 -17.56 59.83
CA THR B 281 9.47 -17.46 61.23
C THR B 281 8.89 -16.08 61.54
N MET B 282 9.40 -15.04 60.89
CA MET B 282 8.86 -13.71 61.14
C MET B 282 7.44 -13.57 60.61
N ILE B 283 7.09 -14.30 59.54
CA ILE B 283 5.74 -14.21 59.02
C ILE B 283 4.76 -14.94 59.93
N THR B 284 5.16 -16.08 60.48
CA THR B 284 4.28 -16.78 61.41
C THR B 284 4.06 -15.96 62.67
N ASP B 285 5.14 -15.40 63.23
CA ASP B 285 5.00 -14.59 64.43
C ASP B 285 4.11 -13.39 64.16
N ALA B 286 4.19 -12.83 62.96
CA ALA B 286 3.24 -11.78 62.59
C ALA B 286 1.85 -12.36 62.39
N PHE B 287 1.76 -13.57 61.85
CA PHE B 287 0.45 -14.20 61.68
C PHE B 287 -0.17 -14.53 63.03
N LEU B 288 0.62 -15.04 63.97
CA LEU B 288 0.11 -15.36 65.30
C LEU B 288 -0.40 -14.11 66.01
N LYS B 289 0.30 -12.98 65.87
CA LYS B 289 -0.13 -11.75 66.51
C LYS B 289 -1.32 -11.12 65.81
N ALA B 290 -1.54 -11.43 64.54
CA ALA B 290 -2.72 -10.95 63.85
C ALA B 290 -3.87 -11.94 63.91
N ASP B 291 -3.61 -13.15 64.41
CA ASP B 291 -4.63 -14.19 64.41
C ASP B 291 -5.90 -13.81 65.16
N PRO B 292 -5.85 -13.30 66.40
CA PRO B 292 -7.09 -13.02 67.14
C PRO B 292 -7.93 -11.88 66.58
N TYR B 293 -7.49 -11.19 65.53
CA TYR B 293 -8.20 -10.01 65.05
C TYR B 293 -8.56 -10.04 63.58
N ILE B 294 -8.07 -11.01 62.82
CA ILE B 294 -8.42 -11.15 61.41
C ILE B 294 -9.67 -12.01 61.31
N GLU B 295 -10.66 -11.53 60.55
CA GLU B 295 -11.94 -12.21 60.42
C GLU B 295 -12.12 -12.63 58.96
N ILE B 296 -12.25 -13.93 58.75
CA ILE B 296 -12.45 -14.49 57.42
C ILE B 296 -13.85 -15.08 57.37
N THR B 297 -14.68 -14.54 56.49
CA THR B 297 -16.06 -14.99 56.37
C THR B 297 -16.11 -16.39 55.77
N GLY B 298 -16.65 -17.33 56.52
CA GLY B 298 -16.73 -18.72 56.13
C GLY B 298 -18.12 -19.10 55.64
N SER B 299 -18.42 -20.40 55.75
CA SER B 299 -19.71 -20.91 55.30
C SER B 299 -20.82 -20.44 56.21
N GLU B 300 -21.97 -20.12 55.60
CA GLU B 300 -23.16 -19.66 56.32
C GLU B 300 -22.87 -18.41 57.16
N GLY B 301 -22.01 -17.54 56.66
CA GLY B 301 -21.76 -16.26 57.29
C GLY B 301 -20.84 -16.27 58.49
N LYS B 302 -20.45 -17.43 59.00
CA LYS B 302 -19.62 -17.50 60.19
C LYS B 302 -18.24 -16.89 59.95
N LYS B 303 -17.65 -16.35 61.01
CA LYS B 303 -16.33 -15.74 60.96
C LYS B 303 -15.29 -16.69 61.52
N TYR B 304 -14.07 -16.60 60.98
CA TYR B 304 -12.98 -17.47 61.35
C TYR B 304 -11.70 -16.66 61.49
N ARG B 305 -10.79 -17.18 62.31
CA ARG B 305 -9.45 -16.63 62.44
C ARG B 305 -8.56 -17.23 61.35
N ILE B 306 -7.27 -16.93 61.41
CA ILE B 306 -6.33 -17.56 60.49
C ILE B 306 -6.14 -19.03 60.87
N SER B 307 -6.13 -19.32 62.17
CA SER B 307 -5.87 -20.66 62.66
C SER B 307 -7.12 -21.53 62.66
N THR B 308 -8.30 -20.97 62.44
CA THR B 308 -9.53 -21.76 62.42
C THR B 308 -10.12 -21.91 61.03
N ALA B 309 -9.60 -21.21 60.02
CA ALA B 309 -10.13 -21.32 58.68
C ALA B 309 -9.99 -22.73 58.11
N ILE B 310 -9.03 -23.52 58.63
CA ILE B 310 -8.86 -24.90 58.18
C ILE B 310 -10.01 -25.79 58.60
N ASP B 311 -10.93 -25.30 59.40
CA ASP B 311 -12.10 -26.08 59.82
C ASP B 311 -13.29 -25.89 58.92
N ASP B 312 -13.32 -24.82 58.12
CA ASP B 312 -14.40 -24.56 57.18
C ASP B 312 -13.79 -24.35 55.80
N MET B 313 -14.16 -25.22 54.86
CA MET B 313 -13.55 -25.13 53.53
C MET B 313 -13.96 -23.87 52.80
N GLU B 314 -15.16 -23.34 53.09
CA GLU B 314 -15.58 -22.11 52.45
C GLU B 314 -14.75 -20.92 52.91
N ALA B 315 -14.22 -20.97 54.14
CA ALA B 315 -13.31 -19.95 54.63
C ALA B 315 -11.87 -20.21 54.19
N PHE B 316 -11.45 -21.48 54.21
CA PHE B 316 -10.10 -21.81 53.76
C PHE B 316 -9.89 -21.46 52.30
N THR B 317 -10.96 -21.40 51.51
CA THR B 317 -10.84 -20.97 50.11
C THR B 317 -10.26 -19.56 50.02
N LYS B 318 -10.67 -18.68 50.94
CA LYS B 318 -10.26 -17.29 50.92
C LYS B 318 -9.05 -17.02 51.81
N LEU B 319 -8.32 -18.06 52.19
CA LEU B 319 -7.13 -17.92 53.01
C LEU B 319 -5.91 -18.19 52.13
N THR B 320 -5.38 -17.12 51.54
CA THR B 320 -4.23 -17.20 50.66
C THR B 320 -3.14 -16.27 51.17
N ASP B 321 -2.17 -15.93 50.31
CA ASP B 321 -1.13 -14.99 50.68
C ASP B 321 -1.64 -13.57 50.83
N ASN B 322 -2.88 -13.30 50.41
CA ASN B 322 -3.49 -12.00 50.64
C ASN B 322 -3.49 -11.60 52.11
N ILE B 323 -3.45 -12.57 53.03
CA ILE B 323 -3.39 -12.27 54.45
C ILE B 323 -2.17 -11.40 54.75
N PHE B 324 -1.06 -11.66 54.08
CA PHE B 324 0.16 -10.87 54.28
C PHE B 324 -0.09 -9.39 54.01
N LEU B 325 -0.59 -9.08 52.81
CA LEU B 325 -0.83 -7.68 52.46
C LEU B 325 -2.01 -7.11 53.22
N GLU B 326 -2.97 -7.95 53.60
CA GLU B 326 -4.06 -7.48 54.44
C GLU B 326 -3.53 -6.96 55.77
N ILE B 327 -2.56 -7.65 56.36
CA ILE B 327 -1.96 -7.21 57.61
C ILE B 327 -1.11 -5.96 57.40
N LEU B 328 -0.42 -5.88 56.26
CA LEU B 328 0.54 -4.79 56.05
C LEU B 328 -0.16 -3.52 55.59
N TYR B 329 -1.07 -3.64 54.63
CA TYR B 329 -1.83 -2.49 54.18
C TYR B 329 -2.94 -2.11 55.14
N SER B 330 -2.86 -2.50 56.40
CA SER B 330 -3.97 -2.30 57.31
C SER B 330 -3.83 -0.99 58.08
N THR B 331 -4.94 -0.57 58.67
CA THR B 331 -5.00 0.60 59.52
C THR B 331 -5.44 0.26 60.94
N ASP B 332 -5.82 -0.98 61.19
CA ASP B 332 -6.40 -1.35 62.48
C ASP B 332 -5.34 -1.31 63.57
N PRO B 333 -5.57 -0.57 64.65
CA PRO B 333 -4.61 -0.57 65.76
C PRO B 333 -4.36 -1.94 66.34
N LYS B 334 -5.35 -2.83 66.33
CA LYS B 334 -5.14 -4.18 66.83
C LYS B 334 -4.13 -4.96 66.00
N LEU B 335 -3.90 -4.55 64.75
CA LEU B 335 -2.93 -5.20 63.87
C LEU B 335 -1.58 -4.51 63.87
N ASP B 336 -1.34 -3.59 64.79
CA ASP B 336 -0.10 -2.81 64.74
C ASP B 336 1.11 -3.67 65.05
N ALA B 337 0.99 -4.59 66.00
CA ALA B 337 2.13 -5.43 66.37
C ALA B 337 2.49 -6.39 65.24
N ALA B 338 1.49 -6.94 64.56
CA ALA B 338 1.76 -7.80 63.41
C ALA B 338 2.31 -6.99 62.24
N ARG B 339 1.78 -5.78 62.04
CA ARG B 339 2.29 -4.90 61.00
C ARG B 339 3.74 -4.50 61.27
N ALA B 340 4.14 -4.46 62.54
CA ALA B 340 5.51 -4.09 62.86
C ALA B 340 6.51 -5.14 62.37
N ILE B 341 6.14 -6.41 62.46
CA ILE B 341 7.05 -7.47 62.01
C ILE B 341 7.16 -7.47 60.49
N LEU B 342 6.05 -7.24 59.79
CA LEU B 342 6.11 -7.20 58.35
C LEU B 342 6.89 -5.98 57.85
N LYS B 343 6.75 -4.85 58.54
CA LYS B 343 7.56 -3.68 58.20
C LYS B 343 9.03 -3.97 58.44
N LYS B 344 9.36 -4.74 59.47
CA LYS B 344 10.74 -5.18 59.67
C LYS B 344 11.24 -5.97 58.46
N ILE B 345 10.34 -6.67 57.78
CA ILE B 345 10.74 -7.48 56.64
C ILE B 345 10.92 -6.62 55.41
N GLU B 346 10.00 -5.69 55.15
CA GLU B 346 10.11 -4.85 53.97
C GLU B 346 11.28 -3.87 54.05
N CYS B 347 11.81 -3.61 55.24
CA CYS B 347 12.99 -2.78 55.42
C CYS B 347 14.28 -3.58 55.50
N ARG B 348 14.19 -4.90 55.49
CA ARG B 348 15.33 -5.81 55.60
C ARG B 348 16.06 -5.66 56.94
N ASN B 349 15.31 -5.35 57.99
CA ASN B 349 15.83 -5.40 59.36
C ASN B 349 15.38 -6.74 59.94
N LEU B 350 16.17 -7.77 59.67
CA LEU B 350 15.85 -9.14 60.02
C LEU B 350 16.67 -9.59 61.21
N TYR B 351 16.21 -10.65 61.86
CA TYR B 351 16.97 -11.23 62.96
C TYR B 351 18.28 -11.78 62.43
N LYS B 352 19.39 -11.40 63.07
CA LYS B 352 20.69 -11.78 62.56
C LYS B 352 20.98 -13.24 62.84
N PHE B 353 21.44 -13.95 61.82
CA PHE B 353 21.86 -15.34 61.95
C PHE B 353 23.21 -15.40 62.65
N VAL B 354 23.29 -16.18 63.72
CA VAL B 354 24.48 -16.20 64.56
C VAL B 354 25.30 -17.48 64.40
N GLY B 355 24.70 -18.58 64.00
CA GLY B 355 25.46 -19.81 63.87
C GLY B 355 24.58 -21.00 63.56
N GLU B 356 25.23 -22.09 63.19
CA GLU B 356 24.58 -23.33 62.81
C GLU B 356 25.40 -24.50 63.32
N THR B 357 24.75 -25.46 63.96
CA THR B 357 25.42 -26.61 64.54
C THR B 357 24.60 -27.87 64.29
N GLN B 358 25.07 -29.00 64.81
CA GLN B 358 24.43 -30.28 64.62
C GLN B 358 24.53 -31.15 65.87
N PRO B 359 23.45 -31.83 66.23
CA PRO B 359 23.52 -32.79 67.35
C PRO B 359 23.89 -34.18 66.86
N GLY B 360 23.85 -35.16 67.75
CA GLY B 360 24.02 -36.54 67.35
C GLY B 360 22.71 -37.21 67.04
N ARG B 361 22.79 -38.36 66.37
CA ARG B 361 21.58 -39.13 66.10
C ARG B 361 20.89 -39.52 67.39
N GLN B 362 21.67 -39.86 68.42
CA GLN B 362 21.10 -40.25 69.70
C GLN B 362 20.83 -39.06 70.61
N ASP B 363 21.44 -37.91 70.34
CA ASP B 363 21.19 -36.70 71.10
C ASP B 363 20.28 -35.73 70.36
N LYS B 364 19.52 -36.21 69.38
CA LYS B 364 18.62 -35.36 68.62
C LYS B 364 17.56 -34.75 69.52
N ILE B 365 17.25 -33.48 69.26
CA ILE B 365 16.31 -32.73 70.10
C ILE B 365 14.88 -33.14 69.73
N LYS B 366 14.07 -33.42 70.74
CA LYS B 366 12.68 -33.77 70.52
C LYS B 366 11.83 -32.51 70.43
N ARG B 367 10.78 -32.58 69.61
CA ARG B 367 9.91 -31.43 69.40
C ARG B 367 9.29 -30.94 70.71
N GLU B 368 9.07 -31.85 71.66
CA GLU B 368 8.51 -31.50 72.96
C GLU B 368 9.43 -30.60 73.78
N ASN B 369 10.69 -30.48 73.38
CA ASN B 369 11.64 -29.63 74.08
C ASN B 369 12.01 -28.39 73.29
N TYR B 370 11.39 -28.14 72.14
CA TYR B 370 11.78 -27.00 71.31
C TYR B 370 11.59 -25.67 72.03
N GLU B 371 10.62 -25.58 72.94
CA GLU B 371 10.31 -24.29 73.56
C GLU B 371 11.31 -23.87 74.62
N SER B 372 12.33 -24.68 74.91
CA SER B 372 13.24 -24.40 76.02
C SER B 372 14.63 -23.97 75.59
N LEU B 373 14.98 -24.05 74.31
CA LEU B 373 16.36 -23.88 73.89
C LEU B 373 16.88 -22.44 73.93
N PRO B 374 16.11 -21.41 73.60
CA PRO B 374 16.65 -20.05 73.75
C PRO B 374 17.02 -19.71 75.18
N LYS B 375 16.32 -20.28 76.14
CA LYS B 375 16.77 -20.21 77.53
C LYS B 375 18.07 -20.96 77.74
N GLY B 376 18.27 -22.05 76.99
CA GLY B 376 19.47 -22.85 77.17
C GLY B 376 20.71 -22.21 76.56
N VAL B 377 20.53 -21.41 75.51
CA VAL B 377 21.67 -20.76 74.89
C VAL B 377 22.03 -19.48 75.63
N ALA B 378 21.02 -18.75 76.11
CA ALA B 378 21.27 -17.56 76.91
C ALA B 378 22.04 -17.90 78.19
N SER B 379 21.86 -19.11 78.70
CA SER B 379 22.60 -19.57 79.88
C SER B 379 23.71 -20.51 79.43
N ALA B 380 24.74 -19.92 78.82
CA ALA B 380 25.87 -20.69 78.32
C ALA B 380 27.12 -19.82 78.29
N PHE B 396 16.54 -14.24 71.33
CA PHE B 396 17.10 -15.48 70.82
C PHE B 396 16.07 -16.27 70.02
N ILE B 397 16.51 -16.87 68.91
CA ILE B 397 15.65 -17.65 68.03
C ILE B 397 16.41 -18.90 67.62
N VAL B 398 15.86 -20.06 67.92
CA VAL B 398 16.47 -21.35 67.58
C VAL B 398 15.48 -22.13 66.73
N ASP B 399 15.93 -22.60 65.58
CA ASP B 399 15.11 -23.38 64.67
C ASP B 399 15.77 -24.73 64.42
N VAL B 400 14.97 -25.79 64.47
CA VAL B 400 15.45 -27.16 64.29
C VAL B 400 14.89 -27.69 62.98
N ILE B 401 15.77 -28.14 62.10
CA ILE B 401 15.38 -28.70 60.80
C ILE B 401 15.90 -30.12 60.72
N ASN B 402 15.04 -31.04 60.31
CA ASN B 402 15.40 -32.44 60.15
C ASN B 402 15.61 -32.73 58.67
N MET B 403 16.78 -33.21 58.32
CA MET B 403 17.17 -33.47 56.93
C MET B 403 17.20 -34.98 56.71
N ASP B 404 16.13 -35.52 56.15
CA ASP B 404 16.05 -36.94 55.88
C ASP B 404 15.68 -37.16 54.41
N TYR B 405 15.85 -38.41 53.97
CA TYR B 405 15.53 -38.83 52.61
C TYR B 405 14.04 -39.07 52.40
N GLY B 406 13.18 -38.80 53.38
CA GLY B 406 11.75 -39.00 53.21
C GLY B 406 11.17 -40.08 54.07
N MET B 407 11.90 -41.18 54.25
CA MET B 407 11.46 -42.32 55.05
C MET B 407 12.02 -42.25 56.46
N GLU B 408 11.94 -41.08 57.08
CA GLU B 408 12.54 -40.82 58.40
C GLU B 408 14.01 -41.21 58.30
N ASP B 409 14.53 -42.03 59.22
CA ASP B 409 15.94 -42.39 59.19
C ASP B 409 16.24 -43.61 58.33
N LYS B 410 15.26 -44.07 57.57
CA LYS B 410 15.39 -45.29 56.76
C LYS B 410 15.74 -44.95 55.32
N ASN B 411 16.35 -45.93 54.66
CA ASN B 411 16.77 -45.77 53.27
C ASN B 411 15.60 -46.04 52.34
N PRO B 412 15.20 -45.08 51.50
CA PRO B 412 14.04 -45.31 50.63
C PRO B 412 14.31 -46.31 49.51
N ILE B 413 15.55 -46.45 49.07
CA ILE B 413 15.84 -47.31 47.93
C ILE B 413 15.61 -48.77 48.29
N ASP B 414 15.83 -49.13 49.56
CA ASP B 414 15.57 -50.49 49.98
C ASP B 414 14.11 -50.89 49.85
N ASN B 415 13.20 -49.92 49.67
CA ASN B 415 11.80 -50.18 49.34
C ASN B 415 11.53 -50.11 47.85
N VAL B 416 12.57 -50.25 47.02
CA VAL B 416 12.44 -50.24 45.57
C VAL B 416 12.90 -51.59 45.06
N ARG B 417 12.19 -52.10 44.07
CA ARG B 417 12.52 -53.36 43.44
C ARG B 417 12.98 -53.11 42.01
N PHE B 418 13.85 -53.98 41.52
CA PHE B 418 14.49 -53.81 40.24
C PHE B 418 14.45 -55.11 39.45
N TYR B 419 14.28 -54.98 38.13
CA TYR B 419 14.21 -56.12 37.24
C TYR B 419 15.33 -56.05 36.21
N CYS B 420 15.72 -57.22 35.71
CA CYS B 420 16.73 -57.33 34.66
C CYS B 420 16.08 -57.38 33.28
N LYS B 421 16.92 -57.26 32.26
CA LYS B 421 16.44 -57.29 30.89
C LYS B 421 16.17 -58.71 30.40
N SER B 422 16.68 -59.72 31.09
CA SER B 422 16.44 -61.11 30.72
C SER B 422 15.18 -61.68 31.36
N ASP B 423 14.70 -61.08 32.44
CA ASP B 423 13.49 -61.54 33.13
C ASP B 423 12.76 -60.34 33.70
N PRO B 424 11.94 -59.66 32.89
CA PRO B 424 11.31 -58.42 33.34
C PRO B 424 10.26 -58.61 34.43
N ASN B 425 9.90 -59.83 34.78
CA ASN B 425 8.89 -60.07 35.82
C ASN B 425 9.49 -60.41 37.17
N LYS B 426 10.79 -60.64 37.24
CA LYS B 426 11.48 -60.95 38.49
C LYS B 426 12.10 -59.67 39.02
N ALA B 427 11.50 -59.11 40.06
CA ALA B 427 11.97 -57.90 40.71
C ALA B 427 12.84 -58.28 41.91
N ILE B 428 14.09 -57.84 41.90
CA ILE B 428 15.05 -58.20 42.92
C ILE B 428 15.36 -56.99 43.78
N ILE B 429 16.09 -57.23 44.87
CA ILE B 429 16.51 -56.19 45.80
C ILE B 429 17.96 -55.85 45.51
N ILE B 430 18.23 -54.56 45.31
CA ILE B 430 19.59 -54.06 45.16
C ILE B 430 19.92 -53.29 46.43
N THR B 431 20.86 -53.80 47.22
CA THR B 431 21.18 -53.16 48.47
C THR B 431 22.15 -52.01 48.24
N LYS B 432 22.29 -51.17 49.27
CA LYS B 432 23.14 -49.99 49.16
C LYS B 432 24.61 -50.37 48.98
N ASN B 433 25.08 -51.37 49.72
CA ASN B 433 26.48 -51.76 49.60
C ASN B 433 26.80 -52.35 48.23
N GLN B 434 25.78 -52.82 47.50
CA GLN B 434 25.99 -53.35 46.16
C GLN B 434 26.16 -52.28 45.12
N VAL B 435 25.72 -51.04 45.39
CA VAL B 435 25.75 -49.97 44.40
C VAL B 435 27.08 -49.24 44.44
N SER B 436 27.42 -48.69 45.60
CA SER B 436 28.61 -47.85 45.69
C SER B 436 29.08 -47.76 47.13
N GLN B 437 30.40 -47.62 47.29
CA GLN B 437 30.99 -47.39 48.59
C GLN B 437 31.01 -45.92 48.99
N LEU B 438 30.62 -45.03 48.07
CA LEU B 438 30.62 -43.60 48.31
C LEU B 438 29.26 -43.07 48.76
N LEU B 439 28.27 -43.95 48.88
CA LEU B 439 26.92 -43.55 49.26
C LEU B 439 26.89 -43.13 50.73
N PRO B 440 25.90 -42.32 51.12
CA PRO B 440 25.89 -41.76 52.48
C PRO B 440 25.84 -42.84 53.54
N GLU B 441 26.64 -42.65 54.60
CA GLU B 441 26.58 -43.56 55.73
C GLU B 441 25.22 -43.49 56.43
N ARG B 442 24.75 -42.27 56.67
CA ARG B 442 23.44 -42.03 57.28
C ARG B 442 22.51 -41.40 56.25
N PHE B 443 21.21 -41.54 56.51
CA PHE B 443 20.18 -40.99 55.64
C PHE B 443 19.31 -39.95 56.34
N ALA B 444 19.70 -39.51 57.53
CA ALA B 444 18.94 -38.50 58.24
C ALA B 444 19.86 -37.78 59.21
N GLU B 445 19.59 -36.49 59.41
CA GLU B 445 20.38 -35.68 60.34
C GLU B 445 19.54 -34.47 60.75
N GLN B 446 20.06 -33.72 61.72
CA GLN B 446 19.34 -32.60 62.29
C GLN B 446 20.26 -31.39 62.32
N LEU B 447 19.69 -30.21 62.10
CA LEU B 447 20.43 -28.95 62.08
C LEU B 447 19.79 -27.96 63.04
N ILE B 448 20.62 -27.21 63.75
CA ILE B 448 20.18 -26.22 64.72
C ILE B 448 20.70 -24.87 64.28
N ARG B 449 19.79 -23.99 63.85
CA ARG B 449 20.13 -22.63 63.49
C ARG B 449 19.69 -21.70 64.62
N VAL B 450 20.57 -20.79 65.01
CA VAL B 450 20.31 -19.86 66.10
C VAL B 450 20.36 -18.45 65.53
N TYR B 451 19.43 -17.61 65.97
CA TYR B 451 19.33 -16.22 65.53
C TYR B 451 19.19 -15.32 66.75
N CYS B 452 19.43 -14.03 66.54
CA CYS B 452 19.29 -13.03 67.60
C CYS B 452 18.41 -11.90 67.11
N LYS B 453 17.45 -11.49 67.94
CA LYS B 453 16.53 -10.41 67.58
C LYS B 453 17.15 -9.03 67.76
N LYS B 454 18.29 -8.92 68.42
CA LYS B 454 18.97 -7.65 68.61
C LYS B 454 20.07 -7.51 67.57
N THR B 455 19.98 -6.45 66.77
CA THR B 455 20.93 -6.17 65.70
C THR B 455 22.14 -5.37 66.16
N ASP B 456 22.31 -5.18 67.47
CA ASP B 456 23.45 -4.44 67.97
C ASP B 456 24.74 -5.18 67.67
N GLU B 457 25.78 -4.42 67.31
CA GLU B 457 27.10 -5.02 67.09
C GLU B 457 27.63 -5.67 68.36
N LYS B 458 27.31 -5.10 69.52
CA LYS B 458 27.72 -5.73 70.78
C LYS B 458 26.88 -6.97 71.08
N SER B 459 25.60 -6.95 70.69
CA SER B 459 24.77 -8.14 70.87
C SER B 459 25.21 -9.26 69.95
N LEU B 460 25.36 -8.97 68.65
CA LEU B 460 25.77 -9.99 67.69
C LEU B 460 27.11 -10.60 68.06
N PHE B 461 27.98 -9.84 68.70
CA PHE B 461 29.21 -10.43 69.23
C PHE B 461 28.92 -11.29 70.45
N ALA B 462 28.17 -10.75 71.41
CA ALA B 462 27.85 -11.50 72.61
C ALA B 462 26.97 -12.70 72.30
N ALA B 463 26.00 -12.53 71.40
CA ALA B 463 25.16 -13.66 71.01
C ALA B 463 25.97 -14.77 70.36
N ARG B 464 27.02 -14.40 69.62
CA ARG B 464 27.88 -15.42 69.02
C ARG B 464 28.74 -16.10 70.08
N GLN B 465 29.07 -15.40 71.17
CA GLN B 465 29.85 -16.02 72.23
C GLN B 465 29.02 -17.08 72.96
N HIS B 466 27.73 -16.81 73.17
CA HIS B 466 26.88 -17.78 73.84
C HIS B 466 26.75 -19.05 73.01
N PHE B 467 26.54 -18.91 71.70
CA PHE B 467 26.30 -20.06 70.85
C PHE B 467 27.52 -20.98 70.77
N VAL B 468 28.72 -20.40 70.73
CA VAL B 468 29.92 -21.23 70.63
C VAL B 468 30.12 -22.03 71.92
N GLN B 469 29.96 -21.39 73.08
CA GLN B 469 30.05 -22.12 74.34
C GLN B 469 28.88 -23.07 74.53
N TRP B 470 27.72 -22.74 73.95
CA TRP B 470 26.59 -23.65 73.98
C TRP B 470 26.89 -24.95 73.22
N CYS B 471 27.68 -24.86 72.15
CA CYS B 471 28.02 -26.06 71.39
C CYS B 471 29.07 -26.89 72.12
N LEU B 472 30.01 -26.25 72.81
CA LEU B 472 31.00 -27.01 73.57
C LEU B 472 30.36 -27.72 74.76
N ASP B 473 29.43 -27.03 75.44
CA ASP B 473 28.79 -27.62 76.62
C ASP B 473 27.94 -28.82 76.23
N ASN B 474 27.02 -28.65 75.29
CA ASN B 474 26.14 -29.72 74.86
C ASN B 474 26.83 -30.76 73.98
N ASP B 475 28.15 -30.65 73.78
CA ASP B 475 28.92 -31.59 72.97
C ASP B 475 28.41 -31.65 71.53
N PHE B 476 27.91 -30.53 71.01
CA PHE B 476 27.49 -30.45 69.62
C PHE B 476 28.71 -30.25 68.73
N THR B 477 28.47 -30.29 67.41
CA THR B 477 29.54 -30.16 66.45
C THR B 477 30.02 -28.72 66.39
N LYS B 478 31.29 -28.55 66.02
CA LYS B 478 31.90 -27.22 66.03
C LYS B 478 31.37 -26.40 64.86
N PRO B 479 31.01 -25.14 65.07
CA PRO B 479 30.55 -24.31 63.95
C PRO B 479 31.68 -24.01 62.98
N GLN B 480 31.28 -23.66 61.75
CA GLN B 480 32.26 -23.38 60.71
C GLN B 480 32.96 -22.05 60.95
N ASP B 481 32.23 -21.07 61.47
CA ASP B 481 32.79 -19.76 61.79
C ASP B 481 33.22 -19.66 63.25
N GLY B 482 33.42 -20.79 63.92
CA GLY B 482 33.62 -20.75 65.37
C GLY B 482 34.92 -20.08 65.78
N ASP B 483 36.01 -20.37 65.06
CA ASP B 483 37.32 -19.88 65.48
C ASP B 483 37.45 -18.37 65.29
N VAL B 484 36.81 -17.81 64.27
CA VAL B 484 37.02 -16.40 63.96
C VAL B 484 36.14 -15.50 64.82
N VAL B 485 34.88 -15.89 65.05
CA VAL B 485 34.00 -15.04 65.84
C VAL B 485 34.23 -15.22 67.34
N ALA B 486 34.85 -16.34 67.76
CA ALA B 486 35.00 -16.60 69.19
C ALA B 486 36.10 -17.63 69.46
N PRO B 487 37.35 -17.19 69.67
CA PRO B 487 38.43 -18.09 70.10
C PRO B 487 38.66 -18.04 71.61
N THR C 11 -48.24 16.31 -34.75
CA THR C 11 -47.04 16.38 -35.57
C THR C 11 -45.78 16.44 -34.72
N VAL C 12 -44.73 15.75 -35.18
CA VAL C 12 -43.43 15.82 -34.54
C VAL C 12 -42.83 17.21 -34.68
N LYS C 13 -42.23 17.71 -33.61
CA LYS C 13 -41.50 18.97 -33.63
C LYS C 13 -40.01 18.72 -33.46
N VAL C 14 -39.22 19.62 -34.04
CA VAL C 14 -37.76 19.53 -33.99
C VAL C 14 -37.25 20.69 -33.13
N ILE C 15 -36.15 20.45 -32.44
CA ILE C 15 -35.56 21.46 -31.57
C ILE C 15 -34.05 21.43 -31.73
N ASN C 16 -33.47 22.60 -32.01
CA ASN C 16 -32.02 22.71 -32.14
C ASN C 16 -31.38 22.89 -30.78
N ASP C 17 -30.38 22.07 -30.49
CA ASP C 17 -29.69 22.08 -29.21
C ASP C 17 -28.20 22.21 -29.46
N PRO C 18 -27.49 23.07 -28.72
CA PRO C 18 -26.03 23.15 -28.87
C PRO C 18 -25.30 21.87 -28.49
N ILE C 19 -25.95 20.94 -27.79
CA ILE C 19 -25.28 19.76 -27.27
C ILE C 19 -25.56 18.53 -28.12
N HIS C 20 -26.81 18.36 -28.56
CA HIS C 20 -27.20 17.18 -29.31
C HIS C 20 -27.65 17.49 -30.74
N GLY C 21 -27.78 18.75 -31.11
CA GLY C 21 -28.26 19.07 -32.44
C GLY C 21 -29.78 19.04 -32.48
N HIS C 22 -30.30 18.66 -33.64
CA HIS C 22 -31.74 18.59 -33.83
C HIS C 22 -32.30 17.33 -33.19
N ILE C 23 -33.23 17.49 -32.25
CA ILE C 23 -33.84 16.36 -31.56
C ILE C 23 -35.33 16.35 -31.86
N GLU C 24 -35.84 15.17 -32.18
CA GLU C 24 -37.24 15.01 -32.52
C GLU C 24 -38.04 14.67 -31.26
N LEU C 25 -39.22 15.26 -31.15
CA LEU C 25 -40.09 15.06 -30.00
C LEU C 25 -41.45 14.55 -30.44
N HIS C 26 -41.88 13.45 -29.84
CA HIS C 26 -43.21 12.89 -30.09
C HIS C 26 -44.29 13.93 -29.77
N PRO C 27 -45.39 13.93 -30.52
CA PRO C 27 -46.48 14.87 -30.23
C PRO C 27 -46.94 14.87 -28.78
N LEU C 28 -46.90 13.72 -28.12
CA LEU C 28 -47.22 13.70 -26.70
C LEU C 28 -46.13 14.37 -25.86
N LEU C 29 -44.86 14.16 -26.21
CA LEU C 29 -43.78 14.82 -25.49
C LEU C 29 -43.95 16.33 -25.51
N ILE C 30 -44.39 16.88 -26.65
CA ILE C 30 -44.66 18.31 -26.76
C ILE C 30 -45.80 18.72 -25.82
N ARG C 31 -46.83 17.89 -25.72
CA ARG C 31 -47.96 18.22 -24.84
C ARG C 31 -47.55 18.27 -23.38
N ILE C 32 -46.53 17.51 -23.01
CA ILE C 32 -46.04 17.56 -21.63
C ILE C 32 -45.12 18.75 -21.43
N ILE C 33 -44.31 19.09 -22.44
CA ILE C 33 -43.40 20.23 -22.37
C ILE C 33 -44.18 21.52 -22.16
N ASP C 34 -45.15 21.79 -23.03
CA ASP C 34 -45.83 23.09 -23.07
C ASP C 34 -46.93 23.17 -22.01
N THR C 35 -46.51 23.01 -20.77
CA THR C 35 -47.33 23.16 -19.58
C THR C 35 -46.57 24.03 -18.59
N PRO C 36 -47.27 24.78 -17.73
CA PRO C 36 -46.56 25.59 -16.73
C PRO C 36 -45.72 24.77 -15.78
N GLN C 37 -46.09 23.51 -15.52
CA GLN C 37 -45.31 22.70 -14.59
C GLN C 37 -43.97 22.30 -15.19
N PHE C 38 -43.87 22.20 -16.51
CA PHE C 38 -42.59 21.91 -17.13
C PHE C 38 -41.80 23.19 -17.44
N GLN C 39 -42.46 24.19 -18.05
CA GLN C 39 -41.80 25.42 -18.43
C GLN C 39 -41.32 26.21 -17.23
N ARG C 40 -41.81 25.84 -16.05
CA ARG C 40 -41.21 26.29 -14.79
C ARG C 40 -39.70 26.14 -14.79
N LEU C 41 -39.18 25.09 -15.42
CA LEU C 41 -37.75 24.78 -15.37
C LEU C 41 -36.89 25.80 -16.11
N ARG C 42 -37.47 26.67 -16.93
CA ARG C 42 -36.72 27.74 -17.55
C ARG C 42 -36.18 28.77 -16.55
N TYR C 43 -36.56 28.65 -15.27
CA TYR C 43 -36.20 29.65 -14.27
C TYR C 43 -35.52 29.02 -13.06
N ILE C 44 -34.98 27.82 -13.21
CA ILE C 44 -34.13 27.19 -12.22
C ILE C 44 -32.79 26.91 -12.88
N LYS C 45 -31.72 27.51 -12.34
CA LYS C 45 -30.40 27.29 -12.91
C LYS C 45 -29.87 25.91 -12.52
N GLN C 46 -29.26 25.25 -13.50
CA GLN C 46 -28.71 23.92 -13.27
C GLN C 46 -27.72 23.92 -12.10
N LEU C 47 -26.75 24.84 -12.11
CA LEU C 47 -25.66 24.83 -11.16
C LEU C 47 -25.83 25.86 -10.05
N GLY C 48 -27.00 26.47 -9.95
CA GLY C 48 -27.30 27.33 -8.81
C GLY C 48 -26.32 28.48 -8.71
N GLY C 49 -25.62 28.57 -7.58
CA GLY C 49 -24.67 29.64 -7.34
C GLY C 49 -23.40 29.55 -8.15
N GLY C 50 -23.18 28.48 -8.91
CA GLY C 50 -22.01 28.39 -9.75
C GLY C 50 -21.99 29.36 -10.92
N TYR C 51 -23.11 30.01 -11.21
CA TYR C 51 -23.14 31.01 -12.27
C TYR C 51 -22.38 32.26 -11.86
N TYR C 52 -22.30 32.53 -10.57
CA TYR C 52 -21.56 33.67 -10.03
C TYR C 52 -20.06 33.40 -9.95
N VAL C 53 -19.58 32.27 -10.46
CA VAL C 53 -18.15 32.00 -10.51
C VAL C 53 -17.75 31.64 -11.94
N PHE C 54 -18.58 30.86 -12.62
CA PHE C 54 -18.43 30.57 -14.04
C PHE C 54 -19.52 31.30 -14.80
N PRO C 55 -19.24 32.45 -15.42
CA PRO C 55 -20.32 33.21 -16.05
C PRO C 55 -20.97 32.55 -17.24
N GLY C 56 -20.42 31.44 -17.74
CA GLY C 56 -21.07 30.73 -18.83
C GLY C 56 -22.17 29.79 -18.39
N ALA C 57 -22.19 29.43 -17.10
CA ALA C 57 -23.21 28.52 -16.56
C ALA C 57 -24.52 29.25 -16.30
N SER C 58 -25.10 29.79 -17.38
CA SER C 58 -26.40 30.42 -17.30
C SER C 58 -27.54 29.45 -17.58
N HIS C 59 -27.23 28.25 -18.04
CA HIS C 59 -28.24 27.30 -18.47
C HIS C 59 -29.10 26.82 -17.31
N ASN C 60 -30.32 26.44 -17.63
CA ASN C 60 -31.34 26.10 -16.66
C ASN C 60 -31.73 24.63 -16.78
N ARG C 61 -32.62 24.19 -15.88
CA ARG C 61 -33.05 22.80 -15.86
C ARG C 61 -33.87 22.42 -17.09
N PHE C 62 -34.49 23.39 -17.74
CA PHE C 62 -35.38 23.10 -18.86
C PHE C 62 -34.65 22.46 -20.03
N GLU C 63 -33.57 23.09 -20.50
CA GLU C 63 -32.83 22.52 -21.61
C GLU C 63 -32.14 21.23 -21.21
N HIS C 64 -31.82 21.07 -19.93
CA HIS C 64 -31.26 19.81 -19.47
C HIS C 64 -32.29 18.69 -19.56
N SER C 65 -33.52 18.98 -19.15
CA SER C 65 -34.59 17.98 -19.19
C SER C 65 -34.84 17.50 -20.62
N LEU C 66 -34.76 18.40 -21.60
CA LEU C 66 -34.95 17.98 -22.98
C LEU C 66 -33.84 17.04 -23.42
N GLY C 67 -32.61 17.28 -22.95
CA GLY C 67 -31.51 16.43 -23.34
C GLY C 67 -31.57 15.05 -22.74
N VAL C 68 -32.06 14.95 -21.50
CA VAL C 68 -32.20 13.65 -20.86
C VAL C 68 -33.27 12.83 -21.55
N GLY C 69 -34.39 13.46 -21.93
CA GLY C 69 -35.42 12.75 -22.66
C GLY C 69 -34.97 12.32 -24.03
N TYR C 70 -34.03 13.06 -24.63
CA TYR C 70 -33.52 12.66 -25.93
C TYR C 70 -32.58 11.47 -25.81
N LEU C 71 -31.68 11.48 -24.83
CA LEU C 71 -30.73 10.39 -24.68
C LEU C 71 -31.44 9.11 -24.23
N ALA C 72 -32.43 9.25 -23.36
CA ALA C 72 -33.24 8.10 -22.95
C ALA C 72 -33.84 7.41 -24.16
N GLY C 73 -34.52 8.17 -25.02
CA GLY C 73 -35.01 7.62 -26.27
C GLY C 73 -33.92 7.13 -27.19
N CYS C 74 -32.70 7.66 -27.06
CA CYS C 74 -31.61 7.20 -27.92
C CYS C 74 -31.17 5.80 -27.56
N LEU C 75 -31.00 5.53 -26.26
CA LEU C 75 -30.51 4.22 -25.83
C LEU C 75 -31.62 3.18 -25.86
N VAL C 76 -32.84 3.57 -25.49
CA VAL C 76 -33.95 2.63 -25.53
C VAL C 76 -34.25 2.21 -26.96
N ARG C 77 -33.92 3.06 -27.93
CA ARG C 77 -34.16 2.67 -29.31
C ARG C 77 -33.03 1.83 -29.87
N GLU C 78 -31.79 2.03 -29.41
CA GLU C 78 -30.70 1.16 -29.86
C GLU C 78 -30.91 -0.27 -29.39
N LEU C 79 -31.41 -0.45 -28.17
CA LEU C 79 -31.65 -1.79 -27.64
C LEU C 79 -32.75 -2.50 -28.40
N SER C 80 -33.86 -1.82 -28.69
CA SER C 80 -34.92 -2.46 -29.44
C SER C 80 -34.47 -2.76 -30.87
N GLU C 81 -33.68 -1.88 -31.48
CA GLU C 81 -33.24 -2.10 -32.84
C GLU C 81 -32.20 -3.21 -32.91
N LYS C 82 -31.30 -3.27 -31.95
CA LYS C 82 -30.29 -4.33 -31.95
C LYS C 82 -30.82 -5.64 -31.38
N GLN C 83 -31.87 -5.60 -30.56
CA GLN C 83 -32.39 -6.80 -29.89
C GLN C 83 -33.91 -6.81 -29.94
N PRO C 84 -34.49 -7.21 -31.08
CA PRO C 84 -35.95 -7.39 -31.13
C PRO C 84 -36.46 -8.49 -30.20
N GLU C 85 -35.57 -9.40 -29.79
CA GLU C 85 -35.88 -10.38 -28.75
C GLU C 85 -36.48 -9.73 -27.51
N LEU C 86 -36.05 -8.51 -27.18
CA LEU C 86 -36.53 -7.85 -25.97
C LEU C 86 -38.00 -7.47 -26.08
N GLN C 87 -38.55 -7.47 -27.29
CA GLN C 87 -39.94 -7.08 -27.54
C GLN C 87 -40.27 -5.75 -26.87
N ILE C 88 -39.47 -4.73 -27.19
CA ILE C 88 -39.70 -3.36 -26.73
C ILE C 88 -40.62 -2.68 -27.72
N SER C 89 -41.69 -2.08 -27.20
CA SER C 89 -42.73 -1.45 -28.01
C SER C 89 -42.57 0.07 -28.02
N GLU C 90 -43.14 0.69 -29.04
CA GLU C 90 -43.16 2.15 -29.10
C GLU C 90 -43.78 2.74 -27.85
N ARG C 91 -44.71 2.02 -27.22
CA ARG C 91 -45.30 2.47 -25.98
C ARG C 91 -44.28 2.48 -24.85
N ASP C 92 -43.37 1.50 -24.83
CA ASP C 92 -42.29 1.53 -23.84
C ASP C 92 -41.36 2.70 -24.08
N MET C 93 -41.02 2.96 -25.34
CA MET C 93 -40.10 4.04 -25.67
C MET C 93 -40.66 5.39 -25.25
N LEU C 94 -41.95 5.62 -25.47
CA LEU C 94 -42.56 6.87 -25.04
C LEU C 94 -42.45 7.03 -23.54
N CYS C 95 -42.90 6.02 -22.78
CA CYS C 95 -42.85 6.09 -21.32
C CYS C 95 -41.43 6.22 -20.81
N VAL C 96 -40.45 5.73 -21.57
CA VAL C 96 -39.05 5.95 -21.20
C VAL C 96 -38.65 7.40 -21.47
N GLN C 97 -39.16 7.98 -22.57
CA GLN C 97 -38.81 9.36 -22.89
C GLN C 97 -39.52 10.35 -21.97
N ILE C 98 -40.73 10.02 -21.51
CA ILE C 98 -41.44 10.93 -20.63
C ILE C 98 -40.73 11.03 -19.29
N ALA C 99 -40.18 9.91 -18.81
CA ALA C 99 -39.46 9.94 -17.55
C ALA C 99 -38.18 10.76 -17.67
N GLY C 100 -37.47 10.62 -18.79
CA GLY C 100 -36.28 11.41 -19.01
C GLY C 100 -36.56 12.90 -19.06
N LEU C 101 -37.71 13.29 -19.61
CA LEU C 101 -38.10 14.69 -19.62
C LEU C 101 -38.47 15.17 -18.23
N CYS C 102 -39.16 14.34 -17.46
CA CYS C 102 -39.80 14.74 -16.22
C CYS C 102 -38.96 14.44 -14.99
N ARG C 103 -37.82 13.79 -15.14
CA ARG C 103 -36.95 13.44 -14.04
C ARG C 103 -36.37 14.65 -13.30
N ASN C 104 -36.53 15.86 -13.83
CA ASN C 104 -36.02 17.07 -13.20
C ASN C 104 -37.11 18.00 -12.73
N LEU C 105 -38.38 17.58 -12.79
CA LEU C 105 -39.48 18.44 -12.39
C LEU C 105 -39.37 18.91 -10.95
N GLY C 106 -38.75 18.12 -10.09
CA GLY C 106 -38.80 18.36 -8.67
C GLY C 106 -37.69 19.21 -8.08
N HIS C 107 -36.82 19.77 -8.90
CA HIS C 107 -35.80 20.66 -8.37
C HIS C 107 -36.41 21.97 -7.92
N GLY C 108 -35.78 22.59 -6.92
CA GLY C 108 -36.23 23.84 -6.38
C GLY C 108 -35.33 24.98 -6.81
N PRO C 109 -35.53 26.17 -6.23
CA PRO C 109 -34.68 27.32 -6.57
C PRO C 109 -33.19 27.03 -6.48
N PHE C 110 -32.48 27.27 -7.59
CA PHE C 110 -31.04 27.08 -7.71
C PHE C 110 -30.63 25.61 -7.55
N SER C 111 -31.55 24.70 -7.84
CA SER C 111 -31.28 23.25 -7.96
C SER C 111 -30.73 22.72 -6.64
N HIS C 112 -29.50 22.20 -6.60
CA HIS C 112 -29.05 21.45 -5.43
C HIS C 112 -28.88 22.32 -4.21
N MET C 113 -29.00 23.63 -4.33
CA MET C 113 -28.99 24.48 -3.15
C MET C 113 -30.25 24.31 -2.32
N PHE C 114 -31.38 24.02 -2.97
CA PHE C 114 -32.67 24.01 -2.29
C PHE C 114 -32.88 22.73 -1.50
N ASP C 115 -32.66 21.57 -2.13
CA ASP C 115 -32.88 20.30 -1.45
C ASP C 115 -31.63 19.77 -0.75
N GLY C 116 -30.49 20.43 -0.91
CA GLY C 116 -29.27 19.99 -0.28
C GLY C 116 -28.75 20.91 0.81
N ARG C 117 -29.40 22.07 0.99
CA ARG C 117 -28.99 23.04 1.99
C ARG C 117 -30.18 23.72 2.67
N PHE C 118 -31.03 24.40 1.89
CA PHE C 118 -32.12 25.17 2.47
C PHE C 118 -33.10 24.27 3.20
N ILE C 119 -33.68 23.31 2.48
CA ILE C 119 -34.64 22.40 3.10
C ILE C 119 -34.01 21.62 4.24
N PRO C 120 -32.79 21.07 4.12
CA PRO C 120 -32.19 20.41 5.29
C PRO C 120 -31.99 21.33 6.48
N LEU C 121 -31.85 22.63 6.26
CA LEU C 121 -31.73 23.57 7.36
C LEU C 121 -33.07 24.08 7.86
N ALA C 122 -34.02 24.29 6.95
CA ALA C 122 -35.31 24.83 7.36
C ALA C 122 -36.20 23.77 8.00
N ARG C 123 -36.15 22.53 7.49
CA ARG C 123 -37.00 21.44 7.96
C ARG C 123 -36.12 20.23 8.20
N PRO C 124 -35.51 20.13 9.38
CA PRO C 124 -34.48 19.10 9.58
C PRO C 124 -35.00 17.68 9.60
N ASP C 125 -36.31 17.47 9.72
CA ASP C 125 -36.85 16.12 9.89
C ASP C 125 -37.79 15.68 8.78
N VAL C 126 -37.81 16.37 7.64
CA VAL C 126 -38.68 15.99 6.52
C VAL C 126 -37.86 15.21 5.51
N LYS C 127 -38.43 14.15 4.97
CA LYS C 127 -37.81 13.40 3.88
C LYS C 127 -38.15 14.12 2.58
N TRP C 128 -37.14 14.73 1.96
CA TRP C 128 -37.37 15.42 0.69
C TRP C 128 -36.18 15.23 -0.24
N THR C 129 -36.48 14.88 -1.48
CA THR C 129 -35.48 14.80 -2.53
C THR C 129 -36.13 15.36 -3.81
N HIS C 130 -35.30 15.63 -4.81
CA HIS C 130 -35.87 16.11 -6.05
C HIS C 130 -36.59 15.00 -6.80
N GLU C 131 -36.18 13.74 -6.59
CA GLU C 131 -36.92 12.62 -7.16
C GLU C 131 -38.36 12.61 -6.65
N GLN C 132 -38.53 12.78 -5.35
CA GLN C 132 -39.88 12.86 -4.78
C GLN C 132 -40.64 14.05 -5.36
N GLY C 133 -39.96 15.17 -5.56
CA GLY C 133 -40.61 16.31 -6.16
C GLY C 133 -40.97 16.11 -7.61
N SER C 134 -40.14 15.36 -8.34
CA SER C 134 -40.39 15.13 -9.75
C SER C 134 -41.69 14.35 -9.96
N VAL C 135 -41.92 13.32 -9.17
CA VAL C 135 -43.16 12.56 -9.34
C VAL C 135 -44.35 13.31 -8.75
N ASN C 136 -44.15 14.04 -7.64
CA ASN C 136 -45.23 14.88 -7.12
C ASN C 136 -45.61 15.95 -8.13
N MET C 137 -44.63 16.55 -8.79
CA MET C 137 -44.93 17.55 -9.82
C MET C 137 -45.46 16.89 -11.08
N PHE C 138 -44.91 15.74 -11.43
CA PHE C 138 -45.41 15.01 -12.60
C PHE C 138 -46.89 14.66 -12.46
N GLU C 139 -47.30 14.26 -11.25
CA GLU C 139 -48.71 13.96 -11.01
C GLU C 139 -49.56 15.22 -11.13
N HIS C 140 -49.06 16.35 -10.61
CA HIS C 140 -49.80 17.60 -10.76
C HIS C 140 -49.80 18.07 -12.21
N LEU C 141 -48.75 17.72 -12.97
CA LEU C 141 -48.69 18.12 -14.38
C LEU C 141 -49.76 17.43 -15.20
N VAL C 142 -49.97 16.13 -14.98
CA VAL C 142 -50.90 15.38 -15.82
C VAL C 142 -52.34 15.79 -15.51
N ASN C 143 -52.68 15.90 -14.23
CA ASN C 143 -54.04 16.20 -13.85
C ASN C 143 -54.41 17.65 -14.19
N SER C 144 -53.54 18.59 -13.85
CA SER C 144 -53.86 20.00 -14.05
C SER C 144 -53.95 20.39 -15.53
N ASN C 145 -53.50 19.53 -16.44
CA ASN C 145 -53.58 19.82 -17.86
C ASN C 145 -54.42 18.81 -18.64
N GLY C 146 -55.03 17.83 -17.98
CA GLY C 146 -55.90 16.89 -18.65
C GLY C 146 -55.21 16.03 -19.67
N LEU C 147 -54.06 15.46 -19.31
CA LEU C 147 -53.28 14.64 -20.23
C LEU C 147 -53.62 13.16 -20.14
N ILE C 148 -54.45 12.75 -19.19
CA ILE C 148 -54.86 11.34 -19.12
C ILE C 148 -55.48 10.89 -20.44
N ASP C 149 -56.41 11.69 -20.96
CA ASP C 149 -57.01 11.39 -22.26
C ASP C 149 -55.99 11.52 -23.38
N VAL C 150 -55.04 12.44 -23.24
CA VAL C 150 -54.03 12.63 -24.29
C VAL C 150 -53.13 11.41 -24.39
N MET C 151 -52.68 10.88 -23.26
CA MET C 151 -51.85 9.68 -23.27
C MET C 151 -52.62 8.46 -23.81
N GLU C 152 -53.93 8.41 -23.60
CA GLU C 152 -54.70 7.31 -24.16
C GLU C 152 -54.73 7.39 -25.68
N HIS C 153 -54.83 8.61 -26.23
CA HIS C 153 -54.90 8.77 -27.67
C HIS C 153 -53.61 8.41 -28.36
N TYR C 154 -52.47 8.45 -27.66
CA TYR C 154 -51.19 8.09 -28.25
C TYR C 154 -50.73 6.71 -27.83
N GLY C 155 -51.62 5.88 -27.33
CA GLY C 155 -51.36 4.47 -27.15
C GLY C 155 -50.87 4.06 -25.78
N LEU C 156 -50.93 4.94 -24.79
CA LEU C 156 -50.54 4.60 -23.44
C LEU C 156 -51.76 4.18 -22.63
N ILE C 157 -51.54 3.30 -21.66
CA ILE C 157 -52.54 2.89 -20.70
C ILE C 157 -52.20 3.57 -19.38
N PRO C 158 -52.92 4.61 -18.98
CA PRO C 158 -52.44 5.51 -17.91
C PRO C 158 -52.01 4.83 -16.62
N GLU C 159 -52.92 4.15 -15.93
CA GLU C 159 -52.65 3.68 -14.57
C GLU C 159 -51.33 2.92 -14.48
N GLU C 160 -51.10 1.96 -15.38
CA GLU C 160 -49.88 1.20 -15.37
C GLU C 160 -48.68 2.07 -15.73
N ASP C 161 -48.83 2.86 -16.80
CA ASP C 161 -47.72 3.65 -17.31
C ASP C 161 -47.38 4.84 -16.42
N ILE C 162 -48.40 5.46 -15.81
CA ILE C 162 -48.12 6.46 -14.78
C ILE C 162 -47.26 5.86 -13.68
N TRP C 163 -47.57 4.62 -13.28
CA TRP C 163 -46.71 3.92 -12.32
C TRP C 163 -45.31 3.72 -12.89
N PHE C 164 -45.23 3.24 -14.13
CA PHE C 164 -43.94 2.95 -14.74
C PHE C 164 -43.06 4.19 -14.80
N ILE C 165 -43.63 5.32 -15.23
CA ILE C 165 -42.86 6.55 -15.33
C ILE C 165 -42.35 6.98 -13.95
N LYS C 166 -43.25 6.96 -12.96
CA LYS C 166 -42.83 7.34 -11.61
C LYS C 166 -41.83 6.35 -11.03
N GLU C 167 -41.79 5.12 -11.53
CA GLU C 167 -40.83 4.15 -11.03
C GLU C 167 -39.43 4.43 -11.54
N GLN C 168 -39.31 4.94 -12.76
CA GLN C 168 -37.99 5.27 -13.28
C GLN C 168 -37.39 6.46 -12.55
N ILE C 169 -38.21 7.42 -12.16
CA ILE C 169 -37.71 8.61 -11.48
C ILE C 169 -37.28 8.30 -10.05
N THR C 170 -38.12 7.65 -9.28
CA THR C 170 -37.84 7.38 -7.88
C THR C 170 -37.49 5.93 -7.59
N GLY C 171 -38.18 4.98 -8.22
CA GLY C 171 -38.05 3.60 -7.87
C GLY C 171 -39.36 3.07 -7.30
N PRO C 172 -39.28 2.11 -6.37
CA PRO C 172 -40.41 1.51 -5.67
C PRO C 172 -41.41 2.53 -5.11
N TRP C 182 -39.53 -8.86 -6.68
CA TRP C 182 -39.78 -7.81 -7.67
C TRP C 182 -40.77 -6.78 -7.14
N PRO C 183 -40.28 -5.61 -6.76
CA PRO C 183 -41.14 -4.59 -6.15
C PRO C 183 -41.78 -3.63 -7.14
N TYR C 184 -41.60 -3.82 -8.44
CA TYR C 184 -42.03 -2.85 -9.43
C TYR C 184 -43.40 -3.22 -9.98
N LYS C 185 -44.32 -2.25 -9.92
CA LYS C 185 -45.70 -2.40 -10.36
C LYS C 185 -45.92 -1.91 -11.79
N GLY C 186 -45.00 -1.12 -12.34
CA GLY C 186 -45.24 -0.52 -13.64
C GLY C 186 -44.85 -1.40 -14.81
N ARG C 187 -43.93 -2.33 -14.62
CA ARG C 187 -43.50 -3.21 -15.70
C ARG C 187 -43.15 -4.56 -15.13
N PRO C 188 -43.35 -5.64 -15.88
CA PRO C 188 -42.95 -6.96 -15.41
C PRO C 188 -41.45 -7.09 -15.30
N LYS C 189 -41.03 -8.02 -14.43
CA LYS C 189 -39.61 -8.26 -14.23
C LYS C 189 -38.90 -8.62 -15.53
N GLU C 190 -39.61 -9.19 -16.49
CA GLU C 190 -39.00 -9.54 -17.75
C GLU C 190 -38.58 -8.33 -18.56
N LYS C 191 -38.91 -7.13 -18.09
CA LYS C 191 -38.44 -5.88 -18.69
C LYS C 191 -37.77 -5.02 -17.64
N SER C 192 -36.94 -5.64 -16.79
CA SER C 192 -36.34 -4.92 -15.68
C SER C 192 -35.27 -3.93 -16.14
N PHE C 193 -34.76 -4.09 -17.37
CA PHE C 193 -33.67 -3.27 -17.86
C PHE C 193 -34.10 -1.87 -18.28
N LEU C 194 -35.41 -1.62 -18.39
CA LEU C 194 -35.88 -0.28 -18.70
C LEU C 194 -35.67 0.70 -17.55
N TYR C 195 -35.47 0.19 -16.33
CA TYR C 195 -35.26 1.01 -15.15
C TYR C 195 -33.80 1.39 -14.95
N GLU C 196 -32.92 1.01 -15.87
CA GLU C 196 -31.51 1.40 -15.80
C GLU C 196 -31.15 2.49 -16.79
N ILE C 197 -32.13 3.17 -17.35
CA ILE C 197 -31.88 4.16 -18.40
C ILE C 197 -31.97 5.56 -17.83
N VAL C 198 -33.10 5.89 -17.20
CA VAL C 198 -33.34 7.26 -16.75
C VAL C 198 -32.63 7.54 -15.43
N ALA C 199 -32.84 6.69 -14.43
CA ALA C 199 -32.17 6.83 -13.13
C ALA C 199 -31.73 5.44 -12.69
N ASN C 200 -30.48 5.11 -12.96
CA ASN C 200 -29.93 3.79 -12.70
C ASN C 200 -29.63 3.69 -11.21
N LYS C 201 -30.54 3.04 -10.47
CA LYS C 201 -30.33 2.83 -9.05
C LYS C 201 -29.30 1.74 -8.76
N ARG C 202 -28.95 0.93 -9.76
CA ARG C 202 -28.02 -0.16 -9.52
C ARG C 202 -26.56 0.26 -9.65
N ASN C 203 -26.24 1.29 -10.45
CA ASN C 203 -24.84 1.70 -10.53
C ASN C 203 -24.65 3.15 -10.96
N GLY C 204 -25.75 3.82 -11.34
CA GLY C 204 -25.69 5.23 -11.69
C GLY C 204 -25.21 5.53 -13.09
N ILE C 205 -25.19 4.55 -13.99
CA ILE C 205 -24.88 4.79 -15.40
C ILE C 205 -26.23 5.00 -16.09
N ASP C 206 -26.68 6.24 -16.10
CA ASP C 206 -27.97 6.61 -16.70
C ASP C 206 -27.77 7.77 -17.67
N VAL C 207 -28.82 8.06 -18.43
CA VAL C 207 -28.75 9.11 -19.43
C VAL C 207 -28.73 10.50 -18.81
N ASP C 208 -29.08 10.63 -17.53
CA ASP C 208 -29.06 11.92 -16.88
C ASP C 208 -27.64 12.40 -16.64
N LYS C 209 -26.71 11.49 -16.36
CA LYS C 209 -25.31 11.88 -16.19
C LYS C 209 -24.68 12.28 -17.50
N TRP C 210 -25.00 11.56 -18.58
CA TRP C 210 -24.33 11.82 -19.85
C TRP C 210 -24.63 13.21 -20.38
N ASP C 211 -25.84 13.72 -20.13
CA ASP C 211 -26.23 15.00 -20.70
C ASP C 211 -25.59 16.16 -19.96
N TYR C 212 -25.59 16.12 -18.62
CA TYR C 212 -24.99 17.23 -17.90
C TYR C 212 -23.47 17.21 -17.95
N PHE C 213 -22.85 16.04 -18.15
CA PHE C 213 -21.43 16.01 -18.44
C PHE C 213 -21.12 16.88 -19.64
N ALA C 214 -21.88 16.70 -20.72
CA ALA C 214 -21.67 17.46 -21.94
C ALA C 214 -22.23 18.88 -21.83
N ARG C 215 -23.34 19.07 -21.11
CA ARG C 215 -24.00 20.36 -21.11
C ARG C 215 -23.35 21.34 -20.15
N ASP C 216 -22.84 20.85 -19.02
CA ASP C 216 -22.13 21.71 -18.07
C ASP C 216 -20.74 22.06 -18.57
N CYS C 217 -20.05 21.10 -19.21
CA CYS C 217 -18.73 21.38 -19.76
C CYS C 217 -18.80 22.43 -20.86
N HIS C 218 -19.78 22.30 -21.76
CA HIS C 218 -20.01 23.29 -22.80
C HIS C 218 -20.20 24.68 -22.20
N HIS C 219 -20.93 24.79 -21.09
CA HIS C 219 -21.31 26.08 -20.58
C HIS C 219 -20.29 26.68 -19.61
N LEU C 220 -19.64 25.88 -18.78
CA LEU C 220 -18.61 26.41 -17.91
C LEU C 220 -17.30 26.64 -18.65
N GLY C 221 -17.00 25.82 -19.64
CA GLY C 221 -15.76 25.91 -20.35
C GLY C 221 -14.69 25.01 -19.77
N ILE C 222 -15.07 23.79 -19.35
CA ILE C 222 -14.08 22.83 -18.91
C ILE C 222 -14.18 21.59 -19.80
N GLN C 223 -13.43 20.56 -19.48
CA GLN C 223 -13.25 19.42 -20.38
C GLN C 223 -14.02 18.20 -19.86
N ASN C 224 -14.69 17.51 -20.77
CA ASN C 224 -15.42 16.29 -20.50
C ASN C 224 -14.65 15.11 -21.08
N ASN C 225 -14.51 14.04 -20.31
CA ASN C 225 -13.72 12.89 -20.76
C ASN C 225 -14.54 11.62 -20.83
N PHE C 226 -15.74 11.69 -21.43
CA PHE C 226 -16.58 10.51 -21.57
C PHE C 226 -17.42 10.67 -22.82
N ASP C 227 -17.31 9.70 -23.73
CA ASP C 227 -18.04 9.70 -25.00
C ASP C 227 -19.29 8.84 -24.81
N TYR C 228 -20.43 9.48 -24.57
CA TYR C 228 -21.65 8.71 -24.37
C TYR C 228 -22.05 7.95 -25.63
N LYS C 229 -21.77 8.52 -26.81
CA LYS C 229 -22.16 7.87 -28.06
C LYS C 229 -21.47 6.52 -28.21
N ARG C 230 -20.20 6.43 -27.82
CA ARG C 230 -19.50 5.15 -27.92
C ARG C 230 -20.12 4.12 -27.00
N PHE C 231 -20.51 4.53 -25.80
CA PHE C 231 -21.15 3.60 -24.86
C PHE C 231 -22.44 3.03 -25.44
N ILE C 232 -23.25 3.88 -26.07
CA ILE C 232 -24.54 3.43 -26.60
C ILE C 232 -24.34 2.38 -27.69
N LYS C 233 -23.31 2.55 -28.51
CA LYS C 233 -23.07 1.58 -29.58
C LYS C 233 -22.73 0.20 -29.06
N PHE C 234 -22.32 0.07 -27.80
CA PHE C 234 -21.91 -1.21 -27.25
C PHE C 234 -22.83 -1.66 -26.11
N ALA C 235 -23.95 -0.98 -25.91
CA ALA C 235 -24.92 -1.39 -24.90
C ALA C 235 -25.71 -2.61 -25.38
N ARG C 236 -25.98 -3.52 -24.46
CA ARG C 236 -26.70 -4.76 -24.78
C ARG C 236 -27.25 -5.35 -23.50
N VAL C 237 -28.51 -5.77 -23.53
CA VAL C 237 -29.15 -6.34 -22.35
C VAL C 237 -28.72 -7.80 -22.22
N CYS C 238 -28.29 -8.18 -21.01
CA CYS C 238 -27.84 -9.54 -20.73
C CYS C 238 -28.45 -10.03 -19.42
N GLU C 239 -28.70 -11.34 -19.36
CA GLU C 239 -29.23 -11.95 -18.14
C GLU C 239 -28.10 -12.25 -17.18
N VAL C 240 -28.28 -11.87 -15.91
CA VAL C 240 -27.26 -12.10 -14.90
C VAL C 240 -27.95 -12.27 -13.56
N ASP C 241 -27.69 -13.40 -12.89
CA ASP C 241 -28.39 -13.77 -11.67
C ASP C 241 -29.90 -13.82 -11.90
N ASN C 242 -30.29 -14.45 -12.99
CA ASN C 242 -31.69 -14.68 -13.36
C ASN C 242 -32.45 -13.38 -13.60
N LYS C 243 -31.76 -12.24 -13.63
CA LYS C 243 -32.40 -10.96 -13.94
C LYS C 243 -31.72 -10.33 -15.14
N LYS C 244 -32.50 -9.56 -15.89
CA LYS C 244 -31.98 -8.84 -17.03
C LYS C 244 -31.37 -7.50 -16.60
N HIS C 245 -30.22 -7.18 -17.18
CA HIS C 245 -29.50 -5.94 -16.89
C HIS C 245 -28.93 -5.39 -18.19
N ILE C 246 -28.57 -4.10 -18.14
CA ILE C 246 -27.87 -3.45 -19.25
C ILE C 246 -26.37 -3.64 -19.06
N CYS C 247 -25.72 -4.17 -20.08
CA CYS C 247 -24.30 -4.47 -20.01
C CYS C 247 -23.59 -3.79 -21.17
N THR C 248 -22.26 -3.78 -21.10
CA THR C 248 -21.43 -3.23 -22.17
C THR C 248 -20.21 -4.12 -22.35
N ARG C 249 -19.48 -3.86 -23.44
CA ARG C 249 -18.33 -4.68 -23.80
C ARG C 249 -17.22 -4.56 -22.77
N GLU C 250 -16.37 -5.59 -22.73
CA GLU C 250 -15.25 -5.59 -21.79
C GLU C 250 -14.20 -4.57 -22.17
N LYS C 251 -14.03 -4.34 -23.47
CA LYS C 251 -13.05 -3.35 -23.92
C LYS C 251 -13.42 -1.94 -23.49
N GLU C 252 -14.63 -1.72 -22.99
CA GLU C 252 -15.10 -0.42 -22.59
C GLU C 252 -14.98 -0.18 -21.10
N VAL C 253 -14.51 -1.16 -20.33
CA VAL C 253 -14.52 -1.02 -18.87
C VAL C 253 -13.65 0.14 -18.42
N GLY C 254 -12.58 0.46 -19.17
CA GLY C 254 -11.72 1.55 -18.77
C GLY C 254 -12.41 2.91 -18.88
N ASN C 255 -13.24 3.08 -19.91
CA ASN C 255 -13.91 4.35 -20.11
C ASN C 255 -14.98 4.60 -19.06
N LEU C 256 -15.56 3.53 -18.51
CA LEU C 256 -16.56 3.71 -17.47
C LEU C 256 -15.92 4.17 -16.17
N TYR C 257 -14.73 3.65 -15.85
CA TYR C 257 -13.98 4.20 -14.74
C TYR C 257 -13.71 5.68 -14.95
N ASP C 258 -13.39 6.07 -16.18
CA ASP C 258 -13.18 7.47 -16.50
C ASP C 258 -14.47 8.27 -16.50
N MET C 259 -15.63 7.61 -16.63
CA MET C 259 -16.87 8.35 -16.53
C MET C 259 -17.06 8.92 -15.13
N PHE C 260 -16.83 8.08 -14.11
CA PHE C 260 -16.93 8.57 -12.74
C PHE C 260 -15.75 9.46 -12.37
N HIS C 261 -14.61 9.29 -13.04
CA HIS C 261 -13.51 10.24 -12.85
C HIS C 261 -13.87 11.60 -13.43
N THR C 262 -14.54 11.61 -14.59
CA THR C 262 -15.09 12.85 -15.13
C THR C 262 -16.02 13.52 -14.13
N ARG C 263 -16.98 12.77 -13.62
CA ARG C 263 -17.97 13.32 -12.70
C ARG C 263 -17.31 13.82 -11.42
N ASN C 264 -16.28 13.10 -10.96
CA ASN C 264 -15.59 13.54 -9.75
C ASN C 264 -14.72 14.75 -10.05
N CYS C 265 -14.13 14.80 -11.24
CA CYS C 265 -13.36 15.96 -11.66
C CYS C 265 -14.25 17.18 -11.86
N LEU C 266 -15.47 16.97 -12.34
CA LEU C 266 -16.43 18.06 -12.48
C LEU C 266 -16.84 18.64 -11.14
N HIS C 267 -16.91 17.81 -10.10
CA HIS C 267 -17.31 18.31 -8.79
C HIS C 267 -16.23 19.19 -8.16
N ARG C 268 -14.96 18.78 -8.25
CA ARG C 268 -13.93 19.58 -7.59
C ARG C 268 -13.62 20.86 -8.36
N ARG C 269 -13.87 20.90 -9.67
CA ARG C 269 -13.60 22.09 -10.46
C ARG C 269 -14.73 23.11 -10.35
N ALA C 270 -15.99 22.65 -10.37
CA ALA C 270 -17.09 23.59 -10.52
C ALA C 270 -18.17 23.41 -9.46
N TYR C 271 -18.70 22.19 -9.32
CA TYR C 271 -19.85 21.99 -8.45
C TYR C 271 -19.51 22.32 -7.00
N GLN C 272 -18.34 21.88 -6.53
CA GLN C 272 -17.91 22.15 -5.17
C GLN C 272 -16.82 23.22 -5.11
N HIS C 273 -16.88 24.20 -6.02
CA HIS C 273 -15.96 25.33 -5.96
C HIS C 273 -16.20 26.09 -4.67
N LYS C 274 -15.12 26.32 -3.92
CA LYS C 274 -15.28 26.88 -2.58
C LYS C 274 -15.95 28.24 -2.60
N VAL C 275 -15.69 29.05 -3.62
CA VAL C 275 -16.39 30.34 -3.73
C VAL C 275 -17.82 30.13 -4.20
N GLY C 276 -18.03 29.23 -5.15
CA GLY C 276 -19.38 28.92 -5.57
C GLY C 276 -20.22 28.32 -4.46
N ASN C 277 -19.59 27.59 -3.55
CA ASN C 277 -20.32 27.02 -2.43
C ASN C 277 -20.61 28.06 -1.36
N ILE C 278 -19.65 28.93 -1.04
CA ILE C 278 -19.91 29.94 -0.03
C ILE C 278 -21.03 30.87 -0.50
N ILE C 279 -21.15 31.09 -1.82
CA ILE C 279 -22.27 31.86 -2.35
C ILE C 279 -23.57 31.09 -2.18
N ASP C 280 -23.51 29.76 -2.32
CA ASP C 280 -24.69 28.94 -2.08
C ASP C 280 -25.15 29.03 -0.62
N THR C 281 -24.21 29.03 0.33
CA THR C 281 -24.60 29.14 1.73
C THR C 281 -25.18 30.51 2.04
N MET C 282 -24.66 31.56 1.38
CA MET C 282 -25.21 32.89 1.61
C MET C 282 -26.63 33.01 1.07
N ILE C 283 -26.96 32.27 0.01
CA ILE C 283 -28.31 32.36 -0.51
C ILE C 283 -29.29 31.61 0.38
N THR C 284 -28.88 30.45 0.91
CA THR C 284 -29.75 29.75 1.85
C THR C 284 -29.98 30.58 3.10
N ASP C 285 -28.91 31.16 3.64
CA ASP C 285 -29.05 31.99 4.84
C ASP C 285 -29.94 33.19 4.58
N ALA C 286 -29.88 33.74 3.37
CA ALA C 286 -30.84 34.79 3.00
C ALA C 286 -32.24 34.21 2.83
N PHE C 287 -32.33 33.00 2.28
CA PHE C 287 -33.64 32.36 2.15
C PHE C 287 -34.24 32.06 3.51
N LEU C 288 -33.43 31.54 4.44
CA LEU C 288 -33.93 31.23 5.78
C LEU C 288 -34.43 32.48 6.49
N LYS C 289 -33.72 33.60 6.34
CA LYS C 289 -34.16 34.83 6.98
C LYS C 289 -35.35 35.46 6.28
N ALA C 290 -35.56 35.13 5.01
CA ALA C 290 -36.75 35.60 4.30
C ALA C 290 -37.89 34.60 4.37
N ASP C 291 -37.63 33.39 4.87
CA ASP C 291 -38.63 32.33 4.83
C ASP C 291 -39.92 32.69 5.56
N PRO C 292 -39.91 33.17 6.83
CA PRO C 292 -41.19 33.37 7.52
C PRO C 292 -41.94 34.61 7.11
N TYR C 293 -41.52 35.30 6.05
CA TYR C 293 -42.17 36.53 5.64
C TYR C 293 -42.62 36.57 4.18
N ILE C 294 -42.18 35.63 3.34
CA ILE C 294 -42.55 35.62 1.94
C ILE C 294 -43.66 34.61 1.73
N GLU C 295 -44.68 34.99 0.96
CA GLU C 295 -45.90 34.21 0.80
C GLU C 295 -46.06 33.81 -0.66
N ILE C 296 -45.95 32.52 -0.95
CA ILE C 296 -46.28 31.97 -2.26
C ILE C 296 -47.72 31.48 -2.22
N THR C 297 -48.57 32.03 -3.10
CA THR C 297 -49.95 31.61 -3.18
C THR C 297 -50.05 30.21 -3.77
N GLY C 298 -50.65 29.30 -3.03
CA GLY C 298 -50.75 27.91 -3.42
C GLY C 298 -52.12 27.52 -3.92
N SER C 299 -52.42 26.23 -3.81
CA SER C 299 -53.68 25.70 -4.28
C SER C 299 -54.82 26.13 -3.36
N GLU C 300 -55.97 26.42 -3.96
CA GLU C 300 -57.17 26.85 -3.24
C GLU C 300 -56.91 28.09 -2.38
N GLY C 301 -56.04 28.99 -2.85
CA GLY C 301 -55.81 30.26 -2.21
C GLY C 301 -54.87 30.24 -1.03
N LYS C 302 -54.50 29.07 -0.52
CA LYS C 302 -53.68 29.00 0.68
C LYS C 302 -52.29 29.60 0.44
N LYS C 303 -51.71 30.13 1.51
CA LYS C 303 -50.40 30.77 1.47
C LYS C 303 -49.34 29.82 2.00
N TYR C 304 -48.14 29.92 1.44
CA TYR C 304 -47.03 29.05 1.82
C TYR C 304 -45.76 29.88 1.97
N ARG C 305 -44.83 29.35 2.75
CA ARG C 305 -43.50 29.91 2.86
C ARG C 305 -42.60 29.27 1.79
N ILE C 306 -41.31 29.59 1.82
CA ILE C 306 -40.40 28.93 0.90
C ILE C 306 -40.18 27.49 1.33
N SER C 307 -40.16 27.23 2.64
CA SER C 307 -39.89 25.90 3.16
C SER C 307 -41.13 25.00 3.17
N THR C 308 -42.31 25.55 2.93
CA THR C 308 -43.53 24.75 2.91
C THR C 308 -44.12 24.58 1.52
N ALA C 309 -43.61 25.30 0.52
CA ALA C 309 -44.15 25.20 -0.83
C ALA C 309 -44.01 23.80 -1.40
N ILE C 310 -43.06 23.01 -0.89
CA ILE C 310 -42.90 21.63 -1.34
C ILE C 310 -44.08 20.75 -0.94
N ASP C 311 -44.97 21.25 -0.09
CA ASP C 311 -46.14 20.49 0.34
C ASP C 311 -47.33 20.66 -0.60
N ASP C 312 -47.35 21.70 -1.43
CA ASP C 312 -48.43 21.95 -2.37
C ASP C 312 -47.81 22.20 -3.74
N MET C 313 -48.13 21.33 -4.71
CA MET C 313 -47.49 21.45 -6.02
C MET C 313 -47.91 22.71 -6.75
N GLU C 314 -49.12 23.22 -6.47
CA GLU C 314 -49.55 24.45 -7.11
C GLU C 314 -48.72 25.65 -6.63
N ALA C 315 -48.21 25.59 -5.41
CA ALA C 315 -47.31 26.63 -4.93
C ALA C 315 -45.88 26.37 -5.36
N PHE C 316 -45.45 25.11 -5.32
CA PHE C 316 -44.10 24.76 -5.76
C PHE C 316 -43.88 25.09 -7.23
N THR C 317 -44.96 25.18 -8.02
CA THR C 317 -44.85 25.59 -9.41
C THR C 317 -44.26 26.99 -9.53
N LYS C 318 -44.66 27.88 -8.63
CA LYS C 318 -44.23 29.27 -8.64
C LYS C 318 -43.04 29.51 -7.72
N LEU C 319 -42.30 28.46 -7.37
CA LEU C 319 -41.11 28.56 -6.53
C LEU C 319 -39.90 28.35 -7.44
N THR C 320 -39.40 29.44 -8.01
CA THR C 320 -38.26 29.41 -8.93
C THR C 320 -37.14 30.30 -8.41
N ASP C 321 -36.19 30.62 -9.27
CA ASP C 321 -35.14 31.56 -8.91
C ASP C 321 -35.65 32.98 -8.72
N ASN C 322 -36.88 33.27 -9.14
CA ASN C 322 -37.49 34.57 -8.91
C ASN C 322 -37.52 34.96 -7.43
N ILE C 323 -37.49 33.98 -6.52
CA ILE C 323 -37.43 34.28 -5.09
C ILE C 323 -36.22 35.16 -4.78
N PHE C 324 -35.10 34.90 -5.45
CA PHE C 324 -33.88 35.69 -5.25
C PHE C 324 -34.15 37.18 -5.53
N LEU C 325 -34.61 37.49 -6.74
CA LEU C 325 -34.85 38.88 -7.09
C LEU C 325 -36.02 39.47 -6.32
N GLU C 326 -36.98 38.63 -5.93
CA GLU C 326 -38.08 39.11 -5.09
C GLU C 326 -37.55 39.62 -3.76
N ILE C 327 -36.61 38.88 -3.16
CA ILE C 327 -35.96 39.33 -1.93
C ILE C 327 -35.09 40.55 -2.21
N LEU C 328 -34.39 40.56 -3.35
CA LEU C 328 -33.44 41.63 -3.63
C LEU C 328 -34.16 42.94 -3.94
N TYR C 329 -35.12 42.90 -4.87
CA TYR C 329 -35.86 44.09 -5.24
C TYR C 329 -36.95 44.44 -4.24
N SER C 330 -36.90 43.90 -3.03
CA SER C 330 -37.97 44.10 -2.07
C SER C 330 -37.81 45.42 -1.34
N THR C 331 -38.94 45.95 -0.87
CA THR C 331 -38.98 47.12 -0.02
C THR C 331 -39.48 46.80 1.38
N ASP C 332 -39.87 45.55 1.62
CA ASP C 332 -40.46 45.16 2.89
C ASP C 332 -39.43 45.24 4.00
N PRO C 333 -39.68 46.03 5.05
CA PRO C 333 -38.70 46.09 6.16
C PRO C 333 -38.38 44.74 6.77
N LYS C 334 -39.36 43.85 6.89
CA LYS C 334 -39.06 42.53 7.44
C LYS C 334 -38.22 41.67 6.50
N LEU C 335 -37.94 42.15 5.28
CA LEU C 335 -37.05 41.48 4.34
C LEU C 335 -35.68 42.15 4.26
N ASP C 336 -35.39 43.11 5.13
CA ASP C 336 -34.13 43.84 5.02
C ASP C 336 -32.94 42.98 5.39
N ALA C 337 -33.12 42.05 6.34
CA ALA C 337 -32.00 41.20 6.76
C ALA C 337 -31.59 40.23 5.66
N ALA C 338 -32.57 39.63 4.99
CA ALA C 338 -32.27 38.77 3.85
C ALA C 338 -31.74 39.58 2.68
N ARG C 339 -32.28 40.79 2.47
CA ARG C 339 -31.77 41.67 1.43
C ARG C 339 -30.32 42.06 1.69
N ALA C 340 -29.91 42.12 2.95
CA ALA C 340 -28.55 42.51 3.26
C ALA C 340 -27.56 41.46 2.75
N ILE C 341 -27.88 40.19 2.90
CA ILE C 341 -26.98 39.13 2.45
C ILE C 341 -26.89 39.12 0.93
N LEU C 342 -28.01 39.36 0.24
CA LEU C 342 -27.97 39.41 -1.21
C LEU C 342 -27.18 40.62 -1.68
N LYS C 343 -27.33 41.76 -1.01
CA LYS C 343 -26.50 42.91 -1.35
C LYS C 343 -25.02 42.61 -1.12
N LYS C 344 -24.70 41.86 -0.08
CA LYS C 344 -23.33 41.41 0.12
C LYS C 344 -22.82 40.62 -1.08
N ILE C 345 -23.71 39.90 -1.75
CA ILE C 345 -23.31 39.09 -2.88
C ILE C 345 -23.11 39.95 -4.13
N GLU C 346 -24.02 40.90 -4.37
CA GLU C 346 -23.90 41.72 -5.56
C GLU C 346 -22.71 42.69 -5.50
N CYS C 347 -22.17 42.94 -4.30
CA CYS C 347 -20.99 43.78 -4.13
C CYS C 347 -19.71 42.97 -4.04
N ARG C 348 -19.80 41.65 -4.07
CA ARG C 348 -18.64 40.75 -3.94
C ARG C 348 -17.93 40.93 -2.60
N ASN C 349 -18.69 41.20 -1.54
CA ASN C 349 -18.18 41.15 -0.17
C ASN C 349 -18.65 39.83 0.44
N LEU C 350 -17.87 38.78 0.19
CA LEU C 350 -18.23 37.42 0.54
C LEU C 350 -17.38 36.94 1.70
N TYR C 351 -17.93 35.95 2.41
CA TYR C 351 -17.19 35.31 3.49
C TYR C 351 -15.89 34.73 2.96
N LYS C 352 -14.78 35.07 3.60
CA LYS C 352 -13.47 34.74 3.07
C LYS C 352 -13.11 33.30 3.39
N PHE C 353 -12.71 32.56 2.34
CA PHE C 353 -12.23 31.20 2.50
C PHE C 353 -10.87 31.19 3.16
N VAL C 354 -10.74 30.43 4.25
CA VAL C 354 -9.53 30.43 5.04
C VAL C 354 -8.70 29.15 4.90
N GLY C 355 -9.32 28.03 4.53
CA GLY C 355 -8.55 26.81 4.38
C GLY C 355 -9.44 25.63 4.10
N GLU C 356 -8.79 24.54 3.69
CA GLU C 356 -9.46 23.30 3.31
C GLU C 356 -8.62 22.12 3.78
N THR C 357 -9.27 21.15 4.43
CA THR C 357 -8.58 19.99 4.99
C THR C 357 -9.40 18.74 4.75
N GLN C 358 -8.90 17.61 5.28
CA GLN C 358 -9.54 16.32 5.10
C GLN C 358 -9.47 15.46 6.35
N PRO C 359 -10.57 14.80 6.71
CA PRO C 359 -10.52 13.84 7.82
C PRO C 359 -10.11 12.46 7.34
N GLY C 360 -10.36 11.44 8.15
CA GLY C 360 -10.12 10.08 7.74
C GLY C 360 -11.41 9.32 7.54
N ARG C 361 -11.34 8.18 6.85
CA ARG C 361 -12.55 7.38 6.65
C ARG C 361 -13.21 7.03 7.98
N GLN C 362 -12.40 6.76 9.01
CA GLN C 362 -12.96 6.39 10.30
C GLN C 362 -13.18 7.59 11.22
N ASP C 363 -12.57 8.73 10.92
CA ASP C 363 -12.80 9.96 11.67
C ASP C 363 -13.76 10.90 10.96
N LYS C 364 -14.52 10.41 9.98
CA LYS C 364 -15.42 11.25 9.20
C LYS C 364 -16.50 11.84 10.10
N ILE C 365 -16.79 13.12 9.88
CA ILE C 365 -17.79 13.84 10.65
C ILE C 365 -19.18 13.40 10.20
N LYS C 366 -20.08 13.24 11.15
CA LYS C 366 -21.46 12.87 10.87
C LYS C 366 -22.34 14.12 10.86
N ARG C 367 -23.37 14.09 10.01
CA ARG C 367 -24.28 15.23 9.87
C ARG C 367 -24.83 15.70 11.22
N GLU C 368 -25.07 14.77 12.14
CA GLU C 368 -25.56 15.12 13.47
C GLU C 368 -24.59 16.00 14.24
N ASN C 369 -23.33 16.06 13.82
CA ASN C 369 -22.32 16.86 14.48
C ASN C 369 -21.96 18.13 13.74
N TYR C 370 -22.54 18.36 12.55
CA TYR C 370 -22.18 19.53 11.75
C TYR C 370 -22.42 20.84 12.50
N GLU C 371 -23.44 20.87 13.35
CA GLU C 371 -23.78 22.13 13.99
C GLU C 371 -22.80 22.54 15.08
N SER C 372 -21.65 21.89 15.30
CA SER C 372 -20.77 22.20 16.42
C SER C 372 -19.39 22.68 16.02
N LEU C 373 -18.99 22.51 14.75
CA LEU C 373 -17.61 22.73 14.33
C LEU C 373 -17.15 24.19 14.37
N PRO C 374 -17.98 25.20 14.09
CA PRO C 374 -17.50 26.57 14.29
C PRO C 374 -17.04 26.82 15.71
N LYS C 375 -17.68 26.21 16.72
CA LYS C 375 -17.16 26.29 18.08
C LYS C 375 -15.85 25.52 18.22
N GLY C 376 -15.70 24.42 17.50
CA GLY C 376 -14.49 23.63 17.61
C GLY C 376 -13.27 24.31 17.02
N VAL C 377 -13.47 25.09 15.96
CA VAL C 377 -12.34 25.78 15.32
C VAL C 377 -12.02 27.06 16.06
N ALA C 378 -13.06 27.75 16.55
CA ALA C 378 -12.84 29.00 17.30
C ALA C 378 -12.01 28.75 18.56
N SER C 379 -12.06 27.53 19.09
CA SER C 379 -11.28 27.13 20.25
C SER C 379 -10.23 26.14 19.78
N ALA C 380 -9.20 26.66 19.13
CA ALA C 380 -8.12 25.82 18.59
C ALA C 380 -6.89 26.66 18.33
N PHE C 396 -17.41 32.30 11.82
CA PHE C 396 -16.90 31.04 11.26
C PHE C 396 -17.96 30.30 10.47
N ILE C 397 -17.53 29.68 9.37
CA ILE C 397 -18.41 28.88 8.51
C ILE C 397 -17.65 27.63 8.10
N VAL C 398 -18.17 26.47 8.43
CA VAL C 398 -17.56 25.19 8.08
C VAL C 398 -18.55 24.41 7.23
N ASP C 399 -18.09 23.92 6.07
CA ASP C 399 -18.93 23.15 5.17
C ASP C 399 -18.27 21.81 4.88
N VAL C 400 -19.06 20.74 4.91
CA VAL C 400 -18.58 19.39 4.72
C VAL C 400 -19.14 18.86 3.41
N ILE C 401 -18.27 18.41 2.53
CA ILE C 401 -18.66 17.85 1.24
C ILE C 401 -18.14 16.42 1.16
N ASN C 402 -18.99 15.51 0.70
CA ASN C 402 -18.66 14.11 0.59
C ASN C 402 -18.44 13.79 -0.88
N MET C 403 -17.21 13.43 -1.22
CA MET C 403 -16.84 13.11 -2.60
C MET C 403 -16.86 11.59 -2.76
N ASP C 404 -17.92 11.08 -3.39
CA ASP C 404 -18.01 9.65 -3.66
C ASP C 404 -18.36 9.43 -5.13
N TYR C 405 -18.18 8.18 -5.57
CA TYR C 405 -18.50 7.75 -6.91
C TYR C 405 -19.99 7.51 -7.15
N GLY C 406 -20.85 7.83 -6.18
CA GLY C 406 -22.28 7.65 -6.36
C GLY C 406 -22.87 6.60 -5.45
N MET C 407 -22.13 5.52 -5.23
CA MET C 407 -22.61 4.39 -4.44
C MET C 407 -21.96 4.38 -3.06
N GLU C 408 -22.12 5.49 -2.35
CA GLU C 408 -21.44 5.70 -1.08
C GLU C 408 -19.97 5.36 -1.25
N ASP C 409 -19.46 4.43 -0.43
CA ASP C 409 -18.05 4.09 -0.46
C ASP C 409 -17.77 2.86 -1.32
N LYS C 410 -18.76 2.35 -2.05
CA LYS C 410 -18.58 1.17 -2.87
C LYS C 410 -18.24 1.55 -4.30
N ASN C 411 -17.67 0.59 -5.03
CA ASN C 411 -17.28 0.80 -6.42
C ASN C 411 -18.46 0.49 -7.33
N PRO C 412 -18.95 1.45 -8.12
CA PRO C 412 -20.10 1.16 -8.99
C PRO C 412 -19.78 0.21 -10.12
N ILE C 413 -18.51 0.10 -10.53
CA ILE C 413 -18.19 -0.78 -11.65
C ILE C 413 -18.44 -2.22 -11.28
N ASP C 414 -18.24 -2.58 -10.01
CA ASP C 414 -18.48 -3.94 -9.58
C ASP C 414 -19.95 -4.34 -9.70
N ASN C 415 -20.85 -3.38 -9.88
CA ASN C 415 -22.25 -3.65 -10.22
C ASN C 415 -22.51 -3.57 -11.71
N VAL C 416 -21.48 -3.70 -12.54
CA VAL C 416 -21.61 -3.69 -13.99
C VAL C 416 -21.14 -5.04 -14.49
N ARG C 417 -21.86 -5.59 -15.46
CA ARG C 417 -21.48 -6.83 -16.10
C ARG C 417 -21.03 -6.54 -17.53
N PHE C 418 -20.23 -7.45 -18.07
CA PHE C 418 -19.57 -7.26 -19.35
C PHE C 418 -19.63 -8.54 -20.17
N TYR C 419 -19.73 -8.39 -21.48
CA TYR C 419 -19.83 -9.50 -22.41
C TYR C 419 -18.74 -9.43 -23.47
N CYS C 420 -18.44 -10.57 -24.06
CA CYS C 420 -17.41 -10.66 -25.10
C CYS C 420 -18.03 -10.79 -26.48
N LYS C 421 -17.19 -10.59 -27.50
CA LYS C 421 -17.66 -10.71 -28.88
C LYS C 421 -17.91 -12.15 -29.28
N SER C 422 -17.34 -13.12 -28.55
CA SER C 422 -17.54 -14.53 -28.89
C SER C 422 -18.83 -15.08 -28.29
N ASP C 423 -19.28 -14.53 -27.17
CA ASP C 423 -20.50 -14.97 -26.50
C ASP C 423 -21.22 -13.76 -25.92
N PRO C 424 -22.06 -13.09 -26.72
CA PRO C 424 -22.70 -11.86 -26.25
C PRO C 424 -23.71 -12.03 -25.12
N ASN C 425 -24.13 -13.26 -24.81
CA ASN C 425 -25.12 -13.48 -23.77
C ASN C 425 -24.53 -13.82 -22.41
N LYS C 426 -23.20 -13.97 -22.31
CA LYS C 426 -22.53 -14.33 -21.07
C LYS C 426 -21.95 -13.06 -20.44
N ALA C 427 -22.58 -12.60 -19.37
CA ALA C 427 -22.14 -11.39 -18.69
C ALA C 427 -21.21 -11.77 -17.55
N ILE C 428 -19.97 -11.31 -17.62
CA ILE C 428 -18.96 -11.66 -16.64
C ILE C 428 -18.66 -10.44 -15.78
N ILE C 429 -17.97 -10.67 -14.67
CA ILE C 429 -17.53 -9.61 -13.77
C ILE C 429 -16.08 -9.28 -14.10
N ILE C 430 -15.75 -7.99 -14.04
CA ILE C 430 -14.38 -7.53 -14.24
C ILE C 430 -13.98 -6.77 -12.99
N THR C 431 -13.04 -7.32 -12.24
CA THR C 431 -12.63 -6.64 -11.03
C THR C 431 -11.89 -5.35 -11.34
N LYS C 432 -11.70 -4.55 -10.29
CA LYS C 432 -10.85 -3.37 -10.38
C LYS C 432 -9.38 -3.75 -10.55
N ASN C 433 -8.93 -4.82 -9.87
CA ASN C 433 -7.54 -5.21 -10.01
C ASN C 433 -7.25 -5.81 -11.38
N GLN C 434 -8.26 -6.33 -12.06
CA GLN C 434 -8.08 -6.82 -13.42
C GLN C 434 -7.93 -5.69 -14.45
N VAL C 435 -8.31 -4.47 -14.08
CA VAL C 435 -8.33 -3.36 -15.04
C VAL C 435 -6.99 -2.63 -15.04
N SER C 436 -6.60 -2.08 -13.89
CA SER C 436 -5.41 -1.27 -13.84
C SER C 436 -4.89 -1.18 -12.41
N GLN C 437 -3.57 -1.14 -12.29
CA GLN C 437 -2.94 -0.91 -11.01
C GLN C 437 -2.99 0.54 -10.58
N LEU C 438 -3.42 1.45 -11.46
CA LEU C 438 -3.43 2.89 -11.19
C LEU C 438 -4.79 3.39 -10.69
N LEU C 439 -5.80 2.52 -10.65
CA LEU C 439 -7.14 2.91 -10.25
C LEU C 439 -7.15 3.40 -8.80
N PRO C 440 -8.14 4.21 -8.42
CA PRO C 440 -8.14 4.80 -7.08
C PRO C 440 -8.17 3.75 -5.99
N GLU C 441 -7.35 3.97 -4.95
CA GLU C 441 -7.40 3.10 -3.78
C GLU C 441 -8.77 3.15 -3.13
N ARG C 442 -9.22 4.34 -2.76
CA ARG C 442 -10.55 4.56 -2.21
C ARG C 442 -11.48 5.12 -3.27
N PHE C 443 -12.78 4.95 -3.06
CA PHE C 443 -13.81 5.48 -3.94
C PHE C 443 -14.68 6.54 -3.26
N ALA C 444 -14.28 7.01 -2.08
CA ALA C 444 -15.06 8.03 -1.39
C ALA C 444 -14.14 8.76 -0.42
N GLU C 445 -14.44 10.03 -0.18
CA GLU C 445 -13.67 10.83 0.76
C GLU C 445 -14.50 12.06 1.14
N GLN C 446 -13.97 12.83 2.08
CA GLN C 446 -14.70 13.94 2.66
C GLN C 446 -13.77 15.13 2.78
N LEU C 447 -14.32 16.33 2.57
CA LEU C 447 -13.52 17.55 2.62
C LEU C 447 -14.20 18.56 3.53
N ILE C 448 -13.38 19.36 4.22
CA ILE C 448 -13.83 20.34 5.19
C ILE C 448 -13.31 21.70 4.75
N ARG C 449 -14.23 22.57 4.33
CA ARG C 449 -13.88 23.95 3.99
C ARG C 449 -14.33 24.86 5.12
N VAL C 450 -13.47 25.83 5.45
CA VAL C 450 -13.73 26.77 6.52
C VAL C 450 -13.65 28.18 5.94
N TYR C 451 -14.59 29.03 6.35
CA TYR C 451 -14.68 30.41 5.89
C TYR C 451 -14.83 31.31 7.11
N CYS C 452 -14.58 32.60 6.91
CA CYS C 452 -14.74 33.60 7.98
C CYS C 452 -15.63 34.73 7.50
N LYS C 453 -16.58 35.13 8.34
CA LYS C 453 -17.51 36.20 7.99
C LYS C 453 -16.91 37.58 8.17
N LYS C 454 -15.78 37.69 8.87
CA LYS C 454 -15.11 38.96 9.06
C LYS C 454 -13.97 39.07 8.05
N THR C 455 -13.99 40.13 7.25
CA THR C 455 -13.02 40.34 6.18
C THR C 455 -11.82 41.19 6.61
N ASP C 456 -11.63 41.38 7.92
CA ASP C 456 -10.48 42.12 8.41
C ASP C 456 -9.19 41.38 8.07
N GLU C 457 -8.14 42.15 7.78
CA GLU C 457 -6.82 41.55 7.56
C GLU C 457 -6.33 40.86 8.83
N LYS C 458 -6.62 41.45 10.00
CA LYS C 458 -6.26 40.82 11.26
C LYS C 458 -7.09 39.56 11.50
N SER C 459 -8.39 39.62 11.18
CA SER C 459 -9.25 38.44 11.33
C SER C 459 -8.79 37.31 10.42
N LEU C 460 -8.64 37.61 9.13
CA LEU C 460 -8.26 36.58 8.16
C LEU C 460 -6.93 35.94 8.54
N PHE C 461 -6.01 36.72 9.10
CA PHE C 461 -4.79 36.13 9.63
C PHE C 461 -5.10 35.26 10.84
N ALA C 462 -5.82 35.80 11.82
CA ALA C 462 -6.14 35.03 13.01
C ALA C 462 -7.04 33.85 12.67
N ALA C 463 -8.03 34.06 11.80
CA ALA C 463 -8.88 32.95 11.39
C ALA C 463 -8.07 31.85 10.71
N ARG C 464 -7.00 32.22 10.01
CA ARG C 464 -6.15 31.21 9.42
C ARG C 464 -5.32 30.49 10.49
N GLN C 465 -4.96 31.20 11.56
CA GLN C 465 -4.18 30.58 12.64
C GLN C 465 -5.00 29.50 13.35
N HIS C 466 -6.29 29.76 13.58
CA HIS C 466 -7.12 28.77 14.26
C HIS C 466 -7.26 27.50 13.43
N PHE C 467 -7.40 27.65 12.10
CA PHE C 467 -7.65 26.49 11.25
C PHE C 467 -6.46 25.54 11.24
N VAL C 468 -5.23 26.07 11.22
CA VAL C 468 -4.05 25.21 11.14
C VAL C 468 -3.89 24.41 12.43
N GLN C 469 -4.03 25.07 13.59
CA GLN C 469 -3.96 24.35 14.87
C GLN C 469 -5.11 23.37 15.00
N TRP C 470 -6.31 23.77 14.56
CA TRP C 470 -7.45 22.85 14.51
C TRP C 470 -7.12 21.59 13.71
N CYS C 471 -6.36 21.74 12.63
CA CYS C 471 -6.01 20.58 11.81
C CYS C 471 -4.99 19.69 12.52
N LEU C 472 -4.02 20.29 13.21
CA LEU C 472 -3.06 19.49 13.96
C LEU C 472 -3.73 18.80 15.14
N ASP C 473 -4.55 19.54 15.90
CA ASP C 473 -5.24 18.98 17.06
C ASP C 473 -6.08 17.77 16.66
N ASN C 474 -7.00 17.96 15.72
CA ASN C 474 -7.89 16.88 15.29
C ASN C 474 -7.21 15.85 14.40
N ASP C 475 -5.90 15.98 14.17
CA ASP C 475 -5.14 15.03 13.36
C ASP C 475 -5.63 14.98 11.92
N PHE C 476 -6.15 16.09 11.41
CA PHE C 476 -6.51 16.18 10.01
C PHE C 476 -5.27 16.39 9.15
N THR C 477 -5.42 16.20 7.84
CA THR C 477 -4.29 16.34 6.94
C THR C 477 -3.94 17.81 6.77
N LYS C 478 -2.68 18.06 6.41
CA LYS C 478 -2.15 19.42 6.48
C LYS C 478 -2.67 20.26 5.31
N PRO C 479 -3.06 21.51 5.55
CA PRO C 479 -3.51 22.37 4.46
C PRO C 479 -2.40 22.66 3.47
N GLN C 480 -2.78 22.85 2.22
CA GLN C 480 -1.79 23.12 1.18
C GLN C 480 -1.12 24.47 1.38
N ASP C 481 -1.80 25.42 2.02
CA ASP C 481 -1.24 26.73 2.31
C ASP C 481 -0.74 26.83 3.75
N GLY C 482 -0.68 25.72 4.48
CA GLY C 482 -0.44 25.80 5.92
C GLY C 482 0.89 26.44 6.26
N ASP C 483 1.95 26.07 5.54
CA ASP C 483 3.28 26.56 5.88
C ASP C 483 3.39 28.08 5.73
N VAL C 484 2.71 28.64 4.72
CA VAL C 484 2.96 30.04 4.39
C VAL C 484 2.12 30.99 5.26
N VAL C 485 0.88 30.61 5.57
CA VAL C 485 0.05 31.52 6.35
C VAL C 485 0.29 31.37 7.84
N ALA C 486 0.77 30.21 8.29
CA ALA C 486 1.00 29.96 9.71
C ALA C 486 2.11 28.94 9.90
N PRO C 487 3.36 29.40 10.06
CA PRO C 487 4.47 28.52 10.43
C PRO C 487 4.58 28.29 11.95
N THR D 11 14.47 -56.27 20.21
CA THR D 11 14.04 -55.43 21.32
C THR D 11 14.31 -53.95 21.02
N VAL D 12 13.72 -53.08 21.84
CA VAL D 12 13.74 -51.65 21.62
C VAL D 12 14.90 -51.03 22.40
N LYS D 13 15.65 -50.15 21.75
CA LYS D 13 16.71 -49.39 22.40
C LYS D 13 16.28 -47.95 22.56
N VAL D 14 16.84 -47.28 23.58
CA VAL D 14 16.61 -45.86 23.77
C VAL D 14 17.94 -45.14 23.62
N ILE D 15 17.86 -43.94 23.05
CA ILE D 15 19.02 -43.11 22.78
C ILE D 15 18.82 -41.78 23.48
N ASN D 16 19.80 -41.36 24.27
CA ASN D 16 19.77 -40.03 24.88
C ASN D 16 20.43 -39.03 23.92
N ASP D 17 19.61 -38.11 23.42
CA ASP D 17 19.97 -37.03 22.52
C ASP D 17 19.83 -35.71 23.25
N PRO D 18 20.78 -34.78 23.12
CA PRO D 18 20.65 -33.51 23.84
C PRO D 18 19.51 -32.65 23.37
N ILE D 19 18.91 -32.94 22.22
CA ILE D 19 17.83 -32.11 21.67
C ILE D 19 16.47 -32.67 22.02
N HIS D 20 16.28 -33.98 21.86
CA HIS D 20 14.98 -34.62 22.02
C HIS D 20 14.91 -35.50 23.26
N GLY D 21 15.98 -35.58 24.04
CA GLY D 21 15.95 -36.43 25.21
C GLY D 21 16.08 -37.89 24.86
N HIS D 22 15.37 -38.74 25.58
CA HIS D 22 15.43 -40.18 25.35
C HIS D 22 14.43 -40.57 24.27
N ILE D 23 14.93 -41.09 23.16
CA ILE D 23 14.07 -41.48 22.05
C ILE D 23 14.15 -42.98 21.87
N GLU D 24 13.01 -43.60 21.61
CA GLU D 24 12.93 -45.04 21.43
C GLU D 24 12.95 -45.36 19.94
N LEU D 25 13.69 -46.40 19.58
CA LEU D 25 13.83 -46.81 18.19
C LEU D 25 13.42 -48.26 18.03
N HIS D 26 12.52 -48.49 17.08
CA HIS D 26 12.07 -49.84 16.76
C HIS D 26 13.27 -50.70 16.36
N PRO D 27 13.29 -51.98 16.76
CA PRO D 27 14.47 -52.82 16.49
C PRO D 27 14.88 -52.88 15.03
N LEU D 28 13.94 -52.70 14.11
CA LEU D 28 14.29 -52.62 12.69
C LEU D 28 15.16 -51.40 12.41
N LEU D 29 14.80 -50.25 12.99
CA LEU D 29 15.59 -49.03 12.75
C LEU D 29 16.98 -49.15 13.36
N ILE D 30 17.14 -49.93 14.42
CA ILE D 30 18.47 -50.14 14.99
C ILE D 30 19.35 -50.90 14.01
N ARG D 31 18.77 -51.86 13.30
CA ARG D 31 19.54 -52.64 12.33
C ARG D 31 20.02 -51.77 11.18
N ILE D 32 19.20 -50.81 10.75
CA ILE D 32 19.61 -49.91 9.67
C ILE D 32 20.69 -48.95 10.15
N ILE D 33 20.58 -48.49 11.40
CA ILE D 33 21.60 -47.61 11.96
C ILE D 33 22.95 -48.30 11.98
N ASP D 34 22.99 -49.56 12.43
CA ASP D 34 24.25 -50.29 12.61
C ASP D 34 24.84 -50.83 11.31
N THR D 35 24.65 -50.12 10.21
CA THR D 35 25.26 -50.50 8.96
C THR D 35 26.34 -49.50 8.57
N PRO D 36 27.41 -49.96 7.91
CA PRO D 36 28.47 -49.04 7.50
C PRO D 36 27.98 -47.81 6.74
N GLN D 37 26.84 -47.90 6.04
CA GLN D 37 26.40 -46.80 5.21
C GLN D 37 25.72 -45.72 6.01
N PHE D 38 25.14 -46.06 7.15
CA PHE D 38 24.60 -45.06 8.08
C PHE D 38 25.65 -44.57 9.05
N GLN D 39 26.49 -45.48 9.55
CA GLN D 39 27.51 -45.12 10.53
C GLN D 39 28.58 -44.20 9.95
N ARG D 40 28.72 -44.16 8.62
CA ARG D 40 29.71 -43.27 8.03
C ARG D 40 29.34 -41.81 8.20
N LEU D 41 28.08 -41.51 8.54
CA LEU D 41 27.65 -40.14 8.71
C LEU D 41 28.13 -39.50 10.00
N ARG D 42 28.81 -40.26 10.86
CA ARG D 42 29.54 -39.69 11.99
C ARG D 42 30.74 -38.87 11.55
N TYR D 43 31.06 -38.85 10.26
CA TYR D 43 32.25 -38.20 9.76
C TYR D 43 31.91 -37.22 8.66
N ILE D 44 30.70 -36.66 8.72
CA ILE D 44 30.26 -35.61 7.82
C ILE D 44 29.74 -34.49 8.71
N LYS D 45 30.51 -33.40 8.82
CA LYS D 45 30.06 -32.28 9.63
C LYS D 45 28.75 -31.73 9.09
N GLN D 46 27.77 -31.56 9.99
CA GLN D 46 26.47 -31.04 9.60
C GLN D 46 26.62 -29.70 8.88
N LEU D 47 27.41 -28.79 9.44
CA LEU D 47 27.52 -27.45 8.90
C LEU D 47 28.78 -27.22 8.09
N GLY D 48 29.58 -28.27 7.87
CA GLY D 48 30.75 -28.15 7.03
C GLY D 48 31.79 -27.19 7.56
N GLY D 49 31.91 -26.03 6.93
CA GLY D 49 32.88 -25.02 7.29
C GLY D 49 32.46 -24.07 8.38
N GLY D 50 31.26 -24.23 8.92
CA GLY D 50 30.83 -23.43 10.05
C GLY D 50 31.60 -23.74 11.32
N TYR D 51 32.07 -24.98 11.47
CA TYR D 51 32.82 -25.35 12.67
C TYR D 51 34.08 -24.50 12.84
N TYR D 52 34.64 -24.01 11.73
CA TYR D 52 35.82 -23.16 11.79
C TYR D 52 35.48 -21.70 12.07
N VAL D 53 34.19 -21.37 12.22
CA VAL D 53 33.77 -20.04 12.65
C VAL D 53 32.95 -20.10 13.92
N PHE D 54 32.04 -21.07 14.03
CA PHE D 54 31.30 -21.35 15.27
C PHE D 54 31.87 -22.63 15.86
N PRO D 55 32.77 -22.56 16.84
CA PRO D 55 33.41 -23.79 17.34
C PRO D 55 32.46 -24.76 18.02
N GLY D 56 31.23 -24.37 18.34
CA GLY D 56 30.30 -25.30 18.94
C GLY D 56 29.74 -26.31 17.97
N ALA D 57 29.65 -25.93 16.69
CA ALA D 57 29.02 -26.76 15.67
C ALA D 57 29.98 -27.87 15.21
N SER D 58 30.23 -28.80 16.12
CA SER D 58 31.00 -29.99 15.81
C SER D 58 30.12 -31.21 15.56
N HIS D 59 28.80 -31.04 15.57
CA HIS D 59 27.88 -32.15 15.38
C HIS D 59 27.89 -32.61 13.92
N ASN D 60 27.80 -33.91 13.72
CA ASN D 60 27.89 -34.51 12.41
C ASN D 60 26.49 -34.78 11.85
N ARG D 61 26.44 -35.49 10.72
CA ARG D 61 25.16 -35.84 10.11
C ARG D 61 24.46 -36.99 10.81
N PHE D 62 25.21 -37.84 11.52
CA PHE D 62 24.62 -39.01 12.18
C PHE D 62 23.50 -38.62 13.15
N GLU D 63 23.83 -37.79 14.14
CA GLU D 63 22.83 -37.41 15.14
C GLU D 63 21.70 -36.59 14.56
N HIS D 64 21.96 -35.84 13.48
CA HIS D 64 20.89 -35.11 12.82
C HIS D 64 19.84 -36.08 12.28
N SER D 65 20.29 -37.22 11.76
CA SER D 65 19.36 -38.17 11.16
C SER D 65 18.50 -38.83 12.22
N LEU D 66 19.08 -39.18 13.37
CA LEU D 66 18.30 -39.77 14.45
C LEU D 66 17.16 -38.87 14.89
N GLY D 67 17.32 -37.56 14.74
CA GLY D 67 16.27 -36.65 15.15
C GLY D 67 15.20 -36.45 14.09
N VAL D 68 15.59 -36.50 12.81
CA VAL D 68 14.61 -36.35 11.75
C VAL D 68 13.65 -37.54 11.75
N GLY D 69 14.17 -38.74 12.06
CA GLY D 69 13.32 -39.91 12.11
C GLY D 69 12.56 -40.05 13.41
N TYR D 70 13.10 -39.50 14.50
CA TYR D 70 12.33 -39.42 15.74
C TYR D 70 11.13 -38.49 15.56
N LEU D 71 11.38 -37.29 15.03
CA LEU D 71 10.29 -36.37 14.77
C LEU D 71 9.32 -36.93 13.76
N ALA D 72 9.81 -37.71 12.79
CA ALA D 72 8.94 -38.36 11.82
C ALA D 72 7.96 -39.29 12.52
N GLY D 73 8.46 -40.11 13.44
CA GLY D 73 7.58 -40.96 14.22
C GLY D 73 6.62 -40.16 15.10
N CYS D 74 7.09 -39.05 15.66
CA CYS D 74 6.23 -38.26 16.53
C CYS D 74 5.04 -37.69 15.75
N LEU D 75 5.29 -37.13 14.57
CA LEU D 75 4.21 -36.52 13.82
C LEU D 75 3.26 -37.57 13.25
N VAL D 76 3.79 -38.71 12.81
CA VAL D 76 2.93 -39.71 12.21
C VAL D 76 2.07 -40.38 13.28
N ARG D 77 2.60 -40.54 14.49
CA ARG D 77 1.83 -41.23 15.52
C ARG D 77 0.77 -40.32 16.11
N GLU D 78 1.05 -39.02 16.21
CA GLU D 78 0.03 -38.09 16.67
C GLU D 78 -1.15 -38.03 15.71
N LEU D 79 -0.90 -38.25 14.42
CA LEU D 79 -1.98 -38.18 13.43
C LEU D 79 -2.87 -39.41 13.51
N SER D 80 -2.28 -40.59 13.75
CA SER D 80 -3.10 -41.79 13.83
C SER D 80 -3.89 -41.85 15.12
N GLU D 81 -3.35 -41.32 16.21
CA GLU D 81 -4.08 -41.36 17.48
C GLU D 81 -5.22 -40.36 17.50
N LYS D 82 -5.04 -39.18 16.91
CA LYS D 82 -6.12 -38.23 16.85
C LYS D 82 -7.15 -38.59 15.79
N GLN D 83 -6.75 -39.31 14.76
CA GLN D 83 -7.59 -39.56 13.60
C GLN D 83 -7.42 -41.00 13.15
N PRO D 84 -8.10 -41.94 13.81
CA PRO D 84 -8.09 -43.32 13.32
C PRO D 84 -8.78 -43.49 11.98
N GLU D 85 -9.54 -42.49 11.52
CA GLU D 85 -10.21 -42.54 10.23
C GLU D 85 -9.24 -42.52 9.05
N LEU D 86 -7.93 -42.47 9.30
CA LEU D 86 -6.95 -42.42 8.23
C LEU D 86 -6.35 -43.77 7.90
N GLN D 87 -6.64 -44.80 8.70
CA GLN D 87 -6.12 -46.15 8.48
C GLN D 87 -4.59 -46.15 8.44
N ILE D 88 -3.97 -45.26 9.21
CA ILE D 88 -2.51 -45.22 9.32
C ILE D 88 -2.06 -46.45 10.08
N SER D 89 -1.45 -47.39 9.37
CA SER D 89 -1.01 -48.62 10.02
C SER D 89 0.25 -48.38 10.85
N GLU D 90 0.56 -49.34 11.71
CA GLU D 90 1.82 -49.29 12.44
C GLU D 90 3.02 -49.48 11.51
N ARG D 91 2.79 -49.96 10.29
CA ARG D 91 3.85 -50.09 9.30
C ARG D 91 3.95 -48.87 8.41
N ASP D 92 2.85 -48.12 8.22
CA ASP D 92 2.95 -46.77 7.66
C ASP D 92 3.93 -45.94 8.49
N MET D 93 3.82 -46.03 9.80
CA MET D 93 4.65 -45.21 10.67
C MET D 93 6.09 -45.68 10.66
N LEU D 94 6.32 -46.97 10.48
CA LEU D 94 7.69 -47.46 10.34
C LEU D 94 8.33 -46.93 9.06
N CYS D 95 7.56 -46.85 7.97
CA CYS D 95 8.12 -46.37 6.71
C CYS D 95 8.42 -44.87 6.75
N VAL D 96 7.54 -44.09 7.38
CA VAL D 96 7.80 -42.66 7.52
C VAL D 96 9.05 -42.42 8.35
N GLN D 97 9.27 -43.25 9.37
CA GLN D 97 10.47 -43.14 10.18
C GLN D 97 11.71 -43.42 9.36
N ILE D 98 11.70 -44.54 8.62
CA ILE D 98 12.85 -44.96 7.81
C ILE D 98 13.31 -43.80 6.91
N ALA D 99 12.36 -43.18 6.21
CA ALA D 99 12.71 -42.10 5.29
C ALA D 99 13.32 -40.92 6.02
N GLY D 100 12.86 -40.64 7.24
CA GLY D 100 13.48 -39.58 8.01
C GLY D 100 14.93 -39.87 8.35
N LEU D 101 15.23 -41.12 8.70
CA LEU D 101 16.61 -41.48 9.04
C LEU D 101 17.53 -41.41 7.83
N CYS D 102 17.03 -41.81 6.65
CA CYS D 102 17.85 -41.97 5.46
C CYS D 102 17.78 -40.76 4.53
N ARG D 103 17.08 -39.70 4.95
CA ARG D 103 17.04 -38.47 4.17
C ARG D 103 18.41 -37.84 4.01
N ASN D 104 19.39 -38.21 4.85
CA ASN D 104 20.69 -37.57 4.88
C ASN D 104 21.82 -38.48 4.43
N LEU D 105 21.51 -39.69 3.95
CA LEU D 105 22.55 -40.63 3.60
C LEU D 105 23.42 -40.12 2.44
N GLY D 106 22.86 -39.32 1.56
CA GLY D 106 23.54 -38.97 0.34
C GLY D 106 24.31 -37.66 0.40
N HIS D 107 24.73 -37.25 1.58
CA HIS D 107 25.56 -36.06 1.72
C HIS D 107 27.02 -36.44 1.58
N GLY D 108 27.80 -35.49 1.07
CA GLY D 108 29.21 -35.70 0.85
C GLY D 108 30.06 -34.97 1.87
N PRO D 109 31.40 -34.99 1.68
CA PRO D 109 32.29 -34.28 2.60
C PRO D 109 31.84 -32.86 2.89
N PHE D 110 31.65 -32.54 4.18
CA PHE D 110 31.26 -31.21 4.63
C PHE D 110 29.92 -30.76 4.05
N SER D 111 29.08 -31.71 3.66
CA SER D 111 27.68 -31.46 3.29
C SER D 111 27.53 -30.45 2.15
N HIS D 112 27.06 -29.25 2.46
CA HIS D 112 26.80 -28.26 1.41
C HIS D 112 28.06 -27.85 0.67
N MET D 113 29.23 -28.17 1.21
CA MET D 113 30.46 -27.92 0.46
C MET D 113 30.57 -28.86 -0.74
N PHE D 114 30.00 -30.07 -0.63
CA PHE D 114 30.22 -31.09 -1.65
C PHE D 114 29.23 -30.96 -2.80
N ASP D 115 27.94 -31.11 -2.53
CA ASP D 115 26.94 -31.03 -3.58
C ASP D 115 26.60 -29.60 -3.97
N GLY D 116 27.11 -28.60 -3.25
CA GLY D 116 26.72 -27.23 -3.54
C GLY D 116 27.75 -26.45 -4.33
N ARG D 117 29.00 -26.91 -4.32
CA ARG D 117 30.09 -26.16 -4.93
C ARG D 117 31.07 -27.05 -5.68
N PHE D 118 31.54 -28.11 -5.01
CA PHE D 118 32.61 -28.92 -5.55
C PHE D 118 32.19 -29.59 -6.86
N ILE D 119 31.15 -30.40 -6.81
CA ILE D 119 30.71 -31.14 -7.99
C ILE D 119 30.22 -30.22 -9.09
N PRO D 120 29.49 -29.13 -8.80
CA PRO D 120 29.11 -28.20 -9.89
C PRO D 120 30.27 -27.69 -10.70
N LEU D 121 31.48 -27.59 -10.13
CA LEU D 121 32.66 -27.16 -10.86
C LEU D 121 33.51 -28.32 -11.36
N ALA D 122 33.51 -29.44 -10.64
CA ALA D 122 34.36 -30.56 -11.03
C ALA D 122 33.80 -31.28 -12.25
N ARG D 123 32.50 -31.57 -12.23
CA ARG D 123 31.83 -32.29 -13.31
C ARG D 123 30.53 -31.59 -13.63
N PRO D 124 30.60 -30.47 -14.37
CA PRO D 124 29.37 -29.70 -14.63
C PRO D 124 28.34 -30.45 -15.46
N ASP D 125 28.74 -31.53 -16.14
CA ASP D 125 27.79 -32.27 -16.96
C ASP D 125 26.71 -32.93 -16.11
N VAL D 126 27.12 -33.62 -15.03
CA VAL D 126 26.17 -34.33 -14.19
C VAL D 126 25.34 -33.33 -13.40
N LYS D 127 24.12 -33.74 -13.05
CA LYS D 127 23.28 -33.01 -12.12
C LYS D 127 23.09 -33.91 -10.90
N TRP D 128 23.74 -33.54 -9.79
CA TRP D 128 23.81 -34.39 -8.60
C TRP D 128 23.19 -33.68 -7.42
N THR D 129 22.31 -34.39 -6.70
CA THR D 129 21.67 -33.88 -5.50
C THR D 129 21.86 -34.89 -4.38
N HIS D 130 21.83 -34.38 -3.14
CA HIS D 130 21.95 -35.28 -1.99
C HIS D 130 20.70 -36.14 -1.84
N GLU D 131 19.56 -35.66 -2.30
CA GLU D 131 18.36 -36.49 -2.33
C GLU D 131 18.59 -37.70 -3.23
N GLN D 132 19.11 -37.48 -4.44
CA GLN D 132 19.46 -38.60 -5.32
C GLN D 132 20.60 -39.42 -4.76
N GLY D 133 21.45 -38.84 -3.90
CA GLY D 133 22.43 -39.64 -3.19
C GLY D 133 21.82 -40.51 -2.12
N SER D 134 20.71 -40.07 -1.53
CA SER D 134 20.11 -40.79 -0.41
C SER D 134 19.47 -42.10 -0.85
N VAL D 135 18.72 -42.08 -1.96
CA VAL D 135 18.02 -43.28 -2.42
C VAL D 135 19.01 -44.33 -2.93
N ASN D 136 20.15 -43.88 -3.46
CA ASN D 136 21.17 -44.83 -3.90
C ASN D 136 21.96 -45.39 -2.73
N MET D 137 22.34 -44.54 -1.77
CA MET D 137 23.01 -45.03 -0.58
C MET D 137 22.09 -45.91 0.25
N PHE D 138 20.79 -45.55 0.30
CA PHE D 138 19.82 -46.39 0.99
C PHE D 138 19.63 -47.72 0.27
N GLU D 139 19.49 -47.67 -1.07
CA GLU D 139 19.39 -48.91 -1.83
C GLU D 139 20.62 -49.78 -1.61
N HIS D 140 21.80 -49.18 -1.59
CA HIS D 140 23.01 -49.93 -1.26
C HIS D 140 22.96 -50.44 0.18
N LEU D 141 22.39 -49.64 1.10
CA LEU D 141 22.37 -50.00 2.51
C LEU D 141 21.55 -51.26 2.74
N VAL D 142 20.34 -51.31 2.18
CA VAL D 142 19.48 -52.48 2.36
C VAL D 142 20.07 -53.72 1.69
N ASN D 143 20.73 -53.56 0.55
CA ASN D 143 21.20 -54.73 -0.20
C ASN D 143 22.52 -55.26 0.36
N SER D 144 23.43 -54.38 0.77
CA SER D 144 24.73 -54.83 1.25
C SER D 144 24.67 -55.46 2.63
N ASN D 145 23.60 -55.23 3.38
CA ASN D 145 23.45 -55.79 4.71
C ASN D 145 22.38 -56.87 4.77
N GLY D 146 21.78 -57.23 3.63
CA GLY D 146 20.82 -58.31 3.57
C GLY D 146 19.62 -58.06 4.46
N LEU D 147 19.03 -56.89 4.32
CA LEU D 147 17.99 -56.45 5.25
C LEU D 147 16.60 -56.38 4.64
N ILE D 148 16.45 -56.58 3.33
CA ILE D 148 15.12 -56.84 2.80
C ILE D 148 14.53 -58.07 3.50
N ASP D 149 15.42 -58.94 3.99
CA ASP D 149 15.03 -59.99 4.91
C ASP D 149 14.36 -59.42 6.17
N VAL D 150 15.03 -58.48 6.86
CA VAL D 150 14.49 -58.06 8.15
C VAL D 150 13.22 -57.22 7.98
N MET D 151 13.06 -56.51 6.86
CA MET D 151 11.89 -55.64 6.71
C MET D 151 10.61 -56.45 6.61
N GLU D 152 10.63 -57.55 5.86
CA GLU D 152 9.46 -58.42 5.80
C GLU D 152 9.21 -59.10 7.13
N HIS D 153 10.26 -59.27 7.94
CA HIS D 153 10.10 -59.86 9.26
C HIS D 153 9.29 -58.95 10.17
N TYR D 154 9.51 -57.64 10.11
CA TYR D 154 8.76 -56.71 10.94
C TYR D 154 7.51 -56.19 10.23
N GLY D 155 7.09 -56.85 9.16
CA GLY D 155 5.77 -56.65 8.59
C GLY D 155 5.66 -55.71 7.41
N LEU D 156 6.73 -55.49 6.65
CA LEU D 156 6.69 -54.60 5.51
C LEU D 156 6.79 -55.39 4.20
N ILE D 157 6.16 -54.85 3.16
CA ILE D 157 6.27 -55.39 1.81
C ILE D 157 7.34 -54.58 1.08
N PRO D 158 8.53 -55.12 0.85
CA PRO D 158 9.63 -54.29 0.33
C PRO D 158 9.32 -53.58 -0.99
N GLU D 159 8.86 -54.31 -2.01
CA GLU D 159 8.71 -53.73 -3.34
C GLU D 159 7.90 -52.44 -3.33
N GLU D 160 6.84 -52.39 -2.52
CA GLU D 160 6.03 -51.17 -2.43
C GLU D 160 6.55 -50.22 -1.36
N ASP D 161 6.98 -50.74 -0.21
CA ASP D 161 7.39 -49.87 0.89
C ASP D 161 8.73 -49.21 0.61
N ILE D 162 9.67 -49.96 0.01
CA ILE D 162 10.94 -49.34 -0.37
C ILE D 162 10.69 -48.20 -1.36
N TRP D 163 9.85 -48.44 -2.36
CA TRP D 163 9.48 -47.35 -3.27
C TRP D 163 8.80 -46.22 -2.51
N PHE D 164 8.02 -46.55 -1.48
CA PHE D 164 7.41 -45.52 -0.64
C PHE D 164 8.48 -44.70 0.05
N ILE D 165 9.48 -45.37 0.64
CA ILE D 165 10.54 -44.67 1.35
C ILE D 165 11.27 -43.72 0.42
N LYS D 166 11.73 -44.21 -0.73
CA LYS D 166 12.50 -43.37 -1.65
C LYS D 166 11.65 -42.24 -2.22
N GLU D 167 10.35 -42.45 -2.39
CA GLU D 167 9.51 -41.38 -2.91
C GLU D 167 9.45 -40.21 -1.95
N GLN D 168 9.52 -40.48 -0.64
CA GLN D 168 9.50 -39.39 0.33
C GLN D 168 10.80 -38.59 0.29
N ILE D 169 11.92 -39.25 0.00
CA ILE D 169 13.19 -38.55 -0.13
C ILE D 169 13.19 -37.68 -1.39
N THR D 170 12.83 -38.25 -2.53
CA THR D 170 12.82 -37.48 -3.77
C THR D 170 11.40 -37.09 -4.18
N TRP D 182 -1.89 -39.37 -10.46
CA TRP D 182 -1.22 -39.72 -9.21
C TRP D 182 0.20 -40.23 -9.51
N PRO D 183 1.20 -39.38 -9.22
CA PRO D 183 2.57 -39.71 -9.65
C PRO D 183 3.21 -40.80 -8.81
N TYR D 184 2.93 -40.85 -7.51
CA TYR D 184 3.61 -41.79 -6.64
C TYR D 184 3.03 -43.18 -6.80
N LYS D 185 3.90 -44.19 -6.65
CA LYS D 185 3.50 -45.58 -6.69
C LYS D 185 3.75 -46.28 -5.37
N GLY D 186 4.27 -45.57 -4.37
CA GLY D 186 4.50 -46.20 -3.07
C GLY D 186 3.19 -46.48 -2.34
N ARG D 187 2.28 -45.51 -2.35
CA ARG D 187 1.00 -45.58 -1.68
C ARG D 187 0.01 -44.70 -2.44
N PRO D 188 -1.28 -44.93 -2.30
CA PRO D 188 -2.27 -44.24 -3.11
C PRO D 188 -2.70 -42.92 -2.48
N LYS D 189 -3.34 -42.09 -3.31
CA LYS D 189 -3.75 -40.74 -2.95
C LYS D 189 -4.49 -40.69 -1.61
N GLU D 190 -5.10 -41.79 -1.18
CA GLU D 190 -5.75 -41.81 0.13
C GLU D 190 -4.75 -41.59 1.25
N LYS D 191 -3.50 -41.98 1.04
CA LYS D 191 -2.42 -41.74 1.99
C LYS D 191 -1.48 -40.64 1.48
N SER D 192 -2.04 -39.61 0.84
CA SER D 192 -1.21 -38.59 0.22
C SER D 192 -0.53 -37.66 1.21
N PHE D 193 -0.91 -37.73 2.49
CA PHE D 193 -0.38 -36.83 3.51
C PHE D 193 0.89 -37.36 4.15
N LEU D 194 1.23 -38.63 3.97
CA LEU D 194 2.48 -39.14 4.53
C LEU D 194 3.70 -38.67 3.75
N TYR D 195 3.52 -38.18 2.53
CA TYR D 195 4.63 -37.61 1.77
C TYR D 195 4.91 -36.16 2.15
N GLU D 196 4.20 -35.62 3.15
CA GLU D 196 4.37 -34.25 3.60
C GLU D 196 5.14 -34.17 4.92
N ILE D 197 5.79 -35.25 5.32
CA ILE D 197 6.43 -35.35 6.64
C ILE D 197 7.95 -35.24 6.53
N VAL D 198 8.58 -36.13 5.77
CA VAL D 198 10.04 -36.20 5.74
C VAL D 198 10.62 -35.12 4.83
N ALA D 199 10.09 -34.99 3.62
CA ALA D 199 10.54 -33.97 2.67
C ALA D 199 9.31 -33.38 1.99
N ASN D 200 8.81 -32.27 2.52
CA ASN D 200 7.59 -31.65 2.03
C ASN D 200 7.91 -30.80 0.81
N LYS D 201 7.55 -31.31 -0.37
CA LYS D 201 7.80 -30.59 -1.62
C LYS D 201 6.75 -29.53 -1.92
N ARG D 202 5.71 -29.40 -1.09
CA ARG D 202 4.60 -28.50 -1.43
C ARG D 202 4.73 -27.14 -0.77
N ASN D 203 5.26 -27.07 0.44
CA ASN D 203 5.48 -25.78 1.09
C ASN D 203 6.75 -25.78 1.94
N GLY D 204 7.31 -26.96 2.20
CA GLY D 204 8.56 -27.05 2.91
C GLY D 204 8.44 -27.31 4.41
N ILE D 205 7.23 -27.31 4.96
CA ILE D 205 7.02 -27.63 6.37
C ILE D 205 7.19 -29.13 6.57
N ASP D 206 8.39 -29.56 6.92
CA ASP D 206 8.70 -30.97 7.13
C ASP D 206 9.55 -31.11 8.38
N VAL D 207 9.65 -32.35 8.87
CA VAL D 207 10.39 -32.62 10.09
C VAL D 207 11.88 -32.37 9.95
N ASP D 208 12.41 -32.38 8.72
CA ASP D 208 13.84 -32.14 8.54
C ASP D 208 14.25 -30.78 9.07
N LYS D 209 13.46 -29.74 8.79
CA LYS D 209 13.81 -28.39 9.24
C LYS D 209 13.72 -28.28 10.75
N TRP D 210 12.73 -28.92 11.36
CA TRP D 210 12.52 -28.77 12.80
C TRP D 210 13.69 -29.29 13.59
N ASP D 211 14.38 -30.31 13.08
CA ASP D 211 15.49 -30.85 13.84
C ASP D 211 16.72 -29.95 13.74
N TYR D 212 17.12 -29.57 12.52
CA TYR D 212 18.34 -28.77 12.42
C TYR D 212 18.12 -27.35 12.94
N PHE D 213 16.87 -26.88 13.02
CA PHE D 213 16.58 -25.64 13.74
C PHE D 213 17.06 -25.73 15.18
N ALA D 214 16.59 -26.74 15.91
CA ALA D 214 16.91 -26.91 17.32
C ALA D 214 18.31 -27.46 17.53
N ARG D 215 18.83 -28.21 16.57
CA ARG D 215 20.12 -28.86 16.77
C ARG D 215 21.27 -27.93 16.41
N ASP D 216 21.11 -27.13 15.35
CA ASP D 216 22.18 -26.19 15.00
C ASP D 216 22.22 -25.05 16.00
N CYS D 217 21.06 -24.54 16.41
CA CYS D 217 21.00 -23.46 17.39
C CYS D 217 21.73 -23.82 18.68
N HIS D 218 21.53 -25.05 19.13
CA HIS D 218 22.07 -25.49 20.41
C HIS D 218 23.59 -25.64 20.35
N HIS D 219 24.12 -26.06 19.21
CA HIS D 219 25.56 -26.18 19.02
C HIS D 219 26.20 -24.88 18.57
N LEU D 220 25.54 -24.12 17.71
CA LEU D 220 26.10 -22.85 17.25
C LEU D 220 26.18 -21.84 18.38
N GLY D 221 25.21 -21.86 19.28
CA GLY D 221 25.06 -20.79 20.25
C GLY D 221 24.08 -19.72 19.81
N ILE D 222 23.12 -20.07 18.96
CA ILE D 222 22.16 -19.11 18.45
C ILE D 222 20.77 -19.52 18.96
N GLN D 223 19.79 -18.68 18.68
CA GLN D 223 18.47 -18.77 19.27
C GLN D 223 17.46 -19.20 18.21
N ASN D 224 16.77 -20.31 18.47
CA ASN D 224 15.69 -20.77 17.62
C ASN D 224 14.39 -20.08 18.00
N ASN D 225 13.53 -19.85 17.01
CA ASN D 225 12.28 -19.15 17.26
C ASN D 225 11.11 -19.87 16.58
N PHE D 226 11.15 -21.20 16.54
CA PHE D 226 9.99 -21.97 16.13
C PHE D 226 9.78 -23.12 17.09
N ASP D 227 8.56 -23.22 17.61
CA ASP D 227 8.17 -24.29 18.54
C ASP D 227 7.53 -25.39 17.72
N TYR D 228 8.28 -26.48 17.49
CA TYR D 228 7.73 -27.56 16.68
C TYR D 228 6.78 -28.45 17.48
N LYS D 229 6.97 -28.56 18.79
CA LYS D 229 6.04 -29.35 19.59
C LYS D 229 4.66 -28.71 19.61
N ARG D 230 4.57 -27.39 19.45
CA ARG D 230 3.27 -26.76 19.39
C ARG D 230 2.61 -27.01 18.03
N PHE D 231 3.41 -26.96 16.96
CA PHE D 231 2.85 -27.19 15.64
C PHE D 231 2.32 -28.61 15.50
N ILE D 232 2.97 -29.58 16.15
CA ILE D 232 2.50 -30.95 16.13
C ILE D 232 1.17 -31.09 16.87
N LYS D 233 1.00 -30.33 17.96
CA LYS D 233 -0.23 -30.45 18.74
C LYS D 233 -1.46 -30.03 17.95
N PHE D 234 -1.32 -29.13 17.00
CA PHE D 234 -2.45 -28.65 16.22
C PHE D 234 -2.50 -29.21 14.81
N ALA D 235 -1.56 -30.08 14.43
CA ALA D 235 -1.57 -30.62 13.08
C ALA D 235 -2.72 -31.58 12.87
N ARG D 236 -3.40 -31.45 11.74
CA ARG D 236 -4.54 -32.31 11.42
C ARG D 236 -4.72 -32.35 9.90
N VAL D 237 -5.01 -33.53 9.36
CA VAL D 237 -5.22 -33.67 7.93
C VAL D 237 -6.62 -33.21 7.55
N CYS D 238 -6.74 -32.64 6.35
CA CYS D 238 -8.02 -32.14 5.85
C CYS D 238 -8.11 -32.40 4.35
N GLU D 239 -9.31 -32.82 3.90
CA GLU D 239 -9.55 -33.01 2.48
C GLU D 239 -9.68 -31.64 1.81
N VAL D 240 -8.68 -31.27 1.01
CA VAL D 240 -8.68 -30.03 0.25
C VAL D 240 -8.47 -30.37 -1.22
N ASP D 241 -9.35 -29.84 -2.08
CA ASP D 241 -9.34 -30.17 -3.51
C ASP D 241 -9.42 -31.68 -3.72
N ASN D 242 -10.19 -32.34 -2.88
CA ASN D 242 -10.36 -33.79 -2.87
C ASN D 242 -9.05 -34.53 -2.58
N LYS D 243 -8.03 -33.84 -2.08
CA LYS D 243 -6.79 -34.47 -1.68
C LYS D 243 -6.53 -34.20 -0.20
N LYS D 244 -6.00 -35.21 0.50
CA LYS D 244 -5.72 -35.09 1.92
C LYS D 244 -4.42 -34.33 2.14
N HIS D 245 -4.48 -33.23 2.87
CA HIS D 245 -3.33 -32.38 3.15
C HIS D 245 -3.14 -32.20 4.64
N ILE D 246 -1.89 -32.11 5.07
CA ILE D 246 -1.56 -31.84 6.47
C ILE D 246 -1.80 -30.36 6.73
N CYS D 247 -2.66 -30.06 7.71
CA CYS D 247 -3.06 -28.69 7.99
C CYS D 247 -2.78 -28.34 9.45
N THR D 248 -2.95 -27.06 9.75
CA THR D 248 -2.77 -26.52 11.08
C THR D 248 -3.88 -25.51 11.33
N ARG D 249 -3.89 -24.92 12.51
CA ARG D 249 -5.03 -24.08 12.89
C ARG D 249 -4.86 -22.64 12.44
N GLU D 250 -5.98 -21.92 12.44
CA GLU D 250 -5.97 -20.49 12.14
C GLU D 250 -4.88 -19.76 12.90
N LYS D 251 -4.74 -20.07 14.19
CA LYS D 251 -3.92 -19.27 15.10
C LYS D 251 -2.42 -19.53 14.93
N GLU D 252 -2.02 -20.53 14.15
CA GLU D 252 -0.61 -20.88 14.00
C GLU D 252 -0.01 -20.37 12.69
N VAL D 253 -0.64 -19.41 12.03
CA VAL D 253 -0.10 -18.91 10.77
C VAL D 253 1.04 -17.94 11.00
N GLY D 254 0.95 -17.09 12.03
CA GLY D 254 2.06 -16.21 12.35
C GLY D 254 3.30 -16.96 12.79
N ASN D 255 3.12 -18.15 13.39
CA ASN D 255 4.25 -18.98 13.75
C ASN D 255 4.86 -19.68 12.56
N LEU D 256 4.11 -19.80 11.47
CA LEU D 256 4.66 -20.36 10.24
C LEU D 256 5.53 -19.34 9.53
N TYR D 257 5.07 -18.09 9.45
CA TYR D 257 5.94 -17.04 8.93
C TYR D 257 7.23 -16.96 9.73
N ASP D 258 7.14 -17.09 11.06
CA ASP D 258 8.33 -17.07 11.90
C ASP D 258 9.21 -18.29 11.68
N MET D 259 8.66 -19.37 11.12
CA MET D 259 9.48 -20.56 10.89
C MET D 259 10.50 -20.30 9.80
N PHE D 260 10.05 -19.78 8.66
CA PHE D 260 10.98 -19.42 7.60
C PHE D 260 11.84 -18.23 8.01
N HIS D 261 11.31 -17.31 8.83
CA HIS D 261 12.13 -16.24 9.36
C HIS D 261 13.24 -16.78 10.26
N THR D 262 12.98 -17.87 10.97
CA THR D 262 14.05 -18.54 11.69
C THR D 262 15.08 -19.10 10.72
N ARG D 263 14.61 -19.85 9.72
CA ARG D 263 15.48 -20.44 8.72
C ARG D 263 16.35 -19.39 8.03
N ASN D 264 15.82 -18.18 7.86
CA ASN D 264 16.61 -17.12 7.23
C ASN D 264 17.66 -16.56 8.17
N CYS D 265 17.33 -16.39 9.45
CA CYS D 265 18.32 -15.96 10.42
C CYS D 265 19.47 -16.94 10.53
N LEU D 266 19.19 -18.23 10.44
CA LEU D 266 20.25 -19.22 10.53
C LEU D 266 21.15 -19.17 9.32
N HIS D 267 20.63 -18.74 8.17
CA HIS D 267 21.47 -18.57 7.00
C HIS D 267 22.29 -17.31 7.08
N ARG D 268 21.68 -16.20 7.51
CA ARG D 268 22.41 -14.95 7.56
C ARG D 268 23.40 -14.92 8.71
N ARG D 269 23.18 -15.71 9.77
CA ARG D 269 24.12 -15.67 10.89
C ARG D 269 25.19 -16.74 10.80
N ALA D 270 24.83 -17.93 10.34
CA ALA D 270 25.76 -19.05 10.41
C ALA D 270 25.98 -19.71 9.06
N TYR D 271 24.90 -20.08 8.37
CA TYR D 271 25.05 -20.91 7.19
C TYR D 271 25.73 -20.17 6.04
N GLN D 272 25.54 -18.86 5.97
CA GLN D 272 26.15 -18.06 4.92
C GLN D 272 27.09 -17.00 5.49
N HIS D 273 27.69 -17.30 6.64
CA HIS D 273 28.72 -16.43 7.20
C HIS D 273 29.86 -16.27 6.20
N LYS D 274 30.25 -15.02 5.93
CA LYS D 274 31.17 -14.76 4.83
C LYS D 274 32.52 -15.42 5.04
N VAL D 275 32.96 -15.53 6.28
CA VAL D 275 34.22 -16.24 6.53
C VAL D 275 34.01 -17.75 6.54
N GLY D 276 32.82 -18.21 6.93
CA GLY D 276 32.55 -19.64 6.86
C GLY D 276 32.42 -20.13 5.44
N ASN D 277 31.80 -19.33 4.57
CA ASN D 277 31.68 -19.70 3.17
C ASN D 277 33.04 -19.72 2.49
N ILE D 278 33.89 -18.73 2.78
CA ILE D 278 35.19 -18.68 2.11
C ILE D 278 36.07 -19.85 2.56
N ILE D 279 35.86 -20.37 3.77
CA ILE D 279 36.61 -21.54 4.18
C ILE D 279 36.11 -22.77 3.45
N ASP D 280 34.80 -22.85 3.22
CA ASP D 280 34.26 -23.94 2.41
C ASP D 280 34.82 -23.88 1.00
N THR D 281 34.87 -22.67 0.42
CA THR D 281 35.45 -22.51 -0.91
C THR D 281 36.91 -22.91 -0.97
N MET D 282 37.68 -22.68 0.09
CA MET D 282 39.08 -23.09 0.07
C MET D 282 39.21 -24.61 0.17
N ILE D 283 38.27 -25.26 0.84
CA ILE D 283 38.30 -26.72 0.88
C ILE D 283 37.92 -27.29 -0.49
N THR D 284 37.04 -26.61 -1.22
CA THR D 284 36.73 -27.04 -2.58
C THR D 284 37.96 -26.92 -3.47
N ASP D 285 38.63 -25.77 -3.45
CA ASP D 285 39.83 -25.58 -4.25
C ASP D 285 40.88 -26.62 -3.89
N ALA D 286 41.02 -26.95 -2.60
CA ALA D 286 41.95 -28.00 -2.22
C ALA D 286 41.51 -29.37 -2.74
N PHE D 287 40.20 -29.60 -2.83
CA PHE D 287 39.73 -30.87 -3.37
C PHE D 287 39.81 -30.89 -4.89
N LEU D 288 39.64 -29.74 -5.53
CA LEU D 288 39.72 -29.67 -6.98
C LEU D 288 41.13 -29.99 -7.47
N LYS D 289 42.15 -29.41 -6.84
CA LYS D 289 43.52 -29.69 -7.26
C LYS D 289 43.97 -31.08 -6.87
N ALA D 290 43.37 -31.64 -5.81
CA ALA D 290 43.69 -32.99 -5.38
C ALA D 290 42.82 -34.04 -6.05
N ASP D 291 41.89 -33.61 -6.91
CA ASP D 291 40.91 -34.53 -7.48
C ASP D 291 41.53 -35.66 -8.29
N PRO D 292 42.48 -35.43 -9.21
CA PRO D 292 42.99 -36.54 -10.01
C PRO D 292 44.00 -37.43 -9.31
N TYR D 293 44.59 -37.00 -8.20
CA TYR D 293 45.62 -37.79 -7.53
C TYR D 293 45.13 -38.50 -6.27
N ILE D 294 43.91 -38.23 -5.82
CA ILE D 294 43.34 -38.90 -4.65
C ILE D 294 42.51 -40.09 -5.14
N GLU D 295 42.93 -41.30 -4.79
CA GLU D 295 42.29 -42.52 -5.28
C GLU D 295 41.55 -43.20 -4.14
N ILE D 296 40.27 -43.51 -4.37
CA ILE D 296 39.43 -44.22 -3.42
C ILE D 296 38.96 -45.52 -4.05
N THR D 297 39.37 -46.65 -3.49
CA THR D 297 38.90 -47.95 -3.97
C THR D 297 37.41 -48.11 -3.69
N GLY D 301 36.35 -53.99 -7.78
CA GLY D 301 37.25 -53.31 -6.88
C GLY D 301 38.06 -52.19 -7.52
N LYS D 302 37.38 -51.41 -8.37
CA LYS D 302 38.06 -50.36 -9.12
C LYS D 302 38.56 -49.26 -8.19
N LYS D 303 39.17 -48.24 -8.79
CA LYS D 303 39.63 -47.08 -8.06
C LYS D 303 38.81 -45.87 -8.48
N TYR D 304 38.57 -44.97 -7.54
CA TYR D 304 37.72 -43.81 -7.77
C TYR D 304 38.39 -42.58 -7.18
N ARG D 305 38.09 -41.43 -7.76
CA ARG D 305 38.49 -40.14 -7.25
C ARG D 305 37.38 -39.52 -6.42
N ILE D 306 37.69 -38.39 -5.79
CA ILE D 306 36.68 -37.66 -5.03
C ILE D 306 35.54 -37.23 -5.93
N SER D 307 35.81 -36.99 -7.21
CA SER D 307 34.80 -36.50 -8.12
C SER D 307 33.93 -37.60 -8.69
N THR D 308 34.39 -38.84 -8.63
CA THR D 308 33.67 -39.96 -9.22
C THR D 308 33.18 -40.97 -8.19
N ALA D 309 33.45 -40.72 -6.90
CA ALA D 309 32.92 -41.58 -5.85
C ALA D 309 31.40 -41.59 -5.81
N ILE D 310 30.77 -40.52 -6.30
CA ILE D 310 29.31 -40.48 -6.34
C ILE D 310 28.74 -41.54 -7.26
N ASP D 311 29.53 -42.05 -8.21
CA ASP D 311 29.06 -43.03 -9.17
C ASP D 311 29.12 -44.46 -8.67
N ASP D 312 29.79 -44.69 -7.54
CA ASP D 312 29.87 -46.02 -6.93
C ASP D 312 29.58 -45.86 -5.44
N MET D 313 28.40 -46.35 -5.02
CA MET D 313 27.99 -46.24 -3.62
C MET D 313 28.89 -47.04 -2.69
N GLU D 314 29.69 -47.96 -3.20
CA GLU D 314 30.69 -48.61 -2.37
C GLU D 314 31.87 -47.68 -2.10
N ALA D 315 32.11 -46.72 -2.98
CA ALA D 315 33.16 -45.73 -2.76
C ALA D 315 32.67 -44.56 -1.95
N PHE D 316 31.43 -44.11 -2.19
CA PHE D 316 30.85 -43.01 -1.44
C PHE D 316 30.76 -43.33 0.05
N THR D 317 30.74 -44.62 0.42
CA THR D 317 30.77 -44.99 1.82
C THR D 317 32.07 -44.54 2.48
N LYS D 318 33.20 -44.76 1.80
CA LYS D 318 34.51 -44.39 2.32
C LYS D 318 34.89 -42.95 2.00
N LEU D 319 33.95 -42.13 1.53
CA LEU D 319 34.20 -40.74 1.18
C LEU D 319 33.54 -39.86 2.24
N THR D 320 34.32 -39.40 3.22
CA THR D 320 33.81 -38.61 4.33
C THR D 320 34.69 -37.36 4.48
N ASP D 321 34.59 -36.70 5.64
CA ASP D 321 35.46 -35.57 5.91
C ASP D 321 36.91 -35.99 6.13
N ASN D 322 37.16 -37.28 6.33
CA ASN D 322 38.53 -37.79 6.41
C ASN D 322 39.33 -37.43 5.16
N ILE D 323 38.65 -37.21 4.04
CA ILE D 323 39.30 -36.79 2.81
C ILE D 323 40.03 -35.47 2.99
N PHE D 324 39.62 -34.66 3.97
CA PHE D 324 40.28 -33.40 4.27
C PHE D 324 41.68 -33.64 4.83
N LEU D 325 41.78 -34.43 5.90
CA LEU D 325 43.07 -34.62 6.57
C LEU D 325 43.97 -35.61 5.85
N GLU D 326 43.43 -36.45 4.97
CA GLU D 326 44.29 -37.30 4.17
C GLU D 326 45.11 -36.47 3.19
N ILE D 327 44.54 -35.37 2.71
CA ILE D 327 45.31 -34.42 1.89
C ILE D 327 46.29 -33.66 2.76
N LEU D 328 45.88 -33.26 3.96
CA LEU D 328 46.71 -32.43 4.81
C LEU D 328 47.91 -33.19 5.36
N TYR D 329 47.81 -34.51 5.50
CA TYR D 329 48.88 -35.31 6.08
C TYR D 329 49.72 -36.02 5.03
N SER D 330 49.40 -35.86 3.75
CA SER D 330 50.10 -36.60 2.71
C SER D 330 51.49 -36.01 2.48
N THR D 331 52.31 -36.76 1.74
CA THR D 331 53.65 -36.33 1.39
C THR D 331 53.93 -36.37 -0.10
N ASP D 332 53.05 -36.96 -0.91
CA ASP D 332 53.28 -37.04 -2.34
C ASP D 332 53.29 -35.64 -2.94
N PRO D 333 54.31 -35.28 -3.72
CA PRO D 333 54.37 -33.91 -4.27
C PRO D 333 53.25 -33.60 -5.24
N LYS D 334 52.54 -34.60 -5.75
CA LYS D 334 51.45 -34.33 -6.67
C LYS D 334 50.34 -33.55 -6.01
N LEU D 335 50.17 -33.70 -4.69
CA LEU D 335 49.11 -33.05 -3.92
C LEU D 335 49.61 -31.80 -3.20
N ASP D 336 50.75 -31.26 -3.60
CA ASP D 336 51.34 -30.14 -2.86
C ASP D 336 50.53 -28.86 -3.00
N ALA D 337 49.98 -28.61 -4.18
CA ALA D 337 49.17 -27.41 -4.38
C ALA D 337 47.88 -27.47 -3.56
N ALA D 338 47.28 -28.65 -3.46
CA ALA D 338 46.10 -28.82 -2.64
C ALA D 338 46.42 -28.69 -1.16
N ARG D 339 47.53 -29.31 -0.72
CA ARG D 339 47.91 -29.26 0.69
C ARG D 339 48.38 -27.87 1.09
N ALA D 340 48.94 -27.12 0.16
CA ALA D 340 49.34 -25.76 0.46
C ALA D 340 48.16 -24.87 0.77
N ILE D 341 46.96 -25.24 0.31
CA ILE D 341 45.77 -24.44 0.60
C ILE D 341 45.14 -24.83 1.92
N LEU D 342 45.13 -26.13 2.26
CA LEU D 342 44.72 -26.53 3.59
C LEU D 342 45.73 -26.10 4.64
N LYS D 343 46.97 -25.87 4.24
CA LYS D 343 47.92 -25.21 5.13
C LYS D 343 47.56 -23.74 5.32
N LYS D 344 46.96 -23.11 4.31
CA LYS D 344 46.51 -21.74 4.47
C LYS D 344 45.31 -21.63 5.41
N ILE D 345 44.55 -22.73 5.58
CA ILE D 345 43.37 -22.68 6.44
C ILE D 345 43.75 -22.87 7.90
N GLU D 346 44.69 -23.79 8.20
CA GLU D 346 45.07 -24.05 9.58
C GLU D 346 45.85 -22.91 10.21
N CYS D 347 46.38 -21.99 9.40
CA CYS D 347 47.04 -20.79 9.92
C CYS D 347 46.20 -19.54 9.71
N ARG D 348 44.94 -19.70 9.27
CA ARG D 348 43.97 -18.61 9.17
C ARG D 348 44.41 -17.52 8.19
N ASN D 349 45.23 -17.88 7.19
CA ASN D 349 45.53 -17.00 6.05
C ASN D 349 44.46 -17.22 4.99
N LEU D 350 43.26 -16.70 5.28
CA LEU D 350 42.12 -16.93 4.42
C LEU D 350 42.05 -15.86 3.34
N TYR D 351 41.20 -16.10 2.34
CA TYR D 351 40.96 -15.09 1.31
C TYR D 351 40.32 -13.88 1.95
N LYS D 352 40.94 -12.71 1.78
CA LYS D 352 40.38 -11.50 2.35
C LYS D 352 39.04 -11.18 1.72
N PHE D 353 38.08 -10.84 2.55
CA PHE D 353 36.75 -10.47 2.04
C PHE D 353 36.83 -9.09 1.41
N VAL D 354 36.49 -9.00 0.13
CA VAL D 354 36.48 -7.72 -0.56
C VAL D 354 35.07 -7.42 -1.05
N ILE D 397 37.35 -15.05 -6.73
CA ILE D 397 36.25 -15.76 -6.09
C ILE D 397 35.07 -14.82 -5.83
N VAL D 398 33.96 -15.08 -6.50
CA VAL D 398 32.73 -14.32 -6.31
C VAL D 398 31.65 -15.28 -5.86
N ASP D 399 31.01 -14.96 -4.74
CA ASP D 399 30.04 -15.83 -4.09
C ASP D 399 28.67 -15.18 -4.19
N VAL D 400 27.75 -15.84 -4.88
CA VAL D 400 26.37 -15.37 -5.04
C VAL D 400 25.47 -16.27 -4.21
N ILE D 401 24.63 -15.65 -3.37
CA ILE D 401 23.76 -16.36 -2.45
C ILE D 401 22.32 -15.95 -2.71
N ASN D 402 21.44 -16.93 -2.84
CA ASN D 402 20.01 -16.71 -3.03
C ASN D 402 19.27 -17.13 -1.77
N MET D 403 18.92 -16.15 -0.94
CA MET D 403 18.20 -16.38 0.32
C MET D 403 16.71 -16.27 0.03
N ASP D 404 16.05 -17.42 -0.19
CA ASP D 404 14.64 -17.46 -0.49
C ASP D 404 13.87 -18.01 0.71
N TYR D 405 12.61 -18.39 0.48
CA TYR D 405 11.80 -19.09 1.46
C TYR D 405 11.62 -20.57 1.11
N GLY D 406 12.59 -21.15 0.43
CA GLY D 406 12.54 -22.55 0.08
C GLY D 406 11.85 -22.87 -1.23
N MET D 407 11.11 -21.93 -1.81
CA MET D 407 10.40 -22.15 -3.06
C MET D 407 10.61 -20.97 -4.01
N GLU D 408 11.86 -20.72 -4.36
CA GLU D 408 12.25 -19.65 -5.30
C GLU D 408 11.62 -18.35 -4.80
N ASP D 409 10.90 -17.60 -5.64
CA ASP D 409 10.28 -16.35 -5.22
C ASP D 409 8.86 -16.54 -4.72
N LYS D 410 8.43 -17.76 -4.45
CA LYS D 410 7.07 -18.01 -4.02
C LYS D 410 6.93 -17.86 -2.51
N ASN D 411 5.69 -17.67 -2.07
CA ASN D 411 5.33 -17.63 -0.66
C ASN D 411 4.85 -19.01 -0.26
N PRO D 412 5.56 -19.72 0.62
CA PRO D 412 5.11 -21.07 1.01
C PRO D 412 3.78 -21.07 1.75
N ILE D 413 3.40 -19.95 2.37
CA ILE D 413 2.13 -19.91 3.10
C ILE D 413 0.96 -20.02 2.16
N ASP D 414 1.09 -19.51 0.94
CA ASP D 414 0.04 -19.67 -0.05
C ASP D 414 -0.18 -21.12 -0.44
N ASN D 415 0.70 -22.03 -0.03
CA ASN D 415 0.52 -23.46 -0.23
C ASN D 415 0.13 -24.20 1.05
N VAL D 416 -0.28 -23.47 2.07
CA VAL D 416 -0.67 -24.05 3.35
C VAL D 416 -2.16 -23.79 3.55
N ARG D 417 -2.87 -24.80 4.05
CA ARG D 417 -4.28 -24.68 4.39
C ARG D 417 -4.44 -24.71 5.90
N PHE D 418 -5.52 -24.10 6.38
CA PHE D 418 -5.80 -23.99 7.80
C PHE D 418 -7.26 -24.36 8.06
N TYR D 419 -7.56 -24.64 9.33
CA TYR D 419 -8.92 -24.97 9.74
C TYR D 419 -9.30 -24.19 10.99
N CYS D 420 -10.59 -24.23 11.33
CA CYS D 420 -11.16 -23.50 12.46
C CYS D 420 -11.70 -24.47 13.48
N LYS D 421 -12.03 -23.93 14.66
CA LYS D 421 -12.68 -24.74 15.69
C LYS D 421 -14.10 -25.12 15.30
N SER D 422 -14.79 -24.23 14.57
CA SER D 422 -16.20 -24.46 14.24
C SER D 422 -16.36 -25.67 13.33
N ASP D 423 -15.53 -25.78 12.30
CA ASP D 423 -15.52 -26.94 11.41
C ASP D 423 -14.07 -27.37 11.20
N PRO D 424 -13.59 -28.34 11.96
CA PRO D 424 -12.19 -28.77 11.83
C PRO D 424 -11.95 -29.64 10.60
N ASN D 425 -12.84 -29.56 9.60
CA ASN D 425 -12.67 -30.33 8.38
C ASN D 425 -12.76 -29.45 7.13
N LYS D 426 -12.79 -28.13 7.27
CA LYS D 426 -12.89 -27.20 6.15
C LYS D 426 -11.56 -26.45 6.03
N ALA D 427 -10.71 -26.91 5.11
CA ALA D 427 -9.45 -26.24 4.86
C ALA D 427 -9.66 -24.92 4.13
N ILE D 428 -8.86 -23.91 4.46
CA ILE D 428 -8.98 -22.61 3.85
C ILE D 428 -7.60 -21.98 3.69
N ILE D 429 -7.50 -21.09 2.71
CA ILE D 429 -6.26 -20.39 2.40
C ILE D 429 -6.30 -19.03 3.07
N ILE D 430 -5.20 -18.67 3.73
CA ILE D 430 -5.05 -17.37 4.37
C ILE D 430 -3.97 -16.62 3.63
N THR D 431 -4.28 -15.41 3.17
CA THR D 431 -3.33 -14.63 2.41
C THR D 431 -2.46 -13.79 3.34
N LYS D 432 -1.36 -13.27 2.77
CA LYS D 432 -0.43 -12.46 3.56
C LYS D 432 -1.10 -11.19 4.07
N ASN D 433 -1.93 -10.56 3.24
CA ASN D 433 -2.60 -9.34 3.66
C ASN D 433 -3.60 -9.60 4.77
N GLN D 434 -3.97 -10.87 4.99
CA GLN D 434 -4.90 -11.20 6.06
C GLN D 434 -4.24 -11.29 7.42
N VAL D 435 -2.97 -11.72 7.47
CA VAL D 435 -2.28 -11.97 8.72
C VAL D 435 -1.69 -10.68 9.29
N SER D 436 -0.60 -10.19 8.69
CA SER D 436 0.05 -8.98 9.19
C SER D 436 0.55 -8.13 8.03
N GLN D 437 0.49 -6.82 8.21
CA GLN D 437 0.98 -5.85 7.24
C GLN D 437 2.46 -5.55 7.38
N LEU D 438 3.12 -6.10 8.40
CA LEU D 438 4.55 -5.90 8.64
C LEU D 438 5.37 -7.08 8.14
N LEU D 439 4.79 -7.96 7.35
CA LEU D 439 5.50 -9.09 6.79
C LEU D 439 6.33 -8.62 5.60
N PRO D 440 7.30 -9.43 5.15
CA PRO D 440 8.15 -9.01 4.04
C PRO D 440 7.34 -8.70 2.79
N GLU D 441 7.93 -7.86 1.93
CA GLU D 441 7.33 -7.56 0.64
C GLU D 441 7.61 -8.67 -0.37
N ARG D 442 8.86 -9.07 -0.51
CA ARG D 442 9.26 -10.17 -1.38
C ARG D 442 9.67 -11.37 -0.53
N PHE D 443 9.93 -12.49 -1.21
CA PHE D 443 10.31 -13.72 -0.51
C PHE D 443 11.57 -14.36 -1.09
N ALA D 444 12.23 -13.71 -2.04
CA ALA D 444 13.51 -14.16 -2.55
C ALA D 444 14.41 -12.95 -2.74
N GLU D 445 15.71 -13.19 -2.68
CA GLU D 445 16.66 -12.08 -2.62
C GLU D 445 18.05 -12.61 -2.89
N GLN D 446 18.84 -11.84 -3.66
CA GLN D 446 20.16 -12.27 -4.08
C GLN D 446 21.22 -11.38 -3.45
N LEU D 447 22.36 -11.98 -3.13
CA LEU D 447 23.48 -11.27 -2.53
C LEU D 447 24.75 -11.64 -3.27
N ILE D 448 25.62 -10.66 -3.46
CA ILE D 448 26.89 -10.84 -4.17
C ILE D 448 28.03 -10.50 -3.23
N ARG D 449 29.02 -11.38 -3.16
CA ARG D 449 30.22 -11.15 -2.37
C ARG D 449 31.42 -11.55 -3.20
N VAL D 450 32.50 -10.78 -3.06
CA VAL D 450 33.76 -11.10 -3.73
C VAL D 450 34.85 -11.27 -2.69
N TYR D 451 35.81 -12.13 -3.01
CA TYR D 451 36.91 -12.44 -2.12
C TYR D 451 38.21 -12.46 -2.93
N CYS D 452 39.25 -11.86 -2.36
CA CYS D 452 40.55 -11.78 -3.03
C CYS D 452 41.34 -13.04 -2.76
N LYS D 453 41.70 -13.76 -3.82
CA LYS D 453 42.45 -15.01 -3.70
C LYS D 453 43.86 -14.74 -3.18
N THR E 11 -19.37 -9.68 -39.28
CA THR E 11 -19.98 -8.84 -38.24
C THR E 11 -19.76 -7.36 -38.55
N VAL E 12 -20.23 -6.51 -37.63
CA VAL E 12 -20.27 -5.06 -37.84
C VAL E 12 -19.14 -4.42 -37.06
N LYS E 13 -18.37 -3.57 -37.74
CA LYS E 13 -17.32 -2.80 -37.10
C LYS E 13 -17.75 -1.35 -36.95
N VAL E 14 -17.25 -0.71 -35.89
CA VAL E 14 -17.43 0.71 -35.70
C VAL E 14 -16.08 1.39 -35.82
N ILE E 15 -16.10 2.61 -36.35
CA ILE E 15 -14.89 3.37 -36.62
C ILE E 15 -15.04 4.77 -36.05
N ASN E 16 -14.07 5.19 -35.24
CA ASN E 16 -14.07 6.52 -34.66
C ASN E 16 -13.55 7.54 -35.67
N ASP E 17 -14.39 8.52 -35.98
CA ASP E 17 -14.08 9.60 -36.89
C ASP E 17 -14.22 10.93 -36.16
N PRO E 18 -13.25 11.85 -36.28
CA PRO E 18 -13.39 13.14 -35.59
C PRO E 18 -14.55 13.98 -36.09
N ILE E 19 -15.06 13.72 -37.30
CA ILE E 19 -16.16 14.50 -37.84
C ILE E 19 -17.50 13.91 -37.43
N HIS E 20 -17.68 12.61 -37.59
CA HIS E 20 -18.97 11.95 -37.42
C HIS E 20 -19.03 11.04 -36.21
N GLY E 21 -17.99 10.99 -35.40
CA GLY E 21 -18.02 10.12 -34.25
C GLY E 21 -17.91 8.66 -34.67
N HIS E 22 -18.61 7.79 -33.97
CA HIS E 22 -18.54 6.36 -34.21
C HIS E 22 -19.56 5.97 -35.28
N ILE E 23 -19.07 5.45 -36.39
CA ILE E 23 -19.92 5.06 -37.51
C ILE E 23 -19.86 3.55 -37.68
N GLU E 24 -21.03 2.95 -37.87
CA GLU E 24 -21.12 1.50 -38.08
C GLU E 24 -21.10 1.20 -39.57
N LEU E 25 -20.36 0.17 -39.94
CA LEU E 25 -20.20 -0.22 -41.33
C LEU E 25 -20.60 -1.67 -41.53
N HIS E 26 -21.49 -1.90 -42.48
CA HIS E 26 -21.94 -3.24 -42.83
C HIS E 26 -20.73 -4.13 -43.18
N PRO E 27 -20.76 -5.42 -42.83
CA PRO E 27 -19.59 -6.28 -43.10
C PRO E 27 -19.15 -6.28 -44.56
N LEU E 28 -20.11 -6.21 -45.49
CA LEU E 28 -19.76 -6.08 -46.90
C LEU E 28 -19.00 -4.78 -47.16
N LEU E 29 -19.39 -3.69 -46.48
CA LEU E 29 -18.68 -2.43 -46.65
C LEU E 29 -17.24 -2.54 -46.19
N ILE E 30 -16.98 -3.37 -45.17
CA ILE E 30 -15.63 -3.52 -44.64
C ILE E 30 -14.74 -4.27 -45.62
N ARG E 31 -15.29 -5.26 -46.32
CA ARG E 31 -14.49 -6.02 -47.27
C ARG E 31 -14.02 -5.13 -48.42
N ILE E 32 -14.88 -4.22 -48.89
CA ILE E 32 -14.49 -3.31 -49.96
C ILE E 32 -13.42 -2.34 -49.48
N ILE E 33 -13.48 -1.94 -48.22
CA ILE E 33 -12.46 -1.06 -47.67
C ILE E 33 -11.11 -1.76 -47.62
N ASP E 34 -11.09 -2.99 -47.12
CA ASP E 34 -9.83 -3.69 -46.88
C ASP E 34 -9.21 -4.24 -48.17
N THR E 35 -9.59 -3.69 -49.30
CA THR E 35 -8.88 -4.04 -50.52
C THR E 35 -7.78 -3.00 -50.79
N PRO E 36 -6.67 -3.41 -51.41
CA PRO E 36 -5.61 -2.43 -51.70
C PRO E 36 -6.02 -1.30 -52.62
N GLN E 37 -7.17 -1.41 -53.30
CA GLN E 37 -7.63 -0.35 -54.18
C GLN E 37 -8.34 0.76 -53.42
N PHE E 38 -8.95 0.44 -52.30
CA PHE E 38 -9.48 1.46 -51.39
C PHE E 38 -8.42 1.95 -50.42
N GLN E 39 -7.54 1.05 -49.98
CA GLN E 39 -6.54 1.42 -48.99
C GLN E 39 -5.47 2.33 -49.57
N ARG E 40 -5.36 2.42 -50.89
CA ARG E 40 -4.38 3.31 -51.48
C ARG E 40 -4.74 4.78 -51.28
N LEU E 41 -5.97 5.09 -50.91
CA LEU E 41 -6.40 6.47 -50.73
C LEU E 41 -5.83 7.11 -49.47
N ARG E 42 -5.12 6.36 -48.63
CA ARG E 42 -4.39 6.96 -47.53
C ARG E 42 -3.18 7.75 -47.99
N TYR E 43 -2.88 7.72 -49.28
CA TYR E 43 -1.69 8.34 -49.82
C TYR E 43 -2.04 9.30 -50.94
N ILE E 44 -3.26 9.84 -50.88
CA ILE E 44 -3.71 10.92 -51.74
C ILE E 44 -4.22 12.01 -50.82
N LYS E 45 -3.50 13.13 -50.76
CA LYS E 45 -3.94 14.25 -49.93
C LYS E 45 -5.24 14.81 -50.47
N GLN E 46 -6.20 15.05 -49.57
CA GLN E 46 -7.51 15.54 -49.98
C GLN E 46 -7.40 16.88 -50.69
N LEU E 47 -6.62 17.80 -50.12
CA LEU E 47 -6.52 19.16 -50.65
C LEU E 47 -5.26 19.39 -51.45
N GLY E 48 -4.50 18.34 -51.74
CA GLY E 48 -3.35 18.45 -52.60
C GLY E 48 -2.27 19.35 -52.04
N GLY E 49 -2.05 20.49 -52.68
CA GLY E 49 -1.06 21.45 -52.25
C GLY E 49 -1.50 22.41 -51.17
N GLY E 50 -2.72 22.26 -50.65
CA GLY E 50 -3.15 23.11 -49.56
C GLY E 50 -2.43 22.84 -48.26
N TYR E 51 -1.95 21.59 -48.07
CA TYR E 51 -1.23 21.24 -46.85
C TYR E 51 0.03 22.06 -46.69
N TYR E 52 0.59 22.56 -47.79
CA TYR E 52 1.77 23.41 -47.75
C TYR E 52 1.44 24.87 -47.47
N VAL E 53 0.16 25.21 -47.35
CA VAL E 53 -0.26 26.54 -46.92
C VAL E 53 -1.07 26.47 -45.64
N PHE E 54 -1.97 25.49 -45.52
CA PHE E 54 -2.71 25.20 -44.31
C PHE E 54 -2.16 23.93 -43.70
N PRO E 55 -1.28 24.00 -42.69
CA PRO E 55 -0.64 22.77 -42.18
C PRO E 55 -1.58 21.79 -41.50
N GLY E 56 -2.82 22.18 -41.19
CA GLY E 56 -3.72 21.21 -40.58
C GLY E 56 -4.31 20.23 -41.56
N ALA E 57 -4.35 20.59 -42.84
CA ALA E 57 -4.98 19.78 -43.88
C ALA E 57 -4.03 18.68 -44.34
N SER E 58 -3.78 17.73 -43.44
CA SER E 58 -3.01 16.54 -43.76
C SER E 58 -3.89 15.33 -44.00
N HIS E 59 -5.21 15.47 -43.85
CA HIS E 59 -6.13 14.36 -44.08
C HIS E 59 -6.10 13.93 -45.54
N ASN E 60 -6.35 12.64 -45.76
CA ASN E 60 -6.24 12.06 -47.09
C ASN E 60 -7.63 11.78 -47.66
N ARG E 61 -7.64 11.22 -48.87
CA ARG E 61 -8.91 10.87 -49.52
C ARG E 61 -9.61 9.71 -48.83
N PHE E 62 -8.87 8.87 -48.12
CA PHE E 62 -9.44 7.67 -47.50
C PHE E 62 -10.52 8.03 -46.49
N GLU E 63 -10.17 8.84 -45.48
CA GLU E 63 -11.12 9.23 -44.45
C GLU E 63 -12.31 9.98 -45.03
N HIS E 64 -12.08 10.76 -46.09
CA HIS E 64 -13.19 11.46 -46.71
C HIS E 64 -14.23 10.48 -47.24
N SER E 65 -13.77 9.37 -47.82
CA SER E 65 -14.68 8.40 -48.41
C SER E 65 -15.55 7.75 -47.34
N LEU E 66 -14.98 7.43 -46.18
CA LEU E 66 -15.78 6.83 -45.11
C LEU E 66 -16.92 7.74 -44.69
N GLY E 67 -16.74 9.05 -44.79
CA GLY E 67 -17.77 9.97 -44.38
C GLY E 67 -18.85 10.11 -45.43
N VAL E 68 -18.46 10.08 -46.70
CA VAL E 68 -19.44 10.16 -47.78
C VAL E 68 -20.35 8.95 -47.76
N GLY E 69 -19.78 7.76 -47.55
CA GLY E 69 -20.61 6.57 -47.51
C GLY E 69 -21.43 6.49 -46.24
N TYR E 70 -20.92 7.06 -45.15
CA TYR E 70 -21.71 7.13 -43.93
C TYR E 70 -22.87 8.11 -44.06
N LEU E 71 -22.62 9.28 -44.65
CA LEU E 71 -23.71 10.22 -44.86
C LEU E 71 -24.73 9.66 -45.85
N ALA E 72 -24.25 9.00 -46.91
CA ALA E 72 -25.14 8.34 -47.85
C ALA E 72 -26.06 7.35 -47.15
N GLY E 73 -25.52 6.61 -46.18
CA GLY E 73 -26.37 5.70 -45.42
C GLY E 73 -27.35 6.43 -44.52
N CYS E 74 -26.94 7.55 -43.93
CA CYS E 74 -27.83 8.31 -43.06
C CYS E 74 -29.02 8.86 -43.84
N LEU E 75 -28.77 9.47 -45.00
CA LEU E 75 -29.86 10.08 -45.73
C LEU E 75 -30.82 9.03 -46.29
N VAL E 76 -30.29 7.90 -46.76
CA VAL E 76 -31.19 6.90 -47.35
C VAL E 76 -31.97 6.16 -46.27
N ARG E 77 -31.40 6.04 -45.07
CA ARG E 77 -32.12 5.37 -43.99
C ARG E 77 -33.22 6.25 -43.44
N GLU E 78 -33.00 7.56 -43.36
CA GLU E 78 -34.02 8.47 -42.87
C GLU E 78 -35.21 8.52 -43.83
N LEU E 79 -34.96 8.37 -45.13
CA LEU E 79 -36.05 8.44 -46.10
C LEU E 79 -36.96 7.22 -46.04
N SER E 80 -36.41 6.05 -45.72
CA SER E 80 -37.23 4.85 -45.66
C SER E 80 -38.02 4.80 -44.36
N GLU E 81 -37.41 5.24 -43.24
CA GLU E 81 -38.11 5.23 -41.97
C GLU E 81 -39.24 6.25 -41.93
N LYS E 82 -39.07 7.38 -42.59
CA LYS E 82 -40.17 8.34 -42.67
C LYS E 82 -41.19 7.94 -43.72
N GLN E 83 -40.76 7.26 -44.77
CA GLN E 83 -41.61 6.97 -45.92
C GLN E 83 -41.41 5.52 -46.36
N PRO E 84 -42.08 4.58 -45.70
CA PRO E 84 -42.11 3.21 -46.21
C PRO E 84 -42.83 3.09 -47.54
N GLU E 85 -43.54 4.13 -47.97
CA GLU E 85 -44.27 4.18 -49.23
C GLU E 85 -43.34 4.13 -50.44
N LEU E 86 -42.04 4.00 -50.21
CA LEU E 86 -41.06 4.08 -51.28
C LEU E 86 -40.42 2.74 -51.60
N GLN E 87 -40.69 1.70 -50.82
CA GLN E 87 -40.14 0.35 -51.06
C GLN E 87 -38.62 0.37 -51.11
N ILE E 88 -38.02 1.21 -50.27
CA ILE E 88 -36.56 1.28 -50.16
C ILE E 88 -36.10 0.03 -49.42
N SER E 89 -35.54 -0.95 -50.12
CA SER E 89 -35.13 -2.12 -49.38
C SER E 89 -33.81 -1.84 -48.66
N GLU E 90 -33.46 -2.77 -47.77
CA GLU E 90 -32.18 -2.69 -47.10
C GLU E 90 -31.02 -2.94 -48.05
N ARG E 91 -31.31 -3.39 -49.27
CA ARG E 91 -30.28 -3.61 -50.26
C ARG E 91 -30.07 -2.40 -51.18
N ASP E 92 -31.08 -1.55 -51.40
CA ASP E 92 -30.76 -0.27 -52.03
C ASP E 92 -29.87 0.57 -51.14
N MET E 93 -30.11 0.53 -49.83
CA MET E 93 -29.31 1.32 -48.91
C MET E 93 -27.85 0.89 -48.99
N LEU E 94 -27.61 -0.42 -49.09
CA LEU E 94 -26.24 -0.89 -49.23
C LEU E 94 -25.60 -0.37 -50.50
N CYS E 95 -26.35 -0.35 -51.60
CA CYS E 95 -25.80 0.17 -52.85
C CYS E 95 -25.55 1.67 -52.80
N VAL E 96 -26.40 2.42 -52.09
CA VAL E 96 -26.18 3.84 -51.95
C VAL E 96 -24.92 4.11 -51.12
N GLN E 97 -24.69 3.29 -50.10
CA GLN E 97 -23.46 3.43 -49.31
C GLN E 97 -22.23 3.15 -50.17
N ILE E 98 -22.27 2.04 -50.93
CA ILE E 98 -21.11 1.64 -51.74
C ILE E 98 -20.65 2.79 -52.63
N ALA E 99 -21.59 3.42 -53.33
CA ALA E 99 -21.25 4.53 -54.20
C ALA E 99 -20.70 5.71 -53.43
N GLY E 100 -21.13 5.90 -52.19
CA GLY E 100 -20.55 6.93 -51.35
C GLY E 100 -19.10 6.64 -51.03
N LEU E 101 -18.79 5.39 -50.67
CA LEU E 101 -17.41 5.04 -50.35
C LEU E 101 -16.51 5.13 -51.57
N CYS E 102 -17.00 4.76 -52.75
CA CYS E 102 -16.18 4.61 -53.94
C CYS E 102 -16.28 5.80 -54.87
N ARG E 103 -16.89 6.90 -54.42
CA ARG E 103 -16.98 8.11 -55.23
C ARG E 103 -15.61 8.76 -55.45
N ASN E 104 -14.61 8.41 -54.65
CA ASN E 104 -13.31 9.05 -54.69
C ASN E 104 -12.19 8.09 -55.07
N LEU E 105 -12.50 6.93 -55.63
CA LEU E 105 -11.44 5.96 -55.96
C LEU E 105 -10.54 6.46 -57.07
N GLY E 106 -11.09 7.20 -58.03
CA GLY E 106 -10.38 7.60 -59.21
C GLY E 106 -9.58 8.89 -59.12
N HIS E 107 -9.33 9.40 -57.92
CA HIS E 107 -8.49 10.57 -57.77
C HIS E 107 -7.02 10.20 -57.94
N GLY E 108 -6.26 11.12 -58.49
CA GLY E 108 -4.84 10.91 -58.69
C GLY E 108 -4.00 11.58 -57.62
N PRO E 109 -2.68 11.54 -57.78
CA PRO E 109 -1.78 12.20 -56.84
C PRO E 109 -2.20 13.64 -56.55
N PHE E 110 -2.33 13.95 -55.25
CA PHE E 110 -2.71 15.29 -54.79
C PHE E 110 -4.06 15.73 -55.36
N SER E 111 -4.92 14.78 -55.70
CA SER E 111 -6.31 15.02 -56.07
C SER E 111 -6.47 15.99 -57.25
N HIS E 112 -6.94 17.20 -56.98
CA HIS E 112 -7.22 18.17 -58.04
C HIS E 112 -5.98 18.64 -58.76
N MET E 113 -4.79 18.34 -58.24
CA MET E 113 -3.58 18.64 -58.98
C MET E 113 -3.45 17.77 -60.23
N PHE E 114 -4.06 16.59 -60.22
CA PHE E 114 -3.84 15.57 -61.25
C PHE E 114 -4.82 15.71 -62.42
N ASP E 115 -6.12 15.55 -62.15
CA ASP E 115 -7.10 15.65 -63.21
C ASP E 115 -7.44 17.08 -63.58
N GLY E 116 -7.04 18.06 -62.78
CA GLY E 116 -7.33 19.45 -63.08
C GLY E 116 -6.23 20.13 -63.88
N ARG E 117 -5.00 19.67 -63.71
CA ARG E 117 -3.85 20.37 -64.27
C ARG E 117 -2.94 19.47 -65.09
N PHE E 118 -2.46 18.38 -64.46
CA PHE E 118 -1.40 17.57 -65.07
C PHE E 118 -1.86 16.93 -66.38
N ILE E 119 -2.91 16.11 -66.31
CA ILE E 119 -3.38 15.41 -67.52
C ILE E 119 -3.83 16.37 -68.60
N PRO E 120 -4.54 17.47 -68.32
CA PRO E 120 -4.90 18.40 -69.42
C PRO E 120 -3.73 18.90 -70.23
N LEU E 121 -2.54 18.97 -69.65
CA LEU E 121 -1.34 19.38 -70.37
C LEU E 121 -0.50 18.21 -70.85
N ALA E 122 -0.47 17.11 -70.11
CA ALA E 122 0.34 15.95 -70.48
C ALA E 122 -0.25 15.25 -71.70
N ARG E 123 -1.55 14.91 -71.66
CA ARG E 123 -2.23 14.22 -72.74
C ARG E 123 -3.49 14.97 -73.09
N PRO E 124 -3.38 16.08 -73.82
CA PRO E 124 -4.58 16.84 -74.20
C PRO E 124 -5.63 16.02 -74.93
N ASP E 125 -5.23 14.93 -75.60
CA ASP E 125 -6.17 14.19 -76.45
C ASP E 125 -7.28 13.54 -75.63
N VAL E 126 -6.93 12.92 -74.51
CA VAL E 126 -7.91 12.17 -73.72
C VAL E 126 -8.78 13.15 -72.93
N LYS E 127 -9.98 12.72 -72.60
CA LYS E 127 -10.87 13.45 -71.70
C LYS E 127 -10.99 12.60 -70.44
N TRP E 128 -10.29 12.99 -69.39
CA TRP E 128 -10.17 12.21 -68.17
C TRP E 128 -10.84 12.93 -67.02
N THR E 129 -11.73 12.23 -66.32
CA THR E 129 -12.40 12.73 -65.13
C THR E 129 -12.18 11.75 -63.99
N HIS E 130 -12.29 12.25 -62.76
CA HIS E 130 -12.09 11.37 -61.61
C HIS E 130 -13.27 10.43 -61.40
N GLU E 131 -14.46 10.80 -61.86
CA GLU E 131 -15.58 9.86 -61.77
C GLU E 131 -15.38 8.67 -62.69
N GLN E 132 -14.92 8.92 -63.92
CA GLN E 132 -14.53 7.82 -64.80
C GLN E 132 -13.45 6.97 -64.15
N GLY E 133 -12.48 7.61 -63.50
CA GLY E 133 -11.50 6.86 -62.75
C GLY E 133 -12.12 6.06 -61.61
N SER E 134 -13.23 6.55 -61.07
CA SER E 134 -13.87 5.85 -59.95
C SER E 134 -14.54 4.57 -60.42
N VAL E 135 -15.28 4.63 -61.53
CA VAL E 135 -16.02 3.46 -61.99
C VAL E 135 -15.07 2.38 -62.47
N ASN E 136 -13.92 2.78 -63.02
CA ASN E 136 -12.95 1.80 -63.50
C ASN E 136 -12.14 1.21 -62.36
N MET E 137 -11.71 2.05 -61.41
CA MET E 137 -11.05 1.53 -60.23
C MET E 137 -12.01 0.73 -59.37
N PHE E 138 -13.30 1.05 -59.41
CA PHE E 138 -14.29 0.24 -58.70
C PHE E 138 -14.42 -1.14 -59.34
N GLU E 139 -14.58 -1.19 -60.66
CA GLU E 139 -14.61 -2.48 -61.35
C GLU E 139 -13.34 -3.26 -61.06
N HIS E 140 -12.18 -2.61 -61.18
CA HIS E 140 -10.92 -3.23 -60.82
C HIS E 140 -10.95 -3.77 -59.39
N LEU E 141 -11.65 -3.06 -58.49
CA LEU E 141 -11.65 -3.42 -57.07
C LEU E 141 -12.47 -4.69 -56.83
N VAL E 142 -13.66 -4.78 -57.43
CA VAL E 142 -14.50 -5.94 -57.20
C VAL E 142 -13.93 -7.20 -57.85
N ASN E 143 -13.26 -7.06 -59.00
CA ASN E 143 -12.72 -8.21 -59.69
C ASN E 143 -11.42 -8.70 -59.04
N SER E 144 -10.54 -7.77 -58.65
CA SER E 144 -9.24 -8.16 -58.12
C SER E 144 -9.33 -8.88 -56.79
N ASN E 145 -10.44 -8.75 -56.09
CA ASN E 145 -10.57 -9.31 -54.75
C ASN E 145 -11.66 -10.36 -54.66
N GLY E 146 -12.22 -10.79 -55.79
CA GLY E 146 -13.23 -11.84 -55.81
C GLY E 146 -14.40 -11.54 -54.90
N LEU E 147 -15.03 -10.39 -55.11
CA LEU E 147 -16.07 -9.93 -54.21
C LEU E 147 -17.44 -9.78 -54.85
N ILE E 148 -17.60 -10.12 -56.13
CA ILE E 148 -18.95 -10.39 -56.61
C ILE E 148 -19.51 -11.59 -55.86
N ASP E 149 -18.62 -12.42 -55.31
CA ASP E 149 -19.01 -13.48 -54.40
C ASP E 149 -19.67 -12.92 -53.14
N VAL E 150 -19.05 -11.91 -52.50
CA VAL E 150 -19.62 -11.45 -51.23
C VAL E 150 -20.91 -10.67 -51.46
N MET E 151 -21.03 -9.98 -52.59
CA MET E 151 -22.19 -9.12 -52.81
C MET E 151 -23.47 -9.93 -52.89
N GLU E 152 -23.46 -11.01 -53.67
CA GLU E 152 -24.61 -11.90 -53.72
C GLU E 152 -24.84 -12.57 -52.39
N HIS E 153 -23.78 -12.78 -51.60
CA HIS E 153 -23.96 -13.39 -50.29
C HIS E 153 -24.71 -12.47 -49.33
N TYR E 154 -24.52 -11.16 -49.45
CA TYR E 154 -25.21 -10.22 -48.58
C TYR E 154 -26.49 -9.67 -49.21
N GLY E 155 -26.88 -10.19 -50.37
CA GLY E 155 -28.22 -9.99 -50.89
C GLY E 155 -28.35 -9.14 -52.14
N LEU E 156 -27.27 -8.84 -52.82
CA LEU E 156 -27.32 -7.96 -53.98
C LEU E 156 -27.21 -8.76 -55.26
N ILE E 157 -27.89 -8.27 -56.29
CA ILE E 157 -27.80 -8.82 -57.64
C ILE E 157 -26.74 -8.02 -58.39
N PRO E 158 -25.53 -8.58 -58.58
CA PRO E 158 -24.43 -7.77 -59.11
C PRO E 158 -24.70 -7.10 -60.45
N GLU E 159 -25.21 -7.84 -61.44
CA GLU E 159 -25.32 -7.27 -62.79
C GLU E 159 -26.08 -5.95 -62.79
N GLU E 160 -27.15 -5.85 -62.00
CA GLU E 160 -27.94 -4.63 -61.95
C GLU E 160 -27.44 -3.65 -60.88
N ASP E 161 -27.10 -4.16 -59.70
CA ASP E 161 -26.65 -3.28 -58.61
C ASP E 161 -25.31 -2.63 -58.94
N ILE E 162 -24.42 -3.35 -59.62
CA ILE E 162 -23.13 -2.76 -59.99
C ILE E 162 -23.36 -1.61 -60.96
N TRP E 163 -24.21 -1.82 -61.96
CA TRP E 163 -24.57 -0.71 -62.85
C TRP E 163 -25.25 0.41 -62.08
N PHE E 164 -26.02 0.06 -61.05
CA PHE E 164 -26.62 1.08 -60.18
C PHE E 164 -25.54 1.88 -59.48
N ILE E 165 -24.52 1.20 -58.94
CA ILE E 165 -23.46 1.89 -58.21
C ILE E 165 -22.70 2.84 -59.12
N LYS E 166 -22.32 2.37 -60.31
CA LYS E 166 -21.55 3.21 -61.23
C LYS E 166 -22.37 4.37 -61.77
N GLU E 167 -23.68 4.19 -61.92
CA GLU E 167 -24.50 5.27 -62.45
C GLU E 167 -24.58 6.43 -61.48
N GLN E 168 -24.52 6.15 -60.17
CA GLN E 168 -24.52 7.22 -59.18
C GLN E 168 -23.22 8.00 -59.22
N ILE E 169 -22.10 7.32 -59.47
CA ILE E 169 -20.82 8.01 -59.60
C ILE E 169 -20.81 8.89 -60.85
N THR E 170 -21.27 8.36 -61.97
CA THR E 170 -21.29 9.12 -63.21
C THR E 170 -22.71 9.49 -63.64
N TRP E 182 -35.98 7.23 -69.98
CA TRP E 182 -35.29 6.86 -68.75
C TRP E 182 -33.89 6.35 -69.09
N PRO E 183 -32.86 7.13 -68.74
CA PRO E 183 -31.50 6.81 -69.17
C PRO E 183 -30.83 5.73 -68.33
N TYR E 184 -31.12 5.72 -67.04
CA TYR E 184 -30.43 4.78 -66.14
C TYR E 184 -30.99 3.38 -66.31
N LYS E 185 -30.10 2.39 -66.21
CA LYS E 185 -30.49 0.99 -66.22
C LYS E 185 -30.28 0.31 -64.88
N GLY E 186 -29.67 0.99 -63.92
CA GLY E 186 -29.48 0.39 -62.60
C GLY E 186 -30.79 0.11 -61.90
N ARG E 187 -31.71 1.07 -61.92
CA ARG E 187 -32.99 0.99 -61.23
C ARG E 187 -34.01 1.83 -61.98
N PRO E 188 -35.31 1.63 -61.76
CA PRO E 188 -36.32 2.33 -62.55
C PRO E 188 -36.71 3.67 -61.96
N LYS E 189 -37.33 4.47 -62.82
CA LYS E 189 -37.73 5.84 -62.48
C LYS E 189 -38.53 5.90 -61.18
N GLU E 190 -39.19 4.81 -60.81
CA GLU E 190 -39.90 4.77 -59.53
C GLU E 190 -38.95 4.96 -58.36
N LYS E 191 -37.65 4.75 -58.56
CA LYS E 191 -36.64 5.00 -57.56
C LYS E 191 -35.60 5.99 -58.08
N SER E 192 -36.07 7.03 -58.78
CA SER E 192 -35.19 8.01 -59.40
C SER E 192 -34.50 8.92 -58.38
N PHE E 193 -34.89 8.85 -57.11
CA PHE E 193 -34.41 9.79 -56.11
C PHE E 193 -33.16 9.31 -55.41
N LEU E 194 -32.72 8.07 -55.63
CA LEU E 194 -31.50 7.59 -55.01
C LEU E 194 -30.25 7.96 -55.80
N TYR E 195 -30.41 8.35 -57.06
CA TYR E 195 -29.31 8.92 -57.82
C TYR E 195 -29.01 10.35 -57.41
N GLU E 196 -29.73 10.89 -56.43
CA GLU E 196 -29.57 12.26 -55.98
C GLU E 196 -28.90 12.34 -54.62
N ILE E 197 -28.24 11.27 -54.18
CA ILE E 197 -27.64 11.19 -52.86
C ILE E 197 -26.12 11.32 -52.93
N VAL E 198 -25.48 10.51 -53.78
CA VAL E 198 -24.03 10.42 -53.79
C VAL E 198 -23.42 11.48 -54.71
N ALA E 199 -23.96 11.63 -55.92
CA ALA E 199 -23.49 12.64 -56.88
C ALA E 199 -24.73 13.21 -57.57
N ASN E 200 -25.27 14.28 -56.99
CA ASN E 200 -26.47 14.92 -57.52
C ASN E 200 -26.08 15.78 -58.71
N LYS E 201 -26.54 15.41 -59.89
CA LYS E 201 -26.26 16.19 -61.09
C LYS E 201 -27.41 17.09 -61.47
N ARG E 202 -28.46 17.16 -60.67
CA ARG E 202 -29.59 18.04 -60.92
C ARG E 202 -29.38 19.42 -60.31
N ASN E 203 -28.76 19.50 -59.12
CA ASN E 203 -28.54 20.79 -58.48
C ASN E 203 -27.28 20.78 -57.63
N GLY E 204 -26.73 19.60 -57.36
CA GLY E 204 -25.47 19.48 -56.66
C GLY E 204 -25.57 19.23 -55.17
N ILE E 205 -26.77 19.20 -54.60
CA ILE E 205 -26.96 18.94 -53.18
C ILE E 205 -26.79 17.43 -52.96
N ASP E 206 -25.63 17.00 -52.48
CA ASP E 206 -25.38 15.60 -52.25
C ASP E 206 -24.47 15.41 -51.04
N VAL E 207 -24.36 14.16 -50.59
CA VAL E 207 -23.58 13.85 -49.39
C VAL E 207 -22.10 14.12 -49.59
N ASP E 208 -21.63 14.24 -50.83
CA ASP E 208 -20.20 14.49 -51.04
C ASP E 208 -19.78 15.83 -50.46
N LYS E 209 -20.56 16.89 -50.74
CA LYS E 209 -20.20 18.21 -50.26
C LYS E 209 -20.26 18.30 -48.75
N TRP E 210 -21.28 17.69 -48.13
CA TRP E 210 -21.47 17.86 -46.70
C TRP E 210 -20.32 17.28 -45.90
N ASP E 211 -19.65 16.27 -46.43
CA ASP E 211 -18.54 15.70 -45.67
C ASP E 211 -17.30 16.57 -45.79
N TYR E 212 -16.94 16.99 -47.01
CA TYR E 212 -15.72 17.79 -47.11
C TYR E 212 -15.94 19.22 -46.60
N PHE E 213 -17.18 19.68 -46.51
CA PHE E 213 -17.45 20.92 -45.79
C PHE E 213 -16.97 20.82 -44.35
N ALA E 214 -17.42 19.80 -43.62
CA ALA E 214 -17.09 19.67 -42.21
C ALA E 214 -15.71 19.11 -41.98
N ARG E 215 -15.17 18.34 -42.94
CA ARG E 215 -13.89 17.70 -42.73
C ARG E 215 -12.74 18.64 -43.08
N ASP E 216 -12.86 19.39 -44.18
CA ASP E 216 -11.82 20.34 -44.52
C ASP E 216 -11.77 21.49 -43.53
N CYS E 217 -12.94 21.98 -43.10
CA CYS E 217 -12.98 23.04 -42.08
C CYS E 217 -12.29 22.61 -40.80
N HIS E 218 -12.58 21.39 -40.35
CA HIS E 218 -11.95 20.85 -39.16
C HIS E 218 -10.43 20.86 -39.28
N HIS E 219 -9.90 20.52 -40.45
CA HIS E 219 -8.45 20.41 -40.63
C HIS E 219 -7.81 21.71 -41.10
N LEU E 220 -8.51 22.50 -41.91
CA LEU E 220 -7.94 23.75 -42.36
C LEU E 220 -7.87 24.79 -41.25
N GLY E 221 -8.81 24.74 -40.31
CA GLY E 221 -8.97 25.81 -39.36
C GLY E 221 -9.94 26.87 -39.81
N ILE E 222 -10.88 26.53 -40.66
CA ILE E 222 -11.86 27.47 -41.18
C ILE E 222 -13.24 27.09 -40.63
N GLN E 223 -14.21 27.95 -40.89
CA GLN E 223 -15.54 27.85 -40.31
C GLN E 223 -16.55 27.47 -41.38
N ASN E 224 -17.32 26.41 -41.13
CA ASN E 224 -18.38 25.96 -42.03
C ASN E 224 -19.70 26.53 -41.57
N ASN E 225 -20.56 26.86 -42.53
CA ASN E 225 -21.84 27.48 -42.25
C ASN E 225 -22.97 26.73 -42.93
N PHE E 226 -22.91 25.40 -42.92
CA PHE E 226 -24.02 24.58 -43.37
C PHE E 226 -24.24 23.44 -42.41
N ASP E 227 -25.46 23.29 -41.95
CA ASP E 227 -25.87 22.24 -41.01
C ASP E 227 -26.53 21.13 -41.82
N TYR E 228 -25.77 20.06 -42.09
CA TYR E 228 -26.31 19.00 -42.92
C TYR E 228 -27.28 18.09 -42.16
N LYS E 229 -27.12 17.97 -40.84
CA LYS E 229 -28.05 17.17 -40.06
C LYS E 229 -29.42 17.84 -39.96
N ARG E 230 -29.47 19.15 -40.12
CA ARG E 230 -30.77 19.81 -40.19
C ARG E 230 -31.41 19.58 -41.54
N PHE E 231 -30.63 19.63 -42.61
CA PHE E 231 -31.18 19.39 -43.93
C PHE E 231 -31.71 17.98 -44.07
N ILE E 232 -31.08 17.02 -43.38
CA ILE E 232 -31.56 15.64 -43.41
C ILE E 232 -32.89 15.51 -42.66
N LYS E 233 -33.05 16.27 -41.59
CA LYS E 233 -34.26 16.16 -40.77
C LYS E 233 -35.50 16.57 -41.54
N PHE E 234 -35.37 17.44 -42.55
CA PHE E 234 -36.51 17.89 -43.31
C PHE E 234 -36.54 17.35 -44.74
N ALA E 235 -35.60 16.50 -45.13
CA ALA E 235 -35.61 15.94 -46.47
C ALA E 235 -36.75 14.94 -46.64
N ARG E 236 -37.44 15.05 -47.77
CA ARG E 236 -38.56 14.16 -48.09
C ARG E 236 -38.77 14.16 -49.59
N VAL E 237 -39.06 12.99 -50.16
CA VAL E 237 -39.24 12.88 -51.60
C VAL E 237 -40.65 13.31 -51.98
N CYS E 238 -40.78 13.89 -53.18
CA CYS E 238 -42.06 14.36 -53.69
C CYS E 238 -42.14 14.11 -55.18
N GLU E 239 -43.33 13.70 -55.65
CA GLU E 239 -43.58 13.62 -57.08
C GLU E 239 -43.65 15.02 -57.65
N VAL E 240 -42.73 15.35 -58.56
CA VAL E 240 -42.66 16.70 -59.11
C VAL E 240 -43.33 16.76 -60.48
N ASP E 241 -42.57 16.48 -61.53
CA ASP E 241 -43.10 16.40 -62.89
C ASP E 241 -43.40 14.94 -63.27
N ASN E 242 -44.06 14.23 -62.37
CA ASN E 242 -44.25 12.78 -62.40
C ASN E 242 -42.96 12.02 -62.08
N LYS E 243 -41.88 12.72 -61.74
CA LYS E 243 -40.65 12.09 -61.29
C LYS E 243 -40.44 12.37 -59.82
N LYS E 244 -39.99 11.36 -59.08
CA LYS E 244 -39.73 11.50 -57.66
C LYS E 244 -38.42 12.23 -57.43
N HIS E 245 -38.47 13.35 -56.72
CA HIS E 245 -37.30 14.16 -56.42
C HIS E 245 -37.14 14.33 -54.92
N ILE E 246 -35.90 14.51 -54.49
CA ILE E 246 -35.59 14.76 -53.08
C ILE E 246 -35.82 16.25 -52.80
N CYS E 247 -36.69 16.54 -51.84
CA CYS E 247 -37.09 17.90 -51.54
C CYS E 247 -36.80 18.24 -50.08
N THR E 248 -36.93 19.52 -49.77
CA THR E 248 -36.77 20.03 -48.42
C THR E 248 -37.88 21.04 -48.16
N ARG E 249 -37.98 21.50 -46.93
CA ARG E 249 -39.11 22.34 -46.56
C ARG E 249 -38.92 23.77 -47.04
N GLU E 250 -40.03 24.51 -47.04
CA GLU E 250 -40.04 25.93 -47.38
C GLU E 250 -38.94 26.70 -46.65
N LYS E 251 -38.79 26.43 -45.36
CA LYS E 251 -37.98 27.25 -44.47
C LYS E 251 -36.48 27.02 -44.63
N GLU E 252 -36.05 26.10 -45.49
CA GLU E 252 -34.64 25.78 -45.62
C GLU E 252 -34.05 26.23 -46.96
N VAL E 253 -34.68 27.19 -47.63
CA VAL E 253 -34.14 27.67 -48.89
C VAL E 253 -33.00 28.67 -48.64
N GLY E 254 -33.09 29.46 -47.57
CA GLY E 254 -31.98 30.35 -47.24
C GLY E 254 -30.74 29.61 -46.80
N ASN E 255 -30.92 28.45 -46.16
CA ASN E 255 -29.78 27.61 -45.79
C ASN E 255 -29.18 26.90 -47.00
N LEU E 256 -29.94 26.78 -48.08
CA LEU E 256 -29.39 26.21 -49.31
C LEU E 256 -28.51 27.23 -50.02
N TYR E 257 -28.96 28.49 -50.08
CA TYR E 257 -28.08 29.53 -50.59
C TYR E 257 -26.81 29.62 -49.77
N ASP E 258 -26.91 29.48 -48.44
CA ASP E 258 -25.74 29.47 -47.59
C ASP E 258 -24.83 28.28 -47.85
N MET E 259 -25.37 27.19 -48.40
CA MET E 259 -24.55 26.01 -48.62
C MET E 259 -23.55 26.26 -49.73
N PHE E 260 -24.01 26.80 -50.85
CA PHE E 260 -23.08 27.15 -51.92
C PHE E 260 -22.24 28.35 -51.55
N HIS E 261 -22.76 29.25 -50.71
CA HIS E 261 -21.93 30.33 -50.20
C HIS E 261 -20.81 29.81 -49.31
N THR E 262 -21.08 28.75 -48.55
CA THR E 262 -20.01 28.08 -47.83
C THR E 262 -18.98 27.51 -48.79
N ARG E 263 -19.44 26.79 -49.81
CA ARG E 263 -18.54 26.17 -50.78
C ARG E 263 -17.69 27.21 -51.50
N ASN E 264 -18.22 28.42 -51.69
CA ASN E 264 -17.44 29.47 -52.34
C ASN E 264 -16.39 30.05 -51.40
N CYS E 265 -16.69 30.14 -50.11
CA CYS E 265 -15.69 30.59 -49.14
C CYS E 265 -14.55 29.60 -49.04
N LEU E 266 -14.85 28.31 -49.09
CA LEU E 266 -13.80 27.30 -49.02
C LEU E 266 -12.88 27.37 -50.24
N HIS E 267 -13.41 27.81 -51.38
CA HIS E 267 -12.57 27.96 -52.56
C HIS E 267 -11.72 29.22 -52.47
N ARG E 268 -12.33 30.33 -52.10
CA ARG E 268 -11.58 31.58 -52.06
C ARG E 268 -10.60 31.64 -50.88
N ARG E 269 -10.81 30.84 -49.84
CA ARG E 269 -9.89 30.88 -48.71
C ARG E 269 -8.83 29.78 -48.75
N ALA E 270 -9.16 28.61 -49.27
CA ALA E 270 -8.23 27.49 -49.19
C ALA E 270 -8.01 26.80 -50.54
N TYR E 271 -9.10 26.41 -51.19
CA TYR E 271 -8.96 25.56 -52.38
C TYR E 271 -8.25 26.31 -53.52
N GLN E 272 -8.41 27.62 -53.59
CA GLN E 272 -7.78 28.42 -54.63
C GLN E 272 -6.91 29.51 -54.04
N HIS E 273 -6.35 29.26 -52.86
CA HIS E 273 -5.29 30.12 -52.33
C HIS E 273 -4.18 30.27 -53.36
N LYS E 274 -3.77 31.52 -53.60
CA LYS E 274 -2.87 31.79 -54.72
C LYS E 274 -1.51 31.11 -54.51
N VAL E 275 -1.03 31.07 -53.27
CA VAL E 275 0.21 30.36 -53.02
C VAL E 275 -0.02 28.84 -53.04
N GLY E 276 -1.18 28.39 -52.59
CA GLY E 276 -1.48 26.97 -52.69
C GLY E 276 -1.61 26.49 -54.13
N ASN E 277 -2.21 27.33 -54.98
CA ASN E 277 -2.34 26.95 -56.38
C ASN E 277 -1.00 26.94 -57.09
N ILE E 278 -0.09 27.84 -56.72
CA ILE E 278 1.20 27.87 -57.40
C ILE E 278 2.06 26.70 -56.98
N ILE E 279 1.87 26.19 -55.76
CA ILE E 279 2.60 24.98 -55.37
C ILE E 279 2.07 23.78 -56.13
N ASP E 280 0.75 23.67 -56.27
CA ASP E 280 0.18 22.63 -57.13
C ASP E 280 0.71 22.78 -58.55
N THR E 281 0.82 24.01 -59.04
CA THR E 281 1.31 24.23 -60.39
C THR E 281 2.77 23.80 -60.52
N MET E 282 3.58 23.96 -59.48
CA MET E 282 4.96 23.53 -59.57
C MET E 282 5.10 22.02 -59.50
N ILE E 283 4.25 21.35 -58.71
CA ILE E 283 4.27 19.90 -58.70
C ILE E 283 3.89 19.35 -60.07
N THR E 284 2.97 20.01 -60.76
CA THR E 284 2.64 19.60 -62.12
C THR E 284 3.86 19.76 -63.04
N ASP E 285 4.60 20.87 -62.88
CA ASP E 285 5.80 21.06 -63.70
C ASP E 285 6.84 20.00 -63.41
N ALA E 286 7.03 19.64 -62.14
CA ALA E 286 7.94 18.55 -61.79
C ALA E 286 7.47 17.23 -62.37
N PHE E 287 6.16 16.95 -62.30
CA PHE E 287 5.66 15.69 -62.84
C PHE E 287 5.76 15.67 -64.36
N LEU E 288 5.63 16.82 -65.00
CA LEU E 288 5.70 16.86 -66.45
C LEU E 288 7.10 16.53 -66.96
N LYS E 289 8.13 17.08 -66.31
CA LYS E 289 9.49 16.78 -66.73
C LYS E 289 9.92 15.37 -66.33
N ALA E 290 9.43 14.88 -65.20
CA ALA E 290 9.74 13.52 -64.78
C ALA E 290 8.85 12.48 -65.46
N ASP E 291 8.01 12.90 -66.41
CA ASP E 291 7.03 11.98 -66.97
C ASP E 291 7.68 10.88 -67.81
N PRO E 292 8.62 11.17 -68.71
CA PRO E 292 9.19 10.08 -69.52
C PRO E 292 10.08 9.11 -68.73
N TYR E 293 10.70 9.55 -67.65
CA TYR E 293 11.71 8.75 -66.97
C TYR E 293 11.23 8.09 -65.70
N ILE E 294 9.99 8.33 -65.29
CA ILE E 294 9.40 7.69 -64.13
C ILE E 294 8.49 6.58 -64.63
N GLU E 295 8.86 5.33 -64.36
CA GLU E 295 8.16 4.17 -64.89
C GLU E 295 7.44 3.45 -63.76
N ILE E 296 6.18 3.11 -63.99
CA ILE E 296 5.39 2.33 -63.04
C ILE E 296 4.89 1.07 -63.73
N THR E 297 4.98 -0.06 -63.01
CA THR E 297 4.48 -1.32 -63.51
C THR E 297 3.08 -1.62 -62.97
N GLY E 301 1.72 -7.75 -66.66
CA GLY E 301 2.97 -7.06 -66.43
C GLY E 301 3.36 -6.16 -67.59
N LYS E 302 3.82 -4.94 -67.25
CA LYS E 302 4.23 -3.95 -68.24
C LYS E 302 4.81 -2.74 -67.53
N LYS E 303 4.91 -1.61 -68.21
CA LYS E 303 5.48 -0.41 -67.64
C LYS E 303 4.72 0.81 -68.13
N TYR E 304 4.39 1.71 -67.21
CA TYR E 304 3.67 2.93 -67.54
C TYR E 304 4.35 4.12 -66.90
N ARG E 305 4.12 5.29 -67.49
CA ARG E 305 4.51 6.56 -66.90
C ARG E 305 3.35 7.13 -66.08
N ILE E 306 3.64 8.23 -65.38
CA ILE E 306 2.61 8.92 -64.61
C ILE E 306 1.47 9.35 -65.51
N SER E 307 1.78 9.74 -66.74
CA SER E 307 0.77 10.23 -67.66
C SER E 307 -0.11 9.13 -68.24
N THR E 308 0.33 7.87 -68.17
CA THR E 308 -0.43 6.77 -68.75
C THR E 308 -0.81 5.72 -67.73
N ALA E 309 -0.54 5.94 -66.44
CA ALA E 309 -1.04 5.04 -65.42
C ALA E 309 -2.56 5.05 -65.34
N ILE E 310 -3.22 6.06 -65.94
CA ILE E 310 -4.67 6.08 -65.91
C ILE E 310 -5.24 4.99 -66.79
N ASP E 311 -4.48 4.58 -67.81
CA ASP E 311 -4.96 3.61 -68.79
C ASP E 311 -4.94 2.18 -68.27
N ASP E 312 -4.15 1.88 -67.25
CA ASP E 312 -4.12 0.57 -66.62
C ASP E 312 -4.44 0.74 -65.14
N MET E 313 -5.57 0.21 -64.71
CA MET E 313 -6.02 0.38 -63.34
C MET E 313 -5.10 -0.29 -62.33
N GLU E 314 -4.30 -1.26 -62.76
CA GLU E 314 -3.31 -1.84 -61.87
C GLU E 314 -2.13 -0.90 -61.64
N ALA E 315 -1.78 -0.10 -62.65
CA ALA E 315 -0.77 0.93 -62.45
C ALA E 315 -1.34 2.07 -61.61
N PHE E 316 -2.57 2.50 -61.88
CA PHE E 316 -3.17 3.59 -61.13
C PHE E 316 -3.26 3.27 -59.65
N THR E 317 -3.32 1.98 -59.30
CA THR E 317 -3.33 1.60 -57.89
C THR E 317 -2.04 2.02 -57.21
N LYS E 318 -0.90 1.85 -57.88
CA LYS E 318 0.40 2.20 -57.34
C LYS E 318 0.79 3.65 -57.67
N LEU E 319 -0.15 4.47 -58.10
CA LEU E 319 0.09 5.87 -58.42
C LEU E 319 -0.55 6.75 -57.33
N THR E 320 0.27 7.20 -56.39
CA THR E 320 -0.22 8.00 -55.26
C THR E 320 0.67 9.23 -55.10
N ASP E 321 0.59 9.86 -53.93
CA ASP E 321 1.45 11.01 -53.65
C ASP E 321 2.89 10.60 -53.41
N ASN E 322 3.14 9.31 -53.16
CA ASN E 322 4.52 8.81 -53.01
C ASN E 322 5.37 9.15 -54.24
N ILE E 323 4.74 9.30 -55.40
CA ILE E 323 5.49 9.64 -56.60
C ILE E 323 6.13 11.02 -56.47
N PHE E 324 5.58 11.88 -55.61
CA PHE E 324 6.25 13.14 -55.30
C PHE E 324 7.61 12.89 -54.65
N LEU E 325 7.65 12.03 -53.63
CA LEU E 325 8.89 11.79 -52.91
C LEU E 325 9.86 10.93 -53.70
N GLU E 326 9.38 10.08 -54.59
CA GLU E 326 10.29 9.28 -55.40
C GLU E 326 11.14 10.16 -56.31
N ILE E 327 10.55 11.25 -56.82
CA ILE E 327 11.32 12.20 -57.61
C ILE E 327 12.29 12.97 -56.71
N LEU E 328 11.86 13.29 -55.49
CA LEU E 328 12.68 14.09 -54.60
C LEU E 328 13.91 13.32 -54.13
N TYR E 329 13.79 12.00 -53.94
CA TYR E 329 14.87 11.20 -53.41
C TYR E 329 15.70 10.52 -54.49
N SER E 330 15.32 10.65 -55.76
CA SER E 330 16.02 9.93 -56.81
C SER E 330 17.42 10.51 -57.01
N THR E 331 18.18 9.86 -57.88
CA THR E 331 19.56 10.25 -58.19
C THR E 331 19.87 10.25 -59.67
N ASP E 332 19.08 9.58 -60.51
CA ASP E 332 19.36 9.55 -61.94
C ASP E 332 19.29 10.96 -62.50
N PRO E 333 20.33 11.42 -63.21
CA PRO E 333 20.32 12.79 -63.73
C PRO E 333 19.22 13.04 -64.74
N LYS E 334 18.50 12.00 -65.19
CA LYS E 334 17.42 12.23 -66.13
C LYS E 334 16.28 13.02 -65.49
N LEU E 335 16.10 12.88 -64.17
CA LEU E 335 15.07 13.56 -63.43
C LEU E 335 15.59 14.79 -62.70
N ASP E 336 16.73 15.34 -63.13
CA ASP E 336 17.35 16.45 -62.40
C ASP E 336 16.52 17.72 -62.52
N ALA E 337 15.99 18.00 -63.72
CA ALA E 337 15.18 19.20 -63.91
C ALA E 337 13.90 19.13 -63.09
N ALA E 338 13.24 17.96 -63.06
CA ALA E 338 12.06 17.78 -62.24
C ALA E 338 12.42 17.88 -60.76
N ARG E 339 13.54 17.28 -60.37
CA ARG E 339 13.96 17.33 -58.98
C ARG E 339 14.38 18.74 -58.57
N ALA E 340 14.92 19.52 -59.51
CA ALA E 340 15.31 20.89 -59.18
C ALA E 340 14.10 21.74 -58.85
N ILE E 341 12.93 21.39 -59.39
CA ILE E 341 11.72 22.16 -59.12
C ILE E 341 11.15 21.81 -57.74
N LEU E 342 11.12 20.52 -57.38
CA LEU E 342 10.69 20.17 -56.03
C LEU E 342 11.71 20.58 -54.98
N LYS E 343 12.96 20.81 -55.38
CA LYS E 343 13.92 21.41 -54.46
C LYS E 343 13.56 22.86 -54.19
N LYS E 344 12.97 23.54 -55.17
CA LYS E 344 12.51 24.91 -54.98
C LYS E 344 11.32 24.97 -54.03
N ILE E 345 10.53 23.90 -53.96
CA ILE E 345 9.35 23.91 -53.10
C ILE E 345 9.73 23.75 -51.64
N GLU E 346 10.67 22.84 -51.33
CA GLU E 346 11.05 22.60 -49.94
C GLU E 346 11.85 23.73 -49.33
N CYS E 347 12.36 24.66 -50.14
CA CYS E 347 12.98 25.88 -49.64
C CYS E 347 12.09 27.09 -49.89
N ARG E 348 10.86 26.87 -50.33
CA ARG E 348 9.86 27.90 -50.54
C ARG E 348 10.37 29.02 -51.44
N ASN E 349 11.19 28.66 -52.43
CA ASN E 349 11.52 29.56 -53.54
C ASN E 349 10.45 29.38 -54.62
N LEU E 350 9.24 29.82 -54.28
CA LEU E 350 8.09 29.62 -55.15
C LEU E 350 8.03 30.70 -56.23
N TYR E 351 7.18 30.45 -57.23
CA TYR E 351 6.92 31.46 -58.24
C TYR E 351 6.28 32.68 -57.59
N LYS E 352 6.89 33.84 -57.75
CA LYS E 352 6.34 35.05 -57.18
C LYS E 352 5.01 35.38 -57.84
N PHE E 353 4.01 35.66 -57.01
CA PHE E 353 2.70 36.06 -57.53
C PHE E 353 2.79 37.46 -58.11
N VAL E 354 2.41 37.60 -59.37
CA VAL E 354 2.47 38.90 -60.04
C VAL E 354 1.12 39.28 -60.61
N ILE E 397 3.18 31.52 -66.25
CA ILE E 397 2.11 30.84 -65.53
C ILE E 397 0.93 31.77 -65.30
N VAL E 398 -0.17 31.52 -66.01
CA VAL E 398 -1.40 32.27 -65.84
C VAL E 398 -2.46 31.30 -65.36
N ASP E 399 -3.02 31.56 -64.18
CA ASP E 399 -4.01 30.70 -63.57
C ASP E 399 -5.39 31.35 -63.74
N VAL E 400 -6.28 30.67 -64.44
CA VAL E 400 -7.65 31.13 -64.60
C VAL E 400 -8.56 30.26 -63.74
N ILE E 401 -9.33 30.90 -62.88
CA ILE E 401 -10.22 30.22 -61.95
C ILE E 401 -11.65 30.68 -62.21
N ASN E 402 -12.55 29.72 -62.37
CA ASN E 402 -13.98 29.98 -62.57
C ASN E 402 -14.73 29.50 -61.34
N MET E 403 -15.17 30.44 -60.50
CA MET E 403 -15.90 30.11 -59.28
C MET E 403 -17.38 30.28 -59.57
N ASP E 404 -18.06 29.14 -59.76
CA ASP E 404 -19.48 29.11 -60.05
C ASP E 404 -20.21 28.50 -58.85
N TYR E 405 -21.49 28.18 -59.05
CA TYR E 405 -22.28 27.46 -58.06
C TYR E 405 -22.46 25.99 -58.43
N GLY E 406 -21.45 25.39 -59.06
CA GLY E 406 -21.51 24.00 -59.42
C GLY E 406 -22.20 23.68 -60.72
N MET E 407 -22.89 24.65 -61.33
CA MET E 407 -23.61 24.41 -62.58
C MET E 407 -23.39 25.57 -63.54
N GLU E 408 -22.12 25.90 -63.78
CA GLU E 408 -21.73 26.97 -64.72
C GLU E 408 -22.42 28.26 -64.26
N ASP E 409 -23.07 29.00 -65.15
CA ASP E 409 -23.70 30.26 -64.80
C ASP E 409 -25.12 30.10 -64.27
N LYS E 410 -25.52 28.87 -63.94
CA LYS E 410 -26.89 28.62 -63.53
C LYS E 410 -27.06 28.73 -62.02
N ASN E 411 -28.31 28.95 -61.61
CA ASN E 411 -28.70 28.98 -60.21
C ASN E 411 -29.21 27.61 -59.82
N PRO E 412 -28.45 26.82 -59.05
CA PRO E 412 -28.92 25.48 -58.68
C PRO E 412 -30.21 25.48 -57.86
N ILE E 413 -30.55 26.60 -57.22
CA ILE E 413 -31.80 26.66 -56.46
C ILE E 413 -33.00 26.58 -57.39
N ASP E 414 -32.87 27.08 -58.62
CA ASP E 414 -33.95 26.92 -59.58
C ASP E 414 -34.21 25.47 -59.95
N ASN E 415 -33.32 24.55 -59.58
CA ASN E 415 -33.52 23.13 -59.78
C ASN E 415 -33.91 22.39 -58.49
N VAL E 416 -34.32 23.12 -57.47
CA VAL E 416 -34.71 22.54 -56.19
C VAL E 416 -36.21 22.79 -56.00
N ARG E 417 -36.90 21.78 -55.49
CA ARG E 417 -38.31 21.90 -55.15
C ARG E 417 -38.46 21.88 -53.64
N PHE E 418 -39.58 22.43 -53.16
CA PHE E 418 -39.84 22.56 -51.74
C PHE E 418 -41.29 22.18 -51.46
N TYR E 419 -41.60 21.92 -50.19
CA TYR E 419 -42.96 21.59 -49.79
C TYR E 419 -43.33 22.35 -48.51
N CYS E 420 -44.63 22.46 -48.28
CA CYS E 420 -45.16 23.19 -47.13
C CYS E 420 -45.68 22.22 -46.07
N LYS E 421 -46.00 22.78 -44.90
CA LYS E 421 -46.62 21.99 -43.85
C LYS E 421 -48.03 21.54 -44.22
N SER E 422 -48.72 22.32 -45.05
CA SER E 422 -50.11 22.04 -45.36
C SER E 422 -50.23 20.80 -46.26
N ASP E 423 -49.49 20.79 -47.37
CA ASP E 423 -49.47 19.67 -48.31
C ASP E 423 -48.03 19.21 -48.48
N PRO E 424 -47.58 18.24 -47.68
CA PRO E 424 -46.19 17.78 -47.79
C PRO E 424 -45.93 16.95 -49.03
N ASN E 425 -46.83 16.99 -50.00
CA ASN E 425 -46.68 16.23 -51.22
C ASN E 425 -46.78 17.09 -52.47
N LYS E 426 -46.93 18.41 -52.33
CA LYS E 426 -46.98 19.33 -53.45
C LYS E 426 -45.65 20.08 -53.53
N ALA E 427 -44.83 19.73 -54.51
CA ALA E 427 -43.53 20.37 -54.70
C ALA E 427 -43.70 21.70 -55.42
N ILE E 428 -42.91 22.69 -55.03
CA ILE E 428 -43.01 24.04 -55.59
C ILE E 428 -41.62 24.60 -55.83
N ILE E 429 -41.50 25.41 -56.87
CA ILE E 429 -40.27 26.10 -57.19
C ILE E 429 -40.31 27.47 -56.54
N ILE E 430 -39.29 27.77 -55.73
CA ILE E 430 -39.14 29.09 -55.11
C ILE E 430 -38.08 29.83 -55.90
N THR E 431 -38.46 30.97 -56.46
CA THR E 431 -37.50 31.75 -57.24
C THR E 431 -36.63 32.60 -56.31
N LYS E 432 -35.57 33.16 -56.88
CA LYS E 432 -34.59 33.89 -56.10
C LYS E 432 -35.15 35.21 -55.58
N ASN E 433 -36.00 35.88 -56.38
CA ASN E 433 -36.59 37.12 -55.93
C ASN E 433 -37.60 36.92 -54.80
N GLN E 434 -37.92 35.67 -54.47
CA GLN E 434 -38.87 35.36 -53.41
C GLN E 434 -38.21 35.25 -52.05
N VAL E 435 -36.93 34.88 -52.00
CA VAL E 435 -36.25 34.59 -50.73
C VAL E 435 -35.66 35.87 -50.14
N SER E 436 -34.59 36.39 -50.75
CA SER E 436 -33.93 37.58 -50.24
C SER E 436 -33.47 38.45 -51.42
N GLN E 437 -33.44 39.75 -51.19
CA GLN E 437 -32.99 40.71 -52.19
C GLN E 437 -31.50 41.01 -52.10
N LEU E 438 -30.82 40.54 -51.06
CA LEU E 438 -29.38 40.70 -50.89
C LEU E 438 -28.61 39.48 -51.38
N LEU E 439 -29.20 38.67 -52.22
CA LEU E 439 -28.54 37.51 -52.79
C LEU E 439 -27.71 37.95 -54.01
N PRO E 440 -26.76 37.12 -54.44
CA PRO E 440 -25.89 37.52 -55.54
C PRO E 440 -26.66 37.83 -56.82
N GLU E 441 -26.09 38.73 -57.63
CA GLU E 441 -26.69 39.04 -58.92
C GLU E 441 -26.42 37.92 -59.93
N ARG E 442 -25.16 37.56 -60.11
CA ARG E 442 -24.79 36.45 -60.96
C ARG E 442 -24.39 35.25 -60.11
N PHE E 443 -24.10 34.14 -60.78
CA PHE E 443 -23.73 32.91 -60.08
C PHE E 443 -22.44 32.28 -60.62
N ALA E 444 -21.68 33.01 -61.44
CA ALA E 444 -20.40 32.51 -61.92
C ALA E 444 -19.49 33.69 -62.23
N GLU E 445 -18.25 33.62 -61.82
CA GLU E 445 -17.28 34.67 -62.10
C GLU E 445 -15.94 34.04 -62.43
N GLN E 446 -15.10 34.81 -63.11
CA GLN E 446 -13.80 34.33 -63.60
C GLN E 446 -12.70 35.17 -62.98
N LEU E 447 -11.66 34.51 -62.49
CA LEU E 447 -10.54 35.17 -61.85
C LEU E 447 -9.27 34.88 -62.63
N ILE E 448 -8.38 35.87 -62.69
CA ILE E 448 -7.16 35.79 -63.47
C ILE E 448 -5.99 36.08 -62.54
N ARG E 449 -4.99 35.19 -62.56
CA ARG E 449 -3.78 35.36 -61.78
C ARG E 449 -2.58 35.02 -62.65
N VAL E 450 -1.51 35.78 -62.49
CA VAL E 450 -0.26 35.53 -63.18
C VAL E 450 0.85 35.36 -62.16
N TYR E 451 1.82 34.52 -62.50
CA TYR E 451 2.95 34.22 -61.64
C TYR E 451 4.22 34.24 -62.47
N CYS E 452 5.30 34.75 -61.88
CA CYS E 452 6.60 34.82 -62.53
C CYS E 452 7.34 33.51 -62.31
N LYS E 453 7.71 32.84 -63.40
CA LYS E 453 8.45 31.60 -63.35
C LYS E 453 9.88 31.84 -62.89
N THR F 11 -5.81 42.86 -6.57
CA THR F 11 -5.07 42.55 -7.78
C THR F 11 -5.98 42.07 -8.91
N VAL F 12 -5.39 41.45 -9.92
CA VAL F 12 -6.14 41.01 -11.09
C VAL F 12 -6.83 39.69 -10.79
N LYS F 13 -7.96 39.49 -11.44
CA LYS F 13 -8.71 38.25 -11.35
C LYS F 13 -8.81 37.64 -12.74
N VAL F 14 -9.11 36.34 -12.76
CA VAL F 14 -9.22 35.57 -13.99
C VAL F 14 -10.62 34.97 -14.06
N ILE F 15 -11.29 35.15 -15.20
CA ILE F 15 -12.64 34.66 -15.43
C ILE F 15 -12.58 33.60 -16.51
N ASN F 16 -13.13 32.42 -16.23
CA ASN F 16 -13.22 31.35 -17.22
C ASN F 16 -14.47 31.53 -18.06
N ASP F 17 -14.30 31.52 -19.38
CA ASP F 17 -15.37 31.86 -20.30
C ASP F 17 -15.42 30.78 -21.38
N PRO F 18 -16.61 30.28 -21.72
CA PRO F 18 -16.70 29.26 -22.78
C PRO F 18 -16.19 29.76 -24.11
N ILE F 19 -16.19 31.06 -24.35
CA ILE F 19 -15.86 31.62 -25.65
C ILE F 19 -14.40 32.00 -25.74
N HIS F 20 -13.89 32.72 -24.75
CA HIS F 20 -12.55 33.28 -24.80
C HIS F 20 -11.58 32.60 -23.84
N GLY F 21 -12.05 31.64 -23.04
CA GLY F 21 -11.12 30.99 -22.13
C GLY F 21 -10.85 31.89 -20.94
N HIS F 22 -9.62 31.82 -20.43
CA HIS F 22 -9.27 32.55 -19.22
C HIS F 22 -8.93 33.99 -19.59
N ILE F 23 -9.75 34.92 -19.11
CA ILE F 23 -9.59 36.34 -19.41
C ILE F 23 -9.29 37.07 -18.10
N GLU F 24 -8.22 37.86 -18.11
CA GLU F 24 -7.78 38.60 -16.94
C GLU F 24 -8.39 40.00 -16.94
N LEU F 25 -8.76 40.49 -15.76
CA LEU F 25 -9.43 41.77 -15.62
C LEU F 25 -8.69 42.64 -14.62
N HIS F 26 -8.44 43.88 -15.01
CA HIS F 26 -7.77 44.87 -14.17
C HIS F 26 -8.56 45.08 -12.88
N PRO F 27 -7.88 45.34 -11.76
CA PRO F 27 -8.60 45.61 -10.50
C PRO F 27 -9.67 46.66 -10.60
N LEU F 28 -9.51 47.65 -11.48
CA LEU F 28 -10.58 48.64 -11.65
C LEU F 28 -11.77 48.01 -12.35
N LEU F 29 -11.53 47.14 -13.34
CA LEU F 29 -12.63 46.48 -14.02
C LEU F 29 -13.39 45.58 -13.07
N ILE F 30 -12.68 44.93 -12.13
CA ILE F 30 -13.33 44.11 -11.11
C ILE F 30 -14.24 44.96 -10.24
N ARG F 31 -13.76 46.13 -9.80
CA ARG F 31 -14.57 46.99 -8.96
C ARG F 31 -15.77 47.55 -9.70
N ILE F 32 -15.67 47.67 -11.03
CA ILE F 32 -16.80 48.18 -11.81
C ILE F 32 -17.90 47.13 -11.95
N ILE F 33 -17.52 45.87 -12.18
CA ILE F 33 -18.53 44.84 -12.42
C ILE F 33 -19.16 44.35 -11.12
N ASP F 34 -18.49 44.55 -9.98
CA ASP F 34 -19.03 44.10 -8.70
C ASP F 34 -19.88 45.20 -8.06
N THR F 35 -20.92 45.58 -8.81
CA THR F 35 -21.86 46.61 -8.42
C THR F 35 -23.26 46.14 -8.81
N PRO F 36 -24.29 46.62 -8.12
CA PRO F 36 -25.66 46.18 -8.47
C PRO F 36 -26.07 46.52 -9.89
N GLN F 37 -25.49 47.56 -10.51
CA GLN F 37 -25.91 47.94 -11.85
C GLN F 37 -25.25 47.08 -12.92
N PHE F 38 -24.06 46.54 -12.65
CA PHE F 38 -23.48 45.60 -13.61
C PHE F 38 -24.06 44.20 -13.41
N GLN F 39 -24.15 43.73 -12.16
CA GLN F 39 -24.74 42.43 -11.90
C GLN F 39 -26.22 42.39 -12.25
N ARG F 40 -26.84 43.56 -12.41
CA ARG F 40 -28.17 43.65 -13.02
C ARG F 40 -28.21 42.90 -14.34
N LEU F 41 -27.14 42.98 -15.12
CA LEU F 41 -27.12 42.36 -16.44
C LEU F 41 -27.19 40.84 -16.37
N ARG F 42 -26.98 40.23 -15.21
CA ARG F 42 -27.14 38.79 -15.08
C ARG F 42 -28.58 38.34 -15.26
N TYR F 43 -29.54 39.26 -15.21
CA TYR F 43 -30.96 38.93 -15.30
C TYR F 43 -31.61 39.58 -16.50
N ILE F 44 -30.83 39.93 -17.51
CA ILE F 44 -31.32 40.40 -18.80
C ILE F 44 -30.86 39.38 -19.83
N LYS F 45 -31.79 38.60 -20.37
CA LYS F 45 -31.41 37.61 -21.37
C LYS F 45 -30.96 38.30 -22.65
N GLN F 46 -29.81 37.85 -23.15
CA GLN F 46 -29.19 38.47 -24.33
C GLN F 46 -30.12 38.46 -25.53
N LEU F 47 -30.73 37.32 -25.82
CA LEU F 47 -31.56 37.17 -27.02
C LEU F 47 -33.05 37.28 -26.73
N GLY F 48 -33.43 37.57 -25.49
CA GLY F 48 -34.82 37.83 -25.15
C GLY F 48 -35.75 36.67 -25.45
N GLY F 49 -36.64 36.85 -26.42
CA GLY F 49 -37.61 35.84 -26.78
C GLY F 49 -37.04 34.65 -27.54
N GLY F 50 -35.79 34.72 -27.99
CA GLY F 50 -35.18 33.59 -28.67
C GLY F 50 -34.98 32.37 -27.79
N TYR F 51 -34.93 32.56 -26.47
CA TYR F 51 -34.77 31.44 -25.55
C TYR F 51 -35.94 30.46 -25.63
N TYR F 52 -37.12 30.96 -25.98
CA TYR F 52 -38.29 30.12 -26.13
C TYR F 52 -38.35 29.42 -27.48
N VAL F 53 -37.38 29.65 -28.36
CA VAL F 53 -37.24 28.92 -29.60
C VAL F 53 -35.92 28.17 -29.68
N PHE F 54 -34.85 28.77 -29.19
CA PHE F 54 -33.55 28.12 -29.07
C PHE F 54 -33.25 27.86 -27.60
N PRO F 55 -33.45 26.65 -27.10
CA PRO F 55 -33.27 26.41 -25.65
C PRO F 55 -31.87 26.68 -25.14
N GLY F 56 -30.85 26.64 -26.00
CA GLY F 56 -29.51 26.92 -25.55
C GLY F 56 -29.21 28.38 -25.35
N ALA F 57 -30.06 29.26 -25.84
CA ALA F 57 -29.89 30.71 -25.73
C ALA F 57 -30.41 31.19 -24.38
N SER F 58 -29.72 30.78 -23.32
CA SER F 58 -30.03 31.23 -21.98
C SER F 58 -29.02 32.22 -21.43
N HIS F 59 -28.03 32.60 -22.24
CA HIS F 59 -27.01 33.53 -21.79
C HIS F 59 -27.60 34.94 -21.60
N ASN F 60 -27.00 35.70 -20.70
CA ASN F 60 -27.50 37.02 -20.35
C ASN F 60 -26.50 38.09 -20.77
N ARG F 61 -26.93 39.35 -20.67
CA ARG F 61 -26.09 40.48 -21.05
C ARG F 61 -24.79 40.54 -20.25
N PHE F 62 -24.78 39.97 -19.05
CA PHE F 62 -23.60 40.04 -18.19
C PHE F 62 -22.38 39.40 -18.84
N GLU F 63 -22.50 38.13 -19.23
CA GLU F 63 -21.37 37.41 -19.81
C GLU F 63 -20.95 38.01 -21.14
N HIS F 64 -21.90 38.59 -21.87
CA HIS F 64 -21.57 39.28 -23.11
C HIS F 64 -20.73 40.52 -22.84
N SER F 65 -21.04 41.24 -21.76
CA SER F 65 -20.31 42.47 -21.44
C SER F 65 -18.84 42.17 -21.16
N LEU F 66 -18.57 41.07 -20.45
CA LEU F 66 -17.18 40.73 -20.16
C LEU F 66 -16.41 40.39 -21.44
N GLY F 67 -17.08 39.79 -22.41
CA GLY F 67 -16.39 39.44 -23.65
C GLY F 67 -16.09 40.65 -24.52
N VAL F 68 -17.03 41.59 -24.59
CA VAL F 68 -16.79 42.82 -25.33
C VAL F 68 -15.62 43.58 -24.71
N GLY F 69 -15.58 43.64 -23.38
CA GLY F 69 -14.50 44.34 -22.72
C GLY F 69 -13.17 43.64 -22.85
N TYR F 70 -13.20 42.31 -22.90
CA TYR F 70 -11.96 41.55 -23.10
C TYR F 70 -11.46 41.71 -24.53
N LEU F 71 -12.37 41.76 -25.50
CA LEU F 71 -11.95 41.93 -26.88
C LEU F 71 -11.53 43.37 -27.15
N ALA F 72 -12.19 44.33 -26.50
CA ALA F 72 -11.73 45.70 -26.56
C ALA F 72 -10.29 45.80 -26.09
N GLY F 73 -9.95 45.06 -25.04
CA GLY F 73 -8.58 45.06 -24.55
C GLY F 73 -7.62 44.35 -25.48
N CYS F 74 -8.10 43.38 -26.26
CA CYS F 74 -7.20 42.64 -27.15
C CYS F 74 -6.82 43.48 -28.35
N LEU F 75 -7.76 44.27 -28.86
CA LEU F 75 -7.49 45.07 -30.06
C LEU F 75 -6.64 46.29 -29.74
N VAL F 76 -6.91 46.95 -28.61
CA VAL F 76 -6.13 48.13 -28.26
C VAL F 76 -4.75 47.72 -27.76
N ARG F 77 -4.62 46.51 -27.22
CA ARG F 77 -3.30 46.05 -26.80
C ARG F 77 -2.46 45.61 -28.00
N GLU F 78 -3.11 45.13 -29.06
CA GLU F 78 -2.38 44.76 -30.26
C GLU F 78 -1.90 45.99 -31.01
N LEU F 79 -2.72 47.04 -31.06
CA LEU F 79 -2.32 48.27 -31.73
C LEU F 79 -1.18 48.95 -30.98
N SER F 80 -1.24 48.97 -29.65
CA SER F 80 -0.18 49.58 -28.87
C SER F 80 1.14 48.83 -29.08
N GLU F 81 1.09 47.50 -29.09
CA GLU F 81 2.34 46.73 -29.19
C GLU F 81 2.93 46.82 -30.60
N LYS F 82 2.09 46.82 -31.63
CA LYS F 82 2.61 46.80 -32.99
C LYS F 82 3.17 48.16 -33.38
N GLN F 83 2.48 49.24 -33.00
CA GLN F 83 2.79 50.59 -33.47
C GLN F 83 2.94 51.51 -32.28
N PRO F 84 4.11 51.52 -31.63
CA PRO F 84 4.34 52.49 -30.55
C PRO F 84 4.23 53.93 -31.00
N GLU F 85 4.33 54.19 -32.30
CA GLU F 85 4.16 55.53 -32.86
C GLU F 85 2.89 56.21 -32.36
N LEU F 86 1.83 55.43 -32.14
CA LEU F 86 0.56 56.01 -31.74
C LEU F 86 0.57 56.49 -30.30
N GLN F 87 1.54 56.03 -29.51
CA GLN F 87 1.69 56.45 -28.12
C GLN F 87 0.44 56.15 -27.30
N ILE F 88 -0.13 54.96 -27.51
CA ILE F 88 -1.25 54.51 -26.69
C ILE F 88 -0.76 54.24 -25.28
N SER F 89 -1.40 54.85 -24.30
CA SER F 89 -1.05 54.70 -22.89
C SER F 89 -1.91 53.62 -22.23
N GLU F 90 -1.42 53.13 -21.09
CA GLU F 90 -2.22 52.23 -20.27
C GLU F 90 -3.51 52.90 -19.83
N ARG F 91 -3.48 54.22 -19.63
CA ARG F 91 -4.71 54.96 -19.35
C ARG F 91 -5.68 54.85 -20.51
N ASP F 92 -5.18 54.89 -21.75
CA ASP F 92 -6.03 54.74 -22.92
C ASP F 92 -6.63 53.34 -22.99
N MET F 93 -5.84 52.32 -22.68
CA MET F 93 -6.31 50.95 -22.81
C MET F 93 -7.31 50.59 -21.72
N LEU F 94 -7.15 51.15 -20.52
CA LEU F 94 -8.14 50.93 -19.48
C LEU F 94 -9.48 51.54 -19.86
N CYS F 95 -9.46 52.75 -20.41
CA CYS F 95 -10.70 53.43 -20.75
C CYS F 95 -11.43 52.75 -21.89
N VAL F 96 -10.71 52.02 -22.75
CA VAL F 96 -11.37 51.29 -23.82
C VAL F 96 -12.06 50.04 -23.27
N GLN F 97 -11.40 49.34 -22.35
CA GLN F 97 -11.99 48.17 -21.72
C GLN F 97 -13.22 48.55 -20.91
N ILE F 98 -13.17 49.66 -20.19
CA ILE F 98 -14.34 50.12 -19.42
C ILE F 98 -15.51 50.40 -20.36
N ALA F 99 -15.22 50.95 -21.54
CA ALA F 99 -16.26 51.16 -22.53
C ALA F 99 -16.80 49.83 -23.07
N GLY F 100 -15.95 48.80 -23.13
CA GLY F 100 -16.43 47.52 -23.58
C GLY F 100 -17.36 46.85 -22.57
N LEU F 101 -17.03 46.95 -21.29
CA LEU F 101 -17.86 46.31 -20.26
C LEU F 101 -19.20 47.01 -20.12
N CYS F 102 -19.22 48.35 -20.15
CA CYS F 102 -20.37 49.15 -19.79
C CYS F 102 -21.22 49.51 -20.99
N ARG F 103 -20.88 48.97 -22.16
CA ARG F 103 -21.55 49.30 -23.40
C ARG F 103 -22.98 48.75 -23.47
N ASN F 104 -23.33 47.75 -22.65
CA ASN F 104 -24.69 47.20 -22.62
C ASN F 104 -25.40 47.45 -21.29
N LEU F 105 -24.87 48.32 -20.44
CA LEU F 105 -25.52 48.61 -19.17
C LEU F 105 -26.95 49.12 -19.34
N GLY F 106 -27.32 49.64 -20.49
CA GLY F 106 -28.60 50.30 -20.62
C GLY F 106 -29.68 49.50 -21.28
N HIS F 107 -29.50 48.18 -21.32
CA HIS F 107 -30.52 47.29 -21.85
C HIS F 107 -31.61 47.03 -20.81
N GLY F 108 -32.82 46.83 -21.31
CA GLY F 108 -33.96 46.56 -20.47
C GLY F 108 -34.35 45.09 -20.53
N PRO F 109 -35.45 44.74 -19.88
CA PRO F 109 -35.92 43.35 -19.89
C PRO F 109 -35.99 42.77 -21.29
N PHE F 110 -35.37 41.60 -21.46
CA PHE F 110 -35.35 40.87 -22.73
C PHE F 110 -34.67 41.69 -23.84
N SER F 111 -33.72 42.54 -23.44
CA SER F 111 -32.87 43.31 -24.34
C SER F 111 -33.62 44.08 -25.41
N HIS F 112 -33.44 43.69 -26.67
CA HIS F 112 -33.95 44.47 -27.78
C HIS F 112 -35.46 44.53 -27.82
N MET F 113 -36.14 43.68 -27.06
CA MET F 113 -37.59 43.81 -26.92
C MET F 113 -37.96 45.15 -26.31
N PHE F 114 -37.15 45.64 -25.37
CA PHE F 114 -37.51 46.80 -24.58
C PHE F 114 -37.38 48.09 -25.38
N ASP F 115 -36.19 48.36 -25.95
CA ASP F 115 -35.94 49.60 -26.67
C ASP F 115 -36.47 49.56 -28.11
N GLY F 116 -36.95 48.42 -28.58
CA GLY F 116 -37.43 48.31 -29.94
C GLY F 116 -38.92 48.03 -30.07
N ARG F 117 -39.56 47.59 -28.99
CA ARG F 117 -40.98 47.26 -29.06
C ARG F 117 -41.79 47.93 -27.96
N PHE F 118 -41.40 47.71 -26.70
CA PHE F 118 -42.22 48.19 -25.59
C PHE F 118 -42.16 49.71 -25.46
N ILE F 119 -40.95 50.26 -25.43
CA ILE F 119 -40.80 51.70 -25.26
C ILE F 119 -41.42 52.49 -26.41
N PRO F 120 -41.27 52.09 -27.68
CA PRO F 120 -41.96 52.85 -28.74
C PRO F 120 -43.48 52.90 -28.59
N LEU F 121 -44.08 51.90 -27.95
CA LEU F 121 -45.53 51.87 -27.81
C LEU F 121 -46.01 52.38 -26.46
N ALA F 122 -45.18 52.29 -25.42
CA ALA F 122 -45.58 52.83 -24.13
C ALA F 122 -45.30 54.33 -24.03
N ARG F 123 -44.22 54.81 -24.65
CA ARG F 123 -43.82 56.21 -24.60
C ARG F 123 -43.40 56.66 -25.99
N PRO F 124 -44.37 56.83 -26.90
CA PRO F 124 -44.01 57.16 -28.30
C PRO F 124 -43.35 58.51 -28.46
N ASP F 125 -43.51 59.42 -27.49
CA ASP F 125 -43.01 60.78 -27.66
C ASP F 125 -41.52 60.89 -27.39
N VAL F 126 -41.00 60.12 -26.45
CA VAL F 126 -39.60 60.23 -26.05
C VAL F 126 -38.73 59.36 -26.94
N LYS F 127 -37.53 59.84 -27.22
CA LYS F 127 -36.54 59.08 -27.96
C LYS F 127 -35.60 58.42 -26.97
N TRP F 128 -35.57 57.09 -26.98
CA TRP F 128 -34.79 56.34 -26.01
C TRP F 128 -33.99 55.27 -26.74
N THR F 129 -32.72 55.14 -26.37
CA THR F 129 -31.84 54.13 -26.92
C THR F 129 -31.16 53.42 -25.77
N HIS F 130 -30.61 52.25 -26.05
CA HIS F 130 -29.83 51.58 -25.01
C HIS F 130 -28.47 52.22 -24.84
N GLU F 131 -27.99 52.95 -25.84
CA GLU F 131 -26.76 53.70 -25.69
C GLU F 131 -26.94 54.85 -24.71
N GLN F 132 -28.03 55.61 -24.87
CA GLN F 132 -28.37 56.63 -23.88
C GLN F 132 -28.54 56.01 -22.50
N GLY F 133 -29.11 54.80 -22.44
CA GLY F 133 -29.27 54.15 -21.15
C GLY F 133 -27.94 53.72 -20.55
N SER F 134 -27.02 53.25 -21.38
CA SER F 134 -25.75 52.76 -20.86
C SER F 134 -24.92 53.87 -20.24
N VAL F 135 -24.91 55.06 -20.86
CA VAL F 135 -24.16 56.16 -20.29
C VAL F 135 -24.86 56.70 -19.05
N ASN F 136 -26.19 56.85 -19.10
CA ASN F 136 -26.94 57.21 -17.90
C ASN F 136 -26.69 56.20 -16.78
N MET F 137 -26.71 54.91 -17.12
CA MET F 137 -26.44 53.89 -16.11
C MET F 137 -24.98 53.94 -15.65
N PHE F 138 -24.06 54.27 -16.55
CA PHE F 138 -22.65 54.35 -16.18
C PHE F 138 -22.40 55.48 -15.18
N GLU F 139 -23.03 56.64 -15.39
CA GLU F 139 -22.86 57.75 -14.45
C GLU F 139 -23.43 57.39 -13.08
N HIS F 140 -24.60 56.75 -13.07
CA HIS F 140 -25.17 56.30 -11.80
C HIS F 140 -24.31 55.23 -11.14
N LEU F 141 -23.61 54.44 -11.95
CA LEU F 141 -22.77 53.37 -11.40
C LEU F 141 -21.58 53.95 -10.65
N VAL F 142 -20.91 54.93 -11.23
CA VAL F 142 -19.68 55.44 -10.63
C VAL F 142 -19.99 56.29 -9.40
N ASN F 143 -21.17 56.93 -9.38
CA ASN F 143 -21.51 57.81 -8.27
C ASN F 143 -22.01 57.03 -7.06
N SER F 144 -22.82 56.00 -7.29
CA SER F 144 -23.40 55.27 -6.17
C SER F 144 -22.37 54.45 -5.43
N ASN F 145 -21.35 53.94 -6.13
CA ASN F 145 -20.34 53.11 -5.52
C ASN F 145 -19.04 53.85 -5.26
N GLY F 146 -18.97 55.14 -5.59
CA GLY F 146 -17.84 55.97 -5.28
C GLY F 146 -16.54 55.51 -5.89
N LEU F 147 -16.51 55.39 -7.22
CA LEU F 147 -15.32 54.95 -7.93
C LEU F 147 -14.54 56.08 -8.55
N ILE F 148 -15.02 57.31 -8.43
CA ILE F 148 -14.28 58.45 -8.98
C ILE F 148 -12.90 58.54 -8.35
N ASP F 149 -12.81 58.25 -7.06
CA ASP F 149 -11.53 58.15 -6.38
C ASP F 149 -10.79 56.85 -6.72
N VAL F 150 -11.53 55.79 -7.04
CA VAL F 150 -10.89 54.55 -7.45
C VAL F 150 -10.27 54.71 -8.84
N MET F 151 -10.97 55.37 -9.75
CA MET F 151 -10.40 55.65 -11.06
C MET F 151 -9.15 56.51 -10.94
N GLU F 152 -9.16 57.48 -10.01
CA GLU F 152 -7.97 58.29 -9.78
C GLU F 152 -6.82 57.45 -9.24
N HIS F 153 -7.12 56.42 -8.45
CA HIS F 153 -6.06 55.62 -7.85
C HIS F 153 -5.32 54.80 -8.89
N TYR F 154 -5.98 54.39 -9.96
CA TYR F 154 -5.36 53.53 -10.96
C TYR F 154 -4.83 54.31 -12.15
N GLY F 155 -4.66 55.63 -12.00
CA GLY F 155 -3.98 56.42 -12.99
C GLY F 155 -4.85 57.10 -14.01
N LEU F 156 -6.14 57.24 -13.75
CA LEU F 156 -7.05 57.89 -14.69
C LEU F 156 -7.39 59.30 -14.24
N ILE F 157 -7.87 60.09 -15.20
CA ILE F 157 -8.31 61.45 -14.94
C ILE F 157 -9.81 61.53 -15.19
N PRO F 158 -10.63 61.48 -14.13
CA PRO F 158 -12.07 61.26 -14.32
C PRO F 158 -12.76 62.24 -15.27
N GLU F 159 -12.44 63.52 -15.23
CA GLU F 159 -13.10 64.48 -16.11
C GLU F 159 -13.02 64.02 -17.56
N GLU F 160 -11.81 64.00 -18.12
CA GLU F 160 -11.64 63.70 -19.54
C GLU F 160 -11.97 62.25 -19.85
N ASP F 161 -11.63 61.34 -18.94
CA ASP F 161 -11.79 59.91 -19.23
C ASP F 161 -13.26 59.48 -19.18
N ILE F 162 -14.04 60.01 -18.23
CA ILE F 162 -15.47 59.67 -18.19
C ILE F 162 -16.17 60.17 -19.45
N TRP F 163 -15.79 61.35 -19.94
CA TRP F 163 -16.26 61.77 -21.26
C TRP F 163 -15.86 60.75 -22.31
N PHE F 164 -14.59 60.34 -22.30
CA PHE F 164 -14.08 59.38 -23.28
C PHE F 164 -14.83 58.06 -23.19
N ILE F 165 -15.09 57.57 -21.98
CA ILE F 165 -15.87 56.35 -21.84
C ILE F 165 -17.28 56.56 -22.39
N LYS F 166 -17.89 57.70 -22.09
CA LYS F 166 -19.25 57.95 -22.57
C LYS F 166 -19.30 58.09 -24.08
N GLU F 167 -18.27 58.70 -24.68
CA GLU F 167 -18.28 58.93 -26.12
C GLU F 167 -18.10 57.64 -26.91
N GLN F 168 -17.29 56.70 -26.38
CA GLN F 168 -17.13 55.41 -27.04
C GLN F 168 -18.46 54.67 -27.13
N ILE F 169 -19.31 54.82 -26.11
CA ILE F 169 -20.59 54.13 -26.07
C ILE F 169 -21.60 54.83 -26.97
N THR F 170 -21.82 56.13 -26.75
CA THR F 170 -22.85 56.85 -27.48
C THR F 170 -22.32 57.43 -28.78
N GLY F 171 -21.37 58.36 -28.70
CA GLY F 171 -20.82 58.99 -29.88
C GLY F 171 -21.80 59.94 -30.56
N TRP F 182 -14.61 67.95 -35.73
CA TRP F 182 -14.23 67.01 -34.68
C TRP F 182 -15.13 67.16 -33.47
N PRO F 183 -16.06 66.21 -33.28
CA PRO F 183 -17.10 66.36 -32.26
C PRO F 183 -16.74 65.83 -30.88
N TYR F 184 -15.67 65.04 -30.75
CA TYR F 184 -15.30 64.45 -29.48
C TYR F 184 -14.35 65.36 -28.71
N LYS F 185 -14.41 65.25 -27.38
CA LYS F 185 -13.53 66.02 -26.50
C LYS F 185 -12.86 65.18 -25.43
N GLY F 186 -13.19 63.89 -25.31
CA GLY F 186 -12.52 63.04 -24.35
C GLY F 186 -11.15 62.58 -24.77
N ARG F 187 -10.87 62.58 -26.08
CA ARG F 187 -9.55 62.30 -26.62
C ARG F 187 -9.28 63.22 -27.79
N PRO F 188 -8.04 63.65 -27.97
CA PRO F 188 -7.72 64.47 -29.14
C PRO F 188 -7.84 63.68 -30.43
N LYS F 189 -8.04 64.42 -31.52
CA LYS F 189 -8.18 63.81 -32.85
C LYS F 189 -7.01 62.91 -33.21
N GLU F 190 -5.86 63.09 -32.57
CA GLU F 190 -4.71 62.24 -32.86
C GLU F 190 -4.97 60.81 -32.42
N LYS F 191 -5.85 60.61 -31.44
CA LYS F 191 -6.31 59.29 -31.02
C LYS F 191 -7.69 58.98 -31.56
N SER F 192 -8.02 59.44 -32.77
CA SER F 192 -9.36 59.21 -33.30
C SER F 192 -9.63 57.74 -33.55
N PHE F 193 -8.60 56.91 -33.68
CA PHE F 193 -8.78 55.50 -33.98
C PHE F 193 -9.32 54.70 -32.80
N LEU F 194 -9.13 55.19 -31.57
CA LEU F 194 -9.67 54.51 -30.39
C LEU F 194 -11.19 54.55 -30.30
N TYR F 195 -11.86 55.30 -31.17
CA TYR F 195 -13.32 55.34 -31.21
C TYR F 195 -13.91 54.33 -32.18
N GLU F 196 -13.06 53.56 -32.86
CA GLU F 196 -13.50 52.52 -33.79
C GLU F 196 -13.42 51.14 -33.16
N ILE F 197 -13.11 51.05 -31.87
CA ILE F 197 -12.90 49.77 -31.22
C ILE F 197 -14.21 49.25 -30.60
N VAL F 198 -14.80 50.03 -29.69
CA VAL F 198 -15.90 49.53 -28.88
C VAL F 198 -17.23 49.66 -29.61
N ALA F 199 -17.47 50.80 -30.26
CA ALA F 199 -18.73 51.03 -30.99
C ALA F 199 -18.40 51.85 -32.22
N ASN F 200 -17.93 51.18 -33.27
CA ASN F 200 -17.50 51.82 -34.51
C ASN F 200 -18.72 52.41 -35.21
N LYS F 201 -18.88 53.73 -35.10
CA LYS F 201 -19.94 54.41 -35.82
C LYS F 201 -19.62 54.62 -37.30
N ARG F 202 -18.38 54.38 -37.71
CA ARG F 202 -17.98 54.68 -39.08
C ARG F 202 -18.39 53.58 -40.05
N ASN F 203 -18.15 52.33 -39.68
CA ASN F 203 -18.46 51.21 -40.57
C ASN F 203 -19.04 49.99 -39.89
N GLY F 204 -19.07 49.93 -38.56
CA GLY F 204 -19.70 48.86 -37.85
C GLY F 204 -18.75 47.80 -37.31
N ILE F 205 -17.54 47.72 -37.84
CA ILE F 205 -16.56 46.75 -37.36
C ILE F 205 -16.10 47.13 -35.95
N ASP F 206 -16.68 46.48 -34.94
CA ASP F 206 -16.32 46.72 -33.56
C ASP F 206 -16.33 45.40 -32.80
N VAL F 207 -15.67 45.40 -31.64
CA VAL F 207 -15.51 44.20 -30.84
C VAL F 207 -16.82 43.72 -30.22
N ASP F 208 -17.84 44.57 -30.20
CA ASP F 208 -19.14 44.15 -29.70
C ASP F 208 -19.79 43.11 -30.61
N LYS F 209 -19.55 43.20 -31.92
CA LYS F 209 -20.10 42.21 -32.84
C LYS F 209 -19.38 40.88 -32.73
N TRP F 210 -18.05 40.92 -32.60
CA TRP F 210 -17.28 39.68 -32.63
C TRP F 210 -17.66 38.78 -31.46
N ASP F 211 -17.99 39.37 -30.31
CA ASP F 211 -18.30 38.55 -29.16
C ASP F 211 -19.68 37.92 -29.29
N TYR F 212 -20.67 38.68 -29.75
CA TYR F 212 -22.00 38.08 -29.88
C TYR F 212 -22.09 37.15 -31.08
N PHE F 213 -21.23 37.33 -32.09
CA PHE F 213 -21.13 36.32 -33.13
C PHE F 213 -20.76 34.97 -32.53
N ALA F 214 -19.68 34.93 -31.76
CA ALA F 214 -19.17 33.67 -31.24
C ALA F 214 -19.98 33.16 -30.05
N ARG F 215 -20.55 34.07 -29.25
CA ARG F 215 -21.29 33.66 -28.06
C ARG F 215 -22.70 33.21 -28.40
N ASP F 216 -23.39 33.95 -29.27
CA ASP F 216 -24.72 33.51 -29.68
C ASP F 216 -24.65 32.16 -30.39
N CYS F 217 -23.70 32.01 -31.32
CA CYS F 217 -23.58 30.75 -32.06
C CYS F 217 -23.26 29.58 -31.14
N HIS F 218 -22.45 29.83 -30.11
CA HIS F 218 -22.11 28.78 -29.15
C HIS F 218 -23.35 28.29 -28.41
N HIS F 219 -24.26 29.20 -28.08
CA HIS F 219 -25.43 28.85 -27.28
C HIS F 219 -26.63 28.47 -28.13
N LEU F 220 -26.80 29.08 -29.31
CA LEU F 220 -27.91 28.74 -30.18
C LEU F 220 -27.72 27.38 -30.84
N GLY F 221 -26.48 27.00 -31.13
CA GLY F 221 -26.23 25.88 -32.01
C GLY F 221 -26.16 26.27 -33.47
N ILE F 222 -25.78 27.51 -33.77
CA ILE F 222 -25.66 28.04 -35.11
C ILE F 222 -24.17 28.12 -35.45
N GLN F 223 -23.87 28.16 -36.73
CA GLN F 223 -22.49 28.24 -37.18
C GLN F 223 -22.09 29.68 -37.45
N ASN F 224 -20.87 30.02 -37.07
CA ASN F 224 -20.34 31.36 -37.21
C ASN F 224 -19.25 31.35 -38.28
N ASN F 225 -19.41 32.21 -39.28
CA ASN F 225 -18.45 32.28 -40.37
C ASN F 225 -17.65 33.57 -40.33
N PHE F 226 -17.00 33.86 -39.20
CA PHE F 226 -16.08 34.98 -39.11
C PHE F 226 -15.06 34.71 -38.02
N ASP F 227 -13.80 35.05 -38.30
CA ASP F 227 -12.69 34.80 -37.38
C ASP F 227 -12.09 36.14 -36.96
N TYR F 228 -12.36 36.55 -35.72
CA TYR F 228 -11.90 37.86 -35.25
C TYR F 228 -10.41 37.85 -34.88
N LYS F 229 -9.91 36.72 -34.37
CA LYS F 229 -8.51 36.61 -34.02
C LYS F 229 -7.61 36.81 -35.23
N ARG F 230 -8.10 36.50 -36.43
CA ARG F 230 -7.34 36.77 -37.63
C ARG F 230 -7.43 38.23 -38.03
N PHE F 231 -8.61 38.83 -37.90
CA PHE F 231 -8.75 40.25 -38.18
C PHE F 231 -7.81 41.07 -37.31
N ILE F 232 -7.76 40.77 -36.01
CA ILE F 232 -6.90 41.51 -35.09
C ILE F 232 -5.44 41.32 -35.46
N LYS F 233 -5.08 40.18 -36.05
CA LYS F 233 -3.70 39.97 -36.47
C LYS F 233 -3.27 40.93 -37.57
N PHE F 234 -4.21 41.50 -38.32
CA PHE F 234 -3.88 42.42 -39.39
C PHE F 234 -4.39 43.84 -39.16
N ALA F 235 -5.02 44.11 -38.02
CA ALA F 235 -5.49 45.46 -37.73
C ALA F 235 -4.29 46.38 -37.56
N ARG F 236 -4.35 47.54 -38.22
CA ARG F 236 -3.25 48.50 -38.22
C ARG F 236 -3.82 49.88 -38.47
N VAL F 237 -3.29 50.87 -37.76
CA VAL F 237 -3.75 52.25 -37.88
C VAL F 237 -2.93 52.96 -38.96
N CYS F 238 -3.62 53.59 -39.91
CA CYS F 238 -3.01 54.36 -40.97
C CYS F 238 -3.64 55.74 -41.04
N GLU F 239 -2.92 56.66 -41.69
CA GLU F 239 -3.41 58.02 -41.91
C GLU F 239 -4.05 58.12 -43.29
N VAL F 240 -5.29 58.61 -43.32
CA VAL F 240 -5.98 58.97 -44.56
C VAL F 240 -6.88 60.16 -44.29
N ASP F 241 -6.81 61.16 -45.16
CA ASP F 241 -7.51 62.44 -44.95
C ASP F 241 -7.07 63.08 -43.64
N ASN F 242 -5.78 62.93 -43.33
CA ASN F 242 -5.12 63.46 -42.14
C ASN F 242 -5.70 62.90 -40.84
N LYS F 243 -6.56 61.89 -40.90
CA LYS F 243 -7.16 61.32 -39.71
C LYS F 243 -6.77 59.86 -39.57
N LYS F 244 -6.58 59.43 -38.32
CA LYS F 244 -6.24 58.05 -38.01
C LYS F 244 -7.46 57.15 -38.08
N HIS F 245 -7.28 55.97 -38.68
CA HIS F 245 -8.33 54.96 -38.79
C HIS F 245 -7.72 53.59 -38.55
N ILE F 246 -8.55 52.65 -38.08
CA ILE F 246 -8.13 51.25 -37.97
C ILE F 246 -8.38 50.59 -39.32
N CYS F 247 -7.33 49.97 -39.88
CA CYS F 247 -7.37 49.39 -41.20
C CYS F 247 -6.88 47.95 -41.18
N THR F 248 -7.27 47.18 -42.17
CA THR F 248 -6.83 45.80 -42.29
C THR F 248 -6.26 45.59 -43.69
N ARG F 249 -5.65 44.44 -43.89
CA ARG F 249 -4.87 44.29 -45.12
C ARG F 249 -5.77 44.00 -46.32
N GLU F 250 -5.16 44.16 -47.49
CA GLU F 250 -5.81 43.91 -48.78
C GLU F 250 -6.58 42.60 -48.78
N LYS F 251 -5.91 41.52 -48.38
CA LYS F 251 -6.45 40.18 -48.53
C LYS F 251 -7.62 39.88 -47.59
N GLU F 252 -7.95 40.79 -46.69
CA GLU F 252 -9.01 40.57 -45.71
C GLU F 252 -10.34 41.21 -46.09
N VAL F 253 -10.44 41.85 -47.25
CA VAL F 253 -11.72 42.43 -47.64
C VAL F 253 -12.77 41.37 -47.94
N GLY F 254 -12.35 40.15 -48.27
CA GLY F 254 -13.31 39.09 -48.48
C GLY F 254 -13.94 38.62 -47.19
N ASN F 255 -13.10 38.39 -46.17
CA ASN F 255 -13.60 38.01 -44.85
C ASN F 255 -14.45 39.11 -44.22
N LEU F 256 -14.26 40.36 -44.63
CA LEU F 256 -15.06 41.44 -44.06
C LEU F 256 -16.46 41.48 -44.66
N TYR F 257 -16.60 41.09 -45.93
CA TYR F 257 -17.93 40.97 -46.50
C TYR F 257 -18.71 39.86 -45.83
N ASP F 258 -18.03 38.77 -45.44
CA ASP F 258 -18.70 37.68 -44.75
C ASP F 258 -19.02 38.01 -43.30
N MET F 259 -18.36 39.01 -42.73
CA MET F 259 -18.70 39.43 -41.38
C MET F 259 -20.11 40.02 -41.34
N PHE F 260 -20.48 40.81 -42.35
CA PHE F 260 -21.83 41.30 -42.45
C PHE F 260 -22.77 40.28 -43.08
N HIS F 261 -22.22 39.27 -43.76
CA HIS F 261 -23.04 38.15 -44.19
C HIS F 261 -23.35 37.21 -43.04
N THR F 262 -22.40 37.03 -42.11
CA THR F 262 -22.68 36.24 -40.92
C THR F 262 -23.76 36.90 -40.07
N ARG F 263 -23.63 38.21 -39.85
CA ARG F 263 -24.62 38.96 -39.07
C ARG F 263 -26.02 38.84 -39.67
N ASN F 264 -26.11 38.64 -40.98
CA ASN F 264 -27.41 38.48 -41.60
C ASN F 264 -27.98 37.08 -41.39
N CYS F 265 -27.12 36.06 -41.38
CA CYS F 265 -27.59 34.71 -41.08
C CYS F 265 -28.07 34.61 -39.64
N LEU F 266 -27.33 35.21 -38.72
CA LEU F 266 -27.74 35.21 -37.33
C LEU F 266 -29.04 35.98 -37.12
N HIS F 267 -29.29 36.98 -37.95
CA HIS F 267 -30.57 37.68 -37.86
C HIS F 267 -31.67 36.88 -38.53
N ARG F 268 -31.36 36.19 -39.62
CA ARG F 268 -32.37 35.45 -40.36
C ARG F 268 -32.73 34.15 -39.65
N ARG F 269 -31.75 33.46 -39.07
CA ARG F 269 -31.99 32.16 -38.45
C ARG F 269 -32.55 32.30 -37.05
N ALA F 270 -32.03 33.24 -36.25
CA ALA F 270 -32.36 33.26 -34.83
C ALA F 270 -32.98 34.56 -34.37
N TYR F 271 -32.34 35.70 -34.64
CA TYR F 271 -32.78 36.96 -34.05
C TYR F 271 -34.12 37.42 -34.59
N GLN F 272 -34.45 37.08 -35.84
CA GLN F 272 -35.72 37.45 -36.44
C GLN F 272 -36.54 36.22 -36.79
N HIS F 273 -36.39 35.16 -36.01
CA HIS F 273 -37.26 33.99 -36.12
C HIS F 273 -38.72 34.41 -35.99
N LYS F 274 -39.56 33.92 -36.90
CA LYS F 274 -40.97 34.30 -36.89
C LYS F 274 -41.63 33.99 -35.54
N VAL F 275 -41.29 32.86 -34.94
CA VAL F 275 -41.94 32.47 -33.69
C VAL F 275 -41.34 33.21 -32.51
N GLY F 276 -40.03 33.47 -32.54
CA GLY F 276 -39.41 34.21 -31.46
C GLY F 276 -39.85 35.66 -31.42
N ASN F 277 -40.15 36.24 -32.58
CA ASN F 277 -40.56 37.64 -32.63
C ASN F 277 -41.99 37.82 -32.15
N ILE F 278 -42.87 36.87 -32.46
CA ILE F 278 -44.24 36.94 -31.94
C ILE F 278 -44.25 36.73 -30.43
N ILE F 279 -43.29 35.97 -29.89
CA ILE F 279 -43.21 35.82 -28.45
C ILE F 279 -42.74 37.13 -27.82
N ASP F 280 -41.76 37.79 -28.44
CA ASP F 280 -41.39 39.14 -28.02
C ASP F 280 -42.58 40.09 -28.10
N THR F 281 -43.38 39.98 -29.17
CA THR F 281 -44.56 40.81 -29.31
C THR F 281 -45.55 40.58 -28.18
N MET F 282 -45.76 39.31 -27.79
CA MET F 282 -46.72 39.01 -26.73
C MET F 282 -46.22 39.46 -25.36
N ILE F 283 -44.90 39.43 -25.13
CA ILE F 283 -44.38 39.93 -23.86
C ILE F 283 -44.51 41.44 -23.78
N THR F 284 -44.52 42.14 -24.92
CA THR F 284 -44.79 43.57 -24.85
C THR F 284 -46.27 43.85 -24.65
N ASP F 285 -47.13 43.14 -25.38
CA ASP F 285 -48.57 43.28 -25.19
C ASP F 285 -48.94 43.02 -23.74
N ALA F 286 -48.31 42.03 -23.11
CA ALA F 286 -48.52 41.80 -21.69
C ALA F 286 -47.93 42.93 -20.85
N PHE F 287 -46.78 43.46 -21.28
CA PHE F 287 -46.18 44.57 -20.56
C PHE F 287 -47.03 45.82 -20.63
N LEU F 288 -47.56 46.14 -21.82
CA LEU F 288 -48.34 47.35 -21.97
C LEU F 288 -49.60 47.32 -21.10
N LYS F 289 -50.18 46.13 -20.92
CA LYS F 289 -51.38 45.99 -20.10
C LYS F 289 -51.07 45.83 -18.62
N ALA F 290 -49.84 45.48 -18.27
CA ALA F 290 -49.40 45.44 -16.89
C ALA F 290 -48.72 46.73 -16.44
N ASP F 291 -48.34 47.58 -17.39
CA ASP F 291 -47.63 48.81 -17.07
C ASP F 291 -48.36 49.71 -16.08
N PRO F 292 -49.68 49.92 -16.16
CA PRO F 292 -50.31 50.86 -15.22
C PRO F 292 -50.34 50.37 -13.78
N TYR F 293 -50.20 49.06 -13.54
CA TYR F 293 -50.57 48.48 -12.25
C TYR F 293 -49.40 47.93 -11.44
N ILE F 294 -48.16 48.09 -11.89
CA ILE F 294 -47.02 47.61 -11.14
C ILE F 294 -46.02 48.74 -10.97
N GLU F 295 -45.47 48.86 -9.77
CA GLU F 295 -44.63 49.97 -9.37
C GLU F 295 -43.22 49.49 -9.12
N ILE F 296 -42.24 50.16 -9.71
CA ILE F 296 -40.83 49.96 -9.39
C ILE F 296 -40.37 51.17 -8.61
N THR F 297 -39.78 50.94 -7.45
CA THR F 297 -39.39 52.02 -6.56
C THR F 297 -38.04 52.57 -6.98
N GLY F 298 -37.97 53.89 -7.15
CA GLY F 298 -36.73 54.48 -7.61
C GLY F 298 -36.16 55.52 -6.67
N SER F 299 -35.55 56.58 -7.21
CA SER F 299 -34.95 57.62 -6.37
C SER F 299 -35.96 58.16 -5.39
N GLU F 300 -35.43 58.71 -4.30
CA GLU F 300 -36.17 59.57 -3.38
C GLU F 300 -37.51 58.94 -3.00
N GLY F 301 -37.57 57.60 -3.00
CA GLY F 301 -38.74 56.86 -2.62
C GLY F 301 -39.87 56.86 -3.63
N LYS F 302 -39.74 57.54 -4.76
CA LYS F 302 -40.83 57.59 -5.73
C LYS F 302 -41.07 56.22 -6.37
N LYS F 303 -42.25 56.07 -6.96
CA LYS F 303 -42.63 54.85 -7.64
C LYS F 303 -42.70 55.11 -9.14
N TYR F 304 -42.30 54.11 -9.92
CA TYR F 304 -42.27 54.24 -11.37
C TYR F 304 -42.93 53.03 -12.00
N ARG F 305 -43.49 53.24 -13.19
CA ARG F 305 -44.03 52.16 -13.99
C ARG F 305 -42.90 51.55 -14.83
N ILE F 306 -43.22 50.48 -15.56
CA ILE F 306 -42.25 49.92 -16.49
C ILE F 306 -41.87 50.95 -17.54
N SER F 307 -42.82 51.79 -17.94
CA SER F 307 -42.56 52.79 -18.96
C SER F 307 -41.68 53.92 -18.44
N THR F 308 -41.88 54.31 -17.19
CA THR F 308 -41.19 55.45 -16.62
C THR F 308 -39.98 55.07 -15.77
N ALA F 309 -39.70 53.77 -15.61
CA ALA F 309 -38.51 53.38 -14.87
C ALA F 309 -37.23 53.73 -15.61
N ILE F 310 -37.31 54.14 -16.88
CA ILE F 310 -36.13 54.56 -17.62
C ILE F 310 -35.70 55.98 -17.25
N ASP F 311 -36.57 56.76 -16.62
CA ASP F 311 -36.22 58.12 -16.25
C ASP F 311 -35.42 58.17 -14.96
N ASP F 312 -35.36 57.07 -14.22
CA ASP F 312 -34.64 57.00 -12.96
C ASP F 312 -33.81 55.74 -12.90
N MET F 313 -32.52 55.91 -12.60
CA MET F 313 -31.60 54.79 -12.66
C MET F 313 -31.76 53.82 -11.48
N GLU F 314 -32.11 54.31 -10.29
CA GLU F 314 -32.31 53.40 -9.17
C GLU F 314 -33.53 52.52 -9.39
N ALA F 315 -34.49 52.98 -10.18
CA ALA F 315 -35.61 52.14 -10.57
C ALA F 315 -35.24 51.23 -11.75
N PHE F 316 -34.58 51.79 -12.77
CA PHE F 316 -34.15 50.99 -13.91
C PHE F 316 -33.15 49.93 -13.52
N THR F 317 -32.43 50.13 -12.42
CA THR F 317 -31.52 49.09 -11.94
C THR F 317 -32.29 47.83 -11.55
N LYS F 318 -33.48 47.99 -10.98
CA LYS F 318 -34.31 46.88 -10.54
C LYS F 318 -35.34 46.47 -11.58
N LEU F 319 -35.16 46.87 -12.84
CA LEU F 319 -36.09 46.53 -13.91
C LEU F 319 -35.38 45.57 -14.86
N THR F 320 -35.58 44.27 -14.62
CA THR F 320 -34.93 43.23 -15.40
C THR F 320 -35.99 42.27 -15.94
N ASP F 321 -35.54 41.09 -16.37
CA ASP F 321 -36.48 40.07 -16.84
C ASP F 321 -37.39 39.56 -15.73
N ASN F 322 -37.09 39.91 -14.48
CA ASN F 322 -37.94 39.56 -13.35
C ASN F 322 -39.37 40.07 -13.51
N ILE F 323 -39.56 41.13 -14.31
CA ILE F 323 -40.91 41.63 -14.60
C ILE F 323 -41.78 40.54 -15.17
N PHE F 324 -41.18 39.60 -15.91
CA PHE F 324 -41.95 38.51 -16.51
C PHE F 324 -42.61 37.65 -15.44
N LEU F 325 -41.83 37.15 -14.49
CA LEU F 325 -42.35 36.23 -13.49
C LEU F 325 -43.17 36.93 -12.41
N GLU F 326 -42.96 38.22 -12.17
CA GLU F 326 -43.80 38.94 -11.23
C GLU F 326 -45.22 39.07 -11.75
N ILE F 327 -45.36 39.29 -13.07
CA ILE F 327 -46.69 39.31 -13.67
C ILE F 327 -47.30 37.92 -13.71
N LEU F 328 -46.46 36.89 -13.87
CA LEU F 328 -46.98 35.53 -14.01
C LEU F 328 -47.51 35.01 -12.68
N TYR F 329 -46.80 35.30 -11.59
CA TYR F 329 -47.18 34.84 -10.26
C TYR F 329 -48.05 35.84 -9.53
N SER F 330 -48.50 36.89 -10.19
CA SER F 330 -49.19 37.97 -9.49
C SER F 330 -50.54 37.49 -8.97
N THR F 331 -51.00 38.13 -7.88
CA THR F 331 -52.30 37.85 -7.32
C THR F 331 -53.31 38.95 -7.63
N ASP F 332 -52.87 40.06 -8.19
CA ASP F 332 -53.73 41.22 -8.33
C ASP F 332 -54.78 41.00 -9.41
N PRO F 333 -56.06 41.17 -9.11
CA PRO F 333 -57.08 41.12 -10.17
C PRO F 333 -56.91 42.20 -11.23
N LYS F 334 -56.12 43.24 -10.97
CA LYS F 334 -55.82 44.25 -11.96
C LYS F 334 -54.73 43.83 -12.93
N LEU F 335 -54.29 42.56 -12.87
CA LEU F 335 -53.21 42.06 -13.71
C LEU F 335 -53.61 40.79 -14.48
N ASP F 336 -54.90 40.53 -14.67
CA ASP F 336 -55.29 39.31 -15.34
C ASP F 336 -55.09 39.41 -16.85
N ALA F 337 -55.43 40.56 -17.44
CA ALA F 337 -55.26 40.74 -18.88
C ALA F 337 -53.81 40.53 -19.28
N ALA F 338 -52.87 40.96 -18.44
CA ALA F 338 -51.47 40.73 -18.72
C ALA F 338 -51.04 39.32 -18.37
N ARG F 339 -51.59 38.76 -17.29
CA ARG F 339 -51.28 37.37 -16.95
C ARG F 339 -51.88 36.40 -17.94
N ALA F 340 -52.98 36.78 -18.60
CA ALA F 340 -53.58 35.90 -19.60
C ALA F 340 -52.65 35.72 -20.80
N ILE F 341 -51.93 36.76 -21.19
CA ILE F 341 -51.04 36.66 -22.34
C ILE F 341 -49.86 35.76 -22.01
N LEU F 342 -49.24 35.95 -20.85
CA LEU F 342 -48.06 35.17 -20.49
C LEU F 342 -48.39 33.70 -20.33
N LYS F 343 -49.63 33.37 -19.99
CA LYS F 343 -50.00 31.96 -19.90
C LYS F 343 -50.32 31.37 -21.27
N LYS F 344 -50.77 32.20 -22.20
CA LYS F 344 -50.78 31.79 -23.60
C LYS F 344 -49.39 31.43 -24.08
N ILE F 345 -48.37 32.11 -23.56
CA ILE F 345 -46.98 31.79 -23.91
C ILE F 345 -46.54 30.51 -23.22
N GLU F 346 -46.93 30.31 -21.97
CA GLU F 346 -46.48 29.13 -21.24
C GLU F 346 -47.10 27.85 -21.79
N CYS F 347 -48.40 27.87 -22.06
CA CYS F 347 -49.07 26.76 -22.74
C CYS F 347 -48.82 26.77 -24.24
N ARG F 348 -48.15 27.79 -24.75
CA ARG F 348 -47.80 27.93 -26.17
C ARG F 348 -49.06 27.97 -27.05
N ASN F 349 -50.03 28.79 -26.63
CA ASN F 349 -51.15 29.16 -27.49
C ASN F 349 -50.84 30.52 -28.11
N LEU F 350 -49.92 30.49 -29.08
CA LEU F 350 -49.40 31.69 -29.68
C LEU F 350 -50.18 32.05 -30.94
N TYR F 351 -49.97 33.28 -31.39
CA TYR F 351 -50.55 33.71 -32.65
C TYR F 351 -49.92 32.94 -33.80
N LYS F 352 -50.75 32.53 -34.75
CA LYS F 352 -50.29 31.68 -35.84
C LYS F 352 -49.70 32.51 -36.98
N PHE F 353 -48.48 32.18 -37.36
CA PHE F 353 -47.82 32.83 -38.49
C PHE F 353 -48.54 32.48 -39.79
N VAL F 354 -48.80 33.48 -40.61
CA VAL F 354 -49.59 33.31 -41.82
C VAL F 354 -48.73 33.36 -43.07
N GLY F 355 -47.78 34.29 -43.14
CA GLY F 355 -46.93 34.38 -44.31
C GLY F 355 -45.91 35.48 -44.17
N GLU F 356 -44.90 35.39 -45.03
CA GLU F 356 -43.83 36.38 -45.12
C GLU F 356 -43.82 36.98 -46.51
N THR F 357 -43.45 38.25 -46.61
CA THR F 357 -43.38 38.93 -47.89
C THR F 357 -42.36 40.07 -47.81
N GLN F 358 -42.14 40.71 -48.95
CA GLN F 358 -41.20 41.82 -49.09
C GLN F 358 -41.77 42.86 -50.04
N PRO F 359 -41.44 44.15 -49.85
CA PRO F 359 -41.93 45.20 -50.74
C PRO F 359 -41.35 45.10 -52.14
N LYS F 364 -40.29 50.55 -49.54
CA LYS F 364 -40.02 50.67 -48.10
C LYS F 364 -41.25 51.17 -47.36
N ILE F 365 -41.45 50.67 -46.14
CA ILE F 365 -42.57 51.06 -45.29
C ILE F 365 -42.02 51.93 -44.17
N LYS F 366 -42.49 53.17 -44.11
CA LYS F 366 -42.05 54.08 -43.07
C LYS F 366 -42.57 53.63 -41.72
N ARG F 367 -41.72 53.73 -40.69
CA ARG F 367 -42.12 53.32 -39.35
C ARG F 367 -43.39 54.04 -38.90
N GLU F 368 -43.61 55.26 -39.38
CA GLU F 368 -44.85 55.97 -39.07
C GLU F 368 -46.07 55.29 -39.67
N ASN F 369 -45.88 54.39 -40.62
CA ASN F 369 -46.97 53.67 -41.25
C ASN F 369 -47.19 52.29 -40.67
N TYR F 370 -46.35 51.84 -39.73
CA TYR F 370 -46.48 50.50 -39.19
C TYR F 370 -47.87 50.26 -38.62
N GLU F 371 -48.37 51.21 -37.83
CA GLU F 371 -49.64 51.03 -37.14
C GLU F 371 -50.84 50.93 -38.08
N SER F 372 -50.68 51.28 -39.35
CA SER F 372 -51.81 51.33 -40.27
C SER F 372 -51.99 50.07 -41.10
N LEU F 373 -50.98 49.19 -41.14
CA LEU F 373 -51.02 48.00 -41.97
C LEU F 373 -51.94 46.90 -41.44
N PRO F 374 -52.09 46.71 -40.12
CA PRO F 374 -53.07 45.71 -39.65
C PRO F 374 -54.46 45.93 -40.21
N LYS F 375 -54.91 47.18 -40.32
CA LYS F 375 -56.22 47.47 -40.90
C LYS F 375 -56.25 47.22 -42.40
N GLY F 376 -55.09 47.17 -43.05
CA GLY F 376 -55.04 46.95 -44.49
C GLY F 376 -55.19 45.49 -44.87
N VAL F 377 -54.80 44.58 -43.98
CA VAL F 377 -54.96 43.16 -44.26
C VAL F 377 -56.42 42.76 -44.20
N ALA F 378 -57.18 43.35 -43.28
CA ALA F 378 -58.60 43.03 -43.15
C ALA F 378 -59.42 43.57 -44.31
N SER F 379 -58.91 44.56 -45.04
CA SER F 379 -59.65 45.14 -46.15
C SER F 379 -59.49 44.36 -47.45
N ALA F 380 -58.67 43.33 -47.46
CA ALA F 380 -58.46 42.53 -48.67
C ALA F 380 -59.39 41.33 -48.71
N LEU F 391 -62.83 38.53 -39.91
CA LEU F 391 -61.61 38.84 -39.17
C LEU F 391 -61.33 40.34 -39.20
N LYS F 392 -61.38 40.96 -38.04
CA LYS F 392 -61.22 42.41 -37.92
C LYS F 392 -59.74 42.78 -37.93
N ALA F 393 -59.48 44.09 -37.88
CA ALA F 393 -58.10 44.58 -37.97
C ALA F 393 -57.29 44.16 -36.75
N GLU F 394 -57.89 44.17 -35.56
CA GLU F 394 -57.17 43.80 -34.36
C GLU F 394 -56.77 42.33 -34.36
N ASP F 395 -57.36 41.51 -35.25
CA ASP F 395 -57.03 40.10 -35.30
C ASP F 395 -55.70 39.82 -36.00
N PHE F 396 -55.15 40.79 -36.70
CA PHE F 396 -53.88 40.62 -37.40
C PHE F 396 -52.77 41.34 -36.66
N ILE F 397 -51.54 40.89 -36.91
CA ILE F 397 -50.33 41.51 -36.39
C ILE F 397 -49.31 41.55 -37.52
N VAL F 398 -48.81 42.75 -37.84
CA VAL F 398 -47.88 42.93 -38.95
C VAL F 398 -46.53 43.34 -38.38
N ASP F 399 -45.49 42.57 -38.71
CA ASP F 399 -44.15 42.75 -38.17
C ASP F 399 -43.22 43.09 -39.33
N VAL F 400 -42.71 44.32 -39.35
CA VAL F 400 -41.78 44.79 -40.39
C VAL F 400 -40.38 44.77 -39.80
N ILE F 401 -39.44 44.18 -40.54
CA ILE F 401 -38.05 44.08 -40.09
C ILE F 401 -37.12 44.58 -41.17
N ASN F 402 -36.15 45.41 -40.79
CA ASN F 402 -35.20 45.99 -41.73
C ASN F 402 -33.90 45.20 -41.64
N MET F 403 -33.63 44.39 -42.68
CA MET F 403 -32.42 43.59 -42.76
C MET F 403 -31.41 44.34 -43.63
N ASP F 404 -30.34 44.85 -43.03
CA ASP F 404 -29.32 45.59 -43.75
C ASP F 404 -27.95 45.16 -43.26
N TYR F 405 -26.92 45.86 -43.72
CA TYR F 405 -25.55 45.62 -43.33
C TYR F 405 -25.08 46.57 -42.23
N GLY F 406 -26.01 47.23 -41.55
CA GLY F 406 -25.70 48.09 -40.42
C GLY F 406 -25.77 49.58 -40.70
N MET F 407 -25.66 50.00 -41.96
CA MET F 407 -25.68 51.42 -42.26
C MET F 407 -26.76 51.74 -43.28
N GLU F 408 -28.01 51.44 -42.94
CA GLU F 408 -29.15 51.63 -43.82
C GLU F 408 -28.91 50.92 -45.15
N ASP F 409 -28.90 51.68 -46.24
CA ASP F 409 -28.73 51.11 -47.58
C ASP F 409 -27.32 51.26 -48.11
N LYS F 410 -26.36 51.63 -47.28
CA LYS F 410 -25.00 51.88 -47.72
C LYS F 410 -24.10 50.71 -47.40
N ASN F 411 -23.14 50.45 -48.28
CA ASN F 411 -22.17 49.38 -48.07
C ASN F 411 -21.12 49.83 -47.05
N PRO F 412 -21.01 49.14 -45.90
CA PRO F 412 -20.01 49.56 -44.90
C PRO F 412 -18.57 49.41 -45.37
N ILE F 413 -18.30 48.54 -46.34
CA ILE F 413 -16.92 48.33 -46.77
C ILE F 413 -16.40 49.56 -47.50
N ASP F 414 -17.31 50.36 -48.09
CA ASP F 414 -16.89 51.60 -48.72
C ASP F 414 -16.29 52.57 -47.72
N ASN F 415 -16.60 52.44 -46.43
CA ASN F 415 -15.97 53.23 -45.38
C ASN F 415 -14.89 52.44 -44.65
N VAL F 416 -14.25 51.50 -45.32
CA VAL F 416 -13.11 50.77 -44.79
C VAL F 416 -11.92 51.03 -45.70
N ARG F 417 -10.75 51.25 -45.10
CA ARG F 417 -9.52 51.46 -45.85
C ARG F 417 -8.61 50.26 -45.66
N PHE F 418 -7.85 49.95 -46.71
CA PHE F 418 -7.00 48.76 -46.74
C PHE F 418 -5.59 49.14 -47.14
N TYR F 419 -4.63 48.41 -46.59
CA TYR F 419 -3.23 48.58 -46.91
C TYR F 419 -2.67 47.30 -47.49
N CYS F 420 -1.59 47.43 -48.24
CA CYS F 420 -0.93 46.30 -48.87
C CYS F 420 0.40 46.03 -48.18
N LYS F 421 1.04 44.93 -48.59
CA LYS F 421 2.29 44.52 -47.97
C LYS F 421 3.46 45.41 -48.39
N SER F 422 3.39 46.07 -49.55
CA SER F 422 4.49 46.91 -50.00
C SER F 422 4.60 48.19 -49.18
N ASP F 423 3.54 49.01 -49.18
CA ASP F 423 3.49 50.24 -48.39
C ASP F 423 2.45 50.08 -47.30
N PRO F 424 2.84 49.68 -46.09
CA PRO F 424 1.85 49.48 -45.02
C PRO F 424 1.28 50.76 -44.45
N ASN F 425 1.77 51.94 -44.85
CA ASN F 425 1.34 53.18 -44.23
C ASN F 425 0.37 53.98 -45.08
N LYS F 426 -0.01 53.48 -46.26
CA LYS F 426 -0.97 54.15 -47.11
C LYS F 426 -2.23 53.29 -47.22
N ALA F 427 -3.39 53.88 -46.97
CA ALA F 427 -4.63 53.13 -46.99
C ALA F 427 -5.43 53.47 -48.25
N ILE F 428 -5.78 52.43 -48.99
CA ILE F 428 -6.41 52.55 -50.29
C ILE F 428 -7.90 52.27 -50.15
N ILE F 429 -8.61 52.34 -51.27
CA ILE F 429 -10.03 52.08 -51.34
C ILE F 429 -10.24 50.88 -52.24
N ILE F 430 -10.96 49.89 -51.74
CA ILE F 430 -11.35 48.73 -52.52
C ILE F 430 -12.85 48.83 -52.73
N THR F 431 -13.28 49.05 -53.98
CA THR F 431 -14.70 49.13 -54.29
C THR F 431 -15.26 47.73 -54.51
N LYS F 432 -16.59 47.65 -54.45
CA LYS F 432 -17.25 46.34 -54.44
C LYS F 432 -16.99 45.54 -55.71
N ASN F 433 -16.72 46.21 -56.84
CA ASN F 433 -16.47 45.46 -58.07
C ASN F 433 -15.05 44.93 -58.15
N GLN F 434 -14.12 45.57 -57.46
CA GLN F 434 -12.77 45.04 -57.40
C GLN F 434 -12.66 43.82 -56.51
N VAL F 435 -13.66 43.56 -55.67
CA VAL F 435 -13.64 42.43 -54.76
C VAL F 435 -14.21 41.20 -55.44
N SER F 436 -15.50 41.24 -55.76
CA SER F 436 -16.17 40.09 -56.35
C SER F 436 -17.44 40.55 -57.03
N GLN F 437 -17.92 39.74 -57.96
CA GLN F 437 -19.16 40.01 -58.67
C GLN F 437 -20.32 39.19 -58.16
N LEU F 438 -20.11 38.39 -57.11
CA LEU F 438 -21.17 37.62 -56.46
C LEU F 438 -21.62 38.27 -55.15
N LEU F 439 -21.16 39.47 -54.86
CA LEU F 439 -21.60 40.19 -53.69
C LEU F 439 -23.01 40.73 -53.90
N PRO F 440 -23.70 41.13 -52.83
CA PRO F 440 -25.09 41.59 -52.97
C PRO F 440 -25.21 42.80 -53.89
N GLU F 441 -26.36 42.88 -54.56
CA GLU F 441 -26.65 44.03 -55.42
C GLU F 441 -27.07 45.24 -54.59
N ARG F 442 -27.98 45.04 -53.64
CA ARG F 442 -28.38 46.05 -52.68
C ARG F 442 -27.91 45.63 -51.29
N PHE F 443 -28.10 46.52 -50.32
CA PHE F 443 -27.62 46.28 -48.96
C PHE F 443 -28.68 46.52 -47.90
N ALA F 444 -29.94 46.73 -48.30
CA ALA F 444 -31.01 46.89 -47.34
C ALA F 444 -32.30 46.35 -47.94
N GLU F 445 -32.97 45.45 -47.21
CA GLU F 445 -34.27 44.94 -47.60
C GLU F 445 -35.18 44.94 -46.38
N GLN F 446 -36.48 44.79 -46.63
CA GLN F 446 -37.46 44.75 -45.56
C GLN F 446 -38.30 43.48 -45.69
N LEU F 447 -38.57 42.86 -44.55
CA LEU F 447 -39.45 41.70 -44.46
C LEU F 447 -40.73 42.11 -43.75
N ILE F 448 -41.85 41.55 -44.19
CA ILE F 448 -43.14 41.78 -43.58
C ILE F 448 -43.74 40.42 -43.23
N ARG F 449 -44.04 40.22 -41.96
CA ARG F 449 -44.67 39.00 -41.47
C ARG F 449 -46.06 39.30 -40.94
N VAL F 450 -47.01 38.41 -41.21
CA VAL F 450 -48.40 38.58 -40.80
C VAL F 450 -48.79 37.41 -39.92
N TYR F 451 -49.32 37.72 -38.73
CA TYR F 451 -49.82 36.74 -37.78
C TYR F 451 -51.30 36.99 -37.51
N CYS F 452 -51.98 35.96 -37.03
CA CYS F 452 -53.40 36.04 -36.69
C CYS F 452 -53.57 35.62 -35.24
N LYS F 453 -54.33 36.41 -34.48
CA LYS F 453 -54.64 36.05 -33.10
C LYS F 453 -55.69 34.96 -33.00
N LYS F 454 -56.47 34.73 -34.06
CA LYS F 454 -57.42 33.63 -34.10
C LYS F 454 -56.71 32.37 -34.62
N THR F 455 -56.94 31.25 -33.94
CA THR F 455 -56.19 30.04 -34.23
C THR F 455 -57.02 28.88 -34.76
N ASP F 456 -58.31 29.06 -34.95
CA ASP F 456 -59.12 27.96 -35.49
C ASP F 456 -58.83 27.78 -36.97
N GLU F 457 -59.23 26.62 -37.49
CA GLU F 457 -58.92 26.26 -38.88
C GLU F 457 -59.63 27.17 -39.86
N LYS F 458 -60.82 27.66 -39.53
CA LYS F 458 -61.54 28.56 -40.42
C LYS F 458 -60.97 29.96 -40.40
N SER F 459 -60.43 30.40 -39.26
CA SER F 459 -59.83 31.72 -39.18
C SER F 459 -58.46 31.75 -39.87
N LEU F 460 -57.64 30.71 -39.68
CA LEU F 460 -56.35 30.66 -40.35
C LEU F 460 -56.50 30.63 -41.86
N PHE F 461 -57.56 29.97 -42.36
CA PHE F 461 -57.80 29.95 -43.80
C PHE F 461 -58.07 31.37 -44.32
N ALA F 462 -59.01 32.07 -43.71
CA ALA F 462 -59.32 33.43 -44.14
C ALA F 462 -58.12 34.35 -43.98
N ALA F 463 -57.30 34.14 -42.95
CA ALA F 463 -56.10 34.95 -42.78
C ALA F 463 -55.12 34.71 -43.91
N ARG F 464 -54.95 33.45 -44.33
CA ARG F 464 -54.08 33.15 -45.46
C ARG F 464 -54.64 33.74 -46.74
N GLN F 465 -55.96 33.71 -46.90
CA GLN F 465 -56.57 34.30 -48.09
C GLN F 465 -56.40 35.82 -48.10
N HIS F 466 -56.61 36.46 -46.95
CA HIS F 466 -56.40 37.91 -46.87
C HIS F 466 -54.97 38.29 -47.17
N PHE F 467 -54.01 37.53 -46.64
CA PHE F 467 -52.59 37.89 -46.76
C PHE F 467 -52.13 37.82 -48.22
N VAL F 468 -52.53 36.79 -48.95
CA VAL F 468 -52.08 36.66 -50.33
C VAL F 468 -52.68 37.75 -51.21
N GLN F 469 -53.96 38.08 -50.99
CA GLN F 469 -54.58 39.18 -51.72
C GLN F 469 -53.98 40.51 -51.33
N TRP F 470 -53.64 40.68 -50.05
CA TRP F 470 -53.00 41.91 -49.61
C TRP F 470 -51.66 42.13 -50.30
N CYS F 471 -51.00 41.04 -50.71
CA CYS F 471 -49.74 41.17 -51.43
C CYS F 471 -49.96 41.63 -52.86
N LEU F 472 -51.08 41.25 -53.47
CA LEU F 472 -51.39 41.74 -54.80
C LEU F 472 -51.87 43.20 -54.76
N ASP F 473 -52.65 43.55 -53.74
CA ASP F 473 -53.14 44.92 -53.63
C ASP F 473 -52.01 45.93 -53.57
N ASN F 474 -50.89 45.56 -52.94
CA ASN F 474 -49.76 46.46 -52.79
C ASN F 474 -48.55 46.04 -53.61
N ASP F 475 -48.69 45.03 -54.46
CA ASP F 475 -47.62 44.55 -55.33
C ASP F 475 -46.38 44.18 -54.52
N PHE F 476 -46.54 43.17 -53.67
CA PHE F 476 -45.45 42.62 -52.88
C PHE F 476 -44.87 41.40 -53.59
N THR F 477 -43.94 40.73 -52.93
CA THR F 477 -43.33 39.52 -53.47
C THR F 477 -44.19 38.31 -53.13
N LYS F 478 -44.21 37.35 -54.06
CA LYS F 478 -45.08 36.19 -53.91
C LYS F 478 -44.64 35.36 -52.71
N PRO F 479 -45.55 35.05 -51.78
CA PRO F 479 -45.20 34.15 -50.69
C PRO F 479 -44.74 32.80 -51.20
N GLN F 480 -43.84 32.17 -50.44
CA GLN F 480 -43.25 30.91 -50.88
C GLN F 480 -44.28 29.80 -50.90
N ASP F 481 -45.17 29.75 -49.91
CA ASP F 481 -46.21 28.73 -49.84
C ASP F 481 -47.54 29.20 -50.41
N GLY F 482 -47.56 30.35 -51.09
CA GLY F 482 -48.83 30.92 -51.51
C GLY F 482 -49.62 30.03 -52.45
N ASP F 483 -48.92 29.40 -53.41
CA ASP F 483 -49.62 28.55 -54.36
C ASP F 483 -50.21 27.32 -53.68
N VAL F 484 -49.50 26.75 -52.71
CA VAL F 484 -50.02 25.59 -51.99
C VAL F 484 -51.13 26.01 -51.03
N VAL F 485 -50.97 27.17 -50.39
CA VAL F 485 -51.88 27.58 -49.33
C VAL F 485 -53.06 28.40 -49.84
N ALA F 486 -52.95 29.00 -51.02
CA ALA F 486 -54.01 29.88 -51.55
C ALA F 486 -54.03 29.77 -53.06
N PRO F 487 -54.63 28.70 -53.60
CA PRO F 487 -54.75 28.55 -55.06
C PRO F 487 -55.73 29.56 -55.65
N THR G 11 10.85 39.43 -42.39
CA THR G 11 9.51 39.80 -41.96
C THR G 11 8.72 38.59 -41.42
N VAL G 12 7.79 38.85 -40.50
CA VAL G 12 7.09 37.79 -39.80
C VAL G 12 6.04 37.14 -40.70
N LYS G 13 5.74 35.89 -40.42
CA LYS G 13 4.71 35.16 -41.15
C LYS G 13 3.71 34.57 -40.16
N VAL G 14 2.47 34.43 -40.61
CA VAL G 14 1.38 33.90 -39.80
C VAL G 14 0.93 32.58 -40.39
N ILE G 15 0.69 31.60 -39.53
CA ILE G 15 0.25 30.28 -39.91
C ILE G 15 -1.09 30.01 -39.25
N ASN G 16 -2.10 29.65 -40.05
CA ASN G 16 -3.38 29.25 -39.46
C ASN G 16 -3.33 27.78 -39.08
N ASP G 17 -3.77 27.47 -37.87
CA ASP G 17 -3.63 26.16 -37.28
C ASP G 17 -4.99 25.69 -36.76
N PRO G 18 -5.32 24.41 -36.92
CA PRO G 18 -6.57 23.90 -36.34
C PRO G 18 -6.61 23.99 -34.83
N ILE G 19 -5.45 24.01 -34.18
CA ILE G 19 -5.39 23.86 -32.72
C ILE G 19 -5.12 25.21 -32.08
N HIS G 20 -4.05 25.86 -32.52
CA HIS G 20 -3.59 27.10 -31.90
C HIS G 20 -4.13 28.33 -32.60
N GLY G 21 -4.74 28.18 -33.77
CA GLY G 21 -5.20 29.34 -34.50
C GLY G 21 -4.05 30.00 -35.23
N HIS G 22 -4.18 31.31 -35.42
CA HIS G 22 -3.15 32.05 -36.15
C HIS G 22 -1.93 32.27 -35.26
N ILE G 23 -0.80 31.70 -35.67
CA ILE G 23 0.44 31.79 -34.92
C ILE G 23 1.46 32.56 -35.75
N GLU G 24 2.11 33.52 -35.11
CA GLU G 24 3.15 34.31 -35.76
C GLU G 24 4.50 33.63 -35.54
N LEU G 25 5.37 33.74 -36.55
CA LEU G 25 6.67 33.08 -36.53
C LEU G 25 7.75 34.04 -37.00
N HIS G 26 8.69 34.37 -36.10
CA HIS G 26 9.88 35.17 -36.34
C HIS G 26 10.50 34.80 -37.69
N PRO G 27 11.06 35.76 -38.43
CA PRO G 27 11.65 35.43 -39.74
C PRO G 27 12.78 34.43 -39.65
N LEU G 28 13.47 34.35 -38.52
CA LEU G 28 14.51 33.34 -38.35
C LEU G 28 13.90 31.96 -38.16
N LEU G 29 12.72 31.89 -37.54
CA LEU G 29 12.01 30.61 -37.46
C LEU G 29 11.62 30.14 -38.85
N ILE G 30 11.10 31.04 -39.68
CA ILE G 30 10.72 30.70 -41.04
C ILE G 30 11.92 30.17 -41.82
N ARG G 31 13.09 30.77 -41.62
CA ARG G 31 14.29 30.30 -42.28
C ARG G 31 14.62 28.87 -41.88
N ILE G 32 14.35 28.51 -40.62
CA ILE G 32 14.61 27.15 -40.18
C ILE G 32 13.55 26.19 -40.74
N ILE G 33 12.30 26.66 -40.84
CA ILE G 33 11.23 25.83 -41.38
C ILE G 33 11.50 25.48 -42.84
N ASP G 34 11.97 26.46 -43.62
CA ASP G 34 12.09 26.30 -45.07
C ASP G 34 13.43 25.67 -45.44
N THR G 35 13.66 24.48 -44.89
CA THR G 35 14.81 23.65 -45.16
C THR G 35 14.35 22.21 -45.39
N PRO G 36 15.05 21.46 -46.24
CA PRO G 36 14.68 20.04 -46.44
C PRO G 36 14.74 19.23 -45.16
N GLN G 37 15.62 19.57 -44.23
CA GLN G 37 15.73 18.80 -42.99
C GLN G 37 14.50 18.98 -42.12
N PHE G 38 13.78 20.09 -42.26
CA PHE G 38 12.57 20.32 -41.48
C PHE G 38 11.31 19.92 -42.25
N GLN G 39 11.22 20.29 -43.52
CA GLN G 39 10.07 19.88 -44.33
C GLN G 39 9.97 18.37 -44.44
N ARG G 40 11.06 17.66 -44.17
CA ARG G 40 11.03 16.20 -44.08
C ARG G 40 9.92 15.72 -43.18
N LEU G 41 9.65 16.45 -42.08
CA LEU G 41 8.66 16.00 -41.11
C LEU G 41 7.23 16.02 -41.64
N ARG G 42 6.98 16.59 -42.82
CA ARG G 42 5.67 16.50 -43.44
C ARG G 42 5.31 15.08 -43.84
N TYR G 43 6.28 14.17 -43.87
CA TYR G 43 6.06 12.81 -44.34
C TYR G 43 6.38 11.81 -43.24
N ILE G 44 6.14 12.19 -41.99
CA ILE G 44 6.36 11.36 -40.82
C ILE G 44 5.11 11.52 -39.97
N LYS G 45 4.21 10.54 -40.02
CA LYS G 45 2.96 10.64 -39.28
C LYS G 45 3.20 10.59 -37.77
N GLN G 46 2.44 11.42 -37.05
CA GLN G 46 2.66 11.58 -35.62
C GLN G 46 2.45 10.28 -34.86
N LEU G 47 1.38 9.53 -35.19
CA LEU G 47 0.99 8.35 -34.43
C LEU G 47 1.28 7.04 -35.15
N GLY G 48 1.97 7.09 -36.28
CA GLY G 48 2.39 5.88 -36.96
C GLY G 48 1.27 4.94 -37.35
N GLY G 49 1.09 3.86 -36.58
CA GLY G 49 0.09 2.86 -36.92
C GLY G 49 -1.30 3.17 -36.43
N GLY G 50 -1.45 4.09 -35.47
CA GLY G 50 -2.77 4.50 -35.02
C GLY G 50 -3.64 5.04 -36.13
N TYR G 51 -3.02 5.49 -37.23
CA TYR G 51 -3.79 5.96 -38.37
C TYR G 51 -4.60 4.83 -39.01
N TYR G 52 -4.12 3.59 -38.88
CA TYR G 52 -4.85 2.45 -39.43
C TYR G 52 -5.93 1.93 -38.48
N VAL G 53 -6.03 2.49 -37.28
CA VAL G 53 -7.12 2.21 -36.37
C VAL G 53 -8.00 3.44 -36.17
N PHE G 54 -7.38 4.61 -36.05
CA PHE G 54 -8.11 5.86 -35.93
C PHE G 54 -7.96 6.62 -37.25
N PRO G 55 -8.95 6.55 -38.16
CA PRO G 55 -8.81 7.22 -39.45
C PRO G 55 -8.42 8.69 -39.33
N GLY G 56 -8.96 9.43 -38.34
CA GLY G 56 -8.71 10.86 -38.32
C GLY G 56 -7.31 11.27 -37.93
N ALA G 57 -6.47 10.33 -37.53
CA ALA G 57 -5.12 10.64 -37.05
C ALA G 57 -4.12 10.49 -38.19
N SER G 58 -4.23 11.39 -39.16
CA SER G 58 -3.30 11.43 -40.29
C SER G 58 -2.27 12.55 -40.16
N HIS G 59 -2.23 13.24 -39.02
CA HIS G 59 -1.33 14.36 -38.87
C HIS G 59 0.13 13.91 -38.74
N ASN G 60 1.03 14.75 -39.22
CA ASN G 60 2.45 14.43 -39.26
C ASN G 60 3.18 15.23 -38.18
N ARG G 61 4.49 14.98 -38.08
CA ARG G 61 5.29 15.63 -37.05
C ARG G 61 5.47 17.12 -37.34
N PHE G 62 5.47 17.50 -38.62
CA PHE G 62 5.66 18.89 -39.03
C PHE G 62 4.65 19.80 -38.33
N GLU G 63 3.37 19.55 -38.53
CA GLU G 63 2.32 20.34 -37.89
C GLU G 63 2.52 20.41 -36.38
N HIS G 64 2.91 19.29 -35.78
CA HIS G 64 3.17 19.25 -34.35
C HIS G 64 4.34 20.16 -33.97
N SER G 65 5.42 20.13 -34.77
CA SER G 65 6.60 20.90 -34.44
C SER G 65 6.29 22.39 -34.38
N LEU G 66 5.42 22.89 -35.25
CA LEU G 66 5.04 24.30 -35.20
C LEU G 66 4.29 24.62 -33.92
N GLY G 67 3.45 23.70 -33.46
CA GLY G 67 2.73 23.93 -32.22
C GLY G 67 3.65 23.92 -31.01
N VAL G 68 4.69 23.09 -31.04
CA VAL G 68 5.59 23.02 -29.88
C VAL G 68 6.35 24.32 -29.73
N GLY G 69 6.82 24.90 -30.84
CA GLY G 69 7.54 26.15 -30.75
C GLY G 69 6.64 27.31 -30.40
N TYR G 70 5.40 27.29 -30.87
CA TYR G 70 4.48 28.37 -30.56
C TYR G 70 4.18 28.43 -29.07
N LEU G 71 3.83 27.29 -28.48
CA LEU G 71 3.60 27.26 -27.04
C LEU G 71 4.87 27.56 -26.26
N ALA G 72 6.01 27.06 -26.74
CA ALA G 72 7.29 27.41 -26.12
C ALA G 72 7.50 28.92 -26.14
N GLY G 73 7.05 29.59 -27.19
CA GLY G 73 7.09 31.04 -27.20
C GLY G 73 6.02 31.68 -26.34
N CYS G 74 4.84 31.04 -26.23
CA CYS G 74 3.80 31.57 -25.38
C CYS G 74 4.24 31.58 -23.92
N LEU G 75 4.79 30.46 -23.44
CA LEU G 75 5.13 30.36 -22.03
C LEU G 75 6.28 31.29 -21.66
N VAL G 76 7.35 31.29 -22.45
CA VAL G 76 8.50 32.11 -22.12
C VAL G 76 8.14 33.59 -22.18
N ARG G 77 7.31 33.99 -23.15
CA ARG G 77 6.87 35.37 -23.23
C ARG G 77 5.96 35.72 -22.06
N GLU G 78 5.15 34.77 -21.61
CA GLU G 78 4.32 35.02 -20.44
C GLU G 78 5.18 35.38 -19.24
N LEU G 79 6.27 34.63 -19.03
CA LEU G 79 7.10 34.84 -17.85
C LEU G 79 7.86 36.16 -17.95
N SER G 80 8.36 36.51 -19.14
CA SER G 80 9.12 37.73 -19.27
C SER G 80 8.28 38.98 -19.07
N GLU G 81 6.96 38.89 -19.26
CA GLU G 81 6.08 40.05 -19.14
C GLU G 81 5.53 40.23 -17.73
N LYS G 82 5.53 39.19 -16.91
CA LYS G 82 5.05 39.28 -15.54
C LYS G 82 6.16 39.38 -14.51
N GLN G 83 7.37 38.93 -14.85
CA GLN G 83 8.51 38.94 -13.94
C GLN G 83 9.72 39.51 -14.65
N PRO G 84 9.80 40.84 -14.77
CA PRO G 84 11.02 41.45 -15.35
C PRO G 84 12.27 41.22 -14.51
N GLU G 85 12.11 40.78 -13.26
CA GLU G 85 13.25 40.50 -12.40
C GLU G 85 14.12 39.35 -12.89
N LEU G 86 13.65 38.60 -13.89
CA LEU G 86 14.39 37.45 -14.39
C LEU G 86 15.34 37.80 -15.53
N GLN G 87 15.18 38.98 -16.13
CA GLN G 87 16.05 39.44 -17.22
C GLN G 87 16.00 38.47 -18.39
N ILE G 88 14.79 38.23 -18.89
CA ILE G 88 14.57 37.39 -20.05
C ILE G 88 14.70 38.26 -21.31
N SER G 89 15.66 37.92 -22.16
CA SER G 89 15.94 38.69 -23.37
C SER G 89 15.09 38.18 -24.53
N GLU G 90 15.05 38.98 -25.60
CA GLU G 90 14.56 38.46 -26.86
C GLU G 90 15.51 37.42 -27.45
N ARG G 91 16.71 37.30 -26.88
CA ARG G 91 17.64 36.25 -27.28
C ARG G 91 17.26 34.91 -26.67
N ASP G 92 16.77 34.91 -25.42
CA ASP G 92 16.33 33.67 -24.80
C ASP G 92 15.06 33.14 -25.45
N MET G 93 14.09 34.02 -25.71
CA MET G 93 12.82 33.59 -26.26
C MET G 93 12.99 32.98 -27.64
N LEU G 94 13.91 33.55 -28.44
CA LEU G 94 14.21 32.97 -29.74
C LEU G 94 14.80 31.58 -29.61
N CYS G 95 15.70 31.39 -28.65
CA CYS G 95 16.34 30.09 -28.49
C CYS G 95 15.37 29.05 -27.92
N VAL G 96 14.38 29.47 -27.14
CA VAL G 96 13.39 28.52 -26.65
C VAL G 96 12.46 28.09 -27.78
N GLN G 97 12.05 29.04 -28.62
CA GLN G 97 11.16 28.70 -29.72
C GLN G 97 11.86 27.82 -30.75
N ILE G 98 13.13 28.11 -31.04
CA ILE G 98 13.90 27.25 -31.92
C ILE G 98 13.96 25.84 -31.36
N ALA G 99 14.19 25.72 -30.05
CA ALA G 99 14.24 24.41 -29.42
C ALA G 99 12.88 23.72 -29.48
N GLY G 100 11.78 24.49 -29.37
CA GLY G 100 10.47 23.89 -29.51
C GLY G 100 10.21 23.34 -30.90
N LEU G 101 10.66 24.07 -31.93
CA LEU G 101 10.46 23.62 -33.30
C LEU G 101 11.29 22.39 -33.64
N CYS G 102 12.46 22.24 -33.01
CA CYS G 102 13.45 21.30 -33.48
C CYS G 102 13.64 20.08 -32.57
N ARG G 103 12.85 19.96 -31.50
CA ARG G 103 12.92 18.78 -30.67
C ARG G 103 12.19 17.59 -31.26
N ASN G 104 11.71 17.68 -32.50
CA ASN G 104 11.11 16.55 -33.21
C ASN G 104 11.82 16.28 -34.53
N LEU G 105 12.99 16.85 -34.75
CA LEU G 105 13.71 16.62 -36.00
C LEU G 105 14.28 15.21 -36.08
N GLY G 106 14.52 14.57 -34.95
CA GLY G 106 15.19 13.29 -34.94
C GLY G 106 14.29 12.07 -34.93
N HIS G 107 13.08 12.21 -35.45
CA HIS G 107 12.14 11.11 -35.53
C HIS G 107 12.27 10.40 -36.88
N GLY G 108 12.12 9.08 -36.86
CA GLY G 108 12.24 8.29 -38.06
C GLY G 108 10.89 7.95 -38.65
N PRO G 109 10.85 7.05 -39.62
CA PRO G 109 9.57 6.66 -40.23
C PRO G 109 8.60 6.14 -39.18
N PHE G 110 7.36 6.64 -39.25
CA PHE G 110 6.28 6.28 -38.33
C PHE G 110 6.63 6.58 -36.87
N SER G 111 7.52 7.53 -36.64
CA SER G 111 7.82 8.05 -35.31
C SER G 111 8.32 6.99 -34.34
N HIS G 112 7.48 6.57 -33.40
CA HIS G 112 7.96 5.77 -32.28
C HIS G 112 8.15 4.31 -32.60
N MET G 113 7.69 3.86 -33.76
CA MET G 113 7.98 2.49 -34.18
C MET G 113 9.44 2.34 -34.59
N PHE G 114 10.07 3.43 -35.04
CA PHE G 114 11.44 3.38 -35.56
C PHE G 114 12.46 3.25 -34.44
N ASP G 115 12.34 4.08 -33.39
CA ASP G 115 13.30 4.06 -32.29
C ASP G 115 12.75 3.37 -31.04
N GLY G 116 11.64 2.66 -31.15
CA GLY G 116 11.11 1.94 -30.01
C GLY G 116 10.98 0.46 -30.29
N ARG G 117 10.98 0.09 -31.57
CA ARG G 117 10.85 -1.30 -31.97
C ARG G 117 11.92 -1.67 -32.99
N PHE G 118 11.98 -0.94 -34.10
CA PHE G 118 12.80 -1.38 -35.23
C PHE G 118 14.29 -1.27 -34.92
N ILE G 119 14.76 -0.06 -34.59
CA ILE G 119 16.18 0.12 -34.27
C ILE G 119 16.62 -0.77 -33.12
N PRO G 120 15.86 -0.92 -32.03
CA PRO G 120 16.29 -1.89 -31.00
C PRO G 120 16.43 -3.31 -31.54
N LEU G 121 15.58 -3.71 -32.48
CA LEU G 121 15.66 -5.06 -33.02
C LEU G 121 16.66 -5.14 -34.17
N ALA G 122 16.69 -4.13 -35.05
CA ALA G 122 17.62 -4.18 -36.18
C ALA G 122 19.06 -3.99 -35.72
N ARG G 123 19.29 -3.10 -34.77
CA ARG G 123 20.62 -2.85 -34.22
C ARG G 123 20.55 -2.97 -32.70
N PRO G 124 20.78 -4.17 -32.17
CA PRO G 124 20.76 -4.33 -30.71
C PRO G 124 21.88 -3.60 -30.00
N ASP G 125 22.97 -3.27 -30.70
CA ASP G 125 24.15 -2.70 -30.04
C ASP G 125 24.02 -1.20 -29.78
N VAL G 126 23.34 -0.47 -30.67
CA VAL G 126 23.34 0.98 -30.60
C VAL G 126 22.61 1.50 -29.38
N LYS G 127 22.68 2.82 -29.18
CA LYS G 127 21.88 3.55 -28.19
C LYS G 127 21.33 4.76 -28.94
N TRP G 128 20.15 4.62 -29.51
CA TRP G 128 19.55 5.63 -30.36
C TRP G 128 18.26 6.17 -29.76
N THR G 129 18.11 7.48 -29.81
CA THR G 129 16.90 8.17 -29.37
C THR G 129 16.63 9.33 -30.30
N HIS G 130 15.38 9.78 -30.32
CA HIS G 130 15.02 10.88 -31.22
C HIS G 130 15.65 12.20 -30.81
N GLU G 131 16.00 12.38 -29.53
CA GLU G 131 16.72 13.57 -29.13
C GLU G 131 18.13 13.56 -29.70
N GLN G 132 18.83 12.43 -29.60
CA GLN G 132 20.11 12.30 -30.26
C GLN G 132 19.99 12.60 -31.75
N GLY G 133 18.88 12.18 -32.36
CA GLY G 133 18.64 12.52 -33.75
C GLY G 133 18.35 13.99 -33.93
N SER G 134 17.53 14.57 -33.04
CA SER G 134 17.12 15.96 -33.20
C SER G 134 18.31 16.90 -33.13
N VAL G 135 19.27 16.61 -32.25
CA VAL G 135 20.43 17.49 -32.14
C VAL G 135 21.35 17.33 -33.35
N ASN G 136 21.58 16.07 -33.78
CA ASN G 136 22.40 15.86 -34.97
C ASN G 136 21.70 16.36 -36.21
N MET G 137 20.37 16.30 -36.24
CA MET G 137 19.62 16.83 -37.38
C MET G 137 19.59 18.35 -37.35
N PHE G 138 19.53 18.94 -36.16
CA PHE G 138 19.59 20.40 -36.05
C PHE G 138 20.97 20.90 -36.44
N GLU G 139 22.03 20.18 -36.04
CA GLU G 139 23.37 20.49 -36.53
C GLU G 139 23.44 20.38 -38.04
N HIS G 140 22.87 19.31 -38.61
CA HIS G 140 22.90 19.15 -40.06
C HIS G 140 22.05 20.17 -40.79
N LEU G 141 21.05 20.74 -40.12
CA LEU G 141 20.19 21.73 -40.76
C LEU G 141 20.90 23.07 -40.90
N VAL G 142 21.48 23.56 -39.80
CA VAL G 142 22.09 24.88 -39.83
C VAL G 142 23.32 24.92 -40.72
N ASN G 143 24.03 23.79 -40.85
CA ASN G 143 25.24 23.79 -41.67
C ASN G 143 24.94 23.56 -43.14
N SER G 144 23.94 22.73 -43.45
CA SER G 144 23.58 22.50 -44.84
C SER G 144 22.99 23.75 -45.48
N ASN G 145 22.32 24.59 -44.70
CA ASN G 145 21.60 25.73 -45.23
C ASN G 145 22.28 27.07 -44.96
N GLY G 146 23.41 27.06 -44.27
CA GLY G 146 24.17 28.29 -44.05
C GLY G 146 23.48 29.31 -43.18
N LEU G 147 22.84 28.87 -42.11
CA LEU G 147 22.10 29.76 -41.23
C LEU G 147 22.97 30.37 -40.14
N ILE G 148 24.23 29.97 -40.07
CA ILE G 148 25.14 30.46 -39.03
C ILE G 148 25.23 31.98 -39.07
N ASP G 149 25.36 32.56 -40.27
CA ASP G 149 25.42 34.00 -40.42
C ASP G 149 24.04 34.66 -40.31
N VAL G 150 22.96 33.90 -40.49
CA VAL G 150 21.62 34.45 -40.34
C VAL G 150 21.19 34.45 -38.89
N MET G 151 21.55 33.41 -38.13
CA MET G 151 21.31 33.42 -36.70
C MET G 151 21.96 34.62 -36.03
N GLU G 152 23.22 34.90 -36.40
CA GLU G 152 23.92 36.04 -35.82
C GLU G 152 23.30 37.36 -36.28
N HIS G 153 22.75 37.40 -37.49
CA HIS G 153 22.11 38.61 -37.98
C HIS G 153 20.88 38.99 -37.15
N TYR G 154 20.18 38.00 -36.60
CA TYR G 154 18.98 38.26 -35.82
C TYR G 154 19.26 38.38 -34.31
N GLY G 155 20.51 38.63 -33.94
CA GLY G 155 20.86 38.96 -32.58
C GLY G 155 21.35 37.81 -31.72
N LEU G 156 21.65 36.66 -32.30
CA LEU G 156 22.10 35.51 -31.52
C LEU G 156 23.62 35.39 -31.55
N ILE G 157 24.14 34.70 -30.53
CA ILE G 157 25.55 34.34 -30.47
C ILE G 157 25.63 32.84 -30.75
N PRO G 158 26.02 32.45 -31.96
CA PRO G 158 25.80 31.04 -32.37
C PRO G 158 26.51 30.02 -31.50
N GLU G 159 27.75 30.26 -31.11
CA GLU G 159 28.48 29.29 -30.30
C GLU G 159 27.76 29.02 -28.99
N GLU G 160 27.37 30.08 -28.29
CA GLU G 160 26.73 29.91 -26.99
C GLU G 160 25.29 29.43 -27.12
N ASP G 161 24.55 29.94 -28.11
CA ASP G 161 23.11 29.69 -28.17
C ASP G 161 22.79 28.31 -28.74
N ILE G 162 23.51 27.89 -29.78
CA ILE G 162 23.32 26.52 -30.29
C ILE G 162 23.43 25.51 -29.16
N TRP G 163 24.51 25.61 -28.38
CA TRP G 163 24.67 24.72 -27.22
C TRP G 163 23.45 24.78 -26.32
N PHE G 164 22.90 25.99 -26.12
CA PHE G 164 21.67 26.12 -25.34
C PHE G 164 20.51 25.42 -26.04
N ILE G 165 20.43 25.54 -27.37
CA ILE G 165 19.32 24.94 -28.09
C ILE G 165 19.35 23.42 -27.97
N LYS G 166 20.54 22.82 -28.13
CA LYS G 166 20.63 21.37 -28.06
C LYS G 166 20.52 20.86 -26.63
N GLU G 167 20.74 21.71 -25.63
CA GLU G 167 20.62 21.27 -24.24
C GLU G 167 19.16 21.25 -23.77
N GLN G 168 18.31 22.14 -24.29
CA GLN G 168 16.89 22.05 -24.00
C GLN G 168 16.29 20.75 -24.54
N ILE G 169 16.95 20.14 -25.53
CA ILE G 169 16.49 18.91 -26.16
C ILE G 169 17.04 17.68 -25.48
N THR G 170 18.32 17.69 -25.12
CA THR G 170 19.01 16.53 -24.58
C THR G 170 19.32 16.70 -23.08
N GLY G 171 20.21 17.62 -22.73
CA GLY G 171 20.62 17.79 -21.35
C GLY G 171 22.12 17.81 -21.18
N TRP G 182 25.80 22.54 -11.73
CA TRP G 182 25.32 23.26 -12.91
C TRP G 182 26.00 22.75 -14.17
N PRO G 183 25.50 21.62 -14.71
CA PRO G 183 26.14 20.99 -15.85
C PRO G 183 25.85 21.62 -17.20
N TYR G 184 25.20 22.78 -17.26
CA TYR G 184 24.80 23.37 -18.52
C TYR G 184 25.79 24.43 -18.97
N LYS G 185 26.13 24.40 -20.26
CA LYS G 185 27.13 25.29 -20.84
C LYS G 185 26.54 26.30 -21.82
N GLY G 186 25.22 26.39 -21.91
CA GLY G 186 24.59 27.36 -22.80
C GLY G 186 24.02 28.55 -22.06
N ARG G 187 23.52 28.33 -20.84
CA ARG G 187 22.96 29.37 -19.97
C ARG G 187 23.36 29.08 -18.54
N PRO G 188 23.61 30.12 -17.74
CA PRO G 188 24.01 29.89 -16.34
C PRO G 188 22.82 29.46 -15.49
N LYS G 189 23.15 28.93 -14.30
CA LYS G 189 22.12 28.47 -13.37
C LYS G 189 21.18 29.58 -12.94
N GLU G 190 21.55 30.84 -13.18
CA GLU G 190 20.67 31.96 -12.88
C GLU G 190 19.50 32.06 -13.84
N LYS G 191 19.40 31.12 -14.80
CA LYS G 191 18.30 31.03 -15.74
C LYS G 191 17.93 29.58 -15.97
N SER G 192 17.96 28.77 -14.90
CA SER G 192 17.72 27.35 -15.02
C SER G 192 16.30 27.02 -15.45
N PHE G 193 15.36 27.94 -15.26
CA PHE G 193 13.95 27.69 -15.56
C PHE G 193 13.68 27.61 -17.04
N LEU G 194 14.59 28.09 -17.89
CA LEU G 194 14.37 28.04 -19.33
C LEU G 194 14.55 26.63 -19.90
N TYR G 195 15.12 25.71 -19.14
CA TYR G 195 15.22 24.32 -19.58
C TYR G 195 13.99 23.50 -19.24
N GLU G 196 13.06 24.08 -18.49
CA GLU G 196 11.83 23.41 -18.09
C GLU G 196 10.67 23.68 -19.04
N ILE G 197 10.93 24.25 -20.21
CA ILE G 197 9.89 24.62 -21.15
C ILE G 197 9.76 23.57 -22.25
N VAL G 198 10.83 23.37 -23.03
CA VAL G 198 10.77 22.51 -24.21
C VAL G 198 10.69 21.05 -23.81
N ALA G 199 11.69 20.56 -23.06
CA ALA G 199 11.76 19.17 -22.62
C ALA G 199 12.12 19.14 -21.14
N ASN G 200 11.11 19.28 -20.28
CA ASN G 200 11.34 19.26 -18.84
C ASN G 200 11.74 17.87 -18.38
N LYS G 201 12.86 17.79 -17.66
CA LYS G 201 13.31 16.52 -17.11
C LYS G 201 13.05 16.39 -15.61
N ARG G 202 12.80 17.50 -14.92
CA ARG G 202 12.52 17.42 -13.48
C ARG G 202 11.20 16.71 -13.22
N ASN G 203 10.15 17.03 -13.98
CA ASN G 203 8.84 16.45 -13.73
C ASN G 203 8.05 16.12 -14.98
N GLY G 204 8.44 16.60 -16.16
CA GLY G 204 7.76 16.27 -17.39
C GLY G 204 6.70 17.26 -17.84
N ILE G 205 6.49 18.34 -17.10
CA ILE G 205 5.52 19.36 -17.50
C ILE G 205 6.17 20.27 -18.53
N ASP G 206 6.03 19.93 -19.81
CA ASP G 206 6.60 20.71 -20.89
C ASP G 206 5.53 21.00 -21.95
N VAL G 207 5.78 22.07 -22.71
CA VAL G 207 4.87 22.51 -23.76
C VAL G 207 4.68 21.45 -24.84
N ASP G 208 5.66 20.56 -25.01
CA ASP G 208 5.53 19.52 -26.03
C ASP G 208 4.37 18.58 -25.71
N LYS G 209 4.23 18.19 -24.44
CA LYS G 209 3.06 17.41 -24.06
C LYS G 209 1.77 18.16 -24.34
N TRP G 210 1.77 19.47 -24.12
CA TRP G 210 0.52 20.22 -24.23
C TRP G 210 0.03 20.27 -25.67
N ASP G 211 0.93 20.20 -26.64
CA ASP G 211 0.52 20.28 -28.03
C ASP G 211 -0.07 18.96 -28.52
N TYR G 212 0.55 17.84 -28.19
CA TYR G 212 0.01 16.58 -28.69
C TYR G 212 -1.23 16.14 -27.93
N PHE G 213 -1.44 16.63 -26.70
CA PHE G 213 -2.73 16.40 -26.05
C PHE G 213 -3.87 16.97 -26.90
N ALA G 214 -3.73 18.22 -27.33
CA ALA G 214 -4.78 18.90 -28.09
C ALA G 214 -4.78 18.48 -29.55
N ARG G 215 -3.63 18.18 -30.12
CA ARG G 215 -3.56 17.87 -31.53
C ARG G 215 -3.92 16.41 -31.81
N ASP G 216 -3.59 15.50 -30.91
CA ASP G 216 -4.00 14.10 -31.11
C ASP G 216 -5.49 13.93 -30.83
N CYS G 217 -6.01 14.56 -29.77
CA CYS G 217 -7.43 14.44 -29.46
C CYS G 217 -8.30 15.01 -30.58
N HIS G 218 -7.88 16.12 -31.17
CA HIS G 218 -8.60 16.75 -32.26
C HIS G 218 -8.72 15.80 -33.46
N HIS G 219 -7.63 15.11 -33.78
CA HIS G 219 -7.61 14.26 -34.96
C HIS G 219 -8.10 12.85 -34.66
N LEU G 220 -7.68 12.25 -33.55
CA LEU G 220 -8.19 10.94 -33.18
C LEU G 220 -9.68 10.96 -32.95
N GLY G 221 -10.22 12.09 -32.52
CA GLY G 221 -11.58 12.12 -32.03
C GLY G 221 -11.70 11.73 -30.58
N ILE G 222 -10.65 11.89 -29.80
CA ILE G 222 -10.65 11.59 -28.37
C ILE G 222 -10.84 12.90 -27.62
N GLN G 223 -11.20 12.81 -26.35
CA GLN G 223 -11.41 13.97 -25.51
C GLN G 223 -10.17 14.27 -24.68
N ASN G 224 -9.87 15.55 -24.53
CA ASN G 224 -8.79 16.03 -23.69
C ASN G 224 -9.35 16.43 -22.34
N ASN G 225 -8.48 16.46 -21.33
CA ASN G 225 -8.89 16.88 -19.99
C ASN G 225 -7.76 17.66 -19.31
N PHE G 226 -7.08 18.51 -20.08
CA PHE G 226 -6.08 19.40 -19.52
C PHE G 226 -6.14 20.74 -20.24
N ASP G 227 -6.27 21.81 -19.47
CA ASP G 227 -6.33 23.17 -19.99
C ASP G 227 -4.94 23.78 -19.86
N TYR G 228 -4.22 23.87 -20.96
CA TYR G 228 -2.86 24.40 -20.92
C TYR G 228 -2.86 25.92 -20.81
N LYS G 229 -3.88 26.58 -21.35
CA LYS G 229 -3.94 28.04 -21.27
C LYS G 229 -4.15 28.50 -19.84
N ARG G 230 -4.95 27.77 -19.07
CA ARG G 230 -5.11 28.10 -17.65
C ARG G 230 -3.81 27.90 -16.89
N PHE G 231 -3.06 26.85 -17.24
CA PHE G 231 -1.81 26.57 -16.56
C PHE G 231 -0.80 27.70 -16.79
N ILE G 232 -0.78 28.26 -18.01
CA ILE G 232 0.17 29.32 -18.32
C ILE G 232 -0.19 30.60 -17.58
N LYS G 233 -1.48 30.87 -17.35
CA LYS G 233 -1.86 32.07 -16.62
C LYS G 233 -1.46 32.04 -15.16
N PHE G 234 -1.01 30.90 -14.63
CA PHE G 234 -0.64 30.78 -13.22
C PHE G 234 0.81 30.34 -13.04
N ALA G 235 1.66 30.51 -14.03
CA ALA G 235 3.04 30.08 -13.96
C ALA G 235 3.90 31.20 -13.39
N ARG G 236 4.76 30.86 -12.43
CA ARG G 236 5.72 31.80 -11.85
C ARG G 236 7.04 31.08 -11.64
N VAL G 237 8.12 31.85 -11.60
CA VAL G 237 9.46 31.34 -11.32
C VAL G 237 9.78 31.60 -9.86
N CYS G 238 10.25 30.58 -9.15
CA CYS G 238 10.52 30.67 -7.74
C CYS G 238 11.83 29.96 -7.41
N GLU G 239 12.55 30.51 -6.45
CA GLU G 239 13.82 29.95 -6.01
C GLU G 239 13.60 28.70 -5.15
N LYS G 243 18.37 27.24 -6.82
CA LYS G 243 18.08 27.32 -8.24
C LYS G 243 16.69 27.91 -8.46
N LYS G 244 16.30 28.08 -9.72
CA LYS G 244 14.99 28.58 -10.09
C LYS G 244 14.22 27.51 -10.84
N HIS G 245 12.93 27.36 -10.49
CA HIS G 245 12.08 26.36 -11.10
C HIS G 245 10.71 26.97 -11.38
N ILE G 246 10.06 26.47 -12.44
CA ILE G 246 8.73 26.95 -12.79
C ILE G 246 7.73 26.34 -11.82
N CYS G 247 6.89 27.17 -11.23
CA CYS G 247 5.91 26.76 -10.24
C CYS G 247 4.52 27.20 -10.67
N THR G 248 3.52 26.80 -9.88
CA THR G 248 2.14 27.15 -10.17
C THR G 248 1.43 27.34 -8.86
N ARG G 249 0.21 27.90 -8.93
CA ARG G 249 -0.60 28.13 -7.76
C ARG G 249 -0.97 26.81 -7.08
N GLU G 250 -1.28 26.92 -5.78
CA GLU G 250 -1.66 25.74 -5.01
C GLU G 250 -2.95 25.11 -5.56
N LYS G 251 -3.83 25.93 -6.14
CA LYS G 251 -5.13 25.47 -6.60
C LYS G 251 -5.07 24.71 -7.92
N GLU G 252 -3.88 24.52 -8.48
CA GLU G 252 -3.72 23.84 -9.76
C GLU G 252 -3.06 22.48 -9.63
N VAL G 253 -2.78 22.03 -8.41
CA VAL G 253 -2.18 20.71 -8.24
C VAL G 253 -3.12 19.63 -8.72
N GLY G 254 -4.43 19.82 -8.55
CA GLY G 254 -5.39 18.85 -9.02
C GLY G 254 -5.44 18.72 -10.52
N ASN G 255 -5.20 19.82 -11.25
CA ASN G 255 -5.14 19.76 -12.70
C ASN G 255 -3.85 19.10 -13.17
N LEU G 256 -2.82 19.07 -12.32
CA LEU G 256 -1.55 18.49 -12.70
C LEU G 256 -1.62 16.97 -12.77
N TYR G 257 -2.31 16.34 -11.81
CA TYR G 257 -2.54 14.91 -11.92
C TYR G 257 -3.41 14.60 -13.13
N ASP G 258 -4.50 15.36 -13.30
CA ASP G 258 -5.36 15.15 -14.46
C ASP G 258 -4.61 15.33 -15.77
N MET G 259 -3.51 16.08 -15.76
CA MET G 259 -2.66 16.15 -16.95
C MET G 259 -2.02 14.80 -17.22
N PHE G 260 -1.35 14.22 -16.22
CA PHE G 260 -0.78 12.89 -16.39
C PHE G 260 -1.87 11.84 -16.53
N HIS G 261 -3.04 12.06 -15.95
CA HIS G 261 -4.16 11.15 -16.16
C HIS G 261 -4.68 11.23 -17.59
N THR G 262 -4.74 12.45 -18.16
CA THR G 262 -5.18 12.61 -19.54
C THR G 262 -4.31 11.80 -20.49
N ARG G 263 -3.00 11.87 -20.29
CA ARG G 263 -2.07 11.27 -21.24
C ARG G 263 -1.99 9.75 -21.08
N ASN G 264 -2.04 9.27 -19.85
CA ASN G 264 -2.09 7.83 -19.66
C ASN G 264 -3.42 7.27 -20.17
N CYS G 265 -4.46 8.09 -20.15
CA CYS G 265 -5.69 7.75 -20.85
C CYS G 265 -5.51 7.83 -22.36
N LEU G 266 -4.62 8.71 -22.83
CA LEU G 266 -4.33 8.78 -24.26
C LEU G 266 -3.54 7.56 -24.73
N HIS G 267 -2.69 6.99 -23.89
CA HIS G 267 -1.97 5.79 -24.28
C HIS G 267 -2.90 4.60 -24.35
N ARG G 268 -3.86 4.51 -23.42
CA ARG G 268 -4.73 3.36 -23.33
C ARG G 268 -5.69 3.30 -24.52
N ARG G 269 -6.20 4.44 -24.95
CA ARG G 269 -7.19 4.44 -26.03
C ARG G 269 -6.54 4.34 -27.40
N ALA G 270 -5.42 5.03 -27.61
CA ALA G 270 -4.90 5.20 -28.95
C ALA G 270 -3.45 4.77 -29.11
N TYR G 271 -2.56 5.21 -28.23
CA TYR G 271 -1.14 4.97 -28.45
C TYR G 271 -0.80 3.50 -28.30
N GLN G 272 -1.40 2.83 -27.33
CA GLN G 272 -1.19 1.40 -27.10
C GLN G 272 -2.42 0.59 -27.50
N HIS G 273 -3.09 1.00 -28.56
CA HIS G 273 -4.21 0.22 -29.09
C HIS G 273 -3.69 -1.10 -29.63
N LYS G 274 -4.34 -2.20 -29.23
CA LYS G 274 -3.88 -3.53 -29.58
C LYS G 274 -3.72 -3.69 -31.09
N VAL G 275 -4.81 -3.49 -31.85
CA VAL G 275 -4.72 -3.54 -33.30
C VAL G 275 -3.78 -2.45 -33.81
N GLY G 276 -3.65 -1.36 -33.07
CA GLY G 276 -2.72 -0.31 -33.49
C GLY G 276 -1.28 -0.71 -33.27
N ASN G 277 -0.96 -1.25 -32.10
CA ASN G 277 0.42 -1.68 -31.83
C ASN G 277 0.82 -2.86 -32.72
N ILE G 278 -0.09 -3.80 -32.96
CA ILE G 278 0.27 -4.95 -33.78
C ILE G 278 0.58 -4.52 -35.20
N ILE G 279 0.01 -3.40 -35.65
CA ILE G 279 0.32 -2.93 -36.99
C ILE G 279 1.73 -2.36 -37.04
N ASP G 280 2.17 -1.69 -35.98
CA ASP G 280 3.54 -1.19 -35.94
C ASP G 280 4.54 -2.34 -35.94
N THR G 281 4.23 -3.41 -35.20
CA THR G 281 5.14 -4.55 -35.13
C THR G 281 5.27 -5.25 -36.49
N MET G 282 4.17 -5.33 -37.24
CA MET G 282 4.24 -5.92 -38.57
C MET G 282 5.02 -5.07 -39.55
N ILE G 283 5.15 -3.77 -39.28
CA ILE G 283 5.96 -2.93 -40.15
C ILE G 283 7.43 -3.01 -39.77
N THR G 284 7.72 -3.35 -38.51
CA THR G 284 9.10 -3.65 -38.14
C THR G 284 9.60 -4.88 -38.89
N ASP G 285 8.85 -5.99 -38.81
CA ASP G 285 9.23 -7.18 -39.54
C ASP G 285 9.35 -6.91 -41.03
N ALA G 286 8.41 -6.14 -41.58
CA ALA G 286 8.50 -5.78 -42.99
C ALA G 286 9.70 -4.90 -43.26
N PHE G 287 10.14 -4.12 -42.27
CA PHE G 287 11.36 -3.34 -42.44
C PHE G 287 12.59 -4.20 -42.19
N LEU G 288 12.55 -5.05 -41.16
CA LEU G 288 13.65 -5.95 -40.88
C LEU G 288 13.94 -6.85 -42.08
N LYS G 289 12.89 -7.40 -42.70
CA LYS G 289 13.07 -8.23 -43.88
C LYS G 289 13.55 -7.42 -45.08
N ALA G 290 13.38 -6.10 -45.04
CA ALA G 290 13.81 -5.22 -46.12
C ALA G 290 15.17 -4.58 -45.88
N ASP G 291 15.79 -4.83 -44.73
CA ASP G 291 17.07 -4.25 -44.37
C ASP G 291 18.16 -4.78 -45.30
N PRO G 292 18.15 -6.08 -45.61
CA PRO G 292 18.96 -6.61 -46.71
C PRO G 292 19.13 -5.67 -47.92
N TYR G 293 18.03 -5.19 -48.52
CA TYR G 293 18.10 -4.59 -49.85
C TYR G 293 17.63 -3.14 -49.91
N ILE G 294 17.40 -2.49 -48.77
CA ILE G 294 16.96 -1.11 -48.74
C ILE G 294 18.17 -0.20 -48.93
N GLU G 295 18.25 0.47 -50.08
CA GLU G 295 19.37 1.33 -50.41
C GLU G 295 18.92 2.79 -50.34
N ILE G 296 19.62 3.58 -49.52
CA ILE G 296 19.35 5.01 -49.37
C ILE G 296 20.64 5.77 -49.60
N THR G 297 20.66 6.63 -50.63
CA THR G 297 21.86 7.40 -50.97
C THR G 297 22.08 8.49 -49.93
N GLY G 298 23.23 8.45 -49.26
CA GLY G 298 23.52 9.41 -48.21
C GLY G 298 24.60 10.42 -48.57
N SER G 299 25.55 10.63 -47.67
CA SER G 299 26.63 11.58 -47.92
C SER G 299 27.53 11.10 -49.05
N GLU G 300 27.99 12.07 -49.85
CA GLU G 300 28.91 11.87 -50.98
C GLU G 300 28.64 10.61 -51.79
N GLY G 301 27.39 10.17 -51.86
CA GLY G 301 27.00 9.05 -52.68
C GLY G 301 27.00 7.70 -52.01
N LYS G 302 27.61 7.57 -50.83
CA LYS G 302 27.66 6.28 -50.15
C LYS G 302 26.26 5.83 -49.78
N LYS G 303 25.87 4.63 -50.23
CA LYS G 303 24.54 4.13 -49.95
C LYS G 303 24.43 3.66 -48.51
N TYR G 304 23.25 3.84 -47.93
CA TYR G 304 22.93 3.40 -46.58
C TYR G 304 21.66 2.55 -46.61
N ARG G 305 21.45 1.77 -45.56
CA ARG G 305 20.22 1.03 -45.38
C ARG G 305 19.33 1.74 -44.36
N ILE G 306 18.14 1.19 -44.16
CA ILE G 306 17.22 1.78 -43.17
C ILE G 306 17.87 1.82 -41.81
N SER G 307 18.47 0.71 -41.38
CA SER G 307 19.07 0.65 -40.06
C SER G 307 20.35 1.46 -39.96
N THR G 308 20.91 1.90 -41.08
CA THR G 308 22.18 2.62 -41.09
C THR G 308 22.02 4.12 -41.36
N ALA G 309 20.85 4.55 -41.83
CA ALA G 309 20.67 5.96 -42.18
C ALA G 309 20.80 6.89 -40.98
N ILE G 310 20.69 6.35 -39.76
CA ILE G 310 20.87 7.19 -38.57
C ILE G 310 22.30 7.68 -38.42
N ASP G 311 23.26 7.08 -39.13
CA ASP G 311 24.64 7.51 -38.99
C ASP G 311 24.98 8.69 -39.89
N ASP G 312 24.21 8.91 -40.95
CA ASP G 312 24.45 10.01 -41.89
C ASP G 312 23.17 10.81 -42.04
N MET G 313 23.20 12.08 -41.64
CA MET G 313 22.00 12.90 -41.65
C MET G 313 21.51 13.18 -43.06
N GLU G 314 22.40 13.18 -44.05
CA GLU G 314 21.95 13.31 -45.43
C GLU G 314 21.06 12.14 -45.83
N ALA G 315 21.30 10.97 -45.24
CA ALA G 315 20.45 9.82 -45.54
C ALA G 315 19.20 9.82 -44.67
N PHE G 316 19.34 10.17 -43.40
CA PHE G 316 18.19 10.25 -42.51
C PHE G 316 17.21 11.31 -42.98
N THR G 317 17.69 12.36 -43.64
CA THR G 317 16.79 13.34 -44.24
C THR G 317 15.80 12.68 -45.19
N LYS G 318 16.30 11.79 -46.07
CA LYS G 318 15.46 11.13 -47.05
C LYS G 318 14.81 9.85 -46.51
N LEU G 319 14.70 9.70 -45.19
CA LEU G 319 14.16 8.51 -44.55
C LEU G 319 12.85 8.87 -43.87
N THR G 320 11.74 8.59 -44.56
CA THR G 320 10.41 8.95 -44.08
C THR G 320 9.51 7.74 -44.22
N ASP G 321 8.20 7.96 -44.16
CA ASP G 321 7.23 6.90 -44.46
C ASP G 321 7.29 6.48 -45.92
N ASN G 322 8.06 7.19 -46.75
CA ASN G 322 8.18 6.85 -48.16
C ASN G 322 8.64 5.42 -48.36
N ILE G 323 9.38 4.86 -47.41
CA ILE G 323 9.89 3.50 -47.58
C ILE G 323 8.76 2.49 -47.51
N PHE G 324 7.74 2.74 -46.69
CA PHE G 324 6.59 1.84 -46.63
C PHE G 324 6.01 1.61 -48.02
N LEU G 325 5.76 2.70 -48.75
CA LEU G 325 5.20 2.58 -50.10
C LEU G 325 6.26 2.20 -51.13
N GLU G 326 7.54 2.41 -50.82
CA GLU G 326 8.60 1.91 -51.70
C GLU G 326 8.64 0.39 -51.67
N ILE G 327 8.53 -0.19 -50.48
CA ILE G 327 8.45 -1.64 -50.37
C ILE G 327 7.19 -2.16 -51.03
N LEU G 328 6.05 -1.50 -50.76
CA LEU G 328 4.76 -1.98 -51.26
C LEU G 328 4.75 -2.09 -52.79
N TYR G 329 5.40 -1.16 -53.47
CA TYR G 329 5.41 -1.15 -54.93
C TYR G 329 6.57 -1.92 -55.52
N SER G 330 7.44 -2.49 -54.69
CA SER G 330 8.56 -3.28 -55.17
C SER G 330 8.06 -4.50 -55.94
N ALA G 337 9.23 -10.76 -49.96
CA ALA G 337 8.99 -11.31 -48.63
C ALA G 337 8.40 -10.23 -47.74
N ALA G 338 9.03 -9.05 -47.74
CA ALA G 338 8.52 -7.94 -46.97
C ALA G 338 7.25 -7.38 -47.59
N ARG G 339 7.16 -7.35 -48.91
CA ARG G 339 5.94 -6.90 -49.57
C ARG G 339 4.74 -7.76 -49.20
N ALA G 340 4.97 -9.03 -48.84
CA ALA G 340 3.86 -9.89 -48.45
C ALA G 340 3.22 -9.38 -47.16
N ILE G 341 4.03 -8.90 -46.21
CA ILE G 341 3.48 -8.42 -44.95
C ILE G 341 2.66 -7.15 -45.16
N LEU G 342 3.23 -6.19 -45.91
CA LEU G 342 2.48 -4.98 -46.23
C LEU G 342 1.21 -5.32 -46.99
N LYS G 343 1.27 -6.29 -47.90
CA LYS G 343 0.06 -6.74 -48.56
C LYS G 343 -0.92 -7.35 -47.56
N LYS G 344 -0.41 -8.08 -46.57
CA LYS G 344 -1.27 -8.63 -45.54
C LYS G 344 -1.83 -7.56 -44.62
N ILE G 345 -1.23 -6.37 -44.63
CA ILE G 345 -1.75 -5.25 -43.85
C ILE G 345 -2.83 -4.49 -44.62
N GLU G 346 -2.62 -4.29 -45.92
CA GLU G 346 -3.62 -3.61 -46.73
C GLU G 346 -4.89 -4.45 -46.89
N CYS G 347 -4.75 -5.77 -46.80
CA CYS G 347 -5.89 -6.67 -46.92
C CYS G 347 -6.45 -7.10 -45.57
N ARG G 348 -5.96 -6.51 -44.50
CA ARG G 348 -6.46 -6.71 -43.15
C ARG G 348 -6.35 -8.17 -42.69
N ASN G 349 -5.32 -8.86 -43.17
CA ASN G 349 -4.97 -10.16 -42.62
C ASN G 349 -3.94 -9.99 -41.52
N LEU G 350 -4.37 -9.30 -40.47
CA LEU G 350 -3.50 -8.96 -39.35
C LEU G 350 -3.48 -10.07 -38.32
N TYR G 351 -2.41 -10.09 -37.54
CA TYR G 351 -2.27 -11.09 -36.48
C TYR G 351 -3.36 -10.90 -35.45
N LYS G 352 -4.08 -11.98 -35.15
CA LYS G 352 -5.15 -11.90 -34.17
C LYS G 352 -4.58 -11.63 -32.78
N PHE G 353 -5.45 -11.22 -31.87
CA PHE G 353 -5.01 -10.86 -30.52
C PHE G 353 -5.23 -12.02 -29.55
N ILE G 397 3.45 -13.55 -31.28
CA ILE G 397 4.13 -12.33 -30.83
C ILE G 397 3.67 -11.94 -29.42
N VAL G 398 4.62 -11.49 -28.60
CA VAL G 398 4.32 -11.02 -27.25
C VAL G 398 4.94 -9.63 -27.11
N ASP G 399 4.09 -8.62 -26.96
CA ASP G 399 4.53 -7.24 -26.81
C ASP G 399 4.32 -6.82 -25.37
N VAL G 400 5.33 -6.16 -24.79
CA VAL G 400 5.28 -5.64 -23.44
C VAL G 400 5.19 -4.13 -23.48
N ILE G 401 4.22 -3.57 -22.77
CA ILE G 401 3.94 -2.14 -22.78
C ILE G 401 4.06 -1.59 -21.37
N ASN G 402 4.98 -0.64 -21.19
CA ASN G 402 5.19 -0.01 -19.89
C ASN G 402 4.38 1.27 -19.79
N MET G 403 3.57 1.38 -18.74
CA MET G 403 2.68 2.52 -18.53
C MET G 403 3.10 3.24 -17.26
N ASP G 404 3.49 4.50 -17.40
CA ASP G 404 3.98 5.27 -16.26
C ASP G 404 3.67 6.74 -16.48
N TYR G 405 3.77 7.51 -15.40
CA TYR G 405 3.61 8.96 -15.45
C TYR G 405 4.83 9.66 -16.01
N GLY G 406 5.75 8.94 -16.63
CA GLY G 406 6.91 9.54 -17.24
C GLY G 406 8.18 9.46 -16.42
N MET G 407 8.09 9.07 -15.14
CA MET G 407 9.25 9.01 -14.26
C MET G 407 9.35 7.63 -13.63
N GLU G 408 9.39 6.61 -14.48
CA GLU G 408 9.55 5.23 -14.07
C GLU G 408 8.49 4.84 -13.04
N ASP G 409 8.86 4.79 -11.77
CA ASP G 409 7.92 4.52 -10.69
C ASP G 409 7.71 5.74 -9.80
N LYS G 410 8.38 6.85 -10.09
CA LYS G 410 8.29 8.02 -9.24
C LYS G 410 7.02 8.81 -9.53
N ASN G 411 6.61 9.62 -8.55
CA ASN G 411 5.47 10.49 -8.70
C ASN G 411 5.95 11.86 -9.18
N PRO G 412 5.60 12.29 -10.39
CA PRO G 412 6.24 13.50 -10.94
C PRO G 412 5.84 14.78 -10.23
N ILE G 413 4.75 14.77 -9.46
CA ILE G 413 4.31 16.00 -8.80
C ILE G 413 5.04 16.20 -7.48
N ASP G 414 5.70 15.17 -6.96
CA ASP G 414 6.62 15.40 -5.84
C ASP G 414 7.74 16.36 -6.24
N ASN G 415 8.09 16.41 -7.52
CA ASN G 415 9.08 17.36 -8.04
C ASN G 415 8.44 18.64 -8.56
N VAL G 416 7.30 19.06 -8.02
CA VAL G 416 6.61 20.26 -8.45
C VAL G 416 6.41 21.15 -7.23
N ARG G 417 6.90 22.38 -7.31
CA ARG G 417 6.70 23.34 -6.24
C ARG G 417 5.52 24.24 -6.56
N PHE G 418 4.88 24.76 -5.51
CA PHE G 418 3.70 25.57 -5.65
C PHE G 418 3.88 26.87 -4.87
N TYR G 419 3.04 27.84 -5.15
CA TYR G 419 3.07 29.09 -4.42
C TYR G 419 1.65 29.51 -4.08
N CYS G 420 1.54 30.42 -3.13
CA CYS G 420 0.24 30.85 -2.64
C CYS G 420 -0.03 32.29 -3.02
N LYS G 421 -1.31 32.65 -2.93
CA LYS G 421 -1.74 34.03 -3.13
C LYS G 421 -1.20 34.96 -2.05
N SER G 422 -0.49 34.45 -1.05
CA SER G 422 0.01 35.24 0.07
C SER G 422 1.45 35.68 -0.16
N ASP G 423 2.38 34.72 -0.15
CA ASP G 423 3.78 34.96 -0.49
C ASP G 423 4.05 34.30 -1.84
N PRO G 424 3.90 35.03 -2.95
CA PRO G 424 4.12 34.42 -4.27
C PRO G 424 5.55 33.95 -4.51
N ASN G 425 6.49 34.28 -3.62
CA ASN G 425 7.88 33.87 -3.78
C ASN G 425 8.22 32.63 -2.97
N LYS G 426 7.35 32.21 -2.05
CA LYS G 426 7.60 31.05 -1.20
C LYS G 426 7.06 29.80 -1.89
N ALA G 427 7.95 28.99 -2.45
CA ALA G 427 7.56 27.72 -3.02
C ALA G 427 7.26 26.71 -1.92
N ILE G 428 6.31 25.81 -2.20
CA ILE G 428 5.87 24.82 -1.23
C ILE G 428 5.84 23.45 -1.89
N ILE G 429 5.81 22.42 -1.05
CA ILE G 429 5.64 21.03 -1.49
C ILE G 429 4.23 20.60 -1.12
N ILE G 430 3.54 19.96 -2.06
CA ILE G 430 2.22 19.42 -1.83
C ILE G 430 2.29 17.92 -2.11
N THR G 431 2.01 17.13 -1.09
CA THR G 431 1.95 15.68 -1.21
C THR G 431 0.53 15.25 -1.60
N LYS G 432 0.42 14.08 -2.21
CA LYS G 432 -0.88 13.68 -2.72
C LYS G 432 -1.87 13.39 -1.60
N ASN G 433 -1.40 13.00 -0.41
CA ASN G 433 -2.31 12.87 0.71
C ASN G 433 -3.01 14.18 1.03
N GLN G 434 -2.36 15.31 0.74
CA GLN G 434 -2.98 16.62 0.92
C GLN G 434 -3.92 16.98 -0.21
N VAL G 435 -3.80 16.31 -1.36
CA VAL G 435 -4.63 16.63 -2.52
C VAL G 435 -5.94 15.85 -2.45
N SER G 436 -5.86 14.53 -2.54
CA SER G 436 -7.05 13.70 -2.57
C SER G 436 -6.68 12.27 -2.22
N GLN G 437 -7.63 11.56 -1.63
CA GLN G 437 -7.48 10.13 -1.34
C GLN G 437 -7.86 9.27 -2.53
N LEU G 438 -8.32 9.85 -3.63
CA LEU G 438 -8.77 9.11 -4.81
C LEU G 438 -7.73 9.09 -5.92
N LEU G 439 -6.45 9.30 -5.59
CA LEU G 439 -5.38 9.30 -6.58
C LEU G 439 -4.73 7.92 -6.65
N PRO G 440 -4.04 7.62 -7.76
CA PRO G 440 -3.39 6.30 -7.87
C PRO G 440 -2.45 6.02 -6.69
N GLU G 441 -2.42 4.75 -6.29
CA GLU G 441 -1.49 4.31 -5.26
C GLU G 441 -0.10 4.07 -5.83
N ARG G 442 -0.01 3.32 -6.92
CA ARG G 442 1.22 3.17 -7.68
C ARG G 442 1.24 4.17 -8.83
N PHE G 443 2.37 4.24 -9.53
CA PHE G 443 2.52 5.13 -10.68
C PHE G 443 3.17 4.43 -11.87
N ALA G 444 3.18 3.10 -11.87
CA ALA G 444 3.68 2.34 -12.99
C ALA G 444 2.95 1.01 -13.05
N GLU G 445 2.86 0.45 -14.24
CA GLU G 445 2.25 -0.85 -14.44
C GLU G 445 2.67 -1.35 -15.80
N GLN G 446 2.66 -2.68 -15.97
CA GLN G 446 3.07 -3.29 -17.22
C GLN G 446 1.94 -4.18 -17.74
N LEU G 447 1.73 -4.13 -19.04
CA LEU G 447 0.72 -4.94 -19.71
C LEU G 447 1.40 -5.86 -20.70
N ILE G 448 0.95 -7.11 -20.75
CA ILE G 448 1.47 -8.11 -21.66
C ILE G 448 0.35 -8.48 -22.62
N ARG G 449 0.65 -8.51 -23.91
CA ARG G 449 -0.33 -8.80 -24.94
C ARG G 449 0.20 -9.91 -25.84
N VAL G 450 -0.68 -10.85 -26.17
CA VAL G 450 -0.32 -12.00 -26.98
C VAL G 450 -1.04 -11.90 -28.32
N TYR G 451 -0.41 -12.43 -29.34
CA TYR G 451 -0.95 -12.42 -30.69
C TYR G 451 -0.62 -13.73 -31.37
N CYS G 452 -1.48 -14.13 -32.30
CA CYS G 452 -1.26 -15.31 -33.12
C CYS G 452 -0.96 -14.89 -34.54
N LYS G 453 0.07 -15.49 -35.14
CA LYS G 453 0.43 -15.21 -36.52
C LYS G 453 -0.29 -16.17 -37.46
N THR H 11 44.88 -7.22 17.06
CA THR H 11 43.60 -6.78 17.59
C THR H 11 42.77 -7.97 18.14
N VAL H 12 41.80 -7.66 19.00
CA VAL H 12 41.07 -8.69 19.72
C VAL H 12 40.10 -9.40 18.78
N LYS H 13 39.79 -10.65 19.11
CA LYS H 13 38.80 -11.41 18.37
C LYS H 13 37.77 -11.99 19.34
N VAL H 14 36.53 -12.06 18.90
CA VAL H 14 35.42 -12.60 19.68
C VAL H 14 34.97 -13.92 19.06
N ILE H 15 34.78 -14.92 19.90
CA ILE H 15 34.31 -16.23 19.46
C ILE H 15 33.03 -16.55 20.21
N ASN H 16 31.97 -16.88 19.46
CA ASN H 16 30.71 -17.28 20.08
C ASN H 16 30.74 -18.75 20.45
N ASP H 17 30.31 -19.05 21.67
CA ASP H 17 30.40 -20.38 22.24
C ASP H 17 29.03 -20.82 22.73
N PRO H 18 28.66 -22.09 22.52
CA PRO H 18 27.38 -22.56 23.09
C PRO H 18 27.38 -22.59 24.61
N ILE H 19 28.54 -22.58 25.27
CA ILE H 19 28.62 -22.73 26.71
C ILE H 19 28.87 -21.39 27.37
N HIS H 20 29.97 -20.75 26.99
CA HIS H 20 30.39 -19.51 27.62
C HIS H 20 29.86 -18.27 26.93
N GLY H 21 29.25 -18.42 25.75
CA GLY H 21 28.83 -17.25 25.01
C GLY H 21 30.00 -16.59 24.29
N HIS H 22 29.86 -15.29 24.08
CA HIS H 22 30.89 -14.51 23.38
C HIS H 22 32.10 -14.32 24.29
N ILE H 23 33.22 -14.92 23.90
CA ILE H 23 34.47 -14.83 24.65
C ILE H 23 35.47 -14.04 23.83
N GLU H 24 36.18 -13.14 24.49
CA GLU H 24 37.18 -12.30 23.84
C GLU H 24 38.57 -12.93 24.05
N LEU H 25 39.40 -12.84 23.02
CA LEU H 25 40.73 -13.45 23.05
C LEU H 25 41.77 -12.41 22.64
N HIS H 26 42.79 -12.22 23.49
CA HIS H 26 43.96 -11.39 23.22
C HIS H 26 44.53 -11.75 21.85
N PRO H 27 45.09 -10.78 21.11
CA PRO H 27 45.68 -11.11 19.80
C PRO H 27 46.79 -12.13 19.87
N LEU H 28 47.52 -12.15 20.99
CA LEU H 28 48.55 -13.17 21.17
C LEU H 28 47.94 -14.55 21.35
N LEU H 29 46.75 -14.62 21.95
CA LEU H 29 46.04 -15.90 22.04
C LEU H 29 45.64 -16.39 20.66
N ILE H 30 45.09 -15.49 19.83
CA ILE H 30 44.68 -15.86 18.47
C ILE H 30 45.87 -16.43 17.70
N ARG H 31 47.04 -15.84 17.87
CA ARG H 31 48.22 -16.32 17.16
C ARG H 31 48.63 -17.70 17.63
N ILE H 32 48.36 -18.03 18.90
CA ILE H 32 48.61 -19.40 19.35
C ILE H 32 47.53 -20.34 18.81
N ILE H 33 46.30 -19.84 18.65
CA ILE H 33 45.22 -20.67 18.12
C ILE H 33 45.48 -21.01 16.65
N ASP H 34 45.93 -20.03 15.86
CA ASP H 34 46.06 -20.18 14.43
C ASP H 34 47.42 -20.80 14.07
N THR H 35 47.64 -21.99 14.60
CA THR H 35 48.81 -22.79 14.30
C THR H 35 48.38 -24.23 14.04
N PRO H 36 49.17 -25.01 13.30
CA PRO H 36 48.78 -26.39 13.03
C PRO H 36 48.73 -27.27 14.27
N GLN H 37 49.51 -26.96 15.30
CA GLN H 37 49.59 -27.82 16.48
C GLN H 37 48.42 -27.61 17.44
N PHE H 38 47.73 -26.48 17.34
CA PHE H 38 46.53 -26.26 18.14
C PHE H 38 45.28 -26.66 17.37
N GLN H 39 45.20 -26.28 16.09
CA GLN H 39 44.07 -26.67 15.27
C GLN H 39 43.99 -28.19 15.11
N ARG H 40 45.07 -28.91 15.42
CA ARG H 40 45.03 -30.36 15.45
C ARG H 40 43.93 -30.87 16.37
N LEU H 41 43.65 -30.14 17.45
CA LEU H 41 42.66 -30.59 18.43
C LEU H 41 41.24 -30.56 17.89
N ARG H 42 41.01 -30.04 16.69
CA ARG H 42 39.69 -30.14 16.07
C ARG H 42 39.36 -31.56 15.62
N TYR H 43 40.32 -32.49 15.69
CA TYR H 43 40.12 -33.85 15.21
C TYR H 43 40.46 -34.83 16.32
N ILE H 44 40.25 -34.41 17.56
CA ILE H 44 40.42 -35.25 18.74
C ILE H 44 39.12 -35.07 19.53
N LYS H 45 38.20 -36.02 19.40
CA LYS H 45 36.98 -35.95 20.19
C LYS H 45 37.29 -36.09 21.68
N GLN H 46 36.60 -35.28 22.49
CA GLN H 46 36.94 -35.13 23.90
C GLN H 46 36.59 -36.37 24.70
N LEU H 47 35.44 -36.99 24.40
CA LEU H 47 34.96 -38.13 25.15
C LEU H 47 35.27 -39.46 24.48
N GLY H 48 35.98 -39.45 23.36
CA GLY H 48 36.43 -40.68 22.74
C GLY H 48 35.31 -41.59 22.28
N GLY H 49 35.20 -42.77 22.90
CA GLY H 49 34.17 -43.74 22.56
C GLY H 49 32.79 -43.46 23.12
N GLY H 50 32.68 -42.54 24.09
CA GLY H 50 31.36 -42.13 24.56
C GLY H 50 30.48 -41.53 23.48
N TYR H 51 31.07 -41.17 22.34
CA TYR H 51 30.30 -40.66 21.22
C TYR H 51 29.44 -41.75 20.59
N TYR H 52 29.90 -43.00 20.64
CA TYR H 52 29.13 -44.09 20.08
C TYR H 52 28.03 -44.60 21.00
N VAL H 53 28.01 -44.13 22.26
CA VAL H 53 26.90 -44.37 23.16
C VAL H 53 26.05 -43.12 23.33
N PHE H 54 26.67 -41.96 23.43
CA PHE H 54 25.96 -40.68 23.54
C PHE H 54 26.14 -39.92 22.24
N PRO H 55 25.15 -39.95 21.34
CA PRO H 55 25.31 -39.28 20.04
C PRO H 55 25.66 -37.81 20.14
N GLY H 56 25.09 -37.08 21.11
CA GLY H 56 25.35 -35.66 21.18
C GLY H 56 26.77 -35.29 21.54
N ALA H 57 27.58 -36.24 22.00
CA ALA H 57 28.94 -35.98 22.46
C ALA H 57 29.93 -36.08 21.30
N SER H 58 29.80 -35.16 20.35
CA SER H 58 30.69 -35.10 19.20
C SER H 58 31.75 -34.01 19.33
N HIS H 59 31.80 -33.30 20.45
CA HIS H 59 32.71 -32.17 20.61
C HIS H 59 34.15 -32.64 20.76
N ASN H 60 35.08 -31.77 20.36
CA ASN H 60 36.48 -32.11 20.33
C ASN H 60 37.24 -31.32 21.40
N ARG H 61 38.53 -31.63 21.53
CA ARG H 61 39.36 -30.95 22.52
C ARG H 61 39.53 -29.48 22.21
N PHE H 62 39.44 -29.09 20.94
CA PHE H 62 39.65 -27.70 20.54
C PHE H 62 38.68 -26.77 21.25
N GLU H 63 37.38 -27.03 21.12
CA GLU H 63 36.37 -26.19 21.77
C GLU H 63 36.57 -26.16 23.27
N HIS H 64 36.92 -27.30 23.86
CA HIS H 64 37.21 -27.35 25.28
C HIS H 64 38.39 -26.44 25.64
N SER H 65 39.45 -26.47 24.83
CA SER H 65 40.64 -25.68 25.12
C SER H 65 40.32 -24.20 25.17
N LEU H 66 39.45 -23.72 24.29
CA LEU H 66 39.08 -22.31 24.32
C LEU H 66 38.32 -21.95 25.59
N GLY H 67 37.54 -22.88 26.12
CA GLY H 67 36.83 -22.62 27.37
C GLY H 67 37.71 -22.66 28.58
N VAL H 68 38.70 -23.54 28.60
CA VAL H 68 39.61 -23.61 29.75
C VAL H 68 40.38 -22.30 29.89
N GLY H 69 40.82 -21.73 28.78
CA GLY H 69 41.56 -20.49 28.84
C GLY H 69 40.69 -19.29 29.15
N TYR H 70 39.44 -19.30 28.67
CA TYR H 70 38.53 -18.21 28.99
C TYR H 70 38.23 -18.16 30.47
N LEU H 71 37.95 -19.31 31.09
CA LEU H 71 37.69 -19.34 32.53
C LEU H 71 38.95 -19.06 33.33
N ALA H 72 40.10 -19.59 32.86
CA ALA H 72 41.36 -19.20 33.47
C ALA H 72 41.56 -17.69 33.41
N GLY H 73 41.01 -17.03 32.39
CA GLY H 73 41.10 -15.59 32.32
C GLY H 73 40.06 -14.88 33.17
N CYS H 74 38.87 -15.46 33.32
CA CYS H 74 37.83 -14.93 34.20
C CYS H 74 38.27 -14.94 35.66
N LEU H 75 38.80 -16.07 36.11
CA LEU H 75 39.17 -16.21 37.51
C LEU H 75 40.30 -15.26 37.86
N VAL H 76 41.39 -15.28 37.09
CA VAL H 76 42.55 -14.44 37.41
C VAL H 76 42.18 -12.96 37.33
N ARG H 77 41.36 -12.58 36.33
CA ARG H 77 40.92 -11.20 36.24
C ARG H 77 40.02 -10.82 37.40
N GLU H 78 39.24 -11.78 37.91
CA GLU H 78 38.39 -11.51 39.07
C GLU H 78 39.25 -11.14 40.27
N LEU H 79 40.30 -11.92 40.53
CA LEU H 79 41.15 -11.65 41.68
C LEU H 79 41.93 -10.35 41.52
N SER H 80 42.21 -9.94 40.26
CA SER H 80 42.88 -8.67 40.01
C SER H 80 42.08 -7.50 40.56
N GLU H 81 40.78 -7.50 40.30
CA GLU H 81 39.95 -6.32 40.51
C GLU H 81 39.37 -6.24 41.91
N LYS H 82 39.45 -7.30 42.69
CA LYS H 82 39.00 -7.28 44.08
C LYS H 82 40.15 -7.16 45.08
N GLN H 83 41.34 -7.61 44.70
CA GLN H 83 42.50 -7.61 45.59
C GLN H 83 43.70 -7.04 44.86
N PRO H 84 43.78 -5.71 44.74
CA PRO H 84 44.99 -5.10 44.14
C PRO H 84 46.24 -5.31 44.97
N GLU H 85 46.10 -5.67 46.24
CA GLU H 85 47.23 -5.95 47.11
C GLU H 85 48.02 -7.18 46.68
N LEU H 86 47.56 -7.90 45.65
CA LEU H 86 48.23 -9.10 45.18
C LEU H 86 49.24 -8.82 44.07
N GLN H 87 49.20 -7.63 43.47
CA GLN H 87 50.13 -7.25 42.40
C GLN H 87 50.02 -8.21 41.22
N ILE H 88 48.79 -8.38 40.72
CA ILE H 88 48.56 -9.19 39.54
C ILE H 88 48.66 -8.30 38.31
N SER H 89 49.54 -8.67 37.39
CA SER H 89 49.83 -7.90 36.19
C SER H 89 49.13 -8.48 34.97
N GLU H 90 48.96 -7.64 33.96
CA GLU H 90 48.53 -8.12 32.65
C GLU H 90 49.51 -9.11 32.05
N ARG H 91 50.71 -9.22 32.61
CA ARG H 91 51.65 -10.26 32.20
C ARG H 91 51.30 -11.61 32.80
N ASP H 92 50.77 -11.63 34.02
CA ASP H 92 50.37 -12.90 34.64
C ASP H 92 49.08 -13.42 34.04
N MET H 93 48.12 -12.53 33.79
CA MET H 93 46.84 -12.96 33.24
C MET H 93 47.02 -13.56 31.86
N LEU H 94 47.95 -13.04 31.07
CA LEU H 94 48.23 -13.63 29.76
C LEU H 94 48.84 -15.01 29.91
N CYS H 95 49.75 -15.20 30.86
CA CYS H 95 50.39 -16.50 31.05
C CYS H 95 49.42 -17.53 31.60
N VAL H 96 48.40 -17.10 32.35
CA VAL H 96 47.42 -18.06 32.85
C VAL H 96 46.49 -18.49 31.73
N GLN H 97 46.03 -17.54 30.92
CA GLN H 97 45.15 -17.88 29.80
C GLN H 97 45.86 -18.76 28.79
N ILE H 98 47.14 -18.51 28.53
CA ILE H 98 47.89 -19.39 27.65
C ILE H 98 47.95 -20.79 28.22
N ALA H 99 48.19 -20.90 29.53
CA ALA H 99 48.22 -22.21 30.18
C ALA H 99 46.85 -22.88 30.12
N GLY H 100 45.78 -22.10 30.15
CA GLY H 100 44.45 -22.68 30.00
C GLY H 100 44.20 -23.22 28.61
N LEU H 101 44.72 -22.52 27.60
CA LEU H 101 44.52 -22.95 26.21
C LEU H 101 45.36 -24.17 25.87
N CYS H 102 46.51 -24.34 26.50
CA CYS H 102 47.50 -25.31 26.04
C CYS H 102 47.67 -26.49 26.98
N ARG H 103 46.84 -26.61 28.01
CA ARG H 103 46.92 -27.77 28.88
C ARG H 103 46.22 -29.00 28.30
N ASN H 104 45.70 -28.91 27.07
CA ASN H 104 45.12 -30.04 26.38
C ASN H 104 45.79 -30.31 25.03
N LEU H 105 46.98 -29.76 24.80
CA LEU H 105 47.68 -29.98 23.53
C LEU H 105 48.26 -31.38 23.42
N GLY H 106 48.53 -32.05 24.52
CA GLY H 106 49.20 -33.34 24.48
C GLY H 106 48.27 -34.54 24.54
N HIS H 107 47.03 -34.38 24.11
CA HIS H 107 46.08 -35.48 24.05
C HIS H 107 46.18 -36.18 22.70
N GLY H 108 46.28 -37.51 22.72
CA GLY H 108 46.35 -38.29 21.51
C GLY H 108 44.99 -38.59 20.93
N PRO H 109 44.93 -39.53 19.97
CA PRO H 109 43.64 -39.88 19.37
C PRO H 109 42.65 -40.41 20.40
N PHE H 110 41.43 -39.88 20.33
CA PHE H 110 40.34 -40.25 21.24
C PHE H 110 40.68 -39.97 22.71
N SER H 111 41.57 -39.00 22.93
CA SER H 111 41.90 -38.49 24.26
C SER H 111 42.42 -39.56 25.21
N HIS H 112 41.57 -40.01 26.14
CA HIS H 112 42.03 -40.85 27.24
C HIS H 112 42.18 -42.31 26.86
N MET H 113 41.63 -42.73 25.72
CA MET H 113 41.91 -44.07 25.22
C MET H 113 43.37 -44.22 24.84
N PHE H 114 44.04 -43.13 24.49
CA PHE H 114 45.41 -43.18 23.98
C PHE H 114 46.42 -43.34 25.11
N ASP H 115 46.34 -42.50 26.14
CA ASP H 115 47.29 -42.55 27.23
C ASP H 115 46.75 -43.27 28.48
N GLY H 116 45.56 -43.83 28.40
CA GLY H 116 45.00 -44.58 29.52
C GLY H 116 45.01 -46.07 29.28
N ARG H 117 44.97 -46.47 28.01
CA ARG H 117 44.92 -47.88 27.64
C ARG H 117 45.97 -48.25 26.61
N PHE H 118 46.00 -47.51 25.50
CA PHE H 118 46.82 -47.92 24.36
C PHE H 118 48.30 -47.82 24.69
N ILE H 119 48.78 -46.61 24.99
CA ILE H 119 50.21 -46.43 25.27
C ILE H 119 50.69 -47.31 26.40
N PRO H 120 49.98 -47.43 27.54
CA PRO H 120 50.46 -48.37 28.57
C PRO H 120 50.50 -49.81 28.11
N LEU H 121 49.70 -50.18 27.12
CA LEU H 121 49.73 -51.53 26.58
C LEU H 121 50.69 -51.67 25.40
N ALA H 122 50.78 -50.63 24.56
CA ALA H 122 51.72 -50.68 23.44
C ALA H 122 53.16 -50.55 23.92
N ARG H 123 53.42 -49.65 24.86
CA ARG H 123 54.75 -49.45 25.42
C ARG H 123 54.66 -49.52 26.94
N PRO H 124 54.73 -50.73 27.50
CA PRO H 124 54.70 -50.85 28.96
C PRO H 124 55.89 -50.23 29.66
N ASP H 125 57.02 -50.04 28.96
CA ASP H 125 58.19 -49.45 29.58
C ASP H 125 58.10 -47.92 29.64
N VAL H 126 57.43 -47.31 28.67
CA VAL H 126 57.36 -45.86 28.60
C VAL H 126 56.55 -45.29 29.76
N LYS H 127 56.71 -43.99 29.99
CA LYS H 127 55.97 -43.25 31.01
C LYS H 127 55.43 -41.98 30.34
N TRP H 128 54.19 -42.04 29.88
CA TRP H 128 53.61 -40.98 29.06
C TRP H 128 52.33 -40.46 29.70
N THR H 129 52.20 -39.13 29.73
CA THR H 129 50.99 -38.46 30.18
C THR H 129 50.74 -37.28 29.26
N HIS H 130 49.46 -36.88 29.17
CA HIS H 130 49.10 -35.81 28.25
C HIS H 130 49.65 -34.46 28.67
N GLU H 131 50.03 -34.29 29.94
CA GLU H 131 50.73 -33.06 30.32
C GLU H 131 52.13 -33.04 29.73
N GLN H 132 52.84 -34.16 29.80
CA GLN H 132 54.13 -34.27 29.13
C GLN H 132 54.01 -33.92 27.66
N GLY H 133 52.93 -34.37 27.01
CA GLY H 133 52.71 -33.99 25.63
C GLY H 133 52.34 -32.53 25.48
N SER H 134 51.57 -32.01 26.42
CA SER H 134 51.13 -30.61 26.34
C SER H 134 52.32 -29.67 26.42
N VAL H 135 53.26 -29.93 27.34
CA VAL H 135 54.43 -29.07 27.43
C VAL H 135 55.35 -29.30 26.25
N ASN H 136 55.46 -30.54 25.77
CA ASN H 136 56.35 -30.82 24.65
C ASN H 136 55.82 -30.22 23.35
N MET H 137 54.50 -30.24 23.16
CA MET H 137 53.95 -29.63 21.95
C MET H 137 53.76 -28.14 22.09
N PHE H 138 53.68 -27.62 23.31
CA PHE H 138 53.73 -26.17 23.47
C PHE H 138 55.11 -25.64 23.10
N GLU H 139 56.16 -26.37 23.48
CA GLU H 139 57.50 -26.05 22.99
C GLU H 139 57.58 -26.17 21.49
N HIS H 140 56.96 -27.22 20.93
CA HIS H 140 56.95 -27.42 19.49
C HIS H 140 56.06 -26.40 18.77
N LEU H 141 55.14 -25.76 19.48
CA LEU H 141 54.25 -24.81 18.83
C LEU H 141 54.92 -23.46 18.67
N VAL H 142 55.60 -22.99 19.72
CA VAL H 142 56.17 -21.65 19.67
C VAL H 142 57.42 -21.63 18.80
N ASN H 143 58.11 -22.76 18.68
CA ASN H 143 59.32 -22.79 17.88
C ASN H 143 59.02 -22.98 16.40
N SER H 144 58.01 -23.81 16.09
CA SER H 144 57.65 -24.03 14.69
C SER H 144 57.03 -22.78 14.06
N ASN H 145 56.32 -21.98 14.85
CA ASN H 145 55.60 -20.83 14.34
C ASN H 145 56.29 -19.51 14.63
N GLY H 146 57.49 -19.54 15.22
CA GLY H 146 58.26 -18.34 15.48
C GLY H 146 57.54 -17.30 16.31
N LEU H 147 56.99 -17.74 17.44
CA LEU H 147 56.19 -16.88 18.30
C LEU H 147 57.00 -16.25 19.43
N ILE H 148 58.27 -16.62 19.58
CA ILE H 148 59.07 -16.11 20.69
C ILE H 148 59.24 -14.60 20.57
N ASP H 149 59.40 -14.09 19.35
CA ASP H 149 59.48 -12.65 19.13
C ASP H 149 58.12 -11.97 19.24
N VAL H 150 57.03 -12.72 19.16
CA VAL H 150 55.70 -12.12 19.30
C VAL H 150 55.23 -12.15 20.75
N MET H 151 55.60 -13.19 21.50
CA MET H 151 55.34 -13.18 22.93
C MET H 151 56.00 -11.99 23.61
N GLU H 152 57.27 -11.72 23.25
CA GLU H 152 57.97 -10.57 23.81
C GLU H 152 57.35 -9.26 23.35
N HIS H 153 56.86 -9.23 22.11
CA HIS H 153 56.24 -8.00 21.60
C HIS H 153 54.99 -7.63 22.39
N TYR H 154 54.26 -8.60 22.91
CA TYR H 154 53.02 -8.34 23.64
C TYR H 154 53.23 -8.17 25.14
N GLY H 155 54.48 -8.02 25.59
CA GLY H 155 54.76 -7.67 26.96
C GLY H 155 55.35 -8.77 27.82
N LEU H 156 55.64 -9.93 27.26
CA LEU H 156 56.11 -11.05 28.05
C LEU H 156 57.63 -11.15 28.02
N ILE H 157 58.16 -11.86 29.01
CA ILE H 157 59.57 -12.20 29.07
C ILE H 157 59.67 -13.69 28.77
N PRO H 158 59.99 -14.08 27.54
CA PRO H 158 59.79 -15.48 27.13
C PRO H 158 60.54 -16.49 27.98
N GLU H 159 61.73 -16.16 28.47
CA GLU H 159 62.51 -17.14 29.24
C GLU H 159 61.78 -17.52 30.51
N GLU H 160 61.34 -16.53 31.29
CA GLU H 160 60.71 -16.80 32.57
C GLU H 160 59.24 -17.22 32.41
N ASP H 161 58.53 -16.63 31.46
CA ASP H 161 57.10 -16.87 31.34
C ASP H 161 56.78 -18.24 30.75
N ILE H 162 57.53 -18.67 29.73
CA ILE H 162 57.35 -20.02 29.22
C ILE H 162 57.45 -21.04 30.35
N TRP H 163 58.53 -20.97 31.14
CA TRP H 163 58.68 -21.86 32.28
C TRP H 163 57.47 -21.80 33.20
N PHE H 164 56.92 -20.60 33.41
CA PHE H 164 55.71 -20.47 34.19
C PHE H 164 54.53 -21.13 33.49
N ILE H 165 54.46 -21.02 32.17
CA ILE H 165 53.35 -21.61 31.43
C ILE H 165 53.42 -23.13 31.50
N LYS H 166 54.62 -23.70 31.35
CA LYS H 166 54.74 -25.14 31.39
C LYS H 166 54.62 -25.70 32.80
N GLU H 167 54.76 -24.86 33.83
CA GLU H 167 54.65 -25.31 35.21
C GLU H 167 53.20 -25.32 35.70
N GLN H 168 52.36 -24.43 35.19
CA GLN H 168 50.93 -24.50 35.49
C GLN H 168 50.32 -25.80 34.98
N ILE H 169 51.01 -26.50 34.08
CA ILE H 169 50.53 -27.72 33.46
C ILE H 169 51.11 -28.96 34.13
N THR H 170 52.41 -28.92 34.46
CA THR H 170 53.11 -30.08 35.03
C THR H 170 53.43 -29.85 36.50
N GLY H 171 54.35 -28.95 36.82
CA GLY H 171 54.75 -28.72 38.20
C GLY H 171 56.24 -28.56 38.37
N TRP H 182 59.68 -23.98 47.98
CA TRP H 182 59.28 -23.26 46.77
C TRP H 182 60.00 -23.81 45.54
N PRO H 183 59.44 -24.86 44.95
CA PRO H 183 60.14 -25.52 43.84
C PRO H 183 59.80 -24.97 42.46
N TYR H 184 59.18 -23.80 42.40
CA TYR H 184 58.78 -23.21 41.12
C TYR H 184 59.80 -22.18 40.66
N LYS H 185 60.10 -22.19 39.36
CA LYS H 185 61.12 -21.33 38.77
C LYS H 185 60.55 -20.31 37.78
N GLY H 186 59.23 -20.19 37.70
CA GLY H 186 58.63 -19.23 36.79
C GLY H 186 57.99 -18.05 37.50
N ARG H 187 57.56 -18.27 38.74
CA ARG H 187 56.99 -17.24 39.59
C ARG H 187 57.42 -17.49 41.02
N PRO H 188 57.60 -16.44 41.82
CA PRO H 188 58.00 -16.62 43.21
C PRO H 188 56.83 -17.08 44.08
N LYS H 189 57.18 -17.60 45.26
CA LYS H 189 56.17 -18.09 46.20
C LYS H 189 55.19 -17.00 46.61
N GLU H 190 55.51 -15.73 46.36
CA GLU H 190 54.60 -14.64 46.65
C GLU H 190 53.48 -14.54 45.64
N LYS H 191 53.39 -15.48 44.70
CA LYS H 191 52.30 -15.57 43.74
C LYS H 191 51.93 -17.03 43.51
N SER H 192 52.02 -17.85 44.56
CA SER H 192 51.75 -19.27 44.43
C SER H 192 50.31 -19.57 44.04
N PHE H 193 49.40 -18.61 44.21
CA PHE H 193 47.98 -18.85 44.00
C PHE H 193 47.59 -18.91 42.52
N LEU H 194 48.52 -18.61 41.61
CA LEU H 194 48.23 -18.66 40.17
C LEU H 194 48.51 -20.02 39.55
N TYR H 195 49.20 -20.90 40.26
CA TYR H 195 49.29 -22.30 39.87
C TYR H 195 48.03 -23.08 40.19
N GLU H 196 47.12 -22.49 40.96
CA GLU H 196 45.88 -23.13 41.37
C GLU H 196 44.71 -22.82 40.44
N ILE H 197 44.98 -22.25 39.26
CA ILE H 197 43.90 -21.88 38.34
C ILE H 197 43.75 -22.93 37.25
N VAL H 198 44.84 -23.22 36.53
CA VAL H 198 44.76 -24.08 35.36
C VAL H 198 44.70 -25.54 35.76
N ALA H 199 45.67 -25.99 36.57
CA ALA H 199 45.76 -27.40 36.97
C ALA H 199 46.13 -27.44 38.45
N ASN H 200 45.11 -27.35 39.30
CA ASN H 200 45.33 -27.36 40.74
C ASN H 200 45.79 -28.74 41.19
N LYS H 201 46.95 -28.80 41.83
CA LYS H 201 47.46 -30.05 42.38
C LYS H 201 47.18 -30.20 43.87
N ARG H 202 46.83 -29.12 44.56
CA ARG H 202 46.57 -29.20 45.99
C ARG H 202 45.24 -29.88 46.28
N ASN H 203 44.19 -29.53 45.54
CA ASN H 203 42.87 -30.11 45.78
C ASN H 203 42.07 -30.43 44.52
N GLY H 204 42.43 -29.92 43.36
CA GLY H 204 41.75 -30.24 42.13
C GLY H 204 40.69 -29.25 41.69
N ILE H 205 40.54 -28.12 42.37
CA ILE H 205 39.54 -27.12 42.00
C ILE H 205 40.19 -26.21 40.96
N ASP H 206 40.02 -26.56 39.69
CA ASP H 206 40.61 -25.80 38.60
C ASP H 206 39.56 -25.53 37.53
N VAL H 207 39.82 -24.48 36.74
CA VAL H 207 38.91 -24.05 35.68
C VAL H 207 38.76 -25.12 34.59
N ASP H 208 39.70 -26.06 34.49
CA ASP H 208 39.56 -27.11 33.50
C ASP H 208 38.36 -28.01 33.81
N LYS H 209 38.21 -28.39 35.08
CA LYS H 209 37.05 -29.18 35.46
C LYS H 209 35.76 -28.44 35.17
N TRP H 210 35.72 -27.13 35.43
CA TRP H 210 34.46 -26.41 35.28
C TRP H 210 34.02 -26.34 33.84
N ASP H 211 34.95 -26.42 32.89
CA ASP H 211 34.56 -26.31 31.49
C ASP H 211 33.97 -27.61 30.98
N TYR H 212 34.55 -28.76 31.37
CA TYR H 212 34.00 -30.01 30.90
C TYR H 212 32.78 -30.46 31.69
N PHE H 213 32.55 -29.93 32.88
CA PHE H 213 31.27 -30.15 33.55
C PHE H 213 30.14 -29.59 32.70
N ALA H 214 30.30 -28.36 32.22
CA ALA H 214 29.24 -27.70 31.47
C ALA H 214 29.23 -28.10 30.00
N ARG H 215 30.38 -28.43 29.43
CA ARG H 215 30.44 -28.73 28.01
C ARG H 215 30.09 -30.18 27.73
N ASP H 216 30.48 -31.11 28.61
CA ASP H 216 30.06 -32.49 28.44
C ASP H 216 28.57 -32.66 28.71
N CYS H 217 28.04 -31.99 29.75
CA CYS H 217 26.63 -32.11 30.06
C CYS H 217 25.75 -31.57 28.94
N HIS H 218 26.18 -30.46 28.34
CA HIS H 218 25.45 -29.83 27.24
C HIS H 218 25.32 -30.77 26.05
N HIS H 219 26.37 -31.53 25.78
CA HIS H 219 26.39 -32.37 24.59
C HIS H 219 25.89 -33.79 24.87
N LEU H 220 26.34 -34.39 25.99
CA LEU H 220 25.83 -35.70 26.38
C LEU H 220 24.33 -35.66 26.65
N GLY H 221 23.77 -34.50 26.97
CA GLY H 221 22.41 -34.46 27.48
C GLY H 221 22.30 -34.82 28.94
N ILE H 222 23.36 -34.63 29.70
CA ILE H 222 23.38 -34.94 31.12
C ILE H 222 23.17 -33.64 31.89
N GLN H 223 22.81 -33.76 33.16
CA GLN H 223 22.59 -32.61 34.02
C GLN H 223 23.85 -32.30 34.81
N ASN H 224 24.13 -31.01 34.98
CA ASN H 224 25.22 -30.52 35.80
C ASN H 224 24.66 -30.12 37.15
N ASN H 225 25.54 -30.10 38.15
CA ASN H 225 25.14 -29.68 39.50
C ASN H 225 26.29 -28.92 40.17
N PHE H 226 26.93 -28.02 39.44
CA PHE H 226 27.93 -27.14 40.02
C PHE H 226 27.88 -25.80 39.32
N ASP H 227 27.72 -24.74 40.10
CA ASP H 227 27.67 -23.38 39.58
C ASP H 227 29.07 -22.78 39.67
N TYR H 228 29.75 -22.67 38.55
CA TYR H 228 31.12 -22.15 38.55
C TYR H 228 31.14 -20.63 38.70
N LYS H 229 30.15 -19.94 38.15
CA LYS H 229 30.11 -18.49 38.28
C LYS H 229 29.89 -18.05 39.73
N ARG H 230 29.12 -18.82 40.50
CA ARG H 230 28.95 -18.49 41.91
C ARG H 230 30.24 -18.71 42.69
N PHE H 231 30.99 -19.74 42.33
CA PHE H 231 32.25 -20.00 43.02
C PHE H 231 33.26 -18.89 42.78
N ILE H 232 33.22 -18.25 41.60
CA ILE H 232 34.18 -17.20 41.30
C ILE H 232 33.85 -15.93 42.07
N LYS H 233 32.57 -15.67 42.32
CA LYS H 233 32.19 -14.48 43.07
C LYS H 233 32.59 -14.52 44.53
N PHE H 234 33.02 -15.68 45.05
CA PHE H 234 33.42 -15.80 46.44
C PHE H 234 34.87 -16.26 46.59
N ALA H 235 35.68 -16.06 45.57
CA ALA H 235 37.08 -16.46 45.60
C ALA H 235 37.93 -15.34 46.17
N ARG H 236 38.82 -15.69 47.10
CA ARG H 236 39.76 -14.75 47.70
C ARG H 236 41.08 -15.46 47.93
N VAL H 237 42.15 -14.68 48.00
CA VAL H 237 43.48 -15.20 48.28
C VAL H 237 43.81 -14.93 49.74
N CYS H 238 44.32 -15.96 50.43
CA CYS H 238 44.58 -15.89 51.86
C CYS H 238 45.89 -16.57 52.17
N GLU H 239 46.59 -16.05 53.18
CA GLU H 239 47.86 -16.63 53.59
C GLU H 239 47.66 -17.89 54.42
N LYS H 243 52.40 -19.38 52.73
CA LYS H 243 52.11 -19.30 51.31
C LYS H 243 50.75 -18.67 51.09
N LYS H 244 50.30 -18.61 49.83
CA LYS H 244 48.99 -18.08 49.49
C LYS H 244 48.22 -19.12 48.69
N HIS H 245 46.97 -19.35 49.07
CA HIS H 245 46.11 -20.31 48.41
C HIS H 245 44.75 -19.68 48.14
N ILE H 246 44.06 -20.17 47.11
CA ILE H 246 42.74 -19.66 46.78
C ILE H 246 41.73 -20.27 47.74
N CYS H 247 40.88 -19.42 48.30
CA CYS H 247 39.91 -19.81 49.31
C CYS H 247 38.52 -19.34 48.88
N THR H 248 37.52 -19.79 49.62
CA THR H 248 36.14 -19.43 49.34
C THR H 248 35.41 -19.22 50.66
N ARG H 249 34.21 -18.67 50.57
CA ARG H 249 33.38 -18.44 51.74
C ARG H 249 33.04 -19.75 52.44
N GLU H 250 32.70 -19.64 53.74
CA GLU H 250 32.33 -20.82 54.51
C GLU H 250 31.03 -21.43 54.01
N LYS H 251 30.14 -20.62 53.43
CA LYS H 251 28.84 -21.06 52.96
C LYS H 251 28.91 -21.83 51.64
N GLU H 252 30.11 -22.05 51.10
CA GLU H 252 30.27 -22.71 49.81
C GLU H 252 30.93 -24.06 49.92
N VAL H 253 31.21 -24.53 51.14
CA VAL H 253 31.82 -25.84 51.30
C VAL H 253 30.85 -26.94 50.84
N GLY H 254 29.55 -26.73 51.02
CA GLY H 254 28.61 -27.73 50.56
C GLY H 254 28.56 -27.85 49.04
N ASN H 255 28.73 -26.73 48.33
CA ASN H 255 28.79 -26.77 46.88
C ASN H 255 30.06 -27.41 46.38
N LEU H 256 31.09 -27.49 47.23
CA LEU H 256 32.38 -28.05 46.80
C LEU H 256 32.38 -29.57 46.81
N TYR H 257 31.66 -30.20 47.72
CA TYR H 257 31.48 -31.65 47.64
C TYR H 257 30.62 -32.00 46.44
N ASP H 258 29.52 -31.27 46.24
CA ASP H 258 28.66 -31.51 45.10
C ASP H 258 29.39 -31.27 43.78
N MET H 259 30.47 -30.51 43.80
CA MET H 259 31.33 -30.42 42.64
C MET H 259 32.01 -31.75 42.36
N PHE H 260 32.68 -32.33 43.36
CA PHE H 260 33.27 -33.65 43.19
C PHE H 260 32.20 -34.73 43.06
N HIS H 261 31.00 -34.49 43.60
CA HIS H 261 29.91 -35.44 43.41
C HIS H 261 29.36 -35.34 41.99
N THR H 262 29.25 -34.13 41.45
CA THR H 262 28.79 -33.96 40.08
C THR H 262 29.64 -34.76 39.12
N ARG H 263 30.95 -34.73 39.29
CA ARG H 263 31.82 -35.33 38.30
C ARG H 263 32.01 -36.81 38.55
N ASN H 264 31.98 -37.24 39.82
CA ASN H 264 31.87 -38.67 40.09
C ASN H 264 30.58 -39.23 39.51
N CYS H 265 29.55 -38.39 39.45
CA CYS H 265 28.33 -38.76 38.75
C CYS H 265 28.50 -38.70 37.24
N LEU H 266 29.40 -37.84 36.75
CA LEU H 266 29.69 -37.78 35.32
C LEU H 266 30.47 -38.99 34.85
N HIS H 267 31.31 -39.57 35.70
CA HIS H 267 32.03 -40.78 35.31
C HIS H 267 31.10 -41.98 35.26
N ARG H 268 30.12 -42.04 36.16
CA ARG H 268 29.23 -43.19 36.23
C ARG H 268 28.33 -43.29 35.00
N ARG H 269 27.88 -42.15 34.47
CA ARG H 269 26.91 -42.16 33.38
C ARG H 269 27.55 -42.21 32.00
N ALA H 270 28.66 -41.52 31.79
CA ALA H 270 29.19 -41.38 30.44
C ALA H 270 30.64 -41.82 30.31
N TYR H 271 31.49 -41.36 31.22
CA TYR H 271 32.92 -41.60 31.05
C TYR H 271 33.25 -43.07 31.23
N GLN H 272 32.57 -43.75 32.14
CA GLN H 272 32.76 -45.18 32.38
C GLN H 272 31.55 -45.99 31.97
N HIS H 273 30.81 -45.54 30.96
CA HIS H 273 29.72 -46.33 30.41
C HIS H 273 30.27 -47.65 29.89
N LYS H 274 29.62 -48.75 30.28
CA LYS H 274 30.14 -50.08 29.96
C LYS H 274 30.28 -50.28 28.46
N VAL H 275 29.22 -49.98 27.70
CA VAL H 275 29.30 -50.09 26.25
C VAL H 275 30.25 -49.05 25.68
N GLY H 276 30.37 -47.89 26.34
CA GLY H 276 31.32 -46.89 25.89
C GLY H 276 32.76 -47.27 26.19
N ASN H 277 33.00 -47.87 27.36
CA ASN H 277 34.35 -48.29 27.68
C ASN H 277 34.80 -49.47 26.82
N ILE H 278 33.88 -50.38 26.52
CA ILE H 278 34.26 -51.54 25.71
C ILE H 278 34.60 -51.11 24.30
N ILE H 279 33.99 -50.04 23.81
CA ILE H 279 34.35 -49.52 22.50
C ILE H 279 35.76 -48.95 22.53
N ASP H 280 36.12 -48.25 23.60
CA ASP H 280 37.49 -47.75 23.73
C ASP H 280 38.49 -48.89 23.68
N THR H 281 38.18 -50.02 24.35
CA THR H 281 39.12 -51.13 24.40
C THR H 281 39.24 -51.81 23.03
N MET H 282 38.15 -51.92 22.28
CA MET H 282 38.23 -52.51 20.96
C MET H 282 39.01 -51.65 19.98
N ILE H 283 39.08 -50.33 20.22
CA ILE H 283 39.92 -49.48 19.39
C ILE H 283 41.37 -49.54 19.82
N THR H 284 41.65 -49.86 21.08
CA THR H 284 43.02 -50.17 21.46
C THR H 284 43.50 -51.42 20.75
N ASP H 285 42.71 -52.49 20.79
CA ASP H 285 43.07 -53.73 20.12
C ASP H 285 43.28 -53.50 18.63
N ALA H 286 42.37 -52.75 18.00
CA ALA H 286 42.54 -52.42 16.60
C ALA H 286 43.78 -51.57 16.35
N PHE H 287 44.14 -50.70 17.31
CA PHE H 287 45.36 -49.92 17.16
C PHE H 287 46.59 -50.78 17.43
N LEU H 288 46.52 -51.65 18.43
CA LEU H 288 47.67 -52.52 18.71
C LEU H 288 47.97 -53.45 17.55
N LYS H 289 46.94 -53.88 16.82
CA LYS H 289 47.14 -54.74 15.66
C LYS H 289 47.64 -53.96 14.45
N ALA H 290 47.29 -52.69 14.36
CA ALA H 290 47.76 -51.84 13.26
C ALA H 290 49.05 -51.12 13.58
N ASP H 291 49.69 -51.41 14.72
CA ASP H 291 50.88 -50.68 15.14
C ASP H 291 52.09 -51.13 14.32
N PRO H 292 52.18 -52.44 14.02
CA PRO H 292 53.14 -52.89 13.00
C PRO H 292 53.21 -52.05 11.73
N TYR H 293 52.07 -51.73 11.10
CA TYR H 293 52.10 -51.15 9.76
C TYR H 293 51.59 -49.71 9.70
N ILE H 294 51.60 -48.98 10.81
CA ILE H 294 51.14 -47.60 10.82
C ILE H 294 52.34 -46.68 10.58
N GLU H 295 52.30 -45.90 9.51
CA GLU H 295 53.43 -45.05 9.10
C GLU H 295 53.03 -43.59 9.20
N ILE H 296 53.76 -42.83 10.01
CA ILE H 296 53.55 -41.39 10.17
C ILE H 296 54.89 -40.70 9.99
N THR H 297 54.97 -39.75 9.06
CA THR H 297 56.22 -39.06 8.77
C THR H 297 56.49 -37.98 9.82
N GLY H 298 57.73 -37.93 10.30
CA GLY H 298 58.07 -37.08 11.44
C GLY H 298 59.01 -35.91 11.18
N SER H 299 60.16 -35.91 11.87
CA SER H 299 60.97 -34.69 11.96
C SER H 299 61.64 -34.35 10.63
N GLU H 300 62.19 -35.35 9.95
CA GLU H 300 62.92 -35.11 8.71
C GLU H 300 62.58 -36.19 7.70
N GLY H 301 61.34 -36.66 7.72
CA GLY H 301 60.91 -37.76 6.90
C GLY H 301 61.02 -39.12 7.56
N LYS H 302 61.56 -39.19 8.78
CA LYS H 302 61.60 -40.45 9.50
C LYS H 302 60.19 -40.91 9.83
N LYS H 303 59.90 -42.17 9.53
CA LYS H 303 58.57 -42.72 9.74
C LYS H 303 58.42 -43.21 11.18
N TYR H 304 57.32 -42.81 11.82
CA TYR H 304 56.95 -43.28 13.15
C TYR H 304 55.68 -44.11 13.07
N ARG H 305 55.50 -44.97 14.06
CA ARG H 305 54.24 -45.68 14.21
C ARG H 305 53.31 -44.87 15.12
N ILE H 306 52.09 -45.38 15.31
CA ILE H 306 51.18 -44.76 16.27
C ILE H 306 51.80 -44.75 17.65
N SER H 307 52.36 -45.89 18.07
CA SER H 307 52.95 -46.01 19.39
C SER H 307 54.21 -45.19 19.55
N THR H 308 54.82 -44.72 18.46
CA THR H 308 56.08 -44.01 18.53
C THR H 308 55.98 -42.54 18.16
N ALA H 309 54.86 -42.08 17.61
CA ALA H 309 54.72 -40.68 17.23
C ALA H 309 54.78 -39.73 18.43
N ILE H 310 54.78 -40.24 19.66
CA ILE H 310 54.89 -39.37 20.82
C ILE H 310 56.32 -38.89 21.03
N ASP H 311 57.31 -39.62 20.52
CA ASP H 311 58.70 -39.22 20.69
C ASP H 311 59.11 -38.08 19.78
N ASP H 312 58.23 -37.65 18.88
CA ASP H 312 58.54 -36.55 17.97
C ASP H 312 57.27 -35.76 17.71
N MET H 313 57.26 -34.50 18.13
CA MET H 313 56.04 -33.71 18.04
C MET H 313 55.63 -33.40 16.61
N GLU H 314 56.54 -33.55 15.65
CA GLU H 314 56.15 -33.39 14.26
C GLU H 314 55.20 -34.50 13.84
N ALA H 315 55.40 -35.71 14.35
CA ALA H 315 54.51 -36.82 14.03
C ALA H 315 53.27 -36.81 14.92
N PHE H 316 53.45 -36.51 16.21
CA PHE H 316 52.31 -36.41 17.11
C PHE H 316 51.34 -35.32 16.67
N THR H 317 51.81 -34.32 15.95
CA THR H 317 50.91 -33.30 15.42
C THR H 317 49.90 -33.91 14.45
N LYS H 318 50.33 -34.89 13.66
CA LYS H 318 49.49 -35.50 12.65
C LYS H 318 48.81 -36.78 13.16
N LEU H 319 48.79 -37.00 14.47
CA LEU H 319 48.21 -38.20 15.07
C LEU H 319 46.88 -37.80 15.72
N THR H 320 45.78 -38.05 15.02
CA THR H 320 44.46 -37.66 15.48
C THR H 320 43.53 -38.86 15.35
N ASP H 321 42.22 -38.61 15.37
CA ASP H 321 41.24 -39.65 15.09
C ASP H 321 41.29 -40.12 13.64
N ASN H 322 42.05 -39.42 12.80
CA ASN H 322 42.18 -39.78 11.39
C ASN H 322 42.68 -41.21 11.21
N ILE H 323 43.46 -41.71 12.16
CA ILE H 323 43.99 -43.08 12.03
C ILE H 323 42.86 -44.09 12.08
N PHE H 324 41.81 -43.81 12.86
CA PHE H 324 40.69 -44.75 12.93
C PHE H 324 40.07 -44.96 11.56
N LEU H 325 39.79 -43.87 10.84
CA LEU H 325 39.24 -43.98 9.50
C LEU H 325 40.29 -44.42 8.47
N GLU H 326 41.58 -44.18 8.74
CA GLU H 326 42.61 -44.67 7.84
C GLU H 326 42.67 -46.19 7.87
N ILE H 327 42.51 -46.78 9.04
CA ILE H 327 42.46 -48.23 9.13
C ILE H 327 41.18 -48.76 8.48
N LEU H 328 40.07 -48.04 8.68
CA LEU H 328 38.78 -48.52 8.18
C LEU H 328 38.77 -48.60 6.67
N TYR H 329 39.35 -47.60 6.00
CA TYR H 329 39.31 -47.53 4.55
C TYR H 329 40.43 -48.29 3.87
N SER H 330 41.32 -48.91 4.64
CA SER H 330 42.42 -49.66 4.06
C SER H 330 41.91 -50.94 3.38
N ALA H 337 43.54 -57.15 9.33
CA ALA H 337 43.16 -57.79 10.58
C ALA H 337 42.56 -56.77 11.53
N ALA H 338 43.18 -55.58 11.58
CA ALA H 338 42.66 -54.51 12.42
C ALA H 338 41.37 -53.93 11.84
N ARG H 339 41.23 -53.94 10.52
CA ARG H 339 39.99 -53.45 9.90
C ARG H 339 38.80 -54.32 10.28
N ALA H 340 39.03 -55.55 10.72
CA ALA H 340 37.93 -56.41 11.14
C ALA H 340 37.28 -55.90 12.42
N ILE H 341 38.10 -55.50 13.40
CA ILE H 341 37.56 -55.04 14.68
C ILE H 341 36.74 -53.76 14.50
N LEU H 342 37.26 -52.81 13.72
CA LEU H 342 36.47 -51.61 13.43
C LEU H 342 35.22 -51.96 12.66
N LYS H 343 35.28 -52.97 11.80
CA LYS H 343 34.07 -53.44 11.13
C LYS H 343 33.09 -54.03 12.13
N LYS H 344 33.60 -54.72 13.16
CA LYS H 344 32.73 -55.25 14.20
C LYS H 344 32.12 -54.14 15.05
N ILE H 345 32.77 -52.97 15.11
CA ILE H 345 32.24 -51.86 15.89
C ILE H 345 31.17 -51.11 15.09
N GLU H 346 31.39 -50.94 13.78
CA GLU H 346 30.42 -50.22 12.97
C GLU H 346 29.15 -51.02 12.74
N CYS H 347 29.20 -52.34 12.92
CA CYS H 347 28.04 -53.21 12.78
C CYS H 347 27.47 -53.62 14.12
N ARG H 348 27.97 -53.05 15.23
CA ARG H 348 27.51 -53.34 16.58
C ARG H 348 27.67 -54.81 16.94
N ASN H 349 28.68 -55.47 16.39
CA ASN H 349 29.09 -56.78 16.88
C ASN H 349 30.06 -56.63 18.04
N LEU H 350 29.65 -55.82 19.01
CA LEU H 350 30.50 -55.49 20.15
C LEU H 350 30.57 -56.64 21.14
N TYR H 351 31.60 -56.61 21.97
CA TYR H 351 31.73 -57.59 23.03
C TYR H 351 30.59 -57.43 24.02
N LYS H 352 30.03 -58.54 24.45
CA LYS H 352 28.91 -58.49 25.38
C LYS H 352 29.41 -58.22 26.80
N PHE H 353 28.57 -57.58 27.59
CA PHE H 353 28.88 -57.31 28.99
C PHE H 353 28.87 -58.61 29.79
N ILE H 397 37.74 -60.09 28.31
CA ILE H 397 38.14 -58.75 28.70
C ILE H 397 37.63 -58.39 30.09
N VAL H 398 38.55 -57.99 30.96
CA VAL H 398 38.23 -57.52 32.30
C VAL H 398 38.88 -56.15 32.47
N ASP H 399 38.06 -55.13 32.64
CA ASP H 399 38.53 -53.76 32.78
C ASP H 399 38.38 -53.33 34.23
N VAL H 400 39.40 -52.68 34.77
CA VAL H 400 39.37 -52.15 36.13
C VAL H 400 39.30 -50.63 36.09
N ILE H 401 38.36 -50.06 36.83
CA ILE H 401 38.09 -48.62 36.82
C ILE H 401 38.27 -48.08 38.23
N ASN H 402 39.05 -47.01 38.36
CA ASN H 402 39.28 -46.34 39.63
C ASN H 402 38.37 -45.14 39.74
N MET H 403 37.51 -45.13 40.76
CA MET H 403 36.59 -44.03 41.01
C MET H 403 37.05 -43.30 42.27
N ASP H 404 37.45 -42.04 42.10
CA ASP H 404 38.00 -41.27 43.22
C ASP H 404 37.64 -39.82 43.04
N TYR H 405 37.79 -39.06 44.12
CA TYR H 405 37.60 -37.62 44.09
C TYR H 405 38.80 -36.86 43.56
N GLY H 406 39.74 -37.55 42.91
CA GLY H 406 40.89 -36.93 42.31
C GLY H 406 42.17 -37.08 43.11
N MET H 407 42.08 -37.43 44.39
CA MET H 407 43.27 -37.53 45.22
C MET H 407 43.41 -38.92 45.83
N GLU H 408 43.33 -39.95 44.99
CA GLU H 408 43.52 -41.35 45.39
C GLU H 408 42.49 -41.65 46.48
N ASP H 409 42.88 -41.98 47.70
CA ASP H 409 41.96 -42.20 48.80
C ASP H 409 41.77 -40.98 49.67
N LYS H 410 42.48 -39.90 49.38
CA LYS H 410 42.42 -38.71 50.22
C LYS H 410 41.16 -37.90 49.93
N ASN H 411 40.87 -36.97 50.82
CA ASN H 411 39.66 -36.15 50.76
C ASN H 411 40.03 -34.73 50.33
N PRO H 412 39.61 -34.28 49.14
CA PRO H 412 40.14 -33.02 48.61
C PRO H 412 39.71 -31.78 49.38
N ILE H 413 38.62 -31.84 50.14
CA ILE H 413 38.17 -30.65 50.86
C ILE H 413 39.03 -30.39 52.09
N ASP H 414 39.73 -31.40 52.59
CA ASP H 414 40.69 -31.16 53.67
C ASP H 414 41.82 -30.23 53.25
N ASN H 415 42.11 -30.16 51.95
CA ASN H 415 43.11 -29.24 51.40
C ASN H 415 42.49 -27.95 50.87
N VAL H 416 41.37 -27.51 51.45
CA VAL H 416 40.70 -26.29 51.03
C VAL H 416 40.49 -25.44 52.27
N ARG H 417 40.89 -24.18 52.20
CA ARG H 417 40.71 -23.24 53.29
C ARG H 417 39.55 -22.30 52.98
N PHE H 418 38.91 -21.81 54.04
CA PHE H 418 37.71 -20.99 53.92
C PHE H 418 37.87 -19.74 54.79
N TYR H 419 37.18 -18.68 54.39
CA TYR H 419 37.17 -17.44 55.15
C TYR H 419 35.74 -17.05 55.48
N CYS H 420 35.59 -16.26 56.51
CA CYS H 420 34.27 -15.82 56.95
C CYS H 420 34.03 -14.39 56.53
N LYS H 421 32.77 -13.97 56.64
CA LYS H 421 32.42 -12.59 56.39
C LYS H 421 32.91 -11.65 57.49
N SER H 422 33.58 -12.19 58.52
CA SER H 422 34.07 -11.38 59.65
C SER H 422 35.51 -10.92 59.39
N ASP H 423 36.44 -11.86 59.37
CA ASP H 423 37.83 -11.59 59.02
C ASP H 423 38.12 -12.25 57.68
N PRO H 424 37.92 -11.55 56.56
CA PRO H 424 38.12 -12.16 55.24
C PRO H 424 39.55 -12.61 55.00
N ASN H 425 40.50 -12.28 55.87
CA ASN H 425 41.89 -12.68 55.70
C ASN H 425 42.24 -13.91 56.52
N LYS H 426 41.39 -14.30 57.46
CA LYS H 426 41.65 -15.47 58.30
C LYS H 426 41.06 -16.69 57.61
N ALA H 427 41.93 -17.55 57.09
CA ALA H 427 41.50 -18.79 56.48
C ALA H 427 41.34 -19.87 57.54
N ILE H 428 40.28 -20.68 57.41
CA ILE H 428 39.96 -21.71 58.39
C ILE H 428 39.81 -23.04 57.67
N ILE H 429 39.88 -24.11 58.46
CA ILE H 429 39.71 -25.48 57.96
C ILE H 429 38.33 -25.96 58.38
N ILE H 430 37.59 -26.52 57.43
CA ILE H 430 36.27 -27.10 57.68
C ILE H 430 36.37 -28.58 57.40
N THR H 431 36.01 -29.40 58.38
CA THR H 431 36.03 -30.84 58.24
C THR H 431 34.66 -31.37 57.82
N LYS H 432 34.65 -32.61 57.34
CA LYS H 432 33.41 -33.18 56.81
C LYS H 432 32.32 -33.26 57.88
N ASN H 433 32.71 -33.53 59.13
CA ASN H 433 31.73 -33.66 60.20
C ASN H 433 30.98 -32.35 60.43
N GLN H 434 31.62 -31.21 60.19
CA GLN H 434 30.97 -29.92 60.40
C GLN H 434 30.03 -29.56 59.26
N VAL H 435 30.12 -30.22 58.12
CA VAL H 435 29.30 -29.91 56.97
C VAL H 435 28.00 -30.71 57.02
N SER H 436 28.13 -32.03 57.00
CA SER H 436 26.96 -32.91 56.98
C SER H 436 27.41 -34.33 57.27
N GLN H 437 26.47 -35.12 57.79
CA GLN H 437 26.69 -36.54 57.99
C GLN H 437 26.28 -37.36 56.79
N LEU H 438 25.57 -36.77 55.83
CA LEU H 438 25.10 -37.49 54.66
C LEU H 438 26.13 -37.42 53.55
N LEU H 439 27.41 -37.37 53.92
CA LEU H 439 28.52 -37.33 52.98
C LEU H 439 29.21 -38.69 52.94
N PRO H 440 29.95 -38.98 51.85
CA PRO H 440 30.61 -40.29 51.74
C PRO H 440 31.53 -40.58 52.92
N GLU H 441 31.57 -41.85 53.31
CA GLU H 441 32.48 -42.28 54.36
C GLU H 441 33.88 -42.51 53.82
N ARG H 442 33.99 -43.22 52.69
CA ARG H 442 35.23 -43.34 51.95
C ARG H 442 35.21 -42.40 50.76
N PHE H 443 36.37 -42.28 50.09
CA PHE H 443 36.49 -41.40 48.93
C PHE H 443 37.12 -42.10 47.73
N ALA H 444 37.22 -43.42 47.74
CA ALA H 444 37.72 -44.16 46.60
C ALA H 444 37.02 -45.51 46.54
N GLU H 445 36.85 -46.01 45.32
CA GLU H 445 36.27 -47.34 45.10
C GLU H 445 36.69 -47.79 43.72
N GLN H 446 36.63 -49.11 43.51
CA GLN H 446 37.00 -49.69 42.22
C GLN H 446 35.93 -50.66 41.77
N LEU H 447 35.57 -50.58 40.50
CA LEU H 447 34.61 -51.47 39.87
C LEU H 447 35.32 -52.40 38.91
N ILE H 448 34.80 -53.62 38.78
CA ILE H 448 35.35 -54.63 37.88
C ILE H 448 34.24 -55.03 36.92
N ARG H 449 34.49 -54.84 35.62
CA ARG H 449 33.59 -55.29 34.58
C ARG H 449 34.22 -56.45 33.82
N VAL H 450 33.37 -57.39 33.40
CA VAL H 450 33.80 -58.51 32.61
C VAL H 450 33.02 -58.49 31.30
N TYR H 451 33.67 -58.90 30.23
CA TYR H 451 33.05 -58.94 28.91
C TYR H 451 33.37 -60.26 28.26
N CYS H 452 32.55 -60.62 27.27
CA CYS H 452 32.76 -61.82 26.47
C CYS H 452 33.12 -61.42 25.05
N LYS H 453 34.25 -61.94 24.55
CA LYS H 453 34.69 -61.65 23.20
C LYS H 453 33.98 -62.57 22.21
#